data_7U6O
#
_entry.id   7U6O
#
_cell.length_a   1.00
_cell.length_b   1.00
_cell.length_c   1.00
_cell.angle_alpha   90.00
_cell.angle_beta   90.00
_cell.angle_gamma   90.00
#
_symmetry.space_group_name_H-M   'P 1'
#
_entity_poly.entity_id   1
_entity_poly.type   'polypeptide(L)'
_entity_poly.pdbx_seq_one_letter_code
;MDYKDHDGDYKDHDIDYKDDDDKLALSMSSGPATTEGFGSACFKGAVADKYLSKYGESSTLLANGKWTKDMAKADIVAKA
VLDWAVENGASVYCHWFQPMGSSGVRHGNSGQVHQSMFNFAEDGTPYYSFTGEQLLQGETDGSSFPNGGMRATHTAGGYL
SIDPYSPIFLREDTVFIPAAFVSYNGDALDEKTPLHRATDALDKQTKRMLKAMKYDVGSASVYANIGLEQEIFLTPRHAF
YRRPDLQFTGRTITGKFPARGQEMSDHYMAPISRATGAFECMRQIQQECFKMGIPLKTRHREVAPNQYEFAPMFGNAISQ
VDQNLMIMQVIEEVASEHGLAALLQEKPFAGVNGSGKHNNWSIGTSDGLNLMNPKQVNAKTGNPEIFPLVMAAMVSAVDK
HGDLMRAAIASPGNDFRLGAMEAPPAVMSTYLGPSLTEFLNTVKNGSLGEYAPKKKPLEFGSDTLPSIEVPAEDRNRTSP
FPYGGNRFEFRAAGSSQNVSLVNTVLNTIAAEAFKIVADRLEAGEKPLAIAQDLLKTHDKCIFNGNGYDPAWPDEAVKRG
IWRIDAGCDAINELDSAKNVTLFEGMGIFTAREIQARKSVLLGHYVGSVEMEALTMIDMINQHVIPSVKKADLGNPSKLV
DAVKTIKGAVAQIHGTEDEHKAATLARTLRLTTMVAIREIIDEFESRCPPEDWTLATYSELLFFDTYPESEYGCGGGGSH
HHHHHHHHH
;
_entity_poly.pdbx_strand_id   A,B,C,D,E,F
#
# COMPACT_ATOMS: atom_id res chain seq x y z
N PHE A 38 -28.04 -26.50 -11.86
CA PHE A 38 -28.06 -26.31 -13.30
C PHE A 38 -27.62 -27.58 -14.01
N GLY A 39 -26.68 -28.29 -13.38
CA GLY A 39 -26.12 -29.49 -13.97
C GLY A 39 -25.01 -29.25 -14.98
N SER A 40 -24.57 -28.01 -15.17
CA SER A 40 -23.58 -27.71 -16.20
C SER A 40 -22.26 -28.41 -15.93
N ALA A 41 -21.96 -28.71 -14.66
CA ALA A 41 -20.73 -29.38 -14.27
C ALA A 41 -21.01 -30.74 -13.65
N CYS A 42 -22.07 -31.41 -14.11
CA CYS A 42 -22.42 -32.73 -13.60
C CYS A 42 -23.07 -33.50 -14.74
N PHE A 43 -22.33 -34.45 -15.32
CA PHE A 43 -22.82 -35.23 -16.45
C PHE A 43 -23.88 -36.21 -15.96
N LYS A 44 -25.09 -35.69 -15.77
CA LYS A 44 -26.21 -36.50 -15.30
C LYS A 44 -27.51 -35.86 -15.74
N GLY A 45 -28.54 -36.70 -15.86
CA GLY A 45 -29.87 -36.20 -16.17
C GLY A 45 -29.94 -35.52 -17.52
N ALA A 46 -30.56 -34.34 -17.54
CA ALA A 46 -30.79 -33.63 -18.80
C ALA A 46 -29.47 -33.24 -19.46
N VAL A 47 -28.49 -32.82 -18.66
CA VAL A 47 -27.20 -32.42 -19.22
C VAL A 47 -26.53 -33.61 -19.92
N ALA A 48 -26.57 -34.78 -19.28
CA ALA A 48 -26.03 -35.98 -19.92
C ALA A 48 -26.81 -36.33 -21.17
N ASP A 49 -28.14 -36.22 -21.11
CA ASP A 49 -28.97 -36.54 -22.27
C ASP A 49 -28.67 -35.62 -23.44
N LYS A 50 -28.29 -34.37 -23.15
CA LYS A 50 -28.00 -33.40 -24.21
C LYS A 50 -26.96 -33.93 -25.18
N TYR A 51 -25.97 -34.66 -24.68
CA TYR A 51 -24.93 -35.23 -25.52
C TYR A 51 -25.12 -36.71 -25.81
N LEU A 52 -25.93 -37.41 -25.01
CA LEU A 52 -26.24 -38.80 -25.32
C LEU A 52 -27.20 -38.89 -26.50
N SER A 53 -28.03 -37.86 -26.72
CA SER A 53 -28.91 -37.83 -27.87
C SER A 53 -28.14 -37.71 -29.18
N LYS A 54 -26.92 -37.16 -29.13
CA LYS A 54 -26.09 -37.08 -30.33
C LYS A 54 -25.76 -38.46 -30.87
N TYR A 55 -25.72 -39.48 -30.00
CA TYR A 55 -25.47 -40.85 -30.40
C TYR A 55 -26.71 -41.72 -30.24
N GLY A 56 -27.89 -41.12 -30.12
CA GLY A 56 -29.12 -41.87 -30.00
C GLY A 56 -29.41 -42.43 -28.63
N GLU A 57 -28.70 -41.99 -27.60
CA GLU A 57 -28.89 -42.47 -26.24
C GLU A 57 -29.55 -41.38 -25.39
N SER A 58 -29.73 -41.68 -24.11
CA SER A 58 -30.37 -40.77 -23.18
C SER A 58 -29.85 -41.05 -21.78
N SER A 59 -30.23 -40.18 -20.84
CA SER A 59 -29.79 -40.32 -19.46
C SER A 59 -30.33 -41.59 -18.82
N THR A 60 -31.35 -42.22 -19.43
CA THR A 60 -31.84 -43.49 -18.91
C THR A 60 -30.75 -44.55 -18.93
N LEU A 61 -29.92 -44.54 -19.98
CA LEU A 61 -28.79 -45.47 -20.03
C LEU A 61 -27.81 -45.20 -18.89
N LEU A 62 -27.55 -43.92 -18.61
CA LEU A 62 -26.61 -43.58 -17.54
C LEU A 62 -27.18 -43.92 -16.16
N ALA A 63 -28.50 -43.88 -16.01
CA ALA A 63 -29.10 -44.03 -14.68
C ALA A 63 -28.87 -45.43 -14.11
N ASN A 64 -29.18 -46.46 -14.89
CA ASN A 64 -29.11 -47.82 -14.35
C ASN A 64 -27.68 -48.27 -14.09
N GLY A 65 -26.73 -47.81 -14.90
CA GLY A 65 -25.35 -48.22 -14.77
C GLY A 65 -24.98 -49.46 -15.54
N LYS A 66 -25.92 -50.06 -16.28
CA LYS A 66 -25.62 -51.23 -17.09
C LYS A 66 -24.73 -50.91 -18.28
N TRP A 67 -24.54 -49.62 -18.59
CA TRP A 67 -23.73 -49.24 -19.75
C TRP A 67 -22.28 -49.67 -19.59
N THR A 68 -21.78 -49.71 -18.34
CA THR A 68 -20.40 -50.13 -18.12
C THR A 68 -20.19 -51.56 -18.57
N LYS A 69 -21.17 -52.43 -18.32
CA LYS A 69 -21.07 -53.81 -18.79
C LYS A 69 -21.02 -53.86 -20.32
N ASP A 70 -21.81 -53.01 -20.99
CA ASP A 70 -21.81 -52.98 -22.44
C ASP A 70 -20.53 -52.34 -22.97
N MET A 71 -20.22 -52.66 -24.22
CA MET A 71 -19.03 -52.15 -24.90
C MET A 71 -19.33 -50.91 -25.73
N ALA A 72 -20.27 -51.02 -26.67
CA ALA A 72 -20.59 -49.89 -27.54
C ALA A 72 -21.14 -48.72 -26.73
N LYS A 73 -22.00 -49.01 -25.76
CA LYS A 73 -22.54 -47.94 -24.91
C LYS A 73 -21.43 -47.25 -24.13
N ALA A 74 -20.43 -48.02 -23.69
CA ALA A 74 -19.32 -47.43 -22.96
C ALA A 74 -18.58 -46.42 -23.82
N ASP A 75 -18.27 -46.79 -25.07
CA ASP A 75 -17.59 -45.86 -25.97
C ASP A 75 -18.47 -44.67 -26.30
N ILE A 76 -19.78 -44.89 -26.44
CA ILE A 76 -20.70 -43.80 -26.75
C ILE A 76 -20.70 -42.78 -25.62
N VAL A 77 -20.83 -43.25 -24.38
CA VAL A 77 -20.84 -42.32 -23.26
C VAL A 77 -19.46 -41.70 -23.06
N ALA A 78 -18.40 -42.42 -23.43
CA ALA A 78 -17.07 -41.83 -23.36
C ALA A 78 -16.95 -40.64 -24.31
N LYS A 79 -17.43 -40.81 -25.55
CA LYS A 79 -17.42 -39.70 -26.49
C LYS A 79 -18.30 -38.55 -25.99
N ALA A 80 -19.46 -38.89 -25.43
CA ALA A 80 -20.37 -37.85 -24.93
C ALA A 80 -19.72 -37.02 -23.83
N VAL A 81 -19.10 -37.70 -22.85
CA VAL A 81 -18.45 -36.97 -21.77
C VAL A 81 -17.22 -36.25 -22.28
N LEU A 82 -16.55 -36.77 -23.30
CA LEU A 82 -15.42 -36.07 -23.90
C LEU A 82 -15.86 -34.73 -24.46
N ASP A 83 -16.97 -34.73 -25.22
CA ASP A 83 -17.52 -33.48 -25.70
C ASP A 83 -17.92 -32.58 -24.53
N TRP A 84 -18.71 -33.13 -23.61
CA TRP A 84 -19.19 -32.33 -22.48
C TRP A 84 -18.04 -31.60 -21.81
N ALA A 85 -16.92 -32.30 -21.58
CA ALA A 85 -15.76 -31.68 -20.99
C ALA A 85 -15.12 -30.65 -21.93
N VAL A 86 -15.03 -30.95 -23.23
CA VAL A 86 -14.21 -30.11 -24.08
C VAL A 86 -14.86 -28.74 -24.29
N GLU A 87 -16.18 -28.69 -24.45
CA GLU A 87 -16.80 -27.35 -24.43
C GLU A 87 -17.13 -26.85 -23.03
N ASN A 88 -17.03 -27.68 -21.99
CA ASN A 88 -17.03 -27.05 -20.66
C ASN A 88 -15.70 -26.40 -20.32
N GLY A 89 -14.64 -26.67 -21.07
CA GLY A 89 -13.36 -26.07 -20.80
C GLY A 89 -12.46 -26.99 -19.99
N ALA A 90 -12.51 -28.28 -20.29
CA ALA A 90 -11.74 -29.30 -19.60
C ALA A 90 -10.92 -30.09 -20.61
N SER A 91 -9.72 -30.49 -20.20
CA SER A 91 -8.83 -31.26 -21.07
C SER A 91 -8.28 -32.52 -20.43
N VAL A 92 -8.43 -32.69 -19.11
CA VAL A 92 -7.84 -33.81 -18.39
C VAL A 92 -8.95 -34.51 -17.61
N TYR A 93 -8.98 -35.84 -17.69
CA TYR A 93 -9.91 -36.64 -16.91
C TYR A 93 -9.13 -37.37 -15.82
N CYS A 94 -9.62 -37.30 -14.59
CA CYS A 94 -8.97 -38.01 -13.51
C CYS A 94 -9.95 -38.96 -12.85
N HIS A 95 -9.54 -40.21 -12.70
CA HIS A 95 -10.31 -41.15 -11.90
C HIS A 95 -10.22 -40.76 -10.44
N TRP A 96 -11.34 -40.93 -9.72
CA TRP A 96 -11.53 -40.39 -8.39
C TRP A 96 -11.92 -41.51 -7.44
N PHE A 97 -11.36 -41.48 -6.24
CA PHE A 97 -11.61 -42.55 -5.28
C PHE A 97 -11.38 -42.00 -3.88
N GLN A 98 -11.92 -42.72 -2.89
CA GLN A 98 -11.66 -42.40 -1.49
C GLN A 98 -10.81 -43.49 -0.87
N PRO A 99 -9.56 -43.22 -0.52
CA PRO A 99 -8.73 -44.24 0.12
C PRO A 99 -9.28 -44.63 1.48
N MET A 100 -8.84 -45.80 1.94
CA MET A 100 -9.26 -46.31 3.25
C MET A 100 -8.91 -45.31 4.34
N GLY A 101 -9.93 -44.91 5.11
CA GLY A 101 -9.72 -43.99 6.21
C GLY A 101 -9.12 -42.66 5.78
N SER A 102 -9.67 -42.07 4.73
CA SER A 102 -9.17 -40.81 4.19
C SER A 102 -10.20 -39.71 4.53
N SER A 103 -10.03 -39.12 5.71
CA SER A 103 -10.92 -38.06 6.15
C SER A 103 -10.40 -36.66 5.84
N GLY A 104 -9.24 -36.56 5.21
CA GLY A 104 -8.68 -35.26 4.88
C GLY A 104 -7.93 -34.62 6.03
N ASN A 109 -8.67 -36.13 1.49
CA ASN A 109 -10.05 -36.58 1.63
C ASN A 109 -10.46 -37.54 0.52
N SER A 110 -9.93 -37.36 -0.69
CA SER A 110 -10.26 -38.21 -1.82
C SER A 110 -9.16 -38.08 -2.86
N GLY A 111 -8.53 -39.20 -3.21
CA GLY A 111 -7.46 -39.17 -4.19
C GLY A 111 -7.97 -39.28 -5.62
N GLN A 112 -7.08 -38.95 -6.55
CA GLN A 112 -7.41 -39.01 -7.97
C GLN A 112 -6.14 -39.21 -8.79
N VAL A 113 -6.32 -39.76 -9.99
CA VAL A 113 -5.24 -39.92 -10.96
C VAL A 113 -5.65 -39.23 -12.25
N HIS A 114 -4.82 -38.30 -12.69
CA HIS A 114 -5.09 -37.48 -13.87
C HIS A 114 -4.50 -38.12 -15.12
N GLN A 115 -5.21 -37.97 -16.23
CA GLN A 115 -4.75 -38.44 -17.53
C GLN A 115 -5.31 -37.52 -18.61
N SER A 116 -4.49 -37.21 -19.61
CA SER A 116 -4.93 -36.38 -20.71
C SER A 116 -5.85 -37.18 -21.64
N MET A 117 -6.98 -36.58 -22.00
CA MET A 117 -7.92 -37.20 -22.93
C MET A 117 -7.74 -36.70 -24.35
N PHE A 118 -6.74 -35.86 -24.60
CA PHE A 118 -6.35 -35.48 -25.95
C PHE A 118 -4.96 -36.01 -26.25
N ASN A 119 -4.80 -36.57 -27.44
CA ASN A 119 -3.56 -37.19 -27.87
C ASN A 119 -2.96 -36.40 -29.03
N PHE A 120 -1.78 -36.84 -29.47
CA PHE A 120 -1.08 -36.24 -30.59
C PHE A 120 -0.75 -37.32 -31.60
N ALA A 121 -1.11 -37.08 -32.86
CA ALA A 121 -0.84 -38.02 -33.93
C ALA A 121 0.55 -37.75 -34.50
N GLU A 122 0.86 -38.35 -35.65
CA GLU A 122 2.15 -38.12 -36.28
C GLU A 122 2.36 -36.66 -36.63
N ASP A 123 1.29 -35.96 -37.02
CA ASP A 123 1.41 -34.54 -37.33
C ASP A 123 1.74 -33.72 -36.08
N GLY A 124 1.34 -34.20 -34.91
CA GLY A 124 1.61 -33.49 -33.67
C GLY A 124 0.57 -32.45 -33.34
N THR A 125 -0.70 -32.86 -33.28
CA THR A 125 -1.80 -31.96 -32.96
C THR A 125 -2.59 -32.51 -31.80
N PRO A 126 -3.08 -31.64 -30.91
CA PRO A 126 -3.89 -32.11 -29.76
C PRO A 126 -5.33 -32.43 -30.14
N TYR A 127 -5.54 -33.64 -30.63
CA TYR A 127 -6.87 -34.09 -31.04
C TYR A 127 -7.50 -34.86 -29.89
N TYR A 128 -8.76 -34.54 -29.59
CA TYR A 128 -9.45 -35.09 -28.44
C TYR A 128 -9.92 -36.51 -28.75
N SER A 129 -9.47 -37.48 -27.95
CA SER A 129 -9.84 -38.87 -28.15
C SER A 129 -9.96 -39.53 -26.79
N PHE A 130 -11.17 -39.95 -26.43
CA PHE A 130 -11.46 -40.51 -25.11
C PHE A 130 -12.32 -41.74 -25.29
N THR A 131 -11.76 -42.91 -24.99
CA THR A 131 -12.44 -44.17 -25.21
C THR A 131 -13.04 -44.71 -23.91
N GLY A 132 -13.82 -45.78 -24.05
CA GLY A 132 -14.45 -46.37 -22.88
C GLY A 132 -13.45 -46.97 -21.91
N GLU A 133 -12.36 -47.53 -22.43
CA GLU A 133 -11.34 -48.10 -21.56
C GLU A 133 -10.70 -47.04 -20.68
N GLN A 134 -10.44 -45.86 -21.25
CA GLN A 134 -9.97 -44.74 -20.43
C GLN A 134 -11.00 -44.33 -19.40
N LEU A 135 -12.29 -44.44 -19.74
CA LEU A 135 -13.34 -44.03 -18.82
C LEU A 135 -13.47 -44.98 -17.64
N LEU A 136 -13.40 -46.28 -17.89
CA LEU A 136 -13.68 -47.27 -16.86
C LEU A 136 -12.46 -47.63 -16.03
N GLN A 137 -11.31 -47.83 -16.67
CA GLN A 137 -10.12 -48.35 -16.01
C GLN A 137 -9.19 -47.23 -15.59
N GLY A 138 -8.61 -47.36 -14.39
CA GLY A 138 -7.66 -46.39 -13.89
C GLY A 138 -6.38 -47.05 -13.40
N GLU A 139 -5.55 -46.29 -12.69
CA GLU A 139 -4.30 -46.80 -12.16
C GLU A 139 -4.02 -46.14 -10.81
N THR A 140 -3.80 -46.95 -9.79
CA THR A 140 -3.55 -46.49 -8.43
C THR A 140 -3.12 -47.68 -7.59
N ASP A 141 -2.07 -47.51 -6.79
CA ASP A 141 -1.48 -48.63 -6.06
C ASP A 141 -2.29 -48.96 -4.81
N GLY A 142 -2.54 -50.24 -4.60
CA GLY A 142 -3.15 -50.66 -3.35
C GLY A 142 -2.28 -50.34 -2.14
N SER A 143 -0.99 -50.69 -2.23
CA SER A 143 0.04 -50.31 -1.25
C SER A 143 -0.17 -50.96 0.10
N SER A 144 0.94 -51.21 0.81
CA SER A 144 0.87 -51.66 2.18
C SER A 144 0.71 -50.46 3.11
N TYR A 159 -5.92 -50.50 -9.97
CA TYR A 159 -6.76 -50.50 -11.16
C TYR A 159 -8.20 -50.05 -10.84
N LEU A 160 -8.30 -48.76 -10.51
CA LEU A 160 -9.57 -48.10 -10.26
C LEU A 160 -10.61 -48.50 -11.31
N SER A 161 -11.85 -48.64 -10.87
CA SER A 161 -12.98 -48.93 -11.74
C SER A 161 -14.11 -47.96 -11.46
N ILE A 162 -14.75 -47.49 -12.54
CA ILE A 162 -15.72 -46.41 -12.43
C ILE A 162 -16.88 -46.80 -11.52
N ASP A 163 -17.50 -45.80 -10.91
CA ASP A 163 -18.72 -45.97 -10.14
C ASP A 163 -19.90 -45.50 -10.99
N PRO A 164 -20.58 -46.40 -11.70
CA PRO A 164 -21.69 -45.96 -12.57
C PRO A 164 -22.83 -45.30 -11.83
N TYR A 165 -22.97 -45.56 -10.54
CA TYR A 165 -24.04 -44.97 -9.74
C TYR A 165 -23.67 -43.64 -9.14
N SER A 166 -22.47 -43.14 -9.41
CA SER A 166 -22.06 -41.81 -9.02
C SER A 166 -21.91 -40.92 -10.25
N PRO A 167 -22.36 -39.66 -10.19
CA PRO A 167 -22.35 -38.81 -11.39
C PRO A 167 -20.94 -38.34 -11.72
N ILE A 168 -20.55 -38.52 -12.97
CA ILE A 168 -19.27 -38.00 -13.45
C ILE A 168 -19.37 -36.48 -13.47
N PHE A 169 -18.53 -35.82 -12.69
CA PHE A 169 -18.67 -34.38 -12.48
C PHE A 169 -17.39 -33.68 -12.91
N LEU A 170 -17.34 -32.36 -12.75
CA LEU A 170 -16.29 -31.56 -13.40
C LEU A 170 -15.90 -30.37 -12.54
N ARG A 171 -14.61 -30.18 -12.32
CA ARG A 171 -14.09 -29.04 -11.58
C ARG A 171 -12.92 -28.43 -12.33
N GLU A 172 -12.90 -27.09 -12.40
CA GLU A 172 -11.84 -26.32 -13.05
C GLU A 172 -11.72 -26.80 -14.50
N ASP A 173 -10.57 -27.30 -14.94
CA ASP A 173 -10.41 -27.83 -16.29
C ASP A 173 -10.22 -29.35 -16.29
N THR A 174 -10.68 -30.00 -15.23
CA THR A 174 -10.51 -31.44 -15.07
C THR A 174 -11.85 -32.08 -14.76
N VAL A 175 -12.20 -33.11 -15.52
CA VAL A 175 -13.41 -33.87 -15.26
C VAL A 175 -13.09 -34.99 -14.27
N PHE A 176 -13.78 -34.98 -13.14
CA PHE A 176 -13.58 -35.93 -12.07
C PHE A 176 -14.52 -37.09 -12.31
N ILE A 177 -13.99 -38.30 -12.41
CA ILE A 177 -14.78 -39.48 -12.69
C ILE A 177 -14.77 -40.38 -11.47
N PRO A 178 -15.84 -40.41 -10.66
CA PRO A 178 -15.81 -41.23 -9.44
C PRO A 178 -15.60 -42.69 -9.76
N ALA A 179 -14.82 -43.36 -8.92
CA ALA A 179 -14.41 -44.73 -9.18
C ALA A 179 -14.16 -45.45 -7.86
N ALA A 180 -14.24 -46.78 -7.92
CA ALA A 180 -14.00 -47.62 -6.76
C ALA A 180 -12.59 -48.16 -6.79
N PHE A 181 -11.94 -48.16 -5.62
CA PHE A 181 -10.52 -48.49 -5.50
C PHE A 181 -10.35 -49.83 -4.80
N VAL A 182 -9.65 -50.75 -5.45
CA VAL A 182 -9.39 -52.07 -4.90
C VAL A 182 -7.90 -52.36 -4.99
N SER A 183 -7.52 -53.53 -4.51
CA SER A 183 -6.16 -54.02 -4.66
C SER A 183 -6.05 -54.89 -5.90
N TYR A 184 -4.81 -55.26 -6.24
CA TYR A 184 -4.60 -56.17 -7.37
C TYR A 184 -5.23 -57.53 -7.10
N ASN A 185 -5.18 -57.98 -5.85
CA ASN A 185 -5.80 -59.26 -5.49
C ASN A 185 -7.31 -59.20 -5.69
N GLY A 186 -7.93 -58.07 -5.31
CA GLY A 186 -9.36 -57.93 -5.42
C GLY A 186 -9.99 -57.43 -4.14
N ASP A 187 -9.16 -57.23 -3.12
CA ASP A 187 -9.65 -56.73 -1.84
C ASP A 187 -10.10 -55.28 -1.97
N ALA A 188 -11.22 -54.95 -1.34
CA ALA A 188 -11.76 -53.60 -1.36
C ALA A 188 -10.91 -52.71 -0.48
N LEU A 189 -10.06 -51.89 -1.11
CA LEU A 189 -9.16 -51.00 -0.38
C LEU A 189 -9.68 -49.57 -0.35
N ASP A 190 -10.99 -49.38 -0.40
CA ASP A 190 -11.59 -48.05 -0.36
C ASP A 190 -12.83 -48.11 0.52
N GLU A 191 -13.66 -47.08 0.41
CA GLU A 191 -14.96 -47.08 1.06
C GLU A 191 -16.10 -47.21 0.07
N LYS A 192 -15.85 -46.96 -1.22
CA LYS A 192 -16.91 -47.06 -2.21
C LYS A 192 -17.37 -48.50 -2.42
N THR A 193 -16.42 -49.42 -2.60
CA THR A 193 -16.78 -50.82 -2.79
C THR A 193 -17.50 -51.43 -1.59
N PRO A 194 -17.07 -51.21 -0.33
CA PRO A 194 -17.88 -51.70 0.78
C PRO A 194 -19.29 -51.14 0.78
N LEU A 195 -19.45 -49.87 0.42
CA LEU A 195 -20.78 -49.28 0.36
C LEU A 195 -21.61 -49.93 -0.73
N HIS A 196 -21.00 -50.22 -1.87
CA HIS A 196 -21.73 -50.90 -2.94
C HIS A 196 -22.18 -52.28 -2.51
N ARG A 197 -21.28 -53.04 -1.87
CA ARG A 197 -21.65 -54.37 -1.39
C ARG A 197 -22.77 -54.29 -0.37
N ALA A 198 -22.67 -53.34 0.56
CA ALA A 198 -23.70 -53.20 1.59
C ALA A 198 -25.04 -52.83 0.98
N THR A 199 -25.05 -51.90 0.03
CA THR A 199 -26.29 -51.51 -0.61
C THR A 199 -26.90 -52.66 -1.40
N ASP A 200 -26.06 -53.45 -2.09
CA ASP A 200 -26.58 -54.59 -2.83
C ASP A 200 -27.19 -55.64 -1.89
N ALA A 201 -26.50 -55.92 -0.78
CA ALA A 201 -27.06 -56.85 0.20
C ALA A 201 -28.36 -56.32 0.78
N LEU A 202 -28.40 -55.03 1.08
CA LEU A 202 -29.63 -54.41 1.57
C LEU A 202 -30.77 -54.57 0.57
N ASP A 203 -30.49 -54.29 -0.70
CA ASP A 203 -31.53 -54.38 -1.72
C ASP A 203 -32.03 -55.81 -1.86
N LYS A 204 -31.12 -56.78 -1.94
CA LYS A 204 -31.55 -58.16 -2.12
C LYS A 204 -32.33 -58.67 -0.92
N GLN A 205 -31.89 -58.33 0.29
CA GLN A 205 -32.61 -58.79 1.48
C GLN A 205 -33.97 -58.12 1.60
N THR A 206 -34.05 -56.82 1.29
CA THR A 206 -35.32 -56.13 1.33
C THR A 206 -36.29 -56.72 0.31
N LYS A 207 -35.81 -56.99 -0.90
CA LYS A 207 -36.66 -57.62 -1.91
C LYS A 207 -37.13 -58.99 -1.45
N ARG A 208 -36.22 -59.78 -0.87
CA ARG A 208 -36.60 -61.11 -0.40
C ARG A 208 -37.68 -61.03 0.67
N MET A 209 -37.51 -60.14 1.64
CA MET A 209 -38.48 -60.08 2.73
C MET A 209 -39.81 -59.49 2.28
N LEU A 210 -39.78 -58.55 1.33
CA LEU A 210 -41.04 -58.05 0.77
C LEU A 210 -41.76 -59.13 -0.02
N LYS A 211 -41.03 -59.93 -0.81
CA LYS A 211 -41.65 -60.97 -1.58
C LYS A 211 -42.17 -62.10 -0.70
N ALA A 212 -41.48 -62.38 0.41
CA ALA A 212 -41.92 -63.46 1.30
C ALA A 212 -43.24 -63.15 1.98
N MET A 213 -43.69 -61.89 1.97
CA MET A 213 -44.94 -61.50 2.58
C MET A 213 -45.96 -61.03 1.54
N LYS A 214 -45.81 -61.51 0.30
CA LYS A 214 -46.72 -61.21 -0.81
C LYS A 214 -46.71 -59.71 -1.15
N TYR A 215 -45.52 -59.24 -1.55
CA TYR A 215 -45.38 -57.90 -2.11
C TYR A 215 -44.25 -57.92 -3.12
N ASP A 216 -44.55 -57.50 -4.34
CA ASP A 216 -43.58 -57.50 -5.43
C ASP A 216 -43.18 -56.08 -5.77
N VAL A 217 -41.87 -55.83 -5.87
CA VAL A 217 -41.35 -54.53 -6.27
C VAL A 217 -41.00 -54.49 -7.74
N GLY A 218 -41.13 -55.59 -8.46
CA GLY A 218 -40.76 -55.61 -9.87
C GLY A 218 -39.27 -55.35 -10.04
N SER A 219 -38.95 -54.39 -10.91
CA SER A 219 -37.57 -54.03 -11.20
C SER A 219 -37.08 -52.88 -10.33
N ALA A 220 -37.88 -52.43 -9.37
CA ALA A 220 -37.47 -51.32 -8.51
C ALA A 220 -36.24 -51.71 -7.69
N SER A 221 -35.33 -50.76 -7.52
CA SER A 221 -34.09 -50.97 -6.80
C SER A 221 -34.16 -50.29 -5.44
N VAL A 222 -33.81 -51.03 -4.40
CA VAL A 222 -33.79 -50.52 -3.04
C VAL A 222 -32.38 -50.06 -2.70
N TYR A 223 -32.29 -49.00 -1.91
CA TYR A 223 -30.99 -48.42 -1.55
C TYR A 223 -31.20 -47.60 -0.29
N ALA A 224 -30.14 -46.91 0.13
CA ALA A 224 -30.15 -46.07 1.32
C ALA A 224 -30.27 -44.61 0.88
N ASN A 225 -31.43 -44.01 1.13
CA ASN A 225 -31.61 -42.58 0.90
C ASN A 225 -31.07 -41.83 2.11
N ILE A 226 -30.06 -41.00 1.89
CA ILE A 226 -29.41 -40.28 2.97
C ILE A 226 -29.27 -38.81 2.62
N GLY A 227 -29.51 -37.96 3.61
CA GLY A 227 -29.10 -36.57 3.56
C GLY A 227 -27.92 -36.40 4.51
N LEU A 228 -27.01 -35.49 4.18
CA LEU A 228 -25.79 -35.31 4.94
C LEU A 228 -25.66 -33.85 5.37
N GLU A 229 -26.10 -33.56 6.60
CA GLU A 229 -26.07 -32.19 7.12
C GLU A 229 -24.63 -31.86 7.50
N GLN A 230 -23.86 -31.49 6.48
CA GLN A 230 -22.43 -31.26 6.67
C GLN A 230 -22.19 -29.89 7.26
N GLU A 231 -21.51 -29.84 8.41
CA GLU A 231 -21.21 -28.60 9.09
C GLU A 231 -19.74 -28.27 8.94
N ILE A 232 -19.45 -27.01 8.60
CA ILE A 232 -18.09 -26.55 8.33
C ILE A 232 -17.83 -25.31 9.16
N PHE A 233 -16.67 -25.25 9.78
CA PHE A 233 -16.24 -24.02 10.43
C PHE A 233 -15.45 -23.19 9.41
N LEU A 234 -15.65 -21.88 9.44
CA LEU A 234 -14.90 -20.97 8.58
C LEU A 234 -14.02 -20.07 9.42
N THR A 235 -12.74 -20.02 9.07
CA THR A 235 -11.77 -19.27 9.84
C THR A 235 -10.99 -18.34 8.92
N PRO A 236 -10.62 -17.16 9.38
CA PRO A 236 -9.71 -16.31 8.58
C PRO A 236 -8.45 -17.06 8.24
N ARG A 237 -8.16 -17.14 6.94
CA ARG A 237 -6.98 -17.87 6.49
C ARG A 237 -5.70 -17.27 7.06
N HIS A 238 -5.71 -15.97 7.37
CA HIS A 238 -4.58 -15.37 8.06
C HIS A 238 -4.39 -16.00 9.44
N ALA A 239 -5.49 -16.23 10.15
CA ALA A 239 -5.40 -16.94 11.43
C ALA A 239 -5.12 -18.42 11.22
N PHE A 240 -5.66 -19.01 10.15
CA PHE A 240 -5.42 -20.42 9.88
C PHE A 240 -3.93 -20.68 9.67
N TYR A 241 -3.25 -19.78 8.96
CA TYR A 241 -1.81 -19.92 8.79
C TYR A 241 -1.04 -19.72 10.09
N ARG A 242 -1.65 -19.14 11.10
CA ARG A 242 -0.98 -18.94 12.38
C ARG A 242 -1.28 -20.05 13.38
N ARG A 243 -2.02 -21.08 12.98
CA ARG A 243 -2.30 -22.22 13.84
C ARG A 243 -1.81 -23.50 13.18
N PRO A 244 -0.62 -24.00 13.57
CA PRO A 244 -0.09 -25.20 12.90
C PRO A 244 -1.00 -26.41 13.00
N ASP A 245 -1.73 -26.56 14.11
CA ASP A 245 -2.60 -27.72 14.26
C ASP A 245 -3.67 -27.75 13.18
N LEU A 246 -4.26 -26.59 12.88
CA LEU A 246 -5.24 -26.54 11.81
C LEU A 246 -4.62 -26.86 10.46
N GLN A 247 -3.38 -26.43 10.23
CA GLN A 247 -2.70 -26.79 9.00
C GLN A 247 -2.51 -28.30 8.88
N PHE A 248 -2.10 -28.94 9.96
CA PHE A 248 -1.68 -30.33 9.89
C PHE A 248 -2.70 -31.31 10.41
N THR A 249 -3.57 -30.91 11.33
CA THR A 249 -4.58 -31.79 11.89
C THR A 249 -6.01 -31.31 11.68
N GLY A 250 -6.21 -30.02 11.43
CA GLY A 250 -7.53 -29.48 11.16
C GLY A 250 -8.31 -29.06 12.38
N ARG A 251 -7.82 -29.33 13.58
CA ARG A 251 -8.51 -28.95 14.80
C ARG A 251 -7.52 -28.37 15.79
N THR A 252 -7.97 -27.39 16.58
CA THR A 252 -7.11 -26.69 17.51
C THR A 252 -6.77 -27.60 18.67
N ILE A 253 -5.50 -28.01 18.76
CA ILE A 253 -5.02 -28.79 19.90
C ILE A 253 -4.85 -27.95 21.16
N THR A 254 -4.87 -26.63 21.04
CA THR A 254 -4.70 -25.75 22.19
C THR A 254 -5.29 -24.38 21.86
N GLY A 255 -5.43 -23.57 22.90
CA GLY A 255 -5.98 -22.24 22.73
C GLY A 255 -7.03 -21.90 23.76
N LYS A 256 -6.83 -20.79 24.48
CA LYS A 256 -7.74 -20.40 25.54
C LYS A 256 -8.97 -19.73 24.96
N PHE A 257 -10.14 -20.29 25.23
CA PHE A 257 -11.38 -19.68 24.76
C PHE A 257 -11.70 -18.47 25.61
N PRO A 258 -12.03 -17.33 25.00
CA PRO A 258 -12.37 -16.13 25.79
C PRO A 258 -13.65 -16.34 26.58
N ALA A 259 -13.71 -15.68 27.74
CA ALA A 259 -14.85 -15.77 28.65
C ALA A 259 -15.12 -17.21 29.06
N ARG A 260 -14.07 -17.86 29.59
CA ARG A 260 -14.14 -19.20 30.16
C ARG A 260 -14.52 -20.24 29.11
N GLY A 261 -15.78 -20.21 28.66
CA GLY A 261 -16.26 -21.19 27.71
C GLY A 261 -17.69 -21.60 27.95
N GLN A 262 -18.18 -21.39 29.17
CA GLN A 262 -19.56 -21.69 29.53
C GLN A 262 -20.43 -20.55 29.02
N GLU A 263 -20.77 -20.62 27.74
CA GLU A 263 -21.52 -19.56 27.07
C GLU A 263 -22.96 -19.59 27.56
N GLY A 277 -15.14 -11.57 2.42
CA GLY A 277 -16.40 -12.12 1.98
C GLY A 277 -16.77 -13.40 2.70
N ALA A 278 -17.65 -13.28 3.70
CA ALA A 278 -18.19 -14.43 4.42
C ALA A 278 -19.56 -14.83 3.89
N PHE A 279 -20.48 -13.87 3.77
CA PHE A 279 -21.70 -14.11 3.01
C PHE A 279 -21.37 -14.42 1.56
N GLU A 280 -20.39 -13.71 1.00
CA GLU A 280 -19.91 -14.03 -0.33
C GLU A 280 -19.44 -15.48 -0.42
N CYS A 281 -18.88 -16.01 0.67
CA CYS A 281 -18.35 -17.37 0.65
C CYS A 281 -19.45 -18.40 0.36
N MET A 282 -20.51 -18.41 1.16
CA MET A 282 -21.51 -19.45 0.91
C MET A 282 -22.44 -19.08 -0.23
N ARG A 283 -22.55 -17.80 -0.62
CA ARG A 283 -23.28 -17.55 -1.86
C ARG A 283 -22.50 -18.07 -3.07
N GLN A 284 -21.17 -17.97 -3.03
CA GLN A 284 -20.36 -18.61 -4.07
C GLN A 284 -20.48 -20.13 -4.01
N ILE A 285 -20.53 -20.69 -2.81
CA ILE A 285 -20.78 -22.13 -2.66
C ILE A 285 -22.11 -22.50 -3.34
N GLN A 286 -23.15 -21.72 -3.07
CA GLN A 286 -24.46 -22.04 -3.60
C GLN A 286 -24.50 -21.93 -5.12
N GLN A 287 -23.91 -20.87 -5.67
CA GLN A 287 -23.90 -20.73 -7.13
C GLN A 287 -23.03 -21.80 -7.77
N GLU A 288 -21.94 -22.20 -7.12
CA GLU A 288 -21.16 -23.33 -7.60
C GLU A 288 -22.00 -24.59 -7.65
N CYS A 289 -22.68 -24.91 -6.55
CA CYS A 289 -23.48 -26.13 -6.50
C CYS A 289 -24.60 -26.10 -7.53
N PHE A 290 -25.17 -24.91 -7.78
CA PHE A 290 -26.09 -24.75 -8.90
C PHE A 290 -25.42 -25.12 -10.22
N LYS A 291 -24.27 -24.50 -10.51
CA LYS A 291 -23.57 -24.84 -11.74
C LYS A 291 -22.95 -26.23 -11.66
N MET A 292 -22.83 -26.80 -10.47
CA MET A 292 -22.15 -28.08 -10.28
C MET A 292 -23.13 -29.24 -10.36
N GLY A 293 -24.42 -28.97 -10.51
CA GLY A 293 -25.42 -30.01 -10.49
C GLY A 293 -25.75 -30.55 -9.13
N ILE A 294 -25.30 -29.89 -8.06
CA ILE A 294 -25.51 -30.35 -6.70
C ILE A 294 -26.71 -29.62 -6.12
N PRO A 295 -27.80 -30.30 -5.80
CA PRO A 295 -28.96 -29.63 -5.21
C PRO A 295 -28.77 -29.34 -3.73
N LEU A 296 -27.86 -28.42 -3.44
CA LEU A 296 -27.59 -28.00 -2.07
C LEU A 296 -28.79 -27.20 -1.58
N LYS A 297 -29.65 -27.85 -0.78
CA LYS A 297 -30.94 -27.25 -0.44
C LYS A 297 -30.77 -26.04 0.46
N THR A 298 -30.24 -26.24 1.67
CA THR A 298 -30.19 -25.18 2.67
C THR A 298 -28.78 -25.05 3.22
N ARG A 299 -28.24 -23.83 3.14
CA ARG A 299 -27.02 -23.46 3.85
C ARG A 299 -27.39 -22.38 4.86
N HIS A 300 -26.99 -22.57 6.11
CA HIS A 300 -27.36 -21.60 7.12
C HIS A 300 -26.42 -21.69 8.31
N ARG A 301 -26.40 -20.62 9.10
CA ARG A 301 -25.51 -20.56 10.25
C ARG A 301 -25.95 -21.57 11.31
N GLU A 302 -25.11 -21.71 12.35
CA GLU A 302 -25.40 -22.60 13.46
C GLU A 302 -25.13 -21.86 14.76
N VAL A 303 -25.26 -22.57 15.88
CA VAL A 303 -25.11 -21.95 17.19
C VAL A 303 -23.68 -21.43 17.38
N ALA A 304 -22.70 -22.26 17.02
CA ALA A 304 -21.31 -21.87 17.16
C ALA A 304 -20.96 -20.76 16.18
N PRO A 305 -19.98 -19.92 16.51
CA PRO A 305 -19.58 -18.85 15.58
C PRO A 305 -19.09 -19.43 14.26
N ASN A 306 -19.45 -18.74 13.18
CA ASN A 306 -19.06 -19.06 11.80
C ASN A 306 -19.14 -20.54 11.48
N GLN A 307 -20.10 -21.25 12.05
CA GLN A 307 -20.34 -22.66 11.76
C GLN A 307 -21.53 -22.74 10.82
N TYR A 308 -21.29 -23.15 9.58
CA TYR A 308 -22.32 -23.17 8.55
C TYR A 308 -22.68 -24.60 8.19
N GLU A 309 -23.97 -24.90 8.17
CA GLU A 309 -24.48 -26.21 7.84
C GLU A 309 -25.05 -26.18 6.43
N PHE A 310 -24.66 -27.16 5.62
CA PHE A 310 -25.18 -27.40 4.29
C PHE A 310 -25.92 -28.73 4.32
N ALA A 311 -27.19 -28.73 3.91
CA ALA A 311 -28.06 -29.89 4.06
C ALA A 311 -28.68 -30.27 2.73
N PRO A 312 -27.93 -30.94 1.86
CA PRO A 312 -28.54 -31.49 0.64
C PRO A 312 -29.57 -32.55 0.99
N MET A 313 -30.61 -32.63 0.18
CA MET A 313 -31.72 -33.53 0.49
C MET A 313 -31.30 -34.98 0.23
N PHE A 314 -32.23 -35.88 0.51
CA PHE A 314 -31.95 -37.31 0.46
C PHE A 314 -31.68 -37.77 -0.97
N GLY A 315 -30.87 -38.82 -1.07
CA GLY A 315 -30.55 -39.43 -2.36
C GLY A 315 -29.83 -40.73 -2.09
N ASN A 316 -29.54 -41.45 -3.18
CA ASN A 316 -28.85 -42.72 -3.04
C ASN A 316 -27.53 -42.54 -2.31
N ALA A 317 -27.30 -43.38 -1.29
CA ALA A 317 -26.12 -43.20 -0.44
C ALA A 317 -24.84 -43.32 -1.25
N ILE A 318 -24.83 -44.21 -2.26
CA ILE A 318 -23.65 -44.37 -3.09
C ILE A 318 -23.26 -43.05 -3.74
N SER A 319 -24.23 -42.35 -4.30
CA SER A 319 -23.96 -41.04 -4.89
C SER A 319 -23.77 -39.98 -3.81
N GLN A 320 -24.53 -40.06 -2.73
CA GLN A 320 -24.52 -38.98 -1.74
C GLN A 320 -23.21 -38.89 -0.98
N VAL A 321 -22.52 -40.01 -0.76
CA VAL A 321 -21.23 -39.93 -0.09
C VAL A 321 -20.21 -39.20 -0.97
N ASP A 322 -20.20 -39.48 -2.28
CA ASP A 322 -19.33 -38.74 -3.19
C ASP A 322 -19.74 -37.27 -3.22
N GLN A 323 -21.05 -37.00 -3.20
CA GLN A 323 -21.52 -35.63 -3.15
C GLN A 323 -20.95 -34.92 -1.93
N ASN A 324 -20.99 -35.58 -0.78
CA ASN A 324 -20.47 -34.98 0.45
C ASN A 324 -18.97 -34.74 0.36
N LEU A 325 -18.22 -35.71 -0.17
CA LEU A 325 -16.78 -35.54 -0.28
C LEU A 325 -16.43 -34.37 -1.19
N MET A 326 -17.08 -34.30 -2.36
CA MET A 326 -16.78 -33.23 -3.29
C MET A 326 -17.28 -31.89 -2.79
N ILE A 327 -18.36 -31.88 -2.01
CA ILE A 327 -18.81 -30.65 -1.37
C ILE A 327 -17.76 -30.17 -0.36
N MET A 328 -17.23 -31.10 0.44
CA MET A 328 -16.15 -30.75 1.36
C MET A 328 -14.98 -30.14 0.61
N GLN A 329 -14.58 -30.78 -0.48
CA GLN A 329 -13.47 -30.27 -1.28
C GLN A 329 -13.77 -28.86 -1.78
N VAL A 330 -14.86 -28.71 -2.55
CA VAL A 330 -15.15 -27.42 -3.17
C VAL A 330 -15.28 -26.34 -2.12
N ILE A 331 -15.80 -26.68 -0.94
CA ILE A 331 -15.85 -25.71 0.15
C ILE A 331 -14.44 -25.34 0.58
N GLU A 332 -13.54 -26.31 0.64
CA GLU A 332 -12.16 -26.02 1.04
C GLU A 332 -11.51 -25.04 0.07
N GLU A 333 -11.55 -25.33 -1.23
CA GLU A 333 -10.91 -24.40 -2.16
C GLU A 333 -11.66 -23.08 -2.29
N VAL A 334 -12.98 -23.06 -2.06
CA VAL A 334 -13.68 -21.78 -2.11
C VAL A 334 -13.27 -20.91 -0.92
N ALA A 335 -13.18 -21.50 0.27
CA ALA A 335 -12.71 -20.75 1.43
C ALA A 335 -11.29 -20.27 1.21
N SER A 336 -10.44 -21.11 0.61
CA SER A 336 -9.09 -20.67 0.28
C SER A 336 -9.12 -19.49 -0.67
N GLU A 337 -10.03 -19.52 -1.66
CA GLU A 337 -10.18 -18.39 -2.57
C GLU A 337 -10.63 -17.14 -1.83
N HIS A 338 -11.57 -17.28 -0.90
CA HIS A 338 -12.12 -16.15 -0.17
C HIS A 338 -11.22 -15.65 0.95
N GLY A 339 -9.96 -16.05 0.97
CA GLY A 339 -9.09 -15.69 2.07
C GLY A 339 -9.52 -16.29 3.39
N LEU A 340 -10.14 -17.47 3.35
CA LEU A 340 -10.62 -18.15 4.53
C LEU A 340 -10.09 -19.58 4.52
N ALA A 341 -10.57 -20.38 5.47
CA ALA A 341 -10.21 -21.77 5.59
C ALA A 341 -11.40 -22.55 6.14
N ALA A 342 -11.66 -23.70 5.54
CA ALA A 342 -12.80 -24.53 5.88
C ALA A 342 -12.32 -25.64 6.81
N LEU A 343 -12.45 -25.39 8.12
CA LEU A 343 -12.16 -26.40 9.12
C LEU A 343 -13.27 -27.44 9.10
N LEU A 344 -12.94 -28.65 8.67
CA LEU A 344 -13.89 -29.75 8.56
C LEU A 344 -13.80 -30.72 9.73
N GLN A 345 -12.91 -30.50 10.68
CA GLN A 345 -12.76 -31.41 11.79
C GLN A 345 -14.02 -31.42 12.65
N GLU A 346 -14.19 -32.52 13.39
CA GLU A 346 -15.41 -32.70 14.18
C GLU A 346 -15.53 -31.65 15.27
N LYS A 347 -14.45 -31.41 16.00
CA LYS A 347 -14.41 -30.41 17.07
C LYS A 347 -13.18 -29.53 16.87
N PRO A 348 -13.21 -28.65 15.87
CA PRO A 348 -12.05 -27.80 15.63
C PRO A 348 -11.75 -26.83 16.76
N PHE A 349 -12.71 -26.57 17.64
CA PHE A 349 -12.50 -25.64 18.75
C PHE A 349 -13.11 -26.23 20.00
N ALA A 350 -12.27 -26.49 21.00
CA ALA A 350 -12.78 -26.94 22.28
C ALA A 350 -13.53 -25.82 22.97
N GLY A 351 -14.68 -26.15 23.55
CA GLY A 351 -15.51 -25.18 24.23
C GLY A 351 -16.71 -24.70 23.45
N VAL A 352 -16.77 -24.97 22.15
CA VAL A 352 -17.92 -24.58 21.34
C VAL A 352 -18.62 -25.85 20.85
N ASN A 353 -19.73 -25.68 20.15
CA ASN A 353 -20.46 -26.82 19.63
C ASN A 353 -19.63 -27.57 18.60
N GLY A 354 -19.63 -28.90 18.68
CA GLY A 354 -18.90 -29.70 17.73
C GLY A 354 -19.53 -29.64 16.35
N SER A 355 -18.68 -29.71 15.33
CA SER A 355 -19.13 -29.67 13.94
C SER A 355 -19.55 -31.08 13.52
N GLY A 356 -20.75 -31.45 13.94
CA GLY A 356 -21.29 -32.73 13.56
C GLY A 356 -21.82 -32.75 12.15
N LYS A 357 -21.91 -33.96 11.58
CA LYS A 357 -22.45 -34.16 10.24
C LYS A 357 -23.54 -35.22 10.33
N HIS A 358 -24.76 -34.79 10.62
CA HIS A 358 -25.86 -35.73 10.77
C HIS A 358 -26.11 -36.47 9.46
N ASN A 359 -26.31 -37.78 9.57
CA ASN A 359 -26.66 -38.63 8.45
C ASN A 359 -28.14 -38.98 8.59
N ASN A 360 -28.98 -38.33 7.79
CA ASN A 360 -30.39 -38.69 7.71
C ASN A 360 -30.48 -39.92 6.82
N TRP A 361 -30.57 -41.09 7.44
CA TRP A 361 -30.52 -42.36 6.76
C TRP A 361 -31.91 -43.00 6.74
N SER A 362 -32.28 -43.56 5.59
CA SER A 362 -33.57 -44.24 5.46
C SER A 362 -33.47 -45.25 4.31
N ILE A 363 -34.43 -46.16 4.27
CA ILE A 363 -34.53 -47.14 3.21
C ILE A 363 -35.44 -46.59 2.13
N GLY A 364 -34.93 -46.47 0.91
CA GLY A 364 -35.70 -45.90 -0.18
C GLY A 364 -35.56 -46.72 -1.45
N THR A 365 -36.69 -46.95 -2.09
CA THR A 365 -36.71 -47.67 -3.37
C THR A 365 -36.49 -46.70 -4.52
N SER A 366 -36.30 -47.25 -5.71
CA SER A 366 -36.10 -46.42 -6.90
C SER A 366 -37.34 -45.60 -7.21
N ASP A 367 -38.53 -46.18 -7.05
CA ASP A 367 -39.77 -45.51 -7.38
C ASP A 367 -40.22 -44.54 -6.29
N GLY A 368 -39.42 -44.35 -5.24
CA GLY A 368 -39.72 -43.37 -4.22
C GLY A 368 -40.32 -43.90 -2.94
N LEU A 369 -40.53 -45.20 -2.82
CA LEU A 369 -41.08 -45.76 -1.59
C LEU A 369 -40.05 -45.65 -0.46
N ASN A 370 -40.50 -45.10 0.66
CA ASN A 370 -39.67 -44.93 1.85
C ASN A 370 -40.19 -45.83 2.95
N LEU A 371 -39.30 -46.64 3.54
CA LEU A 371 -39.71 -47.59 4.56
C LEU A 371 -39.98 -46.94 5.91
N MET A 372 -39.54 -45.70 6.12
CA MET A 372 -39.87 -44.98 7.35
C MET A 372 -41.17 -44.19 7.25
N ASN A 373 -41.86 -44.26 6.12
CA ASN A 373 -43.14 -43.58 5.95
C ASN A 373 -44.25 -44.62 6.01
N PRO A 374 -44.85 -44.86 7.18
CA PRO A 374 -45.92 -45.88 7.25
C PRO A 374 -47.08 -45.59 6.33
N LYS A 375 -47.47 -44.32 6.19
CA LYS A 375 -48.60 -43.99 5.32
C LYS A 375 -48.27 -44.32 3.86
N GLN A 376 -47.07 -43.97 3.41
CA GLN A 376 -46.66 -44.28 2.05
C GLN A 376 -46.59 -45.78 1.83
N VAL A 377 -46.09 -46.52 2.82
CA VAL A 377 -46.01 -47.97 2.70
C VAL A 377 -47.39 -48.57 2.57
N ASN A 378 -48.34 -48.12 3.41
CA ASN A 378 -49.71 -48.62 3.31
C ASN A 378 -50.33 -48.27 1.97
N ALA A 379 -50.10 -47.06 1.48
CA ALA A 379 -50.67 -46.65 0.20
C ALA A 379 -50.11 -47.49 -0.95
N LYS A 380 -48.80 -47.72 -0.97
CA LYS A 380 -48.19 -48.41 -2.09
C LYS A 380 -48.38 -49.92 -2.03
N THR A 381 -48.41 -50.50 -0.84
CA THR A 381 -48.47 -51.95 -0.67
C THR A 381 -49.81 -52.46 -0.17
N GLY A 382 -50.46 -51.72 0.72
CA GLY A 382 -51.71 -52.17 1.32
C GLY A 382 -51.57 -53.06 2.52
N ASN A 383 -50.35 -53.39 2.94
CA ASN A 383 -50.13 -54.22 4.11
C ASN A 383 -49.53 -53.37 5.23
N PRO A 384 -50.29 -53.06 6.29
CA PRO A 384 -49.75 -52.21 7.36
C PRO A 384 -48.59 -52.84 8.12
N GLU A 385 -48.42 -54.16 8.05
CA GLU A 385 -47.44 -54.85 8.87
C GLU A 385 -46.00 -54.53 8.50
N ILE A 386 -45.77 -53.92 7.33
CA ILE A 386 -44.41 -53.70 6.87
C ILE A 386 -43.67 -52.73 7.78
N PHE A 387 -44.28 -51.58 8.05
CA PHE A 387 -43.58 -50.53 8.80
C PHE A 387 -43.17 -50.96 10.20
N PRO A 388 -44.02 -51.57 11.02
CA PRO A 388 -43.55 -51.99 12.35
C PRO A 388 -42.44 -53.01 12.29
N LEU A 389 -42.65 -54.12 11.57
CA LEU A 389 -41.67 -55.18 11.46
C LEU A 389 -40.28 -54.63 11.17
N VAL A 390 -40.13 -53.94 10.03
CA VAL A 390 -38.83 -53.43 9.63
C VAL A 390 -38.25 -52.53 10.72
N MET A 391 -39.10 -51.72 11.36
CA MET A 391 -38.62 -50.87 12.44
C MET A 391 -37.95 -51.69 13.51
N ALA A 392 -38.65 -52.73 14.00
CA ALA A 392 -38.04 -53.63 14.97
C ALA A 392 -36.75 -54.19 14.42
N ALA A 393 -36.76 -54.56 13.14
CA ALA A 393 -35.53 -54.98 12.45
C ALA A 393 -34.42 -53.99 12.71
N MET A 394 -34.60 -52.72 12.30
CA MET A 394 -33.55 -51.75 12.56
C MET A 394 -33.27 -51.63 14.05
N VAL A 395 -34.33 -51.64 14.86
CA VAL A 395 -34.13 -51.62 16.31
C VAL A 395 -33.23 -52.78 16.71
N SER A 396 -33.58 -53.99 16.25
CA SER A 396 -32.73 -55.16 16.51
C SER A 396 -31.32 -54.88 16.03
N ALA A 397 -31.20 -54.34 14.81
CA ALA A 397 -29.89 -54.04 14.27
C ALA A 397 -29.08 -53.21 15.25
N VAL A 398 -29.67 -52.13 15.77
CA VAL A 398 -28.97 -51.31 16.74
C VAL A 398 -28.61 -52.15 17.95
N ASP A 399 -29.60 -52.84 18.52
CA ASP A 399 -29.35 -53.67 19.68
C ASP A 399 -28.39 -54.81 19.37
N LYS A 400 -28.20 -55.12 18.10
CA LYS A 400 -27.21 -56.13 17.73
C LYS A 400 -25.85 -55.51 17.43
N HIS A 401 -25.81 -54.29 16.89
CA HIS A 401 -24.56 -53.78 16.36
C HIS A 401 -24.36 -52.30 16.65
N GLY A 402 -24.90 -51.82 17.78
CA GLY A 402 -24.67 -50.43 18.13
C GLY A 402 -23.20 -50.09 18.23
N ASP A 403 -22.41 -51.02 18.79
CA ASP A 403 -20.96 -50.86 18.83
C ASP A 403 -20.41 -50.58 17.44
N LEU A 404 -20.88 -51.34 16.45
CA LEU A 404 -20.44 -51.10 15.07
C LEU A 404 -20.74 -49.67 14.64
N MET A 405 -21.92 -49.16 14.97
CA MET A 405 -22.21 -47.76 14.69
C MET A 405 -21.23 -46.86 15.44
N ARG A 406 -20.98 -47.17 16.72
CA ARG A 406 -19.95 -46.46 17.45
C ARG A 406 -18.59 -46.65 16.79
N ALA A 407 -18.37 -47.82 16.18
CA ALA A 407 -17.16 -48.03 15.39
C ALA A 407 -17.16 -47.13 14.16
N ALA A 408 -18.32 -46.98 13.50
CA ALA A 408 -18.37 -46.23 12.26
C ALA A 408 -18.01 -44.76 12.49
N ILE A 409 -18.52 -44.17 13.57
CA ILE A 409 -18.23 -42.77 13.86
C ILE A 409 -16.87 -42.58 14.52
N ALA A 410 -16.19 -43.66 14.88
CA ALA A 410 -14.93 -43.55 15.61
C ALA A 410 -13.88 -42.99 14.66
N SER A 411 -13.62 -41.70 14.78
CA SER A 411 -12.65 -40.99 13.96
C SER A 411 -11.83 -40.09 14.88
N PRO A 412 -10.65 -39.65 14.43
CA PRO A 412 -9.82 -38.81 15.31
C PRO A 412 -10.54 -37.60 15.89
N GLY A 413 -11.16 -36.77 15.06
CA GLY A 413 -11.85 -35.61 15.58
C GLY A 413 -13.08 -35.96 16.40
N ASN A 414 -13.81 -37.00 15.99
CA ASN A 414 -15.10 -37.30 16.59
C ASN A 414 -14.99 -37.70 18.06
N ASP A 415 -13.80 -38.09 18.52
CA ASP A 415 -13.63 -38.39 19.94
C ASP A 415 -13.75 -37.16 20.82
N PHE A 416 -13.69 -35.97 20.24
CA PHE A 416 -13.92 -34.74 21.00
C PHE A 416 -15.35 -34.25 20.91
N ARG A 417 -16.25 -35.00 20.25
CA ARG A 417 -17.64 -34.61 20.14
C ARG A 417 -18.59 -35.48 20.93
N LEU A 418 -18.27 -36.76 21.11
CA LEU A 418 -19.11 -37.65 21.87
C LEU A 418 -19.04 -37.32 23.36
N GLY A 419 -20.20 -37.27 24.01
CA GLY A 419 -20.29 -36.97 25.43
C GLY A 419 -20.44 -35.49 25.77
N ALA A 420 -20.34 -34.61 24.79
CA ALA A 420 -20.47 -33.18 25.04
C ALA A 420 -21.95 -32.79 25.03
N MET A 421 -22.22 -31.49 25.15
CA MET A 421 -23.61 -31.02 25.14
C MET A 421 -24.18 -31.00 23.74
N GLU A 422 -23.36 -30.67 22.73
CA GLU A 422 -23.86 -30.57 21.36
C GLU A 422 -24.22 -31.93 20.81
N ALA A 423 -23.37 -32.93 21.00
CA ALA A 423 -23.59 -34.24 20.42
C ALA A 423 -24.03 -35.24 21.49
N PRO A 424 -24.78 -36.28 21.11
CA PRO A 424 -25.21 -37.27 22.09
C PRO A 424 -24.01 -38.01 22.66
N PRO A 425 -24.11 -38.52 23.89
CA PRO A 425 -22.99 -39.27 24.48
C PRO A 425 -22.72 -40.59 23.76
N ALA A 426 -21.73 -41.33 24.26
CA ALA A 426 -21.27 -42.56 23.61
C ALA A 426 -22.26 -43.71 23.71
N VAL A 427 -23.49 -43.54 24.17
CA VAL A 427 -24.46 -44.62 24.23
C VAL A 427 -25.18 -44.68 22.89
N MET A 428 -24.94 -45.75 22.13
CA MET A 428 -25.64 -45.98 20.86
C MET A 428 -27.00 -46.60 21.15
N SER A 429 -27.94 -45.74 21.54
CA SER A 429 -29.31 -46.14 21.81
C SER A 429 -30.24 -45.39 20.86
N THR A 430 -31.07 -46.13 20.14
CA THR A 430 -31.99 -45.51 19.20
C THR A 430 -33.11 -44.78 19.92
N TYR A 431 -33.77 -43.88 19.20
CA TYR A 431 -34.90 -43.13 19.71
C TYR A 431 -36.02 -43.20 18.68
N LEU A 432 -37.05 -43.98 18.97
CA LEU A 432 -38.20 -44.10 18.09
C LEU A 432 -39.27 -43.07 18.36
N GLY A 433 -39.16 -42.30 19.43
CA GLY A 433 -40.18 -41.37 19.83
C GLY A 433 -41.19 -42.04 20.75
N PRO A 434 -41.84 -41.24 21.60
CA PRO A 434 -42.76 -41.84 22.59
C PRO A 434 -43.88 -42.64 21.97
N SER A 435 -44.69 -42.01 21.11
CA SER A 435 -45.87 -42.66 20.58
C SER A 435 -45.50 -43.93 19.81
N LEU A 436 -44.46 -43.84 18.98
CA LEU A 436 -43.97 -45.03 18.30
C LEU A 436 -43.46 -46.06 19.30
N THR A 437 -42.90 -45.61 20.43
CA THR A 437 -42.40 -46.54 21.43
C THR A 437 -43.54 -47.37 22.01
N GLU A 438 -44.63 -46.72 22.43
CA GLU A 438 -45.72 -47.56 22.94
C GLU A 438 -46.45 -48.31 21.84
N PHE A 439 -46.41 -47.81 20.59
CA PHE A 439 -46.98 -48.59 19.50
C PHE A 439 -46.22 -49.90 19.32
N LEU A 440 -44.89 -49.83 19.32
CA LEU A 440 -44.09 -51.04 19.21
C LEU A 440 -44.22 -51.91 20.44
N ASN A 441 -44.38 -51.31 21.62
CA ASN A 441 -44.60 -52.09 22.83
C ASN A 441 -45.91 -52.86 22.76
N THR A 442 -46.97 -52.22 22.26
CA THR A 442 -48.25 -52.90 22.08
C THR A 442 -48.14 -54.01 21.04
N VAL A 443 -47.39 -53.76 19.97
CA VAL A 443 -47.14 -54.81 18.98
C VAL A 443 -46.43 -55.99 19.63
N LYS A 444 -45.44 -55.70 20.47
CA LYS A 444 -44.73 -56.75 21.21
C LYS A 444 -45.66 -57.51 22.15
N ASN A 445 -46.64 -56.81 22.72
CA ASN A 445 -47.63 -57.46 23.58
C ASN A 445 -48.61 -58.32 22.78
N GLY A 446 -48.64 -58.18 21.46
CA GLY A 446 -49.54 -58.97 20.64
C GLY A 446 -50.72 -58.17 20.11
N SER A 447 -50.50 -56.87 19.90
CA SER A 447 -51.56 -55.97 19.43
C SER A 447 -50.94 -55.02 18.40
N LEU A 448 -51.13 -55.32 17.13
CA LEU A 448 -50.62 -54.51 16.04
C LEU A 448 -51.75 -53.70 15.41
N GLY A 449 -51.58 -52.39 15.36
CA GLY A 449 -52.54 -51.52 14.72
C GLY A 449 -51.96 -50.79 13.53
N GLU A 450 -51.88 -49.47 13.63
CA GLU A 450 -51.26 -48.66 12.57
C GLU A 450 -50.72 -47.40 13.21
N TYR A 451 -49.39 -47.26 13.22
CA TYR A 451 -48.77 -46.06 13.77
C TYR A 451 -49.18 -44.84 12.97
N ALA A 452 -49.59 -43.79 13.67
CA ALA A 452 -50.03 -42.55 13.04
C ALA A 452 -49.80 -41.40 14.01
N PRO A 453 -48.72 -40.66 13.86
CA PRO A 453 -48.46 -39.53 14.78
C PRO A 453 -49.39 -38.37 14.50
N LYS A 454 -50.62 -38.46 15.01
CA LYS A 454 -51.60 -37.40 14.78
C LYS A 454 -51.14 -36.10 15.40
N LYS A 455 -51.31 -35.01 14.66
CA LYS A 455 -50.87 -33.70 15.12
C LYS A 455 -51.88 -33.11 16.09
N LYS A 456 -51.40 -32.74 17.25
CA LYS A 456 -52.17 -32.10 18.31
C LYS A 456 -52.22 -30.60 18.11
N PRO A 457 -53.29 -29.95 18.56
CA PRO A 457 -53.37 -28.49 18.44
C PRO A 457 -52.38 -27.81 19.38
N LEU A 458 -51.99 -26.61 18.98
CA LEU A 458 -51.07 -25.78 19.76
C LEU A 458 -51.51 -24.33 19.61
N GLU A 459 -52.02 -23.76 20.69
CA GLU A 459 -52.46 -22.38 20.72
C GLU A 459 -51.58 -21.58 21.68
N PHE A 460 -51.36 -20.32 21.33
CA PHE A 460 -50.43 -19.47 22.08
C PHE A 460 -51.15 -18.57 23.07
N GLY A 461 -52.44 -18.77 23.29
CA GLY A 461 -53.20 -17.93 24.18
C GLY A 461 -53.62 -16.60 23.60
N SER A 462 -53.36 -16.36 22.32
CA SER A 462 -53.72 -15.12 21.65
C SER A 462 -54.52 -15.44 20.41
N ASP A 463 -55.66 -14.76 20.24
CA ASP A 463 -56.46 -14.95 19.04
C ASP A 463 -55.74 -14.46 17.80
N THR A 464 -54.93 -13.40 17.93
CA THR A 464 -54.15 -12.93 16.79
C THR A 464 -53.17 -13.98 16.32
N LEU A 465 -52.49 -14.64 17.26
CA LEU A 465 -51.54 -15.69 16.89
C LEU A 465 -52.28 -16.92 16.39
N PRO A 466 -51.87 -17.50 15.27
CA PRO A 466 -52.60 -18.63 14.72
C PRO A 466 -52.49 -19.87 15.61
N SER A 467 -53.53 -20.69 15.56
CA SER A 467 -53.53 -21.98 16.23
C SER A 467 -52.97 -23.02 15.26
N ILE A 468 -51.85 -23.64 15.63
CA ILE A 468 -51.12 -24.51 14.72
C ILE A 468 -51.37 -25.96 15.11
N GLU A 469 -50.92 -26.87 14.25
CA GLU A 469 -50.96 -28.30 14.52
C GLU A 469 -49.53 -28.82 14.54
N VAL A 470 -49.14 -29.47 15.63
CA VAL A 470 -47.78 -29.95 15.77
C VAL A 470 -47.80 -31.46 16.02
N PRO A 471 -46.87 -32.23 15.47
CA PRO A 471 -46.88 -33.68 15.70
C PRO A 471 -46.79 -34.00 17.19
N ALA A 472 -47.53 -35.03 17.60
CA ALA A 472 -47.49 -35.46 18.99
C ALA A 472 -46.10 -35.95 19.41
N GLU A 473 -45.25 -36.28 18.44
CA GLU A 473 -43.89 -36.73 18.73
C GLU A 473 -43.09 -35.54 19.24
N ASP A 474 -42.87 -35.50 20.55
CA ASP A 474 -41.95 -34.52 21.13
C ASP A 474 -40.54 -34.91 20.72
N ARG A 475 -40.02 -34.27 19.68
CA ARG A 475 -38.76 -34.69 19.09
C ARG A 475 -37.61 -34.51 20.06
N ASN A 476 -36.60 -35.37 19.92
CA ASN A 476 -35.45 -35.40 20.80
C ASN A 476 -34.18 -35.12 20.00
N ARG A 477 -33.23 -34.45 20.64
CA ARG A 477 -31.93 -34.15 20.04
C ARG A 477 -30.78 -34.78 20.79
N THR A 478 -31.04 -35.53 21.86
CA THR A 478 -30.00 -36.12 22.67
C THR A 478 -29.69 -37.56 22.29
N SER A 479 -30.30 -38.07 21.23
CA SER A 479 -30.09 -39.46 20.85
C SER A 479 -29.11 -39.56 19.69
N PRO A 480 -28.31 -40.62 19.65
CA PRO A 480 -27.39 -40.81 18.51
C PRO A 480 -28.11 -41.30 17.27
N PHE A 481 -29.19 -42.07 17.47
CA PHE A 481 -29.96 -42.64 16.38
C PHE A 481 -31.45 -42.35 16.60
N PRO A 482 -31.85 -41.07 16.54
CA PRO A 482 -33.27 -40.76 16.67
C PRO A 482 -34.01 -40.95 15.36
N TYR A 483 -35.29 -41.27 15.48
CA TYR A 483 -36.17 -41.40 14.32
C TYR A 483 -36.85 -40.06 14.09
N GLY A 484 -36.29 -39.27 13.19
CA GLY A 484 -36.81 -37.94 12.93
C GLY A 484 -38.09 -37.92 12.15
N GLY A 485 -39.12 -38.58 12.66
CA GLY A 485 -40.43 -38.58 12.01
C GLY A 485 -40.57 -39.44 10.78
N ASN A 486 -39.64 -39.31 9.82
CA ASN A 486 -39.73 -40.08 8.59
C ASN A 486 -38.39 -40.63 8.15
N ARG A 487 -37.41 -40.68 9.05
CA ARG A 487 -36.05 -41.11 8.73
C ARG A 487 -35.26 -41.15 10.04
N PHE A 488 -34.07 -41.76 9.97
CA PHE A 488 -33.20 -41.87 11.13
C PHE A 488 -32.10 -40.82 11.03
N GLU A 489 -32.19 -39.78 11.86
CA GLU A 489 -31.19 -38.70 11.82
C GLU A 489 -30.04 -39.09 12.72
N PHE A 490 -29.21 -40.00 12.23
CA PHE A 490 -28.05 -40.48 12.98
C PHE A 490 -27.06 -39.33 13.11
N ARG A 491 -27.07 -38.67 14.27
CA ARG A 491 -26.31 -37.45 14.46
C ARG A 491 -24.89 -37.70 14.97
N ALA A 492 -24.53 -38.95 15.22
CA ALA A 492 -23.20 -39.25 15.76
C ALA A 492 -22.10 -39.12 14.72
N ALA A 493 -22.45 -39.13 13.42
CA ALA A 493 -21.44 -39.07 12.38
C ALA A 493 -20.70 -37.73 12.42
N GLY A 494 -19.41 -37.78 12.12
CA GLY A 494 -18.56 -36.60 12.20
C GLY A 494 -18.35 -35.95 10.85
N SER A 495 -18.04 -34.65 10.89
CA SER A 495 -17.91 -33.87 9.67
C SER A 495 -16.69 -34.31 8.86
N SER A 496 -15.52 -34.37 9.50
CA SER A 496 -14.31 -34.73 8.77
C SER A 496 -14.37 -36.17 8.25
N GLN A 497 -14.84 -37.09 9.10
CA GLN A 497 -14.92 -38.49 8.69
C GLN A 497 -16.03 -38.67 7.67
N ASN A 498 -15.69 -39.32 6.56
CA ASN A 498 -16.69 -39.60 5.53
C ASN A 498 -17.70 -40.63 6.05
N VAL A 499 -18.97 -40.40 5.72
CA VAL A 499 -20.06 -41.21 6.26
C VAL A 499 -20.12 -42.56 5.56
N SER A 500 -19.23 -42.76 4.57
CA SER A 500 -19.25 -43.99 3.79
C SER A 500 -19.25 -45.22 4.69
N LEU A 501 -18.38 -45.23 5.69
CA LEU A 501 -18.37 -46.35 6.64
C LEU A 501 -19.67 -46.43 7.41
N VAL A 502 -20.24 -45.29 7.78
CA VAL A 502 -21.51 -45.27 8.51
C VAL A 502 -22.61 -45.89 7.65
N ASN A 503 -22.66 -45.53 6.37
CA ASN A 503 -23.66 -46.13 5.50
C ASN A 503 -23.39 -47.62 5.28
N THR A 504 -22.13 -48.03 5.19
CA THR A 504 -21.84 -49.46 5.07
C THR A 504 -22.40 -50.22 6.26
N VAL A 505 -22.12 -49.74 7.47
CA VAL A 505 -22.55 -50.48 8.64
C VAL A 505 -24.07 -50.45 8.79
N LEU A 506 -24.69 -49.29 8.51
CA LEU A 506 -26.14 -49.22 8.59
C LEU A 506 -26.80 -50.15 7.57
N ASN A 507 -26.29 -50.16 6.35
CA ASN A 507 -26.86 -51.03 5.32
C ASN A 507 -26.66 -52.49 5.67
N THR A 508 -25.50 -52.86 6.20
CA THR A 508 -25.26 -54.27 6.48
C THR A 508 -26.09 -54.75 7.67
N ILE A 509 -26.28 -53.90 8.69
CA ILE A 509 -27.12 -54.32 9.81
C ILE A 509 -28.58 -54.40 9.39
N ALA A 510 -29.03 -53.46 8.57
CA ALA A 510 -30.39 -53.53 8.04
C ALA A 510 -30.57 -54.78 7.19
N ALA A 511 -29.55 -55.12 6.38
CA ALA A 511 -29.62 -56.32 5.55
C ALA A 511 -29.66 -57.57 6.41
N GLU A 512 -28.88 -57.61 7.50
CA GLU A 512 -28.93 -58.76 8.40
C GLU A 512 -30.31 -58.92 9.01
N ALA A 513 -30.88 -57.81 9.49
CA ALA A 513 -32.22 -57.89 10.09
C ALA A 513 -33.25 -58.33 9.06
N PHE A 514 -33.17 -57.78 7.85
CA PHE A 514 -34.11 -58.16 6.80
C PHE A 514 -33.92 -59.61 6.39
N LYS A 515 -32.68 -60.09 6.36
CA LYS A 515 -32.44 -61.50 6.06
C LYS A 515 -33.04 -62.40 7.12
N ILE A 516 -32.89 -62.01 8.39
CA ILE A 516 -33.45 -62.81 9.48
C ILE A 516 -34.97 -62.88 9.37
N VAL A 517 -35.61 -61.72 9.16
CA VAL A 517 -37.07 -61.71 9.08
C VAL A 517 -37.54 -62.44 7.83
N ALA A 518 -36.79 -62.34 6.72
CA ALA A 518 -37.16 -63.06 5.51
C ALA A 518 -37.04 -64.55 5.69
N ASP A 519 -35.97 -65.01 6.37
CA ASP A 519 -35.83 -66.43 6.64
C ASP A 519 -36.95 -66.93 7.54
N ARG A 520 -37.33 -66.14 8.54
CA ARG A 520 -38.44 -66.53 9.39
C ARG A 520 -39.75 -66.59 8.61
N LEU A 521 -39.96 -65.65 7.69
CA LEU A 521 -41.15 -65.68 6.83
C LEU A 521 -41.16 -66.92 5.96
N GLU A 522 -40.02 -67.23 5.34
CA GLU A 522 -39.94 -68.39 4.46
C GLU A 522 -40.12 -69.69 5.23
N ALA A 523 -39.77 -69.71 6.52
CA ALA A 523 -40.02 -70.86 7.36
C ALA A 523 -41.49 -71.05 7.68
N GLY A 524 -42.33 -70.07 7.35
CA GLY A 524 -43.75 -70.13 7.64
C GLY A 524 -44.19 -69.35 8.85
N GLU A 525 -43.25 -68.73 9.58
CA GLU A 525 -43.61 -67.96 10.76
C GLU A 525 -44.40 -66.71 10.36
N LYS A 526 -45.42 -66.41 11.15
CA LYS A 526 -46.21 -65.21 10.90
C LYS A 526 -45.35 -63.97 11.12
N PRO A 527 -45.52 -62.94 10.30
CA PRO A 527 -44.78 -61.69 10.54
C PRO A 527 -45.03 -61.13 11.92
N LEU A 528 -46.24 -61.31 12.46
CA LEU A 528 -46.54 -60.84 13.80
C LEU A 528 -45.59 -61.47 14.81
N ALA A 529 -45.50 -62.81 14.81
CA ALA A 529 -44.69 -63.51 15.81
C ALA A 529 -43.24 -63.07 15.73
N ILE A 530 -42.72 -62.88 14.52
CA ILE A 530 -41.38 -62.34 14.36
C ILE A 530 -41.30 -60.96 15.01
N ALA A 531 -42.34 -60.15 14.84
CA ALA A 531 -42.34 -58.82 15.45
C ALA A 531 -42.26 -58.89 16.96
N GLN A 532 -43.11 -59.71 17.60
CA GLN A 532 -43.04 -59.78 19.06
C GLN A 532 -41.70 -60.35 19.52
N ASP A 533 -41.21 -61.40 18.85
CA ASP A 533 -39.95 -62.00 19.27
C ASP A 533 -38.81 -60.99 19.19
N LEU A 534 -38.69 -60.31 18.05
CA LEU A 534 -37.62 -59.34 17.88
C LEU A 534 -37.75 -58.18 18.86
N LEU A 535 -38.99 -57.74 19.10
CA LEU A 535 -39.20 -56.61 20.00
C LEU A 535 -38.83 -56.98 21.44
N LYS A 536 -39.29 -58.13 21.93
CA LYS A 536 -38.91 -58.52 23.28
C LYS A 536 -37.43 -58.84 23.38
N THR A 537 -36.78 -59.19 22.26
CA THR A 537 -35.35 -59.42 22.30
C THR A 537 -34.56 -58.11 22.35
N HIS A 538 -35.02 -57.07 21.65
CA HIS A 538 -34.19 -55.90 21.41
C HIS A 538 -34.83 -54.58 21.83
N ASP A 539 -35.83 -54.61 22.71
CA ASP A 539 -36.44 -53.37 23.17
C ASP A 539 -35.58 -52.61 24.18
N LYS A 540 -34.50 -53.21 24.67
CA LYS A 540 -33.66 -52.53 25.65
C LYS A 540 -32.99 -51.29 25.05
N CYS A 541 -32.56 -51.39 23.78
CA CYS A 541 -31.84 -50.29 23.16
C CYS A 541 -32.72 -49.07 22.91
N ILE A 542 -34.04 -49.23 22.96
CA ILE A 542 -34.94 -48.10 22.72
C ILE A 542 -34.88 -47.15 23.91
N PHE A 543 -34.66 -45.87 23.62
CA PHE A 543 -34.57 -44.85 24.66
C PHE A 543 -35.28 -43.60 24.19
N ASN A 544 -36.07 -42.99 25.08
CA ASN A 544 -36.83 -41.80 24.76
C ASN A 544 -36.50 -40.60 25.65
N GLY A 545 -35.85 -40.80 26.78
CA GLY A 545 -35.59 -39.73 27.72
C GLY A 545 -34.42 -38.85 27.28
N ASN A 546 -34.01 -37.99 28.20
CA ASN A 546 -32.91 -37.07 27.94
C ASN A 546 -31.59 -37.84 27.94
N GLY A 547 -30.97 -37.95 26.77
CA GLY A 547 -29.70 -38.65 26.66
C GLY A 547 -28.52 -37.91 27.25
N TYR A 548 -28.66 -36.59 27.45
CA TYR A 548 -27.58 -35.81 28.04
C TYR A 548 -27.50 -35.95 29.55
N ASP A 549 -28.40 -36.71 30.16
CA ASP A 549 -28.35 -36.93 31.60
C ASP A 549 -27.06 -37.67 31.95
N PRO A 550 -26.29 -37.17 32.92
CA PRO A 550 -25.05 -37.89 33.30
C PRO A 550 -25.31 -39.29 33.82
N ALA A 551 -26.49 -39.57 34.36
CA ALA A 551 -26.82 -40.90 34.83
C ALA A 551 -27.29 -41.82 33.71
N TRP A 552 -27.49 -41.30 32.50
CA TRP A 552 -27.95 -42.14 31.41
C TRP A 552 -26.97 -43.23 31.00
N PRO A 553 -25.66 -42.99 30.85
CA PRO A 553 -24.78 -44.09 30.43
C PRO A 553 -24.82 -45.30 31.33
N ASP A 554 -24.87 -45.11 32.65
CA ASP A 554 -24.91 -46.26 33.56
C ASP A 554 -26.24 -47.00 33.44
N GLU A 555 -27.34 -46.26 33.29
CA GLU A 555 -28.64 -46.90 33.10
C GLU A 555 -28.67 -47.72 31.81
N ALA A 556 -28.08 -47.17 30.74
CA ALA A 556 -28.01 -47.91 29.48
C ALA A 556 -27.14 -49.14 29.61
N VAL A 557 -26.02 -49.04 30.33
CA VAL A 557 -25.16 -50.20 30.55
C VAL A 557 -25.91 -51.28 31.31
N LYS A 558 -26.69 -50.88 32.32
CA LYS A 558 -27.53 -51.85 33.03
C LYS A 558 -28.56 -52.46 32.08
N ARG A 559 -29.14 -51.64 31.20
CA ARG A 559 -30.09 -52.16 30.22
C ARG A 559 -29.43 -53.11 29.24
N GLY A 560 -28.13 -52.96 28.99
CA GLY A 560 -27.43 -53.76 28.02
C GLY A 560 -27.22 -53.10 26.67
N ILE A 561 -27.53 -51.81 26.56
CA ILE A 561 -27.32 -51.11 25.29
C ILE A 561 -25.83 -50.94 25.02
N TRP A 562 -25.47 -50.97 23.74
CA TRP A 562 -24.07 -50.77 23.36
C TRP A 562 -23.61 -49.36 23.74
N ARG A 563 -22.43 -49.29 24.36
CA ARG A 563 -21.87 -48.00 24.74
C ARG A 563 -20.36 -48.16 24.82
N ILE A 564 -19.63 -47.49 23.92
CA ILE A 564 -18.17 -47.53 23.90
C ILE A 564 -17.70 -46.09 24.01
N ASP A 565 -17.24 -45.69 25.19
CA ASP A 565 -16.72 -44.35 25.38
C ASP A 565 -15.41 -44.14 24.63
N ALA A 566 -14.74 -45.20 24.22
CA ALA A 566 -13.44 -45.13 23.58
C ALA A 566 -13.57 -45.39 22.08
N GLY A 567 -13.09 -44.44 21.28
CA GLY A 567 -13.03 -44.67 19.84
C GLY A 567 -12.11 -45.80 19.47
N CYS A 568 -11.00 -45.95 20.20
CA CYS A 568 -10.08 -47.04 19.96
C CYS A 568 -10.76 -48.39 20.17
N ASP A 569 -11.44 -48.54 21.31
CA ASP A 569 -12.19 -49.78 21.56
C ASP A 569 -13.33 -49.94 20.57
N ALA A 570 -13.96 -48.84 20.15
CA ALA A 570 -15.01 -48.92 19.15
C ALA A 570 -14.49 -49.52 17.86
N ILE A 571 -13.34 -49.03 17.39
CA ILE A 571 -12.75 -49.58 16.17
C ILE A 571 -12.32 -51.02 16.38
N ASN A 572 -11.70 -51.32 17.54
CA ASN A 572 -11.29 -52.68 17.82
C ASN A 572 -12.46 -53.64 17.85
N GLU A 573 -13.66 -53.16 18.13
CA GLU A 573 -14.84 -54.01 18.07
C GLU A 573 -15.19 -54.45 16.66
N LEU A 574 -14.57 -53.85 15.65
CA LEU A 574 -14.92 -54.18 14.26
C LEU A 574 -14.64 -55.64 13.94
N ASP A 575 -13.50 -56.16 14.41
CA ASP A 575 -13.12 -57.54 14.09
C ASP A 575 -13.65 -58.54 15.11
N SER A 576 -14.69 -58.19 15.85
CA SER A 576 -15.29 -59.12 16.79
C SER A 576 -15.96 -60.26 16.03
N ALA A 577 -16.14 -61.38 16.73
CA ALA A 577 -16.68 -62.58 16.09
C ALA A 577 -18.05 -62.32 15.47
N LYS A 578 -18.94 -61.67 16.24
CA LYS A 578 -20.26 -61.35 15.71
C LYS A 578 -20.17 -60.40 14.52
N ASN A 579 -19.32 -59.37 14.63
CA ASN A 579 -19.18 -58.41 13.55
C ASN A 579 -18.59 -59.06 12.29
N VAL A 580 -17.58 -59.91 12.47
CA VAL A 580 -16.99 -60.60 11.33
C VAL A 580 -18.00 -61.53 10.68
N THR A 581 -18.73 -62.30 11.48
CA THR A 581 -19.74 -63.18 10.93
C THR A 581 -20.82 -62.39 10.18
N LEU A 582 -21.16 -61.21 10.70
CA LEU A 582 -22.02 -60.30 9.96
C LEU A 582 -21.42 -59.92 8.61
N PHE A 583 -20.14 -59.56 8.60
CA PHE A 583 -19.54 -59.02 7.39
C PHE A 583 -19.44 -60.07 6.29
N GLU A 584 -19.05 -61.31 6.63
CA GLU A 584 -19.11 -62.34 5.59
C GLU A 584 -20.54 -62.80 5.31
N GLY A 585 -21.44 -62.68 6.29
CA GLY A 585 -22.81 -63.09 6.05
C GLY A 585 -23.50 -62.22 5.01
N MET A 586 -23.34 -60.90 5.11
CA MET A 586 -23.84 -59.99 4.11
C MET A 586 -22.87 -59.79 2.95
N GLY A 587 -21.69 -60.39 3.03
CA GLY A 587 -20.71 -60.26 1.96
C GLY A 587 -20.01 -58.92 1.89
N ILE A 588 -20.06 -58.14 2.96
CA ILE A 588 -19.45 -56.82 2.94
C ILE A 588 -17.94 -56.92 2.93
N PHE A 589 -17.38 -57.82 3.75
CA PHE A 589 -15.94 -57.98 3.85
C PHE A 589 -15.62 -59.45 4.08
N THR A 590 -14.39 -59.80 3.78
CA THR A 590 -13.81 -61.05 4.25
C THR A 590 -13.05 -60.78 5.56
N ALA A 591 -12.59 -61.86 6.19
CA ALA A 591 -11.82 -61.71 7.42
C ALA A 591 -10.57 -60.86 7.18
N ARG A 592 -9.87 -61.13 6.07
CA ARG A 592 -8.73 -60.29 5.71
C ARG A 592 -9.19 -58.87 5.43
N GLU A 593 -10.32 -58.70 4.75
CA GLU A 593 -10.80 -57.37 4.42
C GLU A 593 -11.13 -56.56 5.67
N ILE A 594 -11.89 -57.16 6.59
CA ILE A 594 -12.27 -56.43 7.80
C ILE A 594 -11.04 -56.20 8.69
N GLN A 595 -10.12 -57.16 8.72
CA GLN A 595 -8.90 -56.96 9.50
C GLN A 595 -8.09 -55.80 8.95
N ALA A 596 -7.97 -55.71 7.61
CA ALA A 596 -7.26 -54.60 7.01
C ALA A 596 -7.98 -53.29 7.27
N ARG A 597 -9.31 -53.29 7.21
CA ARG A 597 -10.07 -52.06 7.47
C ARG A 597 -9.84 -51.58 8.90
N LYS A 598 -9.92 -52.50 9.86
CA LYS A 598 -9.69 -52.14 11.25
C LYS A 598 -8.26 -51.66 11.45
N SER A 599 -7.30 -52.32 10.81
CA SER A 599 -5.91 -51.90 10.91
C SER A 599 -5.73 -50.49 10.37
N VAL A 600 -6.33 -50.20 9.22
CA VAL A 600 -6.21 -48.88 8.62
C VAL A 600 -6.86 -47.83 9.51
N LEU A 601 -8.03 -48.12 10.07
CA LEU A 601 -8.70 -47.16 10.93
C LEU A 601 -7.88 -46.88 12.19
N LEU A 602 -7.37 -47.93 12.82
CA LEU A 602 -6.56 -47.74 14.02
C LEU A 602 -5.29 -46.97 13.70
N GLY A 603 -4.64 -47.29 12.57
CA GLY A 603 -3.46 -46.56 12.18
C GLY A 603 -3.75 -45.10 11.88
N HIS A 604 -4.88 -44.84 11.24
CA HIS A 604 -5.28 -43.46 10.97
C HIS A 604 -5.48 -42.69 12.26
N TYR A 605 -6.20 -43.29 13.21
CA TYR A 605 -6.44 -42.62 14.49
C TYR A 605 -5.14 -42.36 15.22
N VAL A 606 -4.27 -43.36 15.30
CA VAL A 606 -3.04 -43.21 16.06
C VAL A 606 -2.11 -42.22 15.37
N GLY A 607 -2.11 -42.19 14.04
CA GLY A 607 -1.30 -41.23 13.32
C GLY A 607 -1.80 -39.80 13.50
N SER A 608 -3.12 -39.62 13.49
CA SER A 608 -3.68 -38.29 13.74
C SER A 608 -3.34 -37.82 15.15
N VAL A 609 -3.47 -38.71 16.13
CA VAL A 609 -3.10 -38.35 17.50
C VAL A 609 -1.61 -38.04 17.59
N GLU A 610 -0.78 -38.82 16.88
CA GLU A 610 0.66 -38.60 16.91
C GLU A 610 1.03 -37.26 16.30
N MET A 611 0.38 -36.87 15.20
CA MET A 611 0.67 -35.57 14.61
C MET A 611 0.11 -34.44 15.45
N GLU A 612 -1.02 -34.65 16.14
CA GLU A 612 -1.46 -33.66 17.12
C GLU A 612 -0.41 -33.49 18.20
N ALA A 613 0.16 -34.60 18.67
CA ALA A 613 1.22 -34.55 19.67
C ALA A 613 2.43 -33.80 19.16
N LEU A 614 2.86 -34.11 17.94
CA LEU A 614 4.04 -33.45 17.38
C LEU A 614 3.79 -31.97 17.16
N THR A 615 2.60 -31.62 16.69
CA THR A 615 2.26 -30.20 16.52
C THR A 615 2.25 -29.48 17.85
N MET A 616 1.75 -30.15 18.90
CA MET A 616 1.83 -29.56 20.23
C MET A 616 3.28 -29.38 20.66
N ILE A 617 4.13 -30.37 20.39
CA ILE A 617 5.55 -30.24 20.70
C ILE A 617 6.10 -29.00 20.01
N ASP A 618 5.76 -28.83 18.73
CA ASP A 618 6.24 -27.69 17.98
C ASP A 618 5.70 -26.37 18.54
N MET A 619 4.46 -26.38 19.04
CA MET A 619 3.88 -25.15 19.57
C MET A 619 4.54 -24.74 20.89
N ILE A 620 4.66 -25.66 21.84
CA ILE A 620 5.35 -25.31 23.08
C ILE A 620 6.80 -24.94 22.82
N ASN A 621 7.51 -25.71 22.00
CA ASN A 621 8.91 -25.40 21.78
C ASN A 621 9.08 -24.11 20.99
N GLN A 622 8.15 -23.82 20.09
CA GLN A 622 8.27 -22.72 19.13
C GLN A 622 7.47 -21.49 19.52
N HIS A 623 6.29 -21.66 20.12
CA HIS A 623 5.43 -20.53 20.44
C HIS A 623 5.25 -20.33 21.94
N VAL A 624 4.79 -21.36 22.66
CA VAL A 624 4.38 -21.16 24.04
C VAL A 624 5.57 -20.83 24.93
N ILE A 625 6.65 -21.60 24.82
CA ILE A 625 7.84 -21.31 25.63
C ILE A 625 8.45 -19.96 25.26
N PRO A 626 8.66 -19.62 23.98
CA PRO A 626 9.16 -18.28 23.68
C PRO A 626 8.24 -17.17 24.13
N SER A 627 6.93 -17.36 24.03
CA SER A 627 6.00 -16.33 24.50
C SER A 627 6.11 -16.16 26.00
N VAL A 628 6.19 -17.26 26.74
CA VAL A 628 6.33 -17.18 28.20
C VAL A 628 7.64 -16.50 28.56
N LYS A 629 8.72 -16.85 27.88
CA LYS A 629 10.02 -16.24 28.18
C LYS A 629 10.01 -14.74 27.87
N LYS A 630 9.41 -14.35 26.75
CA LYS A 630 9.38 -12.95 26.37
C LYS A 630 8.51 -12.13 27.31
N ALA A 631 7.30 -12.63 27.60
CA ALA A 631 6.39 -11.91 28.49
C ALA A 631 6.71 -12.13 29.96
N ASP A 632 7.67 -13.00 30.28
CA ASP A 632 8.07 -13.28 31.66
C ASP A 632 6.87 -13.71 32.50
N LEU A 633 6.20 -14.77 32.03
CA LEU A 633 5.03 -15.32 32.70
C LEU A 633 5.38 -16.45 33.66
N GLY A 634 6.58 -16.44 34.23
CA GLY A 634 7.00 -17.47 35.15
C GLY A 634 7.91 -18.49 34.49
N ASN A 635 8.25 -19.51 35.27
CA ASN A 635 9.14 -20.56 34.80
C ASN A 635 8.42 -21.44 33.78
N PRO A 636 8.91 -21.56 32.55
CA PRO A 636 8.32 -22.48 31.59
C PRO A 636 8.81 -23.92 31.71
N SER A 637 9.51 -24.25 32.79
CA SER A 637 10.02 -25.61 32.97
C SER A 637 8.89 -26.63 32.99
N LYS A 638 7.70 -26.20 33.43
CA LYS A 638 6.54 -27.08 33.36
C LYS A 638 6.22 -27.47 31.93
N LEU A 639 6.34 -26.51 31.00
CA LEU A 639 6.10 -26.81 29.60
C LEU A 639 7.19 -27.71 29.04
N VAL A 640 8.43 -27.55 29.48
CA VAL A 640 9.50 -28.44 29.05
C VAL A 640 9.21 -29.86 29.51
N ASP A 641 8.77 -30.00 30.76
CA ASP A 641 8.40 -31.33 31.27
C ASP A 641 7.22 -31.90 30.49
N ALA A 642 6.28 -31.03 30.09
CA ALA A 642 5.17 -31.48 29.27
C ALA A 642 5.65 -31.98 27.91
N VAL A 643 6.62 -31.29 27.33
CA VAL A 643 7.19 -31.75 26.06
C VAL A 643 7.87 -33.09 26.23
N LYS A 644 8.61 -33.26 27.33
CA LYS A 644 9.23 -34.56 27.60
C LYS A 644 8.16 -35.64 27.73
N THR A 645 7.07 -35.34 28.44
CA THR A 645 6.00 -36.32 28.63
C THR A 645 5.35 -36.71 27.31
N ILE A 646 5.06 -35.72 26.48
CA ILE A 646 4.38 -36.01 25.21
C ILE A 646 5.30 -36.77 24.27
N LYS A 647 6.60 -36.41 24.26
CA LYS A 647 7.56 -37.14 23.44
C LYS A 647 7.66 -38.59 23.91
N GLY A 648 7.70 -38.80 25.22
CA GLY A 648 7.69 -40.16 25.73
C GLY A 648 6.44 -40.92 25.36
N ALA A 649 5.30 -40.25 25.39
CA ALA A 649 4.05 -40.90 25.02
C ALA A 649 4.07 -41.33 23.56
N VAL A 650 4.58 -40.47 22.67
CA VAL A 650 4.75 -40.86 21.28
C VAL A 650 5.74 -42.02 21.18
N ALA A 651 6.74 -42.03 22.05
CA ALA A 651 7.71 -43.13 22.05
C ALA A 651 7.03 -44.46 22.36
N GLN A 652 6.17 -44.50 23.38
CA GLN A 652 5.44 -45.73 23.65
C GLN A 652 4.47 -46.06 22.52
N ILE A 653 3.90 -45.03 21.90
CA ILE A 653 3.00 -45.26 20.78
C ILE A 653 3.73 -45.98 19.65
N HIS A 654 4.93 -45.53 19.32
CA HIS A 654 5.72 -46.15 18.26
C HIS A 654 6.43 -47.41 18.71
N GLY A 655 6.50 -47.67 20.01
CA GLY A 655 7.18 -48.84 20.52
C GLY A 655 6.31 -50.05 20.73
N THR A 656 5.00 -49.91 20.63
CA THR A 656 4.07 -51.01 20.79
C THR A 656 3.61 -51.51 19.42
N GLU A 657 3.39 -52.81 19.32
CA GLU A 657 3.03 -53.44 18.06
C GLU A 657 1.54 -53.69 17.91
N ASP A 658 0.83 -53.98 19.00
CA ASP A 658 -0.61 -54.20 18.91
C ASP A 658 -1.30 -52.92 18.48
N GLU A 659 -2.03 -52.99 17.37
CA GLU A 659 -2.69 -51.79 16.85
C GLU A 659 -3.72 -51.24 17.82
N HIS A 660 -4.51 -52.12 18.44
CA HIS A 660 -5.48 -51.66 19.42
C HIS A 660 -4.79 -51.07 20.64
N LYS A 661 -3.68 -51.67 21.07
CA LYS A 661 -2.93 -51.12 22.18
C LYS A 661 -2.38 -49.74 21.84
N ALA A 662 -1.86 -49.58 20.62
CA ALA A 662 -1.35 -48.28 20.20
C ALA A 662 -2.47 -47.26 20.17
N ALA A 663 -3.64 -47.64 19.66
CA ALA A 663 -4.76 -46.71 19.60
C ALA A 663 -5.24 -46.34 21.01
N THR A 664 -5.25 -47.31 21.92
CA THR A 664 -5.67 -47.02 23.29
C THR A 664 -4.70 -46.06 23.96
N LEU A 665 -3.39 -46.29 23.80
CA LEU A 665 -2.41 -45.34 24.32
C LEU A 665 -2.58 -43.97 23.70
N ALA A 666 -2.83 -43.92 22.39
CA ALA A 666 -3.02 -42.63 21.73
C ALA A 666 -4.24 -41.90 22.27
N ARG A 667 -5.36 -42.61 22.45
CA ARG A 667 -6.56 -41.97 22.96
C ARG A 667 -6.39 -41.52 24.39
N THR A 668 -5.76 -42.35 25.23
CA THR A 668 -5.49 -41.93 26.60
C THR A 668 -4.62 -40.68 26.62
N LEU A 669 -3.58 -40.67 25.78
CA LEU A 669 -2.74 -39.49 25.65
C LEU A 669 -3.59 -38.27 25.28
N ARG A 670 -4.39 -38.39 24.23
CA ARG A 670 -5.16 -37.26 23.72
C ARG A 670 -6.14 -36.74 24.77
N LEU A 671 -6.83 -37.63 25.47
CA LEU A 671 -7.88 -37.21 26.39
C LEU A 671 -7.35 -36.80 27.75
N THR A 672 -6.13 -37.20 28.13
CA THR A 672 -5.61 -36.83 29.44
C THR A 672 -4.38 -35.94 29.35
N THR A 673 -3.31 -36.40 28.71
CA THR A 673 -2.03 -35.69 28.83
C THR A 673 -2.05 -34.40 28.01
N MET A 674 -2.45 -34.48 26.74
CA MET A 674 -2.55 -33.25 25.98
C MET A 674 -3.71 -32.38 26.44
N VAL A 675 -4.73 -32.94 27.07
CA VAL A 675 -5.77 -32.08 27.65
C VAL A 675 -5.19 -31.25 28.80
N ALA A 676 -4.42 -31.89 29.68
CA ALA A 676 -3.77 -31.15 30.76
C ALA A 676 -2.77 -30.13 30.21
N ILE A 677 -2.01 -30.52 29.19
CA ILE A 677 -1.07 -29.60 28.58
C ILE A 677 -1.80 -28.43 27.95
N ARG A 678 -2.96 -28.69 27.34
CA ARG A 678 -3.77 -27.62 26.77
C ARG A 678 -4.27 -26.68 27.86
N GLU A 679 -4.66 -27.22 29.01
CA GLU A 679 -5.05 -26.37 30.12
C GLU A 679 -3.89 -25.50 30.58
N ILE A 680 -2.69 -26.07 30.64
CA ILE A 680 -1.52 -25.29 31.04
C ILE A 680 -1.26 -24.19 30.03
N ILE A 681 -1.36 -24.51 28.73
CA ILE A 681 -1.14 -23.51 27.69
C ILE A 681 -2.20 -22.42 27.76
N ASP A 682 -3.45 -22.78 28.04
CA ASP A 682 -4.49 -21.77 28.17
C ASP A 682 -4.23 -20.87 29.37
N GLU A 683 -3.77 -21.44 30.48
CA GLU A 683 -3.39 -20.62 31.63
C GLU A 683 -2.29 -19.65 31.27
N PHE A 684 -1.28 -20.12 30.53
CA PHE A 684 -0.19 -19.23 30.13
C PHE A 684 -0.65 -18.19 29.12
N GLU A 685 -1.64 -18.53 28.30
CA GLU A 685 -2.13 -17.59 27.30
C GLU A 685 -2.98 -16.49 27.93
N SER A 686 -3.79 -16.84 28.93
CA SER A 686 -4.64 -15.84 29.56
C SER A 686 -3.82 -14.70 30.16
N ARG A 687 -2.60 -14.98 30.60
CA ARG A 687 -1.71 -13.97 31.14
C ARG A 687 -0.74 -13.43 30.09
N CYS A 688 -0.88 -13.84 28.84
CA CYS A 688 0.03 -13.43 27.78
C CYS A 688 -0.60 -12.33 26.94
N PRO A 689 0.14 -11.26 26.64
CA PRO A 689 -0.41 -10.20 25.80
C PRO A 689 -0.67 -10.71 24.40
N PRO A 690 -1.64 -10.12 23.68
CA PRO A 690 -1.95 -10.61 22.34
C PRO A 690 -0.77 -10.57 21.38
N GLU A 691 0.11 -9.57 21.48
CA GLU A 691 1.25 -9.52 20.58
C GLU A 691 2.26 -10.61 20.88
N ASP A 692 2.39 -10.99 22.15
CA ASP A 692 3.35 -12.03 22.51
C ASP A 692 2.85 -13.41 22.13
N TRP A 693 1.53 -13.62 22.12
CA TRP A 693 0.96 -14.91 21.73
C TRP A 693 1.01 -15.01 20.21
N THR A 694 2.07 -15.66 19.70
CA THR A 694 2.20 -15.80 18.26
C THR A 694 1.06 -16.61 17.66
N LEU A 695 0.66 -17.68 18.34
CA LEU A 695 -0.49 -18.46 17.88
C LEU A 695 -1.75 -17.62 17.91
N ALA A 696 -2.58 -17.78 16.88
CA ALA A 696 -3.82 -17.03 16.81
C ALA A 696 -4.82 -17.60 17.81
N THR A 697 -5.38 -16.72 18.64
CA THR A 697 -6.27 -17.15 19.70
C THR A 697 -7.70 -17.31 19.19
N TYR A 698 -8.50 -18.03 19.98
CA TYR A 698 -9.86 -18.37 19.55
C TYR A 698 -10.67 -17.13 19.19
N SER A 699 -10.39 -15.99 19.83
CA SER A 699 -11.13 -14.78 19.50
C SER A 699 -10.92 -14.38 18.05
N GLU A 700 -9.69 -14.49 17.56
CA GLU A 700 -9.41 -14.14 16.17
C GLU A 700 -9.99 -15.15 15.20
N LEU A 701 -9.95 -16.44 15.57
CA LEU A 701 -10.44 -17.48 14.66
C LEU A 701 -11.96 -17.46 14.55
N LEU A 702 -12.65 -17.33 15.69
CA LEU A 702 -14.11 -17.43 15.71
C LEU A 702 -14.77 -16.09 15.43
N PHE A 703 -14.32 -15.03 16.08
CA PHE A 703 -14.94 -13.70 15.98
C PHE A 703 -14.07 -12.85 15.05
N PHE A 704 -14.52 -12.70 13.82
CA PHE A 704 -13.77 -11.97 12.81
C PHE A 704 -14.69 -11.12 11.94
N PHE B 38 0.48 -26.40 -30.46
CA PHE B 38 0.16 -25.58 -31.62
C PHE B 38 1.34 -25.56 -32.59
N GLY B 39 2.55 -25.60 -32.04
CA GLY B 39 3.75 -25.53 -32.84
C GLY B 39 4.18 -24.14 -33.24
N SER B 40 3.49 -23.10 -32.74
CA SER B 40 3.79 -21.74 -33.17
C SER B 40 5.21 -21.32 -32.79
N ALA B 41 5.78 -21.91 -31.74
CA ALA B 41 7.12 -21.60 -31.29
C ALA B 41 8.03 -22.81 -31.47
N CYS B 42 7.76 -23.63 -32.48
CA CYS B 42 8.59 -24.80 -32.76
C CYS B 42 8.61 -25.01 -34.26
N PHE B 43 9.74 -24.70 -34.89
CA PHE B 43 9.89 -24.85 -36.34
C PHE B 43 9.99 -26.33 -36.66
N LYS B 44 8.84 -27.00 -36.67
CA LYS B 44 8.79 -28.43 -36.97
C LYS B 44 7.41 -28.75 -37.53
N GLY B 45 7.35 -29.83 -38.31
CA GLY B 45 6.08 -30.32 -38.79
C GLY B 45 5.37 -29.32 -39.68
N ALA B 46 4.07 -29.13 -39.42
CA ALA B 46 3.26 -28.25 -40.26
C ALA B 46 3.73 -26.81 -40.21
N VAL B 47 4.16 -26.34 -39.04
CA VAL B 47 4.63 -24.97 -38.92
C VAL B 47 5.88 -24.76 -39.77
N ALA B 48 6.80 -25.72 -39.74
CA ALA B 48 7.98 -25.64 -40.59
C ALA B 48 7.60 -25.70 -42.06
N ASP B 49 6.66 -26.58 -42.41
CA ASP B 49 6.23 -26.70 -43.80
C ASP B 49 5.59 -25.41 -44.30
N LYS B 50 4.93 -24.66 -43.41
CA LYS B 50 4.28 -23.42 -43.80
C LYS B 50 5.25 -22.47 -44.50
N TYR B 51 6.49 -22.40 -44.03
CA TYR B 51 7.49 -21.54 -44.64
C TYR B 51 8.45 -22.28 -45.55
N LEU B 52 8.54 -23.61 -45.44
CA LEU B 52 9.34 -24.37 -46.40
C LEU B 52 8.66 -24.45 -47.76
N SER B 53 7.32 -24.38 -47.78
CA SER B 53 6.60 -24.37 -49.05
C SER B 53 6.86 -23.09 -49.83
N LYS B 54 7.24 -22.00 -49.16
CA LYS B 54 7.58 -20.77 -49.87
C LYS B 54 8.77 -20.96 -50.78
N TYR B 55 9.66 -21.90 -50.45
CA TYR B 55 10.80 -22.22 -51.28
C TYR B 55 10.70 -23.59 -51.93
N GLY B 56 9.49 -24.16 -51.97
CA GLY B 56 9.27 -25.45 -52.60
C GLY B 56 9.66 -26.65 -51.77
N GLU B 57 9.91 -26.48 -50.47
CA GLU B 57 10.29 -27.56 -49.59
C GLU B 57 9.15 -27.91 -48.66
N SER B 58 9.41 -28.86 -47.76
CA SER B 58 8.41 -29.32 -46.81
C SER B 58 9.10 -29.84 -45.56
N SER B 59 8.30 -30.15 -44.54
CA SER B 59 8.84 -30.66 -43.29
C SER B 59 9.54 -32.00 -43.45
N THR B 60 9.30 -32.70 -44.57
CA THR B 60 10.00 -33.95 -44.83
C THR B 60 11.50 -33.71 -44.92
N LEU B 61 11.91 -32.60 -45.52
CA LEU B 61 13.33 -32.26 -45.56
C LEU B 61 13.89 -32.05 -44.17
N LEU B 62 13.14 -31.38 -43.30
CA LEU B 62 13.61 -31.13 -41.95
C LEU B 62 13.65 -32.40 -41.11
N ALA B 63 12.78 -33.36 -41.42
CA ALA B 63 12.65 -34.55 -40.57
C ALA B 63 13.92 -35.41 -40.60
N ASN B 64 14.40 -35.73 -41.80
CA ASN B 64 15.53 -36.66 -41.91
C ASN B 64 16.82 -36.05 -41.38
N GLY B 65 17.00 -34.74 -41.54
CA GLY B 65 18.22 -34.08 -41.13
C GLY B 65 19.32 -34.06 -42.18
N LYS B 66 19.08 -34.62 -43.36
CA LYS B 66 20.08 -34.59 -44.43
C LYS B 66 20.27 -33.19 -45.00
N TRP B 67 19.39 -32.24 -44.67
CA TRP B 67 19.51 -30.90 -45.22
C TRP B 67 20.78 -30.20 -44.75
N THR B 68 21.27 -30.53 -43.56
CA THR B 68 22.51 -29.93 -43.08
C THR B 68 23.68 -30.27 -43.98
N LYS B 69 23.72 -31.51 -44.48
CA LYS B 69 24.76 -31.90 -45.42
C LYS B 69 24.65 -31.10 -46.71
N ASP B 70 23.43 -30.86 -47.18
CA ASP B 70 23.23 -30.09 -48.40
C ASP B 70 23.52 -28.61 -48.16
N MET B 71 23.80 -27.90 -49.25
CA MET B 71 24.13 -26.48 -49.21
C MET B 71 22.91 -25.61 -49.50
N ALA B 72 22.27 -25.81 -50.65
CA ALA B 72 21.11 -24.99 -51.00
C ALA B 72 19.97 -25.20 -50.02
N LYS B 73 19.73 -26.44 -49.60
CA LYS B 73 18.69 -26.70 -48.63
C LYS B 73 18.97 -26.01 -47.31
N ALA B 74 20.25 -25.94 -46.92
CA ALA B 74 20.61 -25.26 -45.69
C ALA B 74 20.24 -23.78 -45.76
N ASP B 75 20.56 -23.12 -46.88
CA ASP B 75 20.20 -21.71 -47.02
C ASP B 75 18.68 -21.53 -47.09
N ILE B 76 17.99 -22.47 -47.73
CA ILE B 76 16.53 -22.37 -47.83
C ILE B 76 15.90 -22.44 -46.45
N VAL B 77 16.31 -23.43 -45.65
CA VAL B 77 15.74 -23.55 -44.30
C VAL B 77 16.19 -22.39 -43.43
N ALA B 78 17.38 -21.84 -43.68
CA ALA B 78 17.81 -20.66 -42.93
C ALA B 78 16.90 -19.48 -43.21
N LYS B 79 16.56 -19.25 -44.47
CA LYS B 79 15.62 -18.19 -44.81
C LYS B 79 14.24 -18.46 -44.21
N ALA B 80 13.80 -19.71 -44.24
CA ALA B 80 12.50 -20.06 -43.70
C ALA B 80 12.43 -19.78 -42.20
N VAL B 81 13.45 -20.20 -41.45
CA VAL B 81 13.46 -19.96 -40.02
C VAL B 81 13.66 -18.48 -39.73
N LEU B 82 14.36 -17.76 -40.61
CA LEU B 82 14.51 -16.32 -40.44
C LEU B 82 13.15 -15.64 -40.50
N ASP B 83 12.33 -16.01 -41.50
CA ASP B 83 10.97 -15.50 -41.55
C ASP B 83 10.19 -15.91 -40.32
N TRP B 84 10.21 -17.21 -40.02
CA TRP B 84 9.45 -17.73 -38.88
C TRP B 84 9.74 -16.90 -37.63
N ALA B 85 11.02 -16.58 -37.40
CA ALA B 85 11.39 -15.73 -36.28
C ALA B 85 10.87 -14.31 -36.44
N VAL B 86 10.98 -13.73 -37.65
CA VAL B 86 10.74 -12.29 -37.75
C VAL B 86 9.26 -11.97 -37.56
N GLU B 87 8.36 -12.78 -38.12
CA GLU B 87 6.96 -12.55 -37.76
C GLU B 87 6.52 -13.26 -36.47
N ASN B 88 7.34 -14.15 -35.89
CA ASN B 88 7.05 -14.51 -34.50
C ASN B 88 7.50 -13.44 -33.52
N GLY B 89 8.32 -12.48 -33.95
CA GLY B 89 8.77 -11.44 -33.06
C GLY B 89 10.12 -11.76 -32.45
N ALA B 90 11.00 -12.38 -33.24
CA ALA B 90 12.34 -12.74 -32.79
C ALA B 90 13.37 -12.11 -33.70
N SER B 91 14.43 -11.58 -33.09
CA SER B 91 15.49 -10.90 -33.84
C SER B 91 16.89 -11.44 -33.54
N VAL B 92 17.03 -12.35 -32.58
CA VAL B 92 18.33 -12.91 -32.21
C VAL B 92 18.21 -14.42 -32.25
N TYR B 93 19.17 -15.09 -32.88
CA TYR B 93 19.26 -16.53 -32.89
C TYR B 93 20.42 -16.95 -32.01
N CYS B 94 20.20 -17.90 -31.10
CA CYS B 94 21.27 -18.39 -30.25
C CYS B 94 21.42 -19.89 -30.44
N HIS B 95 22.64 -20.31 -30.71
CA HIS B 95 22.95 -21.73 -30.69
C HIS B 95 22.88 -22.25 -29.26
N TRP B 96 22.36 -23.46 -29.11
CA TRP B 96 21.98 -24.02 -27.82
C TRP B 96 22.66 -25.35 -27.62
N PHE B 97 23.16 -25.59 -26.41
CA PHE B 97 23.91 -26.80 -26.13
C PHE B 97 23.82 -27.11 -24.65
N GLN B 98 24.15 -28.34 -24.30
CA GLN B 98 24.24 -28.75 -22.90
C GLN B 98 25.69 -29.07 -22.55
N PRO B 99 26.34 -28.27 -21.71
CA PRO B 99 27.72 -28.56 -21.34
C PRO B 99 27.82 -29.85 -20.53
N MET B 100 29.05 -30.35 -20.45
CA MET B 100 29.34 -31.53 -19.65
C MET B 100 28.87 -31.35 -18.22
N GLY B 101 28.02 -32.25 -17.75
CA GLY B 101 27.56 -32.23 -16.38
C GLY B 101 26.88 -30.93 -15.98
N SER B 102 25.97 -30.45 -16.81
CA SER B 102 25.26 -29.20 -16.59
C SER B 102 23.83 -29.52 -16.19
N SER B 103 23.61 -29.74 -14.90
CA SER B 103 22.29 -30.04 -14.38
C SER B 103 21.55 -28.81 -13.88
N GLY B 104 22.16 -27.63 -13.96
CA GLY B 104 21.52 -26.42 -13.51
C GLY B 104 21.64 -26.19 -12.01
N ASN B 109 21.74 -25.06 -16.76
CA ASN B 109 21.20 -26.31 -17.30
C ASN B 109 21.55 -26.50 -18.76
N SER B 110 21.61 -25.40 -19.53
CA SER B 110 21.93 -25.48 -20.95
C SER B 110 22.43 -24.11 -21.40
N GLY B 111 23.64 -24.07 -21.96
CA GLY B 111 24.19 -22.82 -22.41
C GLY B 111 23.78 -22.46 -23.84
N GLN B 112 24.01 -21.20 -24.19
CA GLN B 112 23.67 -20.71 -25.52
C GLN B 112 24.56 -19.53 -25.87
N VAL B 113 24.70 -19.29 -27.17
CA VAL B 113 25.42 -18.12 -27.70
C VAL B 113 24.48 -17.38 -28.65
N HIS B 114 24.27 -16.09 -28.35
CA HIS B 114 23.35 -15.24 -29.09
C HIS B 114 24.07 -14.52 -30.22
N GLN B 115 23.36 -14.33 -31.33
CA GLN B 115 23.85 -13.58 -32.47
C GLN B 115 22.67 -12.95 -33.19
N SER B 116 22.84 -11.71 -33.63
CA SER B 116 21.78 -11.03 -34.38
C SER B 116 21.69 -11.59 -35.79
N MET B 117 20.46 -11.88 -36.22
CA MET B 117 20.22 -12.30 -37.59
C MET B 117 19.80 -11.15 -38.50
N PHE B 118 19.79 -9.92 -38.00
CA PHE B 118 19.61 -8.74 -38.83
C PHE B 118 20.89 -7.92 -38.83
N ASN B 119 21.30 -7.49 -40.02
CA ASN B 119 22.53 -6.74 -40.22
C ASN B 119 22.20 -5.33 -40.68
N PHE B 120 23.25 -4.53 -40.86
CA PHE B 120 23.13 -3.15 -41.31
C PHE B 120 24.03 -2.95 -42.51
N ALA B 121 23.48 -2.38 -43.58
CA ALA B 121 24.24 -2.11 -44.79
C ALA B 121 24.89 -0.73 -44.69
N GLU B 122 25.40 -0.22 -45.81
CA GLU B 122 26.01 1.10 -45.81
C GLU B 122 25.01 2.17 -45.42
N ASP B 123 23.74 2.02 -45.82
CA ASP B 123 22.72 2.99 -45.43
C ASP B 123 22.46 2.97 -43.94
N GLY B 124 22.70 1.84 -43.28
CA GLY B 124 22.48 1.73 -41.85
C GLY B 124 21.06 1.38 -41.49
N THR B 125 20.55 0.27 -42.03
CA THR B 125 19.20 -0.17 -41.76
C THR B 125 19.21 -1.62 -41.28
N PRO B 126 18.35 -1.97 -40.34
CA PRO B 126 18.30 -3.37 -39.82
C PRO B 126 17.56 -4.32 -40.76
N TYR B 127 18.27 -4.82 -41.77
CA TYR B 127 17.70 -5.74 -42.73
C TYR B 127 18.00 -7.16 -42.29
N TYR B 128 16.99 -8.02 -42.33
CA TYR B 128 17.11 -9.38 -41.80
C TYR B 128 17.81 -10.27 -42.82
N SER B 129 18.93 -10.86 -42.40
CA SER B 129 19.72 -11.74 -43.26
C SER B 129 20.29 -12.87 -42.42
N PHE B 130 19.84 -14.09 -42.70
CA PHE B 130 20.22 -15.25 -41.90
C PHE B 130 20.59 -16.38 -42.87
N THR B 131 21.86 -16.73 -42.93
CA THR B 131 22.36 -17.71 -43.87
C THR B 131 22.54 -19.07 -43.21
N GLY B 132 22.85 -20.07 -44.05
CA GLY B 132 23.05 -21.41 -43.55
C GLY B 132 24.25 -21.55 -42.64
N GLU B 133 25.33 -20.81 -42.93
CA GLU B 133 26.52 -20.86 -42.09
C GLU B 133 26.21 -20.35 -40.69
N GLN B 134 25.41 -19.29 -40.59
CA GLN B 134 24.96 -18.82 -39.28
C GLN B 134 24.10 -19.86 -38.59
N LEU B 135 23.33 -20.62 -39.37
CA LEU B 135 22.41 -21.60 -38.78
C LEU B 135 23.18 -22.80 -38.22
N LEU B 136 24.16 -23.31 -38.96
CA LEU B 136 24.79 -24.58 -38.60
C LEU B 136 25.91 -24.40 -37.59
N GLN B 137 26.82 -23.46 -37.81
CA GLN B 137 28.03 -23.35 -37.02
C GLN B 137 27.89 -22.26 -35.97
N GLY B 138 28.46 -22.50 -34.79
CA GLY B 138 28.44 -21.54 -33.71
C GLY B 138 29.80 -21.30 -33.11
N GLU B 139 29.84 -20.66 -31.95
CA GLU B 139 31.10 -20.35 -31.26
C GLU B 139 30.91 -20.54 -29.76
N THR B 140 31.80 -21.34 -29.16
CA THR B 140 31.77 -21.63 -27.73
C THR B 140 33.05 -22.37 -27.37
N ASP B 141 33.69 -21.99 -26.27
CA ASP B 141 35.00 -22.53 -25.93
C ASP B 141 34.88 -23.89 -25.28
N GLY B 142 35.73 -24.83 -25.71
CA GLY B 142 35.79 -26.11 -25.05
C GLY B 142 36.24 -25.99 -23.60
N SER B 143 37.32 -25.25 -23.38
CA SER B 143 37.81 -24.87 -22.04
C SER B 143 38.32 -26.06 -21.24
N SER B 144 39.30 -25.82 -20.37
CA SER B 144 39.75 -26.82 -19.42
C SER B 144 38.84 -26.81 -18.20
N TYR B 159 33.10 -24.52 -31.50
CA TYR B 159 32.41 -24.50 -32.80
C TYR B 159 31.17 -25.40 -32.79
N LEU B 160 30.18 -24.95 -32.02
CA LEU B 160 28.88 -25.59 -31.98
C LEU B 160 28.39 -25.97 -33.37
N SER B 161 27.73 -27.12 -33.46
CA SER B 161 27.12 -27.58 -34.70
C SER B 161 25.68 -27.98 -34.44
N ILE B 162 24.79 -27.62 -35.37
CA ILE B 162 23.36 -27.79 -35.17
C ILE B 162 23.02 -29.26 -34.95
N ASP B 163 21.91 -29.50 -34.23
CA ASP B 163 21.35 -30.82 -34.08
C ASP B 163 20.14 -30.94 -34.99
N PRO B 164 20.28 -31.50 -36.20
CA PRO B 164 19.14 -31.56 -37.12
C PRO B 164 17.98 -32.39 -36.60
N TYR B 165 18.23 -33.31 -35.67
CA TYR B 165 17.19 -34.16 -35.12
C TYR B 165 16.51 -33.53 -33.92
N SER B 166 16.90 -32.33 -33.53
CA SER B 166 16.21 -31.57 -32.50
C SER B 166 15.52 -30.37 -33.13
N PRO B 167 14.30 -30.05 -32.69
CA PRO B 167 13.52 -28.99 -33.35
C PRO B 167 14.04 -27.61 -32.98
N ILE B 168 14.33 -26.80 -34.01
CA ILE B 168 14.69 -25.41 -33.80
C ILE B 168 13.47 -24.69 -33.25
N PHE B 169 13.59 -24.13 -32.05
CA PHE B 169 12.42 -23.62 -31.36
C PHE B 169 12.65 -22.16 -30.96
N LEU B 170 11.66 -21.56 -30.31
CA LEU B 170 11.68 -20.12 -30.07
C LEU B 170 11.17 -19.80 -28.68
N ARG B 171 11.84 -18.85 -28.01
CA ARG B 171 11.40 -18.37 -26.71
C ARG B 171 11.63 -16.86 -26.64
N GLU B 172 10.64 -16.15 -26.10
CA GLU B 172 10.68 -14.69 -25.95
C GLU B 172 10.92 -14.08 -27.33
N ASP B 173 11.98 -13.30 -27.54
CA ASP B 173 12.31 -12.76 -28.84
C ASP B 173 13.58 -13.38 -29.41
N THR B 174 13.92 -14.58 -28.96
CA THR B 174 15.14 -15.25 -29.37
C THR B 174 14.80 -16.67 -29.83
N VAL B 175 15.27 -17.03 -31.02
CA VAL B 175 15.10 -18.38 -31.52
C VAL B 175 16.28 -19.23 -31.06
N PHE B 176 15.97 -20.27 -30.28
CA PHE B 176 16.96 -21.18 -29.75
C PHE B 176 17.14 -22.29 -30.76
N ILE B 177 18.38 -22.51 -31.21
CA ILE B 177 18.69 -23.52 -32.20
C ILE B 177 19.51 -24.62 -31.52
N PRO B 178 18.93 -25.77 -31.21
CA PRO B 178 19.69 -26.81 -30.51
C PRO B 178 20.91 -27.24 -31.33
N ALA B 179 22.01 -27.46 -30.62
CA ALA B 179 23.28 -27.73 -31.29
C ALA B 179 24.15 -28.60 -30.40
N ALA B 180 25.12 -29.28 -31.02
CA ALA B 180 26.04 -30.15 -30.32
C ALA B 180 27.36 -29.43 -30.08
N PHE B 181 27.92 -29.61 -28.89
CA PHE B 181 29.09 -28.89 -28.44
C PHE B 181 30.27 -29.84 -28.34
N VAL B 182 31.38 -29.49 -29.01
CA VAL B 182 32.58 -30.29 -29.00
C VAL B 182 33.77 -29.38 -28.70
N SER B 183 34.96 -29.98 -28.65
CA SER B 183 36.19 -29.22 -28.52
C SER B 183 36.78 -28.96 -29.91
N TYR B 184 37.83 -28.12 -29.93
CA TYR B 184 38.50 -27.86 -31.19
C TYR B 184 39.16 -29.12 -31.74
N ASN B 185 39.67 -29.97 -30.85
CA ASN B 185 40.25 -31.23 -31.29
C ASN B 185 39.22 -32.13 -31.96
N GLY B 186 38.01 -32.17 -31.39
CA GLY B 186 36.96 -33.04 -31.91
C GLY B 186 36.33 -33.87 -30.83
N ASP B 187 36.83 -33.74 -29.61
CA ASP B 187 36.28 -34.49 -28.49
C ASP B 187 34.89 -33.98 -28.14
N ALA B 188 33.99 -34.92 -27.85
CA ALA B 188 32.61 -34.59 -27.49
C ALA B 188 32.59 -33.99 -26.09
N LEU B 189 32.46 -32.67 -26.01
CA LEU B 189 32.42 -31.97 -24.73
C LEU B 189 31.01 -31.60 -24.31
N ASP B 190 30.02 -32.40 -24.71
CA ASP B 190 28.63 -32.15 -24.32
C ASP B 190 27.98 -33.50 -24.03
N GLU B 191 26.65 -33.48 -23.96
CA GLU B 191 25.88 -34.71 -23.84
C GLU B 191 25.12 -35.05 -25.10
N LYS B 192 24.95 -34.08 -26.01
CA LYS B 192 24.23 -34.33 -27.25
C LYS B 192 25.00 -35.27 -28.16
N THR B 193 26.29 -34.99 -28.37
CA THR B 193 27.10 -35.84 -29.22
C THR B 193 27.22 -37.28 -28.71
N PRO B 194 27.47 -37.53 -27.42
CA PRO B 194 27.44 -38.92 -26.95
C PRO B 194 26.11 -39.59 -27.22
N LEU B 195 25.00 -38.87 -27.04
CA LEU B 195 23.69 -39.45 -27.31
C LEU B 195 23.52 -39.78 -28.78
N HIS B 196 24.01 -38.90 -29.67
CA HIS B 196 23.94 -39.17 -31.10
C HIS B 196 24.75 -40.41 -31.46
N ARG B 197 25.96 -40.53 -30.91
CA ARG B 197 26.77 -41.71 -31.18
C ARG B 197 26.10 -42.96 -30.65
N ALA B 198 25.52 -42.90 -29.45
CA ALA B 198 24.85 -44.05 -28.88
C ALA B 198 23.66 -44.47 -29.71
N THR B 199 22.85 -43.50 -30.15
CA THR B 199 21.70 -43.83 -30.98
C THR B 199 22.14 -44.41 -32.32
N ASP B 200 23.22 -43.88 -32.90
CA ASP B 200 23.72 -44.43 -34.16
C ASP B 200 24.14 -45.89 -33.98
N ALA B 201 24.89 -46.17 -32.91
CA ALA B 201 25.33 -47.54 -32.65
C ALA B 201 24.14 -48.45 -32.41
N LEU B 202 23.15 -47.97 -31.64
CA LEU B 202 21.96 -48.76 -31.38
C LEU B 202 21.23 -49.09 -32.67
N ASP B 203 21.07 -48.09 -33.55
CA ASP B 203 20.35 -48.30 -34.80
C ASP B 203 21.09 -49.29 -35.68
N LYS B 204 22.41 -49.13 -35.82
CA LYS B 204 23.15 -50.02 -36.70
C LYS B 204 23.15 -51.45 -36.17
N GLN B 205 23.31 -51.63 -34.86
CA GLN B 205 23.32 -52.97 -34.30
C GLN B 205 21.95 -53.62 -34.38
N THR B 206 20.88 -52.85 -34.13
CA THR B 206 19.55 -53.40 -34.26
C THR B 206 19.25 -53.81 -35.69
N LYS B 207 19.63 -52.97 -36.66
CA LYS B 207 19.44 -53.33 -38.06
C LYS B 207 20.23 -54.59 -38.41
N ARG B 208 21.48 -54.68 -37.94
CA ARG B 208 22.29 -55.85 -38.22
C ARG B 208 21.66 -57.13 -37.67
N MET B 209 21.20 -57.08 -36.42
CA MET B 209 20.65 -58.28 -35.81
C MET B 209 19.30 -58.65 -36.42
N LEU B 210 18.49 -57.67 -36.80
CA LEU B 210 17.24 -57.97 -37.50
C LEU B 210 17.50 -58.59 -38.86
N LYS B 211 18.49 -58.06 -39.60
CA LYS B 211 18.80 -58.62 -40.91
C LYS B 211 19.41 -60.01 -40.80
N ALA B 212 20.19 -60.27 -39.75
CA ALA B 212 20.81 -61.57 -39.59
C ALA B 212 19.78 -62.67 -39.33
N MET B 213 18.56 -62.31 -38.93
CA MET B 213 17.51 -63.28 -38.66
C MET B 213 16.38 -63.20 -39.68
N LYS B 214 16.69 -62.70 -40.88
CA LYS B 214 15.74 -62.61 -41.99
C LYS B 214 14.59 -61.65 -41.65
N TYR B 215 14.94 -60.40 -41.40
CA TYR B 215 13.96 -59.33 -41.26
C TYR B 215 14.61 -58.04 -41.74
N ASP B 216 13.98 -57.38 -42.70
CA ASP B 216 14.49 -56.15 -43.30
C ASP B 216 13.62 -54.97 -42.87
N VAL B 217 14.27 -53.90 -42.39
CA VAL B 217 13.56 -52.68 -42.02
C VAL B 217 13.60 -51.64 -43.12
N GLY B 218 14.29 -51.91 -44.23
CA GLY B 218 14.39 -50.92 -45.29
C GLY B 218 15.13 -49.69 -44.82
N SER B 219 14.53 -48.53 -45.04
CA SER B 219 15.10 -47.25 -44.65
C SER B 219 14.66 -46.78 -43.27
N ALA B 220 13.90 -47.62 -42.55
CA ALA B 220 13.44 -47.24 -41.23
C ALA B 220 14.60 -47.03 -40.28
N SER B 221 14.49 -46.01 -39.44
CA SER B 221 15.54 -45.64 -38.49
C SER B 221 15.13 -46.06 -37.08
N VAL B 222 16.04 -46.74 -36.39
CA VAL B 222 15.82 -47.19 -35.02
C VAL B 222 16.42 -46.16 -34.07
N TYR B 223 15.78 -45.98 -32.92
CA TYR B 223 16.22 -45.00 -31.95
C TYR B 223 15.60 -45.37 -30.60
N ALA B 224 15.81 -44.51 -29.60
CA ALA B 224 15.31 -44.71 -28.26
C ALA B 224 14.08 -43.81 -28.06
N ASN B 225 12.91 -44.44 -27.98
CA ASN B 225 11.70 -43.71 -27.65
C ASN B 225 11.59 -43.60 -26.14
N ILE B 226 11.54 -42.37 -25.63
CA ILE B 226 11.54 -42.13 -24.19
C ILE B 226 10.44 -41.16 -23.83
N GLY B 227 9.79 -41.41 -22.70
CA GLY B 227 9.02 -40.41 -22.00
C GLY B 227 9.82 -39.98 -20.78
N LEU B 228 9.65 -38.73 -20.38
CA LEU B 228 10.43 -38.16 -19.29
C LEU B 228 9.48 -37.55 -18.26
N GLU B 229 9.15 -38.32 -17.24
CA GLU B 229 8.21 -37.88 -16.20
C GLU B 229 8.93 -36.91 -15.27
N GLN B 230 9.03 -35.67 -15.72
CA GLN B 230 9.80 -34.66 -15.01
C GLN B 230 8.98 -34.13 -13.83
N GLU B 231 9.53 -34.23 -12.63
CA GLU B 231 8.87 -33.77 -11.43
C GLU B 231 9.57 -32.51 -10.92
N ILE B 232 8.77 -31.50 -10.56
CA ILE B 232 9.28 -30.21 -10.12
C ILE B 232 8.61 -29.86 -8.80
N PHE B 233 9.38 -29.35 -7.85
CA PHE B 233 8.80 -28.79 -6.65
C PHE B 233 8.56 -27.29 -6.85
N LEU B 234 7.42 -26.82 -6.39
CA LEU B 234 7.05 -25.42 -6.53
C LEU B 234 7.06 -24.75 -5.17
N THR B 235 7.80 -23.66 -5.05
CA THR B 235 7.98 -23.01 -3.75
C THR B 235 7.66 -21.53 -3.87
N PRO B 236 7.12 -20.93 -2.81
CA PRO B 236 7.00 -19.46 -2.81
C PRO B 236 8.35 -18.80 -3.00
N ARG B 237 8.45 -17.97 -4.04
CA ARG B 237 9.70 -17.30 -4.32
C ARG B 237 10.13 -16.40 -3.15
N HIS B 238 9.17 -15.92 -2.38
CA HIS B 238 9.51 -15.18 -1.16
C HIS B 238 10.26 -16.07 -0.18
N ALA B 239 9.83 -17.32 -0.04
CA ALA B 239 10.57 -18.26 0.79
C ALA B 239 11.84 -18.72 0.09
N PHE B 240 11.80 -18.84 -1.24
CA PHE B 240 12.99 -19.26 -1.98
C PHE B 240 14.14 -18.29 -1.78
N TYR B 241 13.84 -16.99 -1.78
CA TYR B 241 14.86 -15.99 -1.51
C TYR B 241 15.35 -16.02 -0.06
N ARG B 242 14.61 -16.67 0.83
CA ARG B 242 15.02 -16.79 2.21
C ARG B 242 15.78 -18.09 2.49
N ARG B 243 16.03 -18.90 1.47
CA ARG B 243 16.80 -20.12 1.61
C ARG B 243 18.01 -20.06 0.70
N PRO B 244 19.18 -19.66 1.20
CA PRO B 244 20.37 -19.58 0.32
C PRO B 244 20.72 -20.89 -0.34
N ASP B 245 20.49 -22.02 0.32
CA ASP B 245 20.83 -23.30 -0.26
C ASP B 245 20.03 -23.56 -1.54
N LEU B 246 18.75 -23.22 -1.53
CA LEU B 246 17.96 -23.34 -2.76
C LEU B 246 18.46 -22.38 -3.83
N GLN B 247 18.86 -21.18 -3.44
CA GLN B 247 19.37 -20.21 -4.41
C GLN B 247 20.62 -20.74 -5.10
N PHE B 248 21.53 -21.34 -4.34
CA PHE B 248 22.84 -21.70 -4.86
C PHE B 248 22.99 -23.17 -5.20
N THR B 249 22.25 -24.05 -4.52
CA THR B 249 22.34 -25.48 -4.77
C THR B 249 21.02 -26.09 -5.25
N GLY B 250 19.89 -25.44 -5.00
CA GLY B 250 18.61 -25.92 -5.46
C GLY B 250 17.91 -26.89 -4.52
N ARG B 251 18.57 -27.33 -3.44
CA ARG B 251 17.96 -28.24 -2.50
C ARG B 251 18.27 -27.79 -1.08
N THR B 252 17.32 -28.01 -0.18
CA THR B 252 17.47 -27.56 1.21
C THR B 252 18.50 -28.44 1.91
N ILE B 253 19.62 -27.83 2.27
CA ILE B 253 20.64 -28.53 3.05
C ILE B 253 20.28 -28.66 4.52
N THR B 254 19.28 -27.93 4.98
CA THR B 254 18.86 -27.98 6.38
C THR B 254 17.43 -27.51 6.49
N GLY B 255 16.83 -27.73 7.66
CA GLY B 255 15.47 -27.33 7.91
C GLY B 255 14.65 -28.41 8.57
N LYS B 256 14.03 -28.08 9.70
CA LYS B 256 13.27 -29.07 10.47
C LYS B 256 11.89 -29.26 9.83
N PHE B 257 11.60 -30.48 9.44
CA PHE B 257 10.28 -30.77 8.87
C PHE B 257 9.24 -30.80 9.97
N PRO B 258 8.11 -30.13 9.79
CA PRO B 258 7.06 -30.16 10.82
C PRO B 258 6.47 -31.55 10.98
N ALA B 259 6.08 -31.87 12.22
CA ALA B 259 5.51 -33.16 12.58
C ALA B 259 6.47 -34.31 12.23
N ARG B 260 7.69 -34.18 12.75
CA ARG B 260 8.72 -35.22 12.65
C ARG B 260 9.13 -35.49 11.21
N GLY B 261 8.23 -36.09 10.43
CA GLY B 261 8.54 -36.41 9.05
C GLY B 261 7.94 -37.74 8.60
N GLN B 262 7.60 -38.59 9.57
CA GLN B 262 6.97 -39.88 9.28
C GLN B 262 5.49 -39.63 9.03
N GLU B 263 5.17 -39.23 7.80
CA GLU B 263 3.81 -38.86 7.44
C GLU B 263 2.95 -40.11 7.36
N GLY B 277 -0.84 -17.49 -7.88
CA GLY B 277 -1.27 -18.40 -8.92
C GLY B 277 -0.47 -19.68 -8.97
N ALA B 278 -1.00 -20.75 -8.37
CA ALA B 278 -0.42 -22.08 -8.44
C ALA B 278 -1.06 -22.93 -9.52
N PHE B 279 -2.40 -23.02 -9.53
CA PHE B 279 -3.07 -23.58 -10.68
C PHE B 279 -2.79 -22.76 -11.93
N GLU B 280 -2.77 -21.44 -11.77
CA GLU B 280 -2.37 -20.55 -12.86
C GLU B 280 -0.98 -20.92 -13.38
N CYS B 281 -0.10 -21.39 -12.49
CA CYS B 281 1.26 -21.71 -12.90
C CYS B 281 1.30 -22.82 -13.94
N MET B 282 0.73 -23.99 -13.62
CA MET B 282 0.84 -25.06 -14.61
C MET B 282 -0.17 -24.92 -15.73
N ARG B 283 -1.25 -24.15 -15.57
CA ARG B 283 -2.05 -23.87 -16.76
C ARG B 283 -1.28 -22.97 -17.73
N GLN B 284 -0.48 -22.04 -17.20
CA GLN B 284 0.41 -21.27 -18.06
C GLN B 284 1.47 -22.16 -18.69
N ILE B 285 2.00 -23.12 -17.94
CA ILE B 285 2.92 -24.11 -18.51
C ILE B 285 2.25 -24.82 -19.68
N GLN B 286 1.02 -25.27 -19.48
CA GLN B 286 0.34 -26.04 -20.52
C GLN B 286 0.08 -25.19 -21.76
N GLN B 287 -0.40 -23.97 -21.57
CA GLN B 287 -0.65 -23.10 -22.73
C GLN B 287 0.65 -22.71 -23.42
N GLU B 288 1.73 -22.54 -22.66
CA GLU B 288 3.03 -22.31 -23.29
C GLU B 288 3.45 -23.50 -24.14
N CYS B 289 3.37 -24.70 -23.59
CA CYS B 289 3.75 -25.89 -24.35
C CYS B 289 2.87 -26.07 -25.58
N PHE B 290 1.60 -25.68 -25.49
CA PHE B 290 0.76 -25.61 -26.67
C PHE B 290 1.32 -24.63 -27.70
N LYS B 291 1.43 -23.36 -27.32
CA LYS B 291 1.95 -22.36 -28.25
C LYS B 291 3.40 -22.65 -28.63
N MET B 292 4.12 -23.39 -27.80
CA MET B 292 5.47 -23.84 -28.11
C MET B 292 5.46 -25.17 -28.84
N GLY B 293 4.33 -25.87 -28.85
CA GLY B 293 4.23 -27.11 -29.59
C GLY B 293 4.82 -28.31 -28.91
N ILE B 294 5.10 -28.24 -27.62
CA ILE B 294 5.53 -29.40 -26.83
C ILE B 294 4.28 -30.17 -26.44
N PRO B 295 4.11 -31.41 -26.89
CA PRO B 295 2.92 -32.19 -26.53
C PRO B 295 3.00 -32.69 -25.08
N LEU B 296 2.94 -31.73 -24.15
CA LEU B 296 2.97 -32.05 -22.72
C LEU B 296 1.65 -32.72 -22.38
N LYS B 297 1.67 -34.04 -22.27
CA LYS B 297 0.43 -34.81 -22.17
C LYS B 297 -0.28 -34.54 -20.85
N THR B 298 0.36 -34.91 -19.73
CA THR B 298 -0.30 -34.84 -18.44
C THR B 298 0.59 -34.10 -17.45
N ARG B 299 0.03 -33.06 -16.83
CA ARG B 299 0.62 -32.41 -15.67
C ARG B 299 -0.32 -32.64 -14.49
N HIS B 300 0.23 -33.11 -13.38
CA HIS B 300 -0.63 -33.40 -12.23
C HIS B 300 0.20 -33.41 -10.96
N ARG B 301 -0.50 -33.26 -9.83
CA ARG B 301 0.15 -33.23 -8.53
C ARG B 301 0.72 -34.61 -8.19
N GLU B 302 1.48 -34.65 -7.10
CA GLU B 302 2.09 -35.90 -6.64
C GLU B 302 1.87 -36.01 -5.14
N VAL B 303 2.45 -37.04 -4.54
CA VAL B 303 2.22 -37.31 -3.12
C VAL B 303 2.77 -36.17 -2.27
N ALA B 304 3.98 -35.73 -2.58
CA ALA B 304 4.60 -34.65 -1.83
C ALA B 304 3.87 -33.34 -2.07
N PRO B 305 3.91 -32.42 -1.11
CA PRO B 305 3.26 -31.11 -1.33
C PRO B 305 3.88 -30.38 -2.51
N ASN B 306 3.01 -29.70 -3.27
CA ASN B 306 3.37 -28.86 -4.41
C ASN B 306 4.41 -29.49 -5.33
N GLN B 307 4.36 -30.81 -5.48
CA GLN B 307 5.25 -31.53 -6.40
C GLN B 307 4.44 -31.90 -7.63
N TYR B 308 4.79 -31.31 -8.77
CA TYR B 308 4.03 -31.46 -9.99
C TYR B 308 4.83 -32.27 -11.01
N GLU B 309 4.18 -33.28 -11.58
CA GLU B 309 4.79 -34.14 -12.58
C GLU B 309 4.24 -33.80 -13.95
N PHE B 310 5.15 -33.62 -14.92
CA PHE B 310 4.81 -33.40 -16.33
C PHE B 310 5.35 -34.60 -17.10
N ALA B 311 4.48 -35.24 -17.88
CA ALA B 311 4.80 -36.50 -18.54
C ALA B 311 4.55 -36.39 -20.04
N PRO B 312 5.47 -35.76 -20.77
CA PRO B 312 5.37 -35.78 -22.24
C PRO B 312 5.54 -37.19 -22.75
N MET B 313 4.84 -37.50 -23.85
CA MET B 313 4.82 -38.86 -24.36
C MET B 313 6.13 -39.16 -25.10
N PHE B 314 6.15 -40.34 -25.73
CA PHE B 314 7.38 -40.86 -26.29
C PHE B 314 7.80 -40.09 -27.53
N GLY B 315 9.11 -40.10 -27.78
CA GLY B 315 9.70 -39.49 -28.95
C GLY B 315 11.16 -39.89 -29.01
N ASN B 316 11.82 -39.46 -30.09
CA ASN B 316 13.23 -39.76 -30.22
C ASN B 316 14.01 -39.16 -29.06
N ALA B 317 14.86 -39.97 -28.44
CA ALA B 317 15.58 -39.55 -27.25
C ALA B 317 16.41 -38.31 -27.51
N ILE B 318 16.99 -38.22 -28.72
CA ILE B 318 17.81 -37.06 -29.08
C ILE B 318 17.01 -35.79 -28.95
N SER B 319 15.78 -35.79 -29.47
CA SER B 319 14.92 -34.63 -29.33
C SER B 319 14.35 -34.51 -27.93
N GLN B 320 14.04 -35.65 -27.30
CA GLN B 320 13.32 -35.61 -26.03
C GLN B 320 14.19 -35.09 -24.90
N VAL B 321 15.51 -35.30 -24.95
CA VAL B 321 16.37 -34.73 -23.91
C VAL B 321 16.36 -33.21 -23.99
N ASP B 322 16.43 -32.65 -25.21
CA ASP B 322 16.31 -31.21 -25.36
C ASP B 322 14.94 -30.73 -24.92
N GLN B 323 13.90 -31.52 -25.23
CA GLN B 323 12.56 -31.19 -24.77
C GLN B 323 12.53 -31.07 -23.24
N ASN B 324 13.13 -32.03 -22.56
CA ASN B 324 13.14 -32.00 -21.10
C ASN B 324 13.94 -30.81 -20.57
N LEU B 325 15.10 -30.53 -21.17
CA LEU B 325 15.91 -29.41 -20.70
C LEU B 325 15.17 -28.09 -20.86
N MET B 326 14.57 -27.87 -22.04
CA MET B 326 13.85 -26.63 -22.26
C MET B 326 12.57 -26.56 -21.44
N ILE B 327 11.95 -27.71 -21.14
CA ILE B 327 10.81 -27.73 -20.24
C ILE B 327 11.24 -27.28 -18.85
N MET B 328 12.39 -27.77 -18.39
CA MET B 328 12.94 -27.31 -17.13
C MET B 328 13.14 -25.80 -17.14
N GLN B 329 13.73 -25.28 -18.21
CA GLN B 329 14.01 -23.86 -18.31
C GLN B 329 12.71 -23.04 -18.29
N VAL B 330 11.73 -23.46 -19.09
CA VAL B 330 10.49 -22.69 -19.19
C VAL B 330 9.72 -22.76 -17.89
N ILE B 331 9.75 -23.91 -17.21
CA ILE B 331 9.08 -24.03 -15.92
C ILE B 331 9.74 -23.12 -14.90
N GLU B 332 11.08 -23.07 -14.89
CA GLU B 332 11.78 -22.19 -13.97
C GLU B 332 11.39 -20.74 -14.22
N GLU B 333 11.42 -20.31 -15.48
CA GLU B 333 11.15 -18.90 -15.75
C GLU B 333 9.68 -18.55 -15.53
N VAL B 334 8.76 -19.50 -15.76
CA VAL B 334 7.35 -19.24 -15.47
C VAL B 334 7.13 -19.13 -13.97
N ALA B 335 7.73 -20.02 -13.19
CA ALA B 335 7.61 -19.92 -11.74
C ALA B 335 8.16 -18.59 -11.26
N SER B 336 9.27 -18.15 -11.84
CA SER B 336 9.78 -16.81 -11.53
C SER B 336 8.76 -15.75 -11.89
N GLU B 337 8.08 -15.92 -13.02
CA GLU B 337 7.04 -14.97 -13.41
C GLU B 337 5.88 -14.98 -12.41
N HIS B 338 5.50 -16.16 -11.93
CA HIS B 338 4.36 -16.29 -11.03
C HIS B 338 4.70 -15.98 -9.58
N GLY B 339 5.88 -15.42 -9.31
CA GLY B 339 6.29 -15.21 -7.94
C GLY B 339 6.55 -16.49 -7.18
N LEU B 340 6.93 -17.56 -7.88
CA LEU B 340 7.31 -18.83 -7.28
C LEU B 340 8.71 -19.20 -7.76
N ALA B 341 9.11 -20.43 -7.42
CA ALA B 341 10.41 -20.96 -7.79
C ALA B 341 10.29 -22.44 -8.04
N ALA B 342 10.94 -22.91 -9.10
CA ALA B 342 10.85 -24.31 -9.53
C ALA B 342 12.12 -25.02 -9.08
N LEU B 343 12.04 -25.68 -7.93
CA LEU B 343 13.14 -26.53 -7.48
C LEU B 343 13.16 -27.80 -8.32
N LEU B 344 14.23 -27.97 -9.08
CA LEU B 344 14.42 -29.14 -9.93
C LEU B 344 15.33 -30.19 -9.31
N GLN B 345 15.84 -29.95 -8.11
CA GLN B 345 16.74 -30.88 -7.47
C GLN B 345 16.03 -32.20 -7.18
N GLU B 346 16.82 -33.27 -7.06
CA GLU B 346 16.25 -34.60 -6.88
C GLU B 346 15.51 -34.72 -5.57
N LYS B 347 16.12 -34.23 -4.48
CA LYS B 347 15.51 -34.27 -3.16
C LYS B 347 15.61 -32.89 -2.54
N PRO B 348 14.81 -31.93 -3.04
CA PRO B 348 14.89 -30.57 -2.50
C PRO B 348 14.48 -30.47 -1.05
N PHE B 349 13.76 -31.45 -0.51
CA PHE B 349 13.34 -31.42 0.89
C PHE B 349 13.56 -32.79 1.49
N ALA B 350 14.40 -32.86 2.53
CA ALA B 350 14.56 -34.11 3.25
C ALA B 350 13.29 -34.41 4.04
N GLY B 351 12.86 -35.66 4.00
CA GLY B 351 11.67 -36.10 4.70
C GLY B 351 10.44 -36.25 3.83
N VAL B 352 10.47 -35.75 2.60
CA VAL B 352 9.34 -35.91 1.69
C VAL B 352 9.78 -36.80 0.54
N ASN B 353 8.85 -37.09 -0.37
CA ASN B 353 9.18 -37.92 -1.52
C ASN B 353 10.18 -37.20 -2.42
N GLY B 354 11.17 -37.94 -2.90
CA GLY B 354 12.14 -37.37 -3.81
C GLY B 354 11.52 -37.05 -5.16
N SER B 355 12.00 -35.96 -5.76
CA SER B 355 11.51 -35.50 -7.06
C SER B 355 12.28 -36.24 -8.15
N GLY B 356 11.89 -37.50 -8.37
CA GLY B 356 12.51 -38.28 -9.41
C GLY B 356 11.99 -37.91 -10.79
N LYS B 357 12.78 -38.26 -11.81
CA LYS B 357 12.42 -38.03 -13.21
C LYS B 357 12.51 -39.36 -13.94
N HIS B 358 11.42 -40.13 -13.92
CA HIS B 358 11.42 -41.44 -14.55
C HIS B 358 11.67 -41.31 -16.05
N ASN B 359 12.52 -42.17 -16.57
CA ASN B 359 12.81 -42.26 -17.99
C ASN B 359 12.15 -43.54 -18.50
N ASN B 360 11.03 -43.38 -19.17
CA ASN B 360 10.39 -44.50 -19.87
C ASN B 360 11.15 -44.71 -21.17
N TRP B 361 12.05 -45.68 -21.17
CA TRP B 361 12.96 -45.95 -22.27
C TRP B 361 12.53 -47.20 -23.01
N SER B 362 12.56 -47.13 -24.34
CA SER B 362 12.20 -48.27 -25.18
C SER B 362 12.87 -48.13 -26.53
N ILE B 363 12.93 -49.23 -27.26
CA ILE B 363 13.48 -49.25 -28.61
C ILE B 363 12.34 -49.01 -29.60
N GLY B 364 12.46 -47.96 -30.39
CA GLY B 364 11.42 -47.60 -31.34
C GLY B 364 11.98 -47.28 -32.71
N THR B 365 11.34 -47.83 -33.72
CA THR B 365 11.72 -47.55 -35.10
C THR B 365 11.01 -46.30 -35.60
N SER B 366 11.43 -45.83 -36.78
CA SER B 366 10.81 -44.65 -37.37
C SER B 366 9.35 -44.91 -37.72
N ASP B 367 9.04 -46.10 -38.23
CA ASP B 367 7.69 -46.43 -38.65
C ASP B 367 6.77 -46.81 -37.48
N GLY B 368 7.26 -46.72 -36.24
CA GLY B 368 6.44 -46.95 -35.08
C GLY B 368 6.58 -48.30 -34.43
N LEU B 369 7.44 -49.18 -34.94
CA LEU B 369 7.64 -50.47 -34.31
C LEU B 369 8.35 -50.31 -32.97
N ASN B 370 7.78 -50.92 -31.93
CA ASN B 370 8.35 -50.90 -30.60
C ASN B 370 8.82 -52.30 -30.22
N LEU B 371 10.06 -52.41 -29.80
CA LEU B 371 10.64 -53.71 -29.45
C LEU B 371 10.11 -54.25 -28.13
N MET B 372 9.48 -53.42 -27.31
CA MET B 372 8.90 -53.89 -26.06
C MET B 372 7.46 -54.39 -26.22
N ASN B 373 6.89 -54.28 -27.42
CA ASN B 373 5.54 -54.76 -27.69
C ASN B 373 5.63 -56.08 -28.45
N PRO B 374 5.55 -57.23 -27.78
CA PRO B 374 5.65 -58.49 -28.51
C PRO B 374 4.57 -58.65 -29.57
N LYS B 375 3.34 -58.22 -29.29
CA LYS B 375 2.27 -58.35 -30.27
C LYS B 375 2.56 -57.52 -31.51
N GLN B 376 3.02 -56.29 -31.33
CA GLN B 376 3.35 -55.45 -32.48
C GLN B 376 4.50 -56.04 -33.27
N VAL B 377 5.50 -56.58 -32.59
CA VAL B 377 6.63 -57.20 -33.27
C VAL B 377 6.17 -58.40 -34.09
N ASN B 378 5.31 -59.24 -33.51
CA ASN B 378 4.80 -60.38 -34.26
C ASN B 378 3.97 -59.94 -35.46
N ALA B 379 3.16 -58.90 -35.28
CA ALA B 379 2.33 -58.42 -36.39
C ALA B 379 3.18 -57.87 -37.52
N LYS B 380 4.20 -57.09 -37.19
CA LYS B 380 5.00 -56.43 -38.23
C LYS B 380 6.01 -57.36 -38.88
N THR B 381 6.56 -58.31 -38.12
CA THR B 381 7.63 -59.18 -38.62
C THR B 381 7.20 -60.60 -38.85
N GLY B 382 6.34 -61.16 -38.00
CA GLY B 382 5.94 -62.55 -38.10
C GLY B 382 6.88 -63.53 -37.43
N ASN B 383 7.94 -63.06 -36.77
CA ASN B 383 8.86 -63.94 -36.07
C ASN B 383 8.73 -63.71 -34.57
N PRO B 384 8.11 -64.62 -33.82
CA PRO B 384 7.91 -64.38 -32.38
C PRO B 384 9.19 -64.33 -31.58
N GLU B 385 10.30 -64.84 -32.10
CA GLU B 385 11.53 -64.92 -31.32
C GLU B 385 12.18 -63.56 -31.07
N ILE B 386 11.74 -62.50 -31.74
CA ILE B 386 12.40 -61.21 -31.61
C ILE B 386 12.28 -60.69 -30.18
N PHE B 387 11.06 -60.66 -29.66
CA PHE B 387 10.84 -60.05 -28.34
C PHE B 387 11.61 -60.74 -27.22
N PRO B 388 11.63 -62.08 -27.10
CA PRO B 388 12.41 -62.69 -26.01
C PRO B 388 13.90 -62.42 -26.11
N LEU B 389 14.51 -62.75 -27.25
CA LEU B 389 15.94 -62.52 -27.44
C LEU B 389 16.35 -61.12 -27.01
N VAL B 390 15.78 -60.10 -27.65
CA VAL B 390 16.16 -58.73 -27.33
C VAL B 390 15.96 -58.46 -25.84
N MET B 391 14.89 -58.99 -25.27
CA MET B 391 14.65 -58.81 -23.84
C MET B 391 15.85 -59.31 -23.04
N ALA B 392 16.25 -60.56 -23.27
CA ALA B 392 17.43 -61.09 -22.63
C ALA B 392 18.62 -60.18 -22.88
N ALA B 393 18.74 -59.69 -24.12
CA ALA B 393 19.77 -58.73 -24.46
C ALA B 393 19.80 -57.59 -23.44
N MET B 394 18.68 -56.87 -23.30
CA MET B 394 18.64 -55.80 -22.30
C MET B 394 18.92 -56.35 -20.92
N VAL B 395 18.33 -57.50 -20.59
CA VAL B 395 18.62 -58.13 -19.30
C VAL B 395 20.12 -58.32 -19.16
N SER B 396 20.74 -58.92 -20.18
CA SER B 396 22.19 -59.08 -20.16
C SER B 396 22.86 -57.73 -19.97
N ALA B 397 22.41 -56.73 -20.72
CA ALA B 397 22.98 -55.39 -20.60
C ALA B 397 22.96 -54.95 -19.14
N VAL B 398 21.82 -55.10 -18.48
CA VAL B 398 21.75 -54.72 -17.07
C VAL B 398 22.75 -55.51 -16.27
N ASP B 399 22.72 -56.84 -16.41
CA ASP B 399 23.65 -57.69 -15.68
C ASP B 399 25.08 -57.43 -16.07
N LYS B 400 25.31 -56.80 -17.23
CA LYS B 400 26.65 -56.44 -17.62
C LYS B 400 27.03 -55.04 -17.16
N HIS B 401 26.07 -54.11 -17.10
CA HIS B 401 26.45 -52.72 -16.91
C HIS B 401 25.49 -51.98 -15.99
N GLY B 402 24.93 -52.66 -15.00
CA GLY B 402 24.08 -51.97 -14.05
C GLY B 402 24.80 -50.82 -13.37
N ASP B 403 26.07 -51.02 -13.02
CA ASP B 403 26.88 -49.96 -12.47
C ASP B 403 26.85 -48.72 -13.35
N LEU B 404 26.96 -48.91 -14.67
CA LEU B 404 26.89 -47.77 -15.57
C LEU B 404 25.59 -47.01 -15.41
N MET B 405 24.46 -47.72 -15.31
CA MET B 405 23.22 -47.04 -15.03
C MET B 405 23.29 -46.34 -13.68
N ARG B 406 23.84 -47.02 -12.67
CA ARG B 406 24.08 -46.36 -11.39
C ARG B 406 25.03 -45.19 -11.56
N ALA B 407 25.97 -45.31 -12.50
CA ALA B 407 26.83 -44.18 -12.84
C ALA B 407 26.03 -43.06 -13.48
N ALA B 408 25.08 -43.41 -14.35
CA ALA B 408 24.34 -42.40 -15.09
C ALA B 408 23.50 -41.53 -14.15
N ILE B 409 22.84 -42.17 -13.19
CA ILE B 409 22.00 -41.43 -12.24
C ILE B 409 22.79 -40.76 -11.15
N ALA B 410 24.08 -41.04 -11.05
CA ALA B 410 24.91 -40.49 -9.98
C ALA B 410 25.06 -38.99 -10.21
N SER B 411 24.25 -38.21 -9.51
CA SER B 411 24.26 -36.76 -9.59
C SER B 411 24.20 -36.23 -8.16
N PRO B 412 24.60 -34.98 -7.95
CA PRO B 412 24.61 -34.44 -6.58
C PRO B 412 23.31 -34.61 -5.81
N GLY B 413 22.19 -34.18 -6.38
CA GLY B 413 20.92 -34.33 -5.69
C GLY B 413 20.49 -35.78 -5.56
N ASN B 414 20.76 -36.59 -6.59
CA ASN B 414 20.22 -37.94 -6.64
C ASN B 414 20.77 -38.84 -5.54
N ASP B 415 21.89 -38.47 -4.91
CA ASP B 415 22.39 -39.26 -3.79
C ASP B 415 21.49 -39.17 -2.57
N PHE B 416 20.55 -38.22 -2.56
CA PHE B 416 19.55 -38.13 -1.49
C PHE B 416 18.25 -38.84 -1.83
N ARG B 417 18.16 -39.49 -2.99
CA ARG B 417 16.95 -40.18 -3.40
C ARG B 417 17.09 -41.69 -3.40
N LEU B 418 18.28 -42.21 -3.69
CA LEU B 418 18.48 -43.66 -3.70
C LEU B 418 18.45 -44.22 -2.30
N GLY B 419 17.74 -45.33 -2.11
CA GLY B 419 17.62 -45.98 -0.82
C GLY B 419 16.46 -45.52 0.02
N ALA B 420 15.74 -44.48 -0.39
CA ALA B 420 14.61 -43.98 0.38
C ALA B 420 13.36 -44.79 0.04
N MET B 421 12.21 -44.39 0.60
CA MET B 421 10.96 -45.09 0.32
C MET B 421 10.41 -44.73 -1.05
N GLU B 422 10.55 -43.48 -1.48
CA GLU B 422 9.99 -43.06 -2.76
C GLU B 422 10.73 -43.69 -3.93
N ALA B 423 12.05 -43.72 -3.88
CA ALA B 423 12.83 -44.22 -4.99
C ALA B 423 13.43 -45.59 -4.67
N PRO B 424 13.68 -46.42 -5.68
CA PRO B 424 14.26 -47.73 -5.41
C PRO B 424 15.66 -47.59 -4.84
N PRO B 425 16.10 -48.57 -4.05
CA PRO B 425 17.46 -48.51 -3.49
C PRO B 425 18.55 -48.62 -4.55
N ALA B 426 19.80 -48.58 -4.12
CA ALA B 426 20.96 -48.55 -5.03
C ALA B 426 21.20 -49.88 -5.74
N VAL B 427 20.32 -50.87 -5.70
CA VAL B 427 20.52 -52.11 -6.44
C VAL B 427 19.95 -51.92 -7.85
N MET B 428 20.83 -51.91 -8.84
CA MET B 428 20.42 -51.84 -10.25
C MET B 428 20.02 -53.23 -10.73
N SER B 429 18.82 -53.64 -10.35
CA SER B 429 18.25 -54.91 -10.77
C SER B 429 16.97 -54.66 -11.56
N THR B 430 16.90 -55.23 -12.75
CA THR B 430 15.74 -55.03 -13.60
C THR B 430 14.54 -55.82 -13.07
N TYR B 431 13.36 -55.44 -13.53
CA TYR B 431 12.11 -56.10 -13.16
C TYR B 431 11.32 -56.36 -14.43
N LEU B 432 11.27 -57.62 -14.85
CA LEU B 432 10.52 -58.01 -16.03
C LEU B 432 9.07 -58.36 -15.73
N GLY B 433 8.70 -58.45 -14.45
CA GLY B 433 7.38 -58.89 -14.08
C GLY B 433 7.34 -60.39 -13.92
N PRO B 434 6.41 -60.88 -13.09
CA PRO B 434 6.37 -62.33 -12.82
C PRO B 434 6.19 -63.18 -14.06
N SER B 435 5.08 -62.96 -14.78
CA SER B 435 4.76 -63.82 -15.91
C SER B 435 5.86 -63.80 -16.97
N LEU B 436 6.38 -62.61 -17.28
CA LEU B 436 7.52 -62.53 -18.18
C LEU B 436 8.74 -63.22 -17.60
N THR B 437 8.87 -63.20 -16.27
CA THR B 437 10.02 -63.88 -15.64
C THR B 437 9.97 -65.37 -15.88
N GLU B 438 8.82 -66.02 -15.64
CA GLU B 438 8.80 -67.45 -15.92
C GLU B 438 8.78 -67.74 -17.41
N PHE B 439 8.28 -66.81 -18.24
CA PHE B 439 8.38 -67.01 -19.68
C PHE B 439 9.84 -67.07 -20.11
N LEU B 440 10.65 -66.13 -19.64
CA LEU B 440 12.07 -66.14 -19.97
C LEU B 440 12.78 -67.31 -19.33
N ASN B 441 12.35 -67.74 -18.14
CA ASN B 441 12.94 -68.92 -17.52
C ASN B 441 12.66 -70.17 -18.36
N THR B 442 11.43 -70.30 -18.86
CA THR B 442 11.11 -71.43 -19.73
C THR B 442 11.89 -71.37 -21.03
N VAL B 443 12.07 -70.16 -21.58
CA VAL B 443 12.91 -70.02 -22.77
C VAL B 443 14.34 -70.47 -22.47
N LYS B 444 14.87 -70.09 -21.31
CA LYS B 444 16.19 -70.53 -20.89
C LYS B 444 16.25 -72.04 -20.71
N ASN B 445 15.15 -72.66 -20.28
CA ASN B 445 15.11 -74.11 -20.16
C ASN B 445 15.02 -74.80 -21.52
N GLY B 446 14.74 -74.06 -22.59
CA GLY B 446 14.65 -74.65 -23.91
C GLY B 446 13.22 -74.76 -24.41
N SER B 447 12.36 -73.84 -23.98
CA SER B 447 10.95 -73.85 -24.35
C SER B 447 10.51 -72.41 -24.60
N LEU B 448 10.47 -72.03 -25.87
CA LEU B 448 10.08 -70.68 -26.27
C LEU B 448 8.67 -70.71 -26.86
N GLY B 449 7.79 -69.90 -26.31
CA GLY B 449 6.43 -69.79 -26.83
C GLY B 449 6.14 -68.39 -27.33
N GLU B 450 5.21 -67.69 -26.68
CA GLU B 450 4.88 -66.32 -27.03
C GLU B 450 4.36 -65.63 -25.77
N TYR B 451 5.12 -64.65 -25.29
CA TYR B 451 4.71 -63.92 -24.09
C TYR B 451 3.43 -63.14 -24.38
N ALA B 452 2.47 -63.26 -23.46
CA ALA B 452 1.18 -62.59 -23.61
C ALA B 452 0.59 -62.38 -22.23
N PRO B 453 0.65 -61.17 -21.69
CA PRO B 453 0.04 -60.91 -20.38
C PRO B 453 -1.48 -60.84 -20.46
N LYS B 454 -2.13 -62.00 -20.48
CA LYS B 454 -3.58 -62.04 -20.52
C LYS B 454 -4.18 -61.34 -19.30
N LYS B 455 -5.22 -60.56 -19.54
CA LYS B 455 -5.87 -59.82 -18.46
C LYS B 455 -6.87 -60.71 -17.75
N LYS B 456 -6.70 -60.85 -16.45
CA LYS B 456 -7.55 -61.60 -15.55
C LYS B 456 -8.74 -60.75 -15.09
N PRO B 457 -9.87 -61.38 -14.80
CA PRO B 457 -11.03 -60.62 -14.31
C PRO B 457 -10.79 -60.09 -12.92
N LEU B 458 -11.48 -59.00 -12.61
CA LEU B 458 -11.41 -58.36 -11.29
C LEU B 458 -12.82 -57.84 -10.97
N GLU B 459 -13.46 -58.48 -10.00
CA GLU B 459 -14.79 -58.09 -9.56
C GLU B 459 -14.71 -57.57 -8.13
N PHE B 460 -15.57 -56.62 -7.80
CA PHE B 460 -15.54 -55.94 -6.51
C PHE B 460 -16.56 -56.51 -5.53
N GLY B 461 -17.20 -57.62 -5.88
CA GLY B 461 -18.22 -58.20 -5.03
C GLY B 461 -19.57 -57.50 -5.11
N SER B 462 -19.71 -56.51 -5.97
CA SER B 462 -20.96 -55.77 -6.13
C SER B 462 -21.37 -55.79 -7.58
N ASP B 463 -22.64 -56.13 -7.84
CA ASP B 463 -23.15 -56.12 -9.21
C ASP B 463 -23.17 -54.70 -9.78
N THR B 464 -23.40 -53.69 -8.94
CA THR B 464 -23.40 -52.31 -9.42
C THR B 464 -22.03 -51.92 -9.96
N LEU B 465 -20.97 -52.26 -9.25
CA LEU B 465 -19.62 -51.95 -9.72
C LEU B 465 -19.27 -52.84 -10.91
N PRO B 466 -18.68 -52.30 -11.97
CA PRO B 466 -18.38 -53.12 -13.14
C PRO B 466 -17.28 -54.14 -12.85
N SER B 467 -17.35 -55.25 -13.56
CA SER B 467 -16.29 -56.26 -13.53
C SER B 467 -15.26 -55.90 -14.59
N ILE B 468 -14.03 -55.66 -14.16
CA ILE B 468 -13.01 -55.12 -15.03
C ILE B 468 -12.02 -56.23 -15.40
N GLU B 469 -11.13 -55.93 -16.35
CA GLU B 469 -10.05 -56.82 -16.72
C GLU B 469 -8.73 -56.13 -16.44
N VAL B 470 -7.87 -56.77 -15.67
CA VAL B 470 -6.59 -56.18 -15.30
C VAL B 470 -5.47 -57.13 -15.72
N PRO B 471 -4.35 -56.62 -16.24
CA PRO B 471 -3.26 -57.51 -16.65
C PRO B 471 -2.76 -58.34 -15.47
N ALA B 472 -2.41 -59.59 -15.76
CA ALA B 472 -1.89 -60.48 -14.73
C ALA B 472 -0.59 -59.98 -14.13
N GLU B 473 0.09 -59.07 -14.82
CA GLU B 473 1.34 -58.49 -14.32
C GLU B 473 1.04 -57.61 -13.13
N ASP B 474 1.31 -58.11 -11.93
CA ASP B 474 1.23 -57.29 -10.72
C ASP B 474 2.40 -56.32 -10.77
N ARG B 475 2.13 -55.08 -11.20
CA ARG B 475 3.20 -54.13 -11.45
C ARG B 475 3.93 -53.77 -10.16
N ASN B 476 5.21 -53.45 -10.31
CA ASN B 476 6.08 -53.14 -9.18
C ASN B 476 6.60 -51.72 -9.31
N ARG B 477 6.73 -51.04 -8.17
CA ARG B 477 7.28 -49.70 -8.13
C ARG B 477 8.59 -49.61 -7.36
N THR B 478 9.10 -50.74 -6.85
CA THR B 478 10.32 -50.75 -6.06
C THR B 478 11.56 -51.07 -6.88
N SER B 479 11.43 -51.22 -8.19
CA SER B 479 12.57 -51.58 -9.01
C SER B 479 13.14 -50.36 -9.71
N PRO B 480 14.46 -50.31 -9.90
CA PRO B 480 15.06 -49.19 -10.64
C PRO B 480 14.83 -49.28 -12.13
N PHE B 481 14.71 -50.51 -12.64
CA PHE B 481 14.53 -50.76 -14.07
C PHE B 481 13.37 -51.73 -14.27
N PRO B 482 12.15 -51.32 -13.95
CA PRO B 482 11.00 -52.19 -14.19
C PRO B 482 10.53 -52.12 -15.63
N TYR B 483 9.99 -53.24 -16.10
CA TYR B 483 9.40 -53.31 -17.44
C TYR B 483 7.92 -52.98 -17.31
N GLY B 484 7.57 -51.72 -17.55
CA GLY B 484 6.20 -51.27 -17.38
C GLY B 484 5.27 -51.72 -18.48
N GLY B 485 5.18 -53.02 -18.70
CA GLY B 485 4.26 -53.56 -19.71
C GLY B 485 4.70 -53.41 -21.15
N ASN B 486 5.08 -52.19 -21.55
CA ASN B 486 5.49 -51.95 -22.92
C ASN B 486 6.70 -51.01 -23.01
N ARG B 487 7.47 -50.91 -21.94
CA ARG B 487 8.58 -49.95 -21.85
C ARG B 487 9.34 -50.26 -20.56
N PHE B 488 10.55 -49.69 -20.47
CA PHE B 488 11.35 -49.78 -19.26
C PHE B 488 11.27 -48.45 -18.53
N GLU B 489 10.50 -48.41 -17.44
CA GLU B 489 10.32 -47.17 -16.70
C GLU B 489 11.47 -47.05 -15.70
N PHE B 490 12.64 -46.69 -16.21
CA PHE B 490 13.83 -46.53 -15.39
C PHE B 490 13.62 -45.34 -14.48
N ARG B 491 13.24 -45.62 -13.23
CA ARG B 491 12.85 -44.57 -12.29
C ARG B 491 14.01 -43.99 -11.50
N ALA B 492 15.21 -44.52 -11.68
CA ALA B 492 16.35 -44.04 -10.90
C ALA B 492 16.85 -42.69 -11.37
N ALA B 493 16.49 -42.26 -12.59
CA ALA B 493 16.97 -40.99 -13.10
C ALA B 493 16.42 -39.83 -12.27
N GLY B 494 17.25 -38.81 -12.08
CA GLY B 494 16.90 -37.67 -11.26
C GLY B 494 16.38 -36.49 -12.04
N SER B 495 15.62 -35.64 -11.36
CA SER B 495 14.99 -34.49 -12.02
C SER B 495 16.03 -33.48 -12.48
N SER B 496 16.92 -33.06 -11.59
CA SER B 496 17.91 -32.05 -11.96
C SER B 496 18.87 -32.58 -13.02
N GLN B 497 19.32 -33.82 -12.86
CA GLN B 497 20.23 -34.42 -13.83
C GLN B 497 19.52 -34.63 -15.15
N ASN B 498 20.14 -34.16 -16.24
CA ASN B 498 19.61 -34.44 -17.56
C ASN B 498 19.81 -35.91 -17.93
N VAL B 499 18.78 -36.51 -18.52
CA VAL B 499 18.76 -37.95 -18.77
C VAL B 499 19.64 -38.29 -19.95
N SER B 500 20.27 -37.28 -20.55
CA SER B 500 21.12 -37.51 -21.71
C SER B 500 22.14 -38.59 -21.44
N LEU B 501 22.83 -38.52 -20.29
CA LEU B 501 23.79 -39.55 -19.94
C LEU B 501 23.11 -40.90 -19.75
N VAL B 502 21.92 -40.89 -19.14
CA VAL B 502 21.18 -42.13 -18.93
C VAL B 502 20.85 -42.78 -20.26
N ASN B 503 20.39 -41.98 -21.22
CA ASN B 503 20.10 -42.53 -22.53
C ASN B 503 21.37 -42.98 -23.25
N THR B 504 22.48 -42.28 -23.06
CA THR B 504 23.73 -42.73 -23.66
C THR B 504 24.09 -44.13 -23.17
N VAL B 505 24.06 -44.33 -21.85
CA VAL B 505 24.47 -45.62 -21.31
C VAL B 505 23.48 -46.70 -21.69
N LEU B 506 22.18 -46.40 -21.64
CA LEU B 506 21.19 -47.39 -22.02
C LEU B 506 21.34 -47.78 -23.49
N ASN B 507 21.52 -46.80 -24.36
CA ASN B 507 21.67 -47.10 -25.78
C ASN B 507 22.94 -47.88 -26.06
N THR B 508 24.04 -47.55 -25.38
CA THR B 508 25.28 -48.25 -25.67
C THR B 508 25.25 -49.68 -25.14
N ILE B 509 24.62 -49.92 -23.98
CA ILE B 509 24.54 -51.28 -23.49
C ILE B 509 23.58 -52.10 -24.35
N ALA B 510 22.48 -51.50 -24.79
CA ALA B 510 21.59 -52.19 -25.72
C ALA B 510 22.31 -52.49 -27.03
N ALA B 511 23.11 -51.56 -27.52
CA ALA B 511 23.86 -51.78 -28.74
C ALA B 511 24.89 -52.89 -28.58
N GLU B 512 25.54 -52.95 -27.41
CA GLU B 512 26.48 -54.04 -27.16
C GLU B 512 25.79 -55.39 -27.16
N ALA B 513 24.64 -55.47 -26.49
CA ALA B 513 23.91 -56.74 -26.46
C ALA B 513 23.43 -57.13 -27.85
N PHE B 514 22.92 -56.16 -28.60
CA PHE B 514 22.47 -56.45 -29.97
C PHE B 514 23.64 -56.84 -30.87
N LYS B 515 24.81 -56.21 -30.69
CA LYS B 515 25.97 -56.60 -31.47
C LYS B 515 26.40 -58.02 -31.14
N ILE B 516 26.35 -58.39 -29.86
CA ILE B 516 26.72 -59.75 -29.47
C ILE B 516 25.76 -60.76 -30.10
N VAL B 517 24.46 -60.50 -30.01
CA VAL B 517 23.49 -61.45 -30.56
C VAL B 517 23.60 -61.48 -32.08
N ALA B 518 23.88 -60.34 -32.72
CA ALA B 518 24.03 -60.30 -34.16
C ALA B 518 25.26 -61.08 -34.61
N ASP B 519 26.37 -60.94 -33.87
CA ASP B 519 27.57 -61.70 -34.18
C ASP B 519 27.33 -63.19 -34.01
N ARG B 520 26.60 -63.57 -32.96
CA ARG B 520 26.27 -64.98 -32.78
C ARG B 520 25.38 -65.50 -33.91
N LEU B 521 24.43 -64.68 -34.37
CA LEU B 521 23.59 -65.07 -35.50
C LEU B 521 24.42 -65.22 -36.76
N GLU B 522 25.33 -64.29 -37.02
CA GLU B 522 26.17 -64.35 -38.22
C GLU B 522 27.12 -65.54 -38.17
N ALA B 523 27.50 -65.98 -36.97
CA ALA B 523 28.30 -67.18 -36.83
C ALA B 523 27.53 -68.45 -37.15
N GLY B 524 26.20 -68.36 -37.31
CA GLY B 524 25.38 -69.52 -37.58
C GLY B 524 24.63 -70.05 -36.38
N GLU B 525 24.84 -69.50 -35.20
CA GLU B 525 24.16 -69.98 -34.00
C GLU B 525 22.66 -69.69 -34.10
N LYS B 526 21.86 -70.66 -33.65
CA LYS B 526 20.43 -70.46 -33.62
C LYS B 526 20.07 -69.36 -32.63
N PRO B 527 19.08 -68.52 -32.95
CA PRO B 527 18.65 -67.51 -31.97
C PRO B 527 18.23 -68.13 -30.65
N LEU B 528 17.62 -69.32 -30.69
CA LEU B 528 17.21 -69.98 -29.46
C LEU B 528 18.41 -70.20 -28.54
N ALA B 529 19.49 -70.80 -29.07
CA ALA B 529 20.64 -71.12 -28.24
C ALA B 529 21.25 -69.87 -27.63
N ILE B 530 21.29 -68.78 -28.41
CA ILE B 530 21.72 -67.50 -27.86
C ILE B 530 20.82 -67.10 -26.70
N ALA B 531 19.51 -67.33 -26.84
CA ALA B 531 18.58 -66.98 -25.78
C ALA B 531 18.89 -67.76 -24.50
N GLN B 532 19.03 -69.09 -24.59
CA GLN B 532 19.32 -69.85 -23.38
C GLN B 532 20.66 -69.44 -22.78
N ASP B 533 21.69 -69.27 -23.62
CA ASP B 533 23.00 -68.94 -23.09
C ASP B 533 22.97 -67.60 -22.37
N LEU B 534 22.40 -66.58 -23.00
CA LEU B 534 22.36 -65.26 -22.39
C LEU B 534 21.51 -65.27 -21.13
N LEU B 535 20.39 -66.00 -21.14
CA LEU B 535 19.52 -66.04 -19.97
C LEU B 535 20.20 -66.73 -18.80
N LYS B 536 20.82 -67.90 -19.04
CA LYS B 536 21.52 -68.55 -17.94
C LYS B 536 22.74 -67.75 -17.48
N THR B 537 23.29 -66.90 -18.34
CA THR B 537 24.39 -66.06 -17.92
C THR B 537 23.92 -64.88 -17.05
N HIS B 538 22.77 -64.29 -17.39
CA HIS B 538 22.41 -63.01 -16.80
C HIS B 538 21.05 -62.99 -16.12
N ASP B 539 20.51 -64.15 -15.72
CA ASP B 539 19.24 -64.17 -15.02
C ASP B 539 19.33 -63.70 -13.58
N LYS B 540 20.53 -63.54 -13.03
CA LYS B 540 20.67 -63.13 -11.64
C LYS B 540 20.11 -61.74 -11.41
N CYS B 541 20.32 -60.83 -12.37
CA CYS B 541 19.89 -59.44 -12.20
C CYS B 541 18.37 -59.29 -12.19
N ILE B 542 17.64 -60.30 -12.66
CA ILE B 542 16.18 -60.22 -12.69
C ILE B 542 15.64 -60.32 -11.28
N PHE B 543 14.78 -59.38 -10.90
CA PHE B 543 14.18 -59.35 -9.57
C PHE B 543 12.72 -58.96 -9.69
N ASN B 544 11.86 -59.64 -8.93
CA ASN B 544 10.43 -59.40 -8.97
C ASN B 544 9.83 -59.05 -7.62
N GLY B 545 10.53 -59.29 -6.51
CA GLY B 545 10.00 -59.05 -5.19
C GLY B 545 10.05 -57.59 -4.81
N ASN B 546 9.78 -57.35 -3.52
CA ASN B 546 9.78 -55.99 -3.00
C ASN B 546 11.21 -55.49 -2.89
N GLY B 547 11.54 -54.47 -3.70
CA GLY B 547 12.88 -53.91 -3.68
C GLY B 547 13.15 -53.03 -2.47
N TYR B 548 12.11 -52.57 -1.78
CA TYR B 548 12.29 -51.73 -0.61
C TYR B 548 12.61 -52.54 0.64
N ASP B 549 12.68 -53.86 0.54
CA ASP B 549 13.03 -54.69 1.68
C ASP B 549 14.47 -54.39 2.11
N PRO B 550 14.72 -54.11 3.39
CA PRO B 550 16.10 -53.91 3.84
C PRO B 550 16.97 -55.13 3.62
N ALA B 551 16.38 -56.32 3.50
CA ALA B 551 17.13 -57.53 3.23
C ALA B 551 17.34 -57.77 1.75
N TRP B 552 16.95 -56.83 0.89
CA TRP B 552 17.17 -56.99 -0.55
C TRP B 552 18.60 -56.66 -0.98
N PRO B 553 19.26 -55.59 -0.51
CA PRO B 553 20.60 -55.29 -1.04
C PRO B 553 21.61 -56.41 -0.87
N ASP B 554 21.66 -57.04 0.31
CA ASP B 554 22.63 -58.11 0.51
C ASP B 554 22.25 -59.36 -0.29
N GLU B 555 20.95 -59.61 -0.44
CA GLU B 555 20.52 -60.72 -1.29
C GLU B 555 20.97 -60.51 -2.74
N ALA B 556 20.83 -59.28 -3.24
CA ALA B 556 21.29 -58.97 -4.59
C ALA B 556 22.80 -59.08 -4.68
N VAL B 557 23.52 -58.65 -3.65
CA VAL B 557 24.98 -58.74 -3.64
C VAL B 557 25.40 -60.20 -3.74
N LYS B 558 24.77 -61.08 -2.97
CA LYS B 558 25.05 -62.51 -3.08
C LYS B 558 24.67 -63.03 -4.47
N ARG B 559 23.56 -62.54 -5.02
CA ARG B 559 23.17 -62.91 -6.38
C ARG B 559 24.20 -62.44 -7.40
N GLY B 560 24.91 -61.36 -7.11
CA GLY B 560 25.86 -60.79 -8.04
C GLY B 560 25.37 -59.61 -8.83
N ILE B 561 24.19 -59.07 -8.50
CA ILE B 561 23.66 -57.92 -9.21
C ILE B 561 24.47 -56.67 -8.86
N TRP B 562 24.60 -55.77 -9.83
CA TRP B 562 25.29 -54.52 -9.59
C TRP B 562 24.58 -53.69 -8.52
N ARG B 563 25.35 -53.16 -7.58
CA ARG B 563 24.80 -52.32 -6.53
C ARG B 563 25.91 -51.41 -6.02
N ILE B 564 25.79 -50.12 -6.27
CA ILE B 564 26.74 -49.12 -5.80
C ILE B 564 25.97 -48.12 -4.95
N ASP B 565 26.13 -48.23 -3.63
CA ASP B 565 25.47 -47.28 -2.73
C ASP B 565 26.06 -45.89 -2.83
N ALA B 566 27.25 -45.75 -3.40
CA ALA B 566 27.95 -44.47 -3.47
C ALA B 566 27.89 -43.92 -4.88
N GLY B 567 27.41 -42.70 -5.01
CA GLY B 567 27.43 -42.03 -6.31
C GLY B 567 28.85 -41.77 -6.78
N CYS B 568 29.74 -41.46 -5.85
CA CYS B 568 31.15 -41.24 -6.19
C CYS B 568 31.75 -42.51 -6.80
N ASP B 569 31.56 -43.64 -6.14
CA ASP B 569 32.05 -44.90 -6.69
C ASP B 569 31.33 -45.27 -7.98
N ALA B 570 30.04 -44.93 -8.08
CA ALA B 570 29.31 -45.17 -9.32
C ALA B 570 29.96 -44.43 -10.49
N ILE B 571 30.28 -43.15 -10.29
CA ILE B 571 30.93 -42.38 -11.34
C ILE B 571 32.33 -42.93 -11.62
N ASN B 572 33.07 -43.27 -10.57
CA ASN B 572 34.41 -43.83 -10.75
C ASN B 572 34.37 -45.13 -11.52
N GLU B 573 33.26 -45.86 -11.48
CA GLU B 573 33.13 -47.07 -12.27
C GLU B 573 33.06 -46.79 -13.77
N LEU B 574 32.90 -45.53 -14.17
CA LEU B 574 32.76 -45.22 -15.60
C LEU B 574 34.02 -45.59 -16.38
N ASP B 575 35.19 -45.32 -15.83
CA ASP B 575 36.44 -45.57 -16.53
C ASP B 575 36.97 -46.99 -16.29
N SER B 576 36.10 -47.91 -15.86
CA SER B 576 36.52 -49.29 -15.66
C SER B 576 36.87 -49.92 -17.01
N ALA B 577 37.67 -50.99 -16.94
CA ALA B 577 38.15 -51.62 -18.17
C ALA B 577 37.00 -52.12 -19.03
N LYS B 578 36.02 -52.78 -18.41
CA LYS B 578 34.86 -53.25 -19.17
C LYS B 578 34.08 -52.09 -19.75
N ASN B 579 33.86 -51.04 -18.95
CA ASN B 579 33.09 -49.89 -19.43
C ASN B 579 33.84 -49.16 -20.55
N VAL B 580 35.16 -49.00 -20.41
CA VAL B 580 35.93 -48.35 -21.46
C VAL B 580 35.91 -49.16 -22.74
N THR B 581 36.11 -50.48 -22.63
CA THR B 581 36.05 -51.33 -23.81
C THR B 581 34.68 -51.27 -24.46
N LEU B 582 33.63 -51.16 -23.65
CA LEU B 582 32.30 -50.91 -24.19
C LEU B 582 32.25 -49.59 -24.97
N PHE B 583 32.82 -48.53 -24.40
CA PHE B 583 32.66 -47.21 -24.99
C PHE B 583 33.40 -47.09 -26.31
N GLU B 584 34.62 -47.64 -26.42
CA GLU B 584 35.24 -47.66 -27.74
C GLU B 584 34.63 -48.73 -28.65
N GLY B 585 34.09 -49.80 -28.07
CA GLY B 585 33.47 -50.83 -28.89
C GLY B 585 32.26 -50.31 -29.64
N MET B 586 31.42 -49.53 -28.97
CA MET B 586 30.27 -48.91 -29.60
C MET B 586 30.59 -47.55 -30.19
N GLY B 587 31.81 -47.05 -30.01
CA GLY B 587 32.19 -45.77 -30.54
C GLY B 587 31.65 -44.58 -29.79
N ILE B 588 31.13 -44.80 -28.57
CA ILE B 588 30.53 -43.71 -27.83
C ILE B 588 31.58 -42.73 -27.34
N PHE B 589 32.69 -43.24 -26.82
CA PHE B 589 33.76 -42.41 -26.30
C PHE B 589 35.11 -43.05 -26.60
N THR B 590 36.15 -42.22 -26.59
CA THR B 590 37.50 -42.71 -26.52
C THR B 590 37.95 -42.74 -25.05
N ALA B 591 39.14 -43.29 -24.82
CA ALA B 591 39.67 -43.33 -23.47
C ALA B 591 39.83 -41.92 -22.90
N ARG B 592 40.35 -41.00 -23.71
CA ARG B 592 40.41 -39.60 -23.29
C ARG B 592 39.02 -39.03 -23.09
N GLU B 593 38.08 -39.37 -23.98
CA GLU B 593 36.72 -38.85 -23.86
C GLU B 593 36.06 -39.32 -22.58
N ILE B 594 36.12 -40.62 -22.30
CA ILE B 594 35.47 -41.15 -21.10
C ILE B 594 36.18 -40.66 -19.86
N GLN B 595 37.51 -40.53 -19.91
CA GLN B 595 38.24 -40.01 -18.76
C GLN B 595 37.82 -38.58 -18.47
N ALA B 596 37.69 -37.75 -19.51
CA ALA B 596 37.23 -36.38 -19.32
C ALA B 596 35.81 -36.34 -18.79
N ARG B 597 34.95 -37.23 -19.28
CA ARG B 597 33.57 -37.28 -18.81
C ARG B 597 33.51 -37.63 -17.33
N LYS B 598 34.27 -38.64 -16.93
CA LYS B 598 34.32 -39.02 -15.52
C LYS B 598 34.90 -37.90 -14.67
N SER B 599 35.94 -37.25 -15.16
CA SER B 599 36.54 -36.13 -14.44
C SER B 599 35.54 -35.01 -14.24
N VAL B 600 34.79 -34.68 -15.30
CA VAL B 600 33.80 -33.61 -15.20
C VAL B 600 32.69 -33.99 -14.23
N LEU B 601 32.21 -35.24 -14.30
CA LEU B 601 31.14 -35.65 -13.39
C LEU B 601 31.60 -35.62 -11.94
N LEU B 602 32.80 -36.13 -11.66
CA LEU B 602 33.31 -36.11 -10.31
C LEU B 602 33.51 -34.68 -9.83
N GLY B 603 34.04 -33.81 -10.69
CA GLY B 603 34.22 -32.42 -10.31
C GLY B 603 32.90 -31.72 -10.06
N HIS B 604 31.89 -32.02 -10.88
CA HIS B 604 30.56 -31.45 -10.67
C HIS B 604 30.00 -31.88 -9.32
N TYR B 605 30.10 -33.18 -9.02
CA TYR B 605 29.57 -33.67 -7.75
C TYR B 605 30.30 -33.04 -6.57
N VAL B 606 31.64 -33.00 -6.64
CA VAL B 606 32.40 -32.48 -5.51
C VAL B 606 32.18 -30.97 -5.36
N GLY B 607 32.02 -30.27 -6.48
CA GLY B 607 31.73 -28.85 -6.40
C GLY B 607 30.36 -28.55 -5.84
N SER B 608 29.36 -29.36 -6.22
CA SER B 608 28.03 -29.20 -5.64
C SER B 608 28.06 -29.47 -4.14
N VAL B 609 28.76 -30.52 -3.72
CA VAL B 609 28.88 -30.80 -2.29
C VAL B 609 29.63 -29.67 -1.60
N GLU B 610 30.66 -29.13 -2.24
CA GLU B 610 31.43 -28.03 -1.67
C GLU B 610 30.59 -26.79 -1.49
N MET B 611 29.76 -26.46 -2.48
CA MET B 611 28.90 -25.30 -2.33
C MET B 611 27.78 -25.54 -1.33
N GLU B 612 27.30 -26.78 -1.21
CA GLU B 612 26.38 -27.08 -0.11
C GLU B 612 27.05 -26.86 1.23
N ALA B 613 28.32 -27.28 1.35
CA ALA B 613 29.07 -27.09 2.59
C ALA B 613 29.27 -25.60 2.88
N LEU B 614 29.66 -24.83 1.88
CA LEU B 614 29.87 -23.40 2.07
C LEU B 614 28.57 -22.69 2.41
N THR B 615 27.48 -23.09 1.75
CA THR B 615 26.18 -22.52 2.08
C THR B 615 25.80 -22.86 3.51
N MET B 616 26.09 -24.09 3.95
CA MET B 616 25.87 -24.45 5.34
C MET B 616 26.68 -23.56 6.27
N ILE B 617 27.94 -23.32 5.93
CA ILE B 617 28.77 -22.41 6.72
C ILE B 617 28.08 -21.06 6.84
N ASP B 618 27.57 -20.56 5.72
CA ASP B 618 26.88 -19.28 5.72
C ASP B 618 25.61 -19.32 6.55
N MET B 619 24.89 -20.44 6.53
CA MET B 619 23.64 -20.52 7.29
C MET B 619 23.89 -20.51 8.79
N ILE B 620 24.81 -21.35 9.26
CA ILE B 620 25.12 -21.31 10.70
C ILE B 620 25.73 -19.97 11.10
N ASN B 621 26.70 -19.47 10.34
CA ASN B 621 27.36 -18.24 10.77
C ASN B 621 26.42 -17.04 10.68
N GLN B 622 25.51 -17.05 9.72
CA GLN B 622 24.65 -15.91 9.42
C GLN B 622 23.25 -16.02 10.00
N HIS B 623 22.70 -17.23 10.06
CA HIS B 623 21.32 -17.40 10.51
C HIS B 623 21.23 -18.22 11.79
N VAL B 624 21.77 -19.43 11.81
CA VAL B 624 21.52 -20.34 12.92
C VAL B 624 22.14 -19.83 14.21
N ILE B 625 23.42 -19.44 14.16
CA ILE B 625 24.05 -18.90 15.37
C ILE B 625 23.40 -17.59 15.83
N PRO B 626 23.14 -16.61 14.95
CA PRO B 626 22.43 -15.42 15.43
C PRO B 626 21.05 -15.72 15.97
N SER B 627 20.31 -16.65 15.35
CA SER B 627 18.99 -17.00 15.87
C SER B 627 19.10 -17.64 17.24
N VAL B 628 20.07 -18.52 17.44
CA VAL B 628 20.26 -19.16 18.73
C VAL B 628 20.63 -18.11 19.78
N LYS B 629 21.53 -17.19 19.42
CA LYS B 629 21.94 -16.16 20.37
C LYS B 629 20.78 -15.25 20.73
N LYS B 630 19.96 -14.87 19.75
CA LYS B 630 18.83 -13.99 20.01
C LYS B 630 17.76 -14.67 20.85
N ALA B 631 17.40 -15.90 20.48
CA ALA B 631 16.37 -16.63 21.21
C ALA B 631 16.90 -17.30 22.47
N ASP B 632 18.22 -17.28 22.70
CA ASP B 632 18.85 -17.87 23.87
C ASP B 632 18.48 -19.35 24.00
N LEU B 633 18.80 -20.11 22.95
CA LEU B 633 18.54 -21.54 22.91
C LEU B 633 19.73 -22.37 23.38
N GLY B 634 20.54 -21.82 24.27
CA GLY B 634 21.71 -22.52 24.76
C GLY B 634 22.98 -22.08 24.06
N ASN B 635 24.06 -22.77 24.40
CA ASN B 635 25.37 -22.45 23.85
C ASN B 635 25.44 -22.86 22.39
N PRO B 636 25.71 -21.93 21.46
CA PRO B 636 25.91 -22.29 20.07
C PRO B 636 27.32 -22.77 19.75
N SER B 637 28.14 -23.05 20.76
CA SER B 637 29.52 -23.48 20.52
C SER B 637 29.55 -24.77 19.72
N LYS B 638 28.52 -25.60 19.86
CA LYS B 638 28.42 -26.81 19.05
C LYS B 638 28.35 -26.46 17.57
N LEU B 639 27.59 -25.42 17.23
CA LEU B 639 27.51 -25.00 15.84
C LEU B 639 28.83 -24.41 15.35
N VAL B 640 29.55 -23.72 16.23
CA VAL B 640 30.87 -23.21 15.86
C VAL B 640 31.81 -24.36 15.55
N ASP B 641 31.78 -25.40 16.39
CA ASP B 641 32.58 -26.59 16.14
C ASP B 641 32.17 -27.26 14.83
N ALA B 642 30.86 -27.25 14.54
CA ALA B 642 30.38 -27.80 13.28
C ALA B 642 30.92 -27.02 12.10
N VAL B 643 30.98 -25.69 12.21
CA VAL B 643 31.54 -24.86 11.15
C VAL B 643 33.02 -25.18 10.97
N LYS B 644 33.74 -25.34 12.07
CA LYS B 644 35.14 -25.71 11.98
C LYS B 644 35.30 -27.05 11.27
N THR B 645 34.45 -28.01 11.62
CA THR B 645 34.54 -29.34 11.02
C THR B 645 34.25 -29.30 9.53
N ILE B 646 33.21 -28.56 9.14
CA ILE B 646 32.84 -28.51 7.72
C ILE B 646 33.90 -27.76 6.92
N LYS B 647 34.47 -26.70 7.50
CA LYS B 647 35.55 -25.99 6.83
C LYS B 647 36.77 -26.88 6.65
N GLY B 648 37.11 -27.65 7.68
CA GLY B 648 38.21 -28.60 7.55
C GLY B 648 37.93 -29.65 6.50
N ALA B 649 36.68 -30.12 6.43
CA ALA B 649 36.32 -31.11 5.42
C ALA B 649 36.49 -30.55 4.02
N VAL B 650 36.06 -29.31 3.80
CA VAL B 650 36.30 -28.66 2.51
C VAL B 650 37.80 -28.52 2.26
N ALA B 651 38.57 -28.28 3.34
CA ALA B 651 40.01 -28.18 3.19
C ALA B 651 40.62 -29.48 2.67
N GLN B 652 40.21 -30.62 3.24
CA GLN B 652 40.71 -31.89 2.72
C GLN B 652 40.21 -32.13 1.31
N ILE B 653 38.97 -31.70 1.02
CA ILE B 653 38.43 -31.88 -0.32
C ILE B 653 39.29 -31.15 -1.34
N HIS B 654 39.67 -29.91 -1.05
CA HIS B 654 40.53 -29.15 -1.93
C HIS B 654 42.00 -29.54 -1.84
N GLY B 655 42.38 -30.31 -0.83
CA GLY B 655 43.75 -30.71 -0.66
C GLY B 655 44.14 -32.02 -1.28
N THR B 656 43.16 -32.80 -1.75
CA THR B 656 43.41 -34.07 -2.39
C THR B 656 43.34 -33.92 -3.90
N GLU B 657 44.16 -34.70 -4.60
CA GLU B 657 44.26 -34.62 -6.05
C GLU B 657 43.45 -35.67 -6.78
N ASP B 658 43.34 -36.87 -6.24
CA ASP B 658 42.56 -37.91 -6.89
C ASP B 658 41.09 -37.51 -6.93
N GLU B 659 40.54 -37.45 -8.14
CA GLU B 659 39.15 -37.00 -8.29
C GLU B 659 38.18 -37.94 -7.59
N HIS B 660 38.40 -39.25 -7.72
CA HIS B 660 37.54 -40.19 -7.01
C HIS B 660 37.69 -40.05 -5.50
N LYS B 661 38.91 -39.84 -5.02
CA LYS B 661 39.11 -39.63 -3.59
C LYS B 661 38.39 -38.38 -3.12
N ALA B 662 38.47 -37.30 -3.89
CA ALA B 662 37.78 -36.07 -3.54
C ALA B 662 36.27 -36.29 -3.51
N ALA B 663 35.75 -37.01 -4.50
CA ALA B 663 34.32 -37.29 -4.54
C ALA B 663 33.88 -38.15 -3.37
N THR B 664 34.70 -39.14 -3.00
CA THR B 664 34.37 -39.99 -1.86
C THR B 664 34.35 -39.20 -0.57
N LEU B 665 35.35 -38.32 -0.37
CA LEU B 665 35.35 -37.47 0.81
C LEU B 665 34.14 -36.54 0.80
N ALA B 666 33.79 -35.99 -0.36
CA ALA B 666 32.63 -35.11 -0.44
C ALA B 666 31.35 -35.85 -0.10
N ARG B 667 31.17 -37.06 -0.63
CA ARG B 667 29.96 -37.83 -0.35
C ARG B 667 29.89 -38.22 1.12
N THR B 668 31.02 -38.65 1.70
CA THR B 668 31.03 -38.97 3.13
C THR B 668 30.67 -37.74 3.95
N LEU B 669 31.24 -36.59 3.60
CA LEU B 669 30.89 -35.35 4.29
C LEU B 669 29.41 -35.09 4.22
N ARG B 670 28.85 -35.11 3.00
CA ARG B 670 27.44 -34.78 2.79
C ARG B 670 26.53 -35.73 3.55
N LEU B 671 26.82 -37.03 3.50
CA LEU B 671 25.92 -38.01 4.09
C LEU B 671 26.09 -38.17 5.59
N THR B 672 27.23 -37.79 6.15
CA THR B 672 27.43 -37.97 7.59
C THR B 672 27.57 -36.65 8.33
N THR B 673 28.57 -35.83 7.99
CA THR B 673 28.83 -34.66 8.81
C THR B 673 27.78 -33.58 8.58
N MET B 674 27.44 -33.32 7.33
CA MET B 674 26.38 -32.37 7.03
C MET B 674 25.02 -32.87 7.51
N VAL B 675 24.79 -34.18 7.50
CA VAL B 675 23.52 -34.70 8.02
C VAL B 675 23.44 -34.49 9.53
N ALA B 676 24.54 -34.76 10.25
CA ALA B 676 24.54 -34.52 11.68
C ALA B 676 24.36 -33.04 12.00
N ILE B 677 25.04 -32.17 11.24
CA ILE B 677 24.88 -30.73 11.44
C ILE B 677 23.44 -30.32 11.14
N ARG B 678 22.83 -30.94 10.12
CA ARG B 678 21.44 -30.64 9.80
C ARG B 678 20.52 -31.07 10.94
N GLU B 679 20.81 -32.22 11.56
CA GLU B 679 20.02 -32.64 12.71
C GLU B 679 20.15 -31.65 13.86
N ILE B 680 21.37 -31.16 14.10
CA ILE B 680 21.57 -30.18 15.15
C ILE B 680 20.79 -28.90 14.84
N ILE B 681 20.84 -28.46 13.58
CA ILE B 681 20.11 -27.25 13.19
C ILE B 681 18.62 -27.46 13.34
N ASP B 682 18.11 -28.65 13.00
CA ASP B 682 16.69 -28.92 13.17
C ASP B 682 16.29 -28.92 14.63
N GLU B 683 17.15 -29.47 15.49
CA GLU B 683 16.89 -29.42 16.93
C GLU B 683 16.82 -27.97 17.41
N PHE B 684 17.74 -27.13 16.94
CA PHE B 684 17.73 -25.73 17.35
C PHE B 684 16.53 -24.99 16.78
N GLU B 685 16.09 -25.37 15.58
CA GLU B 685 14.93 -24.71 14.98
C GLU B 685 13.64 -25.08 15.68
N SER B 686 13.52 -26.34 16.11
CA SER B 686 12.30 -26.77 16.79
C SER B 686 12.04 -25.94 18.05
N ARG B 687 13.09 -25.47 18.70
CA ARG B 687 12.95 -24.64 19.89
C ARG B 687 13.05 -23.15 19.58
N CYS B 688 13.13 -22.79 18.30
CA CYS B 688 13.29 -21.39 17.92
C CYS B 688 11.97 -20.81 17.46
N PRO B 689 11.61 -19.60 17.89
CA PRO B 689 10.37 -19.00 17.43
C PRO B 689 10.43 -18.72 15.93
N PRO B 690 9.29 -18.71 15.25
CA PRO B 690 9.31 -18.49 13.80
C PRO B 690 9.92 -17.16 13.38
N GLU B 691 9.74 -16.11 14.19
CA GLU B 691 10.32 -14.82 13.82
C GLU B 691 11.84 -14.83 13.95
N ASP B 692 12.37 -15.59 14.91
CA ASP B 692 13.82 -15.65 15.09
C ASP B 692 14.51 -16.48 14.02
N TRP B 693 13.83 -17.51 13.52
CA TRP B 693 14.37 -18.30 12.41
C TRP B 693 14.25 -17.50 11.13
N THR B 694 15.34 -16.83 10.75
CA THR B 694 15.34 -16.06 9.51
C THR B 694 15.13 -16.96 8.30
N LEU B 695 15.76 -18.13 8.31
CA LEU B 695 15.57 -19.08 7.22
C LEU B 695 14.12 -19.55 7.19
N ALA B 696 13.56 -19.60 5.99
CA ALA B 696 12.19 -20.05 5.84
C ALA B 696 12.11 -21.55 6.09
N THR B 697 11.18 -21.95 6.95
CA THR B 697 11.07 -23.34 7.36
C THR B 697 10.22 -24.13 6.38
N TYR B 698 10.33 -25.46 6.47
CA TYR B 698 9.66 -26.34 5.50
C TYR B 698 8.17 -26.07 5.43
N SER B 699 7.56 -25.62 6.53
CA SER B 699 6.13 -25.34 6.48
C SER B 699 5.82 -24.23 5.49
N GLU B 700 6.65 -23.18 5.46
CA GLU B 700 6.42 -22.09 4.53
C GLU B 700 6.71 -22.51 3.09
N LEU B 701 7.76 -23.31 2.88
CA LEU B 701 8.12 -23.70 1.53
C LEU B 701 7.13 -24.68 0.94
N LEU B 702 6.64 -25.62 1.74
CA LEU B 702 5.79 -26.68 1.24
C LEU B 702 4.30 -26.33 1.34
N PHE B 703 3.88 -25.83 2.49
CA PHE B 703 2.47 -25.53 2.75
C PHE B 703 2.26 -24.03 2.62
N PHE B 704 1.74 -23.60 1.48
CA PHE B 704 1.56 -22.18 1.20
C PHE B 704 0.22 -21.93 0.53
N PHE C 38 16.72 2.89 -36.64
CA PHE C 38 15.75 3.72 -37.36
C PHE C 38 16.39 5.04 -37.77
N GLY C 39 17.28 5.55 -36.92
CA GLY C 39 17.91 6.83 -37.16
C GLY C 39 17.10 8.04 -36.75
N SER C 40 15.94 7.83 -36.12
CA SER C 40 15.07 8.95 -35.77
C SER C 40 15.73 9.91 -34.79
N ALA C 41 16.67 9.41 -33.99
CA ALA C 41 17.38 10.24 -33.01
C ALA C 41 18.86 10.31 -33.34
N CYS C 42 19.18 10.34 -34.63
CA CYS C 42 20.58 10.45 -35.07
C CYS C 42 20.59 11.14 -36.42
N PHE C 43 21.01 12.40 -36.45
CA PHE C 43 21.03 13.18 -37.68
C PHE C 43 22.17 12.68 -38.57
N LYS C 44 21.93 11.56 -39.23
CA LYS C 44 22.92 10.96 -40.11
C LYS C 44 22.21 10.14 -41.17
N GLY C 45 22.89 9.97 -42.31
CA GLY C 45 22.37 9.10 -43.36
C GLY C 45 21.06 9.59 -43.92
N ALA C 46 20.10 8.67 -44.04
CA ALA C 46 18.83 8.99 -44.68
C ALA C 46 18.05 10.02 -43.87
N VAL C 47 18.09 9.92 -42.54
CA VAL C 47 17.38 10.89 -41.71
C VAL C 47 17.93 12.29 -41.92
N ALA C 48 19.26 12.42 -41.97
CA ALA C 48 19.86 13.72 -42.26
C ALA C 48 19.49 14.20 -43.65
N ASP C 49 19.50 13.29 -44.63
CA ASP C 49 19.16 13.67 -46.00
C ASP C 49 17.72 14.16 -46.09
N LYS C 50 16.84 13.61 -45.26
CA LYS C 50 15.43 14.00 -45.29
C LYS C 50 15.26 15.51 -45.16
N TYR C 51 16.09 16.15 -44.34
CA TYR C 51 16.02 17.59 -44.15
C TYR C 51 17.10 18.34 -44.91
N LEU C 52 18.18 17.67 -45.33
CA LEU C 52 19.16 18.34 -46.18
C LEU C 52 18.62 18.55 -47.58
N SER C 53 17.72 17.68 -48.04
CA SER C 53 17.08 17.87 -49.34
C SER C 53 16.20 19.10 -49.38
N LYS C 54 15.71 19.55 -48.22
CA LYS C 54 14.91 20.77 -48.17
C LYS C 54 15.72 21.98 -48.63
N TYR C 55 17.04 21.94 -48.45
CA TYR C 55 17.93 22.99 -48.89
C TYR C 55 18.81 22.56 -50.05
N GLY C 56 18.45 21.48 -50.73
CA GLY C 56 19.21 21.01 -51.86
C GLY C 56 20.47 20.22 -51.54
N GLU C 57 20.63 19.79 -50.29
CA GLU C 57 21.80 19.03 -49.88
C GLU C 57 21.43 17.58 -49.63
N SER C 58 22.41 16.80 -49.18
CA SER C 58 22.22 15.39 -48.91
C SER C 58 23.21 14.95 -47.85
N SER C 59 23.04 13.71 -47.38
CA SER C 59 23.92 13.16 -46.34
C SER C 59 25.36 13.04 -46.82
N THR C 60 25.60 13.11 -48.13
CA THR C 60 26.97 13.09 -48.63
C THR C 60 27.76 14.28 -48.11
N LEU C 61 27.11 15.44 -48.01
CA LEU C 61 27.78 16.61 -47.44
C LEU C 61 28.14 16.37 -45.98
N LEU C 62 27.23 15.74 -45.22
CA LEU C 62 27.51 15.49 -43.81
C LEU C 62 28.58 14.43 -43.62
N ALA C 63 28.71 13.49 -44.56
CA ALA C 63 29.61 12.36 -44.38
C ALA C 63 31.07 12.80 -44.33
N ASN C 64 31.51 13.59 -45.32
CA ASN C 64 32.92 13.93 -45.41
C ASN C 64 33.36 14.86 -44.28
N GLY C 65 32.48 15.73 -43.81
CA GLY C 65 32.81 16.68 -42.79
C GLY C 65 33.38 18.00 -43.29
N LYS C 66 33.51 18.17 -44.60
CA LYS C 66 33.99 19.42 -45.16
C LYS C 66 33.00 20.56 -45.00
N TRP C 67 31.76 20.27 -44.60
CA TRP C 67 30.75 21.32 -44.46
C TRP C 67 31.12 22.31 -43.37
N THR C 68 31.83 21.86 -42.34
CA THR C 68 32.22 22.76 -41.26
C THR C 68 33.13 23.87 -41.78
N LYS C 69 34.04 23.52 -42.68
CA LYS C 69 34.91 24.53 -43.29
C LYS C 69 34.09 25.55 -44.08
N ASP C 70 33.07 25.08 -44.80
CA ASP C 70 32.21 25.98 -45.55
C ASP C 70 31.31 26.76 -44.61
N MET C 71 30.83 27.91 -45.10
CA MET C 71 29.97 28.79 -44.32
C MET C 71 28.49 28.58 -44.65
N ALA C 72 28.12 28.66 -45.93
CA ALA C 72 26.73 28.48 -46.32
C ALA C 72 26.24 27.08 -45.99
N LYS C 73 27.08 26.07 -46.24
CA LYS C 73 26.71 24.71 -45.88
C LYS C 73 26.53 24.57 -44.37
N ALA C 74 27.35 25.26 -43.59
CA ALA C 74 27.22 25.22 -42.14
C ALA C 74 25.86 25.73 -41.70
N ASP C 75 25.44 26.87 -42.25
CA ASP C 75 24.13 27.41 -41.90
C ASP C 75 23.01 26.52 -42.40
N ILE C 76 23.18 25.92 -43.57
CA ILE C 76 22.16 25.03 -44.11
C ILE C 76 21.96 23.83 -43.20
N VAL C 77 23.06 23.19 -42.79
CA VAL C 77 22.93 22.02 -41.91
C VAL C 77 22.46 22.46 -40.54
N ALA C 78 22.78 23.68 -40.11
CA ALA C 78 22.27 24.17 -38.84
C ALA C 78 20.75 24.29 -38.88
N LYS C 79 20.21 24.85 -39.97
CA LYS C 79 18.76 24.92 -40.11
C LYS C 79 18.15 23.53 -40.18
N ALA C 80 18.81 22.61 -40.89
CA ALA C 80 18.28 21.27 -41.02
C ALA C 80 18.20 20.56 -39.68
N VAL C 81 19.27 20.63 -38.89
CA VAL C 81 19.26 19.99 -37.58
C VAL C 81 18.30 20.71 -36.65
N LEU C 82 18.13 22.03 -36.81
CA LEU C 82 17.14 22.75 -36.03
C LEU C 82 15.75 22.19 -36.27
N ASP C 83 15.37 22.03 -37.54
CA ASP C 83 14.07 21.46 -37.85
C ASP C 83 13.98 20.03 -37.32
N TRP C 84 15.02 19.23 -37.55
CA TRP C 84 15.01 17.85 -37.10
C TRP C 84 14.71 17.78 -35.61
N ALA C 85 15.37 18.63 -34.82
CA ALA C 85 15.12 18.64 -33.38
C ALA C 85 13.72 19.15 -33.05
N VAL C 86 13.24 20.18 -33.76
CA VAL C 86 11.99 20.80 -33.32
C VAL C 86 10.82 19.86 -33.51
N GLU C 87 10.77 19.09 -34.61
CA GLU C 87 9.71 18.08 -34.58
C GLU C 87 10.13 16.77 -33.92
N ASN C 88 11.41 16.58 -33.59
CA ASN C 88 11.70 15.47 -32.69
C ASN C 88 11.28 15.74 -31.25
N GLY C 89 10.94 16.98 -30.92
CA GLY C 89 10.54 17.32 -29.57
C GLY C 89 11.69 17.83 -28.74
N ALA C 90 12.60 18.56 -29.39
CA ALA C 90 13.79 19.10 -28.74
C ALA C 90 13.82 20.61 -28.92
N SER C 91 14.31 21.32 -27.91
CA SER C 91 14.40 22.76 -27.95
C SER C 91 15.76 23.31 -27.52
N VAL C 92 16.65 22.48 -26.98
CA VAL C 92 17.94 22.91 -26.47
C VAL C 92 19.01 22.07 -27.13
N TYR C 93 20.06 22.72 -27.61
CA TYR C 93 21.21 22.03 -28.20
C TYR C 93 22.38 22.14 -27.23
N CYS C 94 23.03 21.02 -26.94
CA CYS C 94 24.20 21.07 -26.07
C CYS C 94 25.40 20.49 -26.78
N HIS C 95 26.50 21.24 -26.77
CA HIS C 95 27.77 20.70 -27.24
C HIS C 95 28.26 19.64 -26.27
N TRP C 96 28.86 18.59 -26.81
CA TRP C 96 29.17 17.37 -26.08
C TRP C 96 30.64 17.05 -26.25
N PHE C 97 31.28 16.64 -25.15
CA PHE C 97 32.71 16.39 -25.17
C PHE C 97 33.06 15.40 -24.07
N GLN C 98 34.23 14.80 -24.19
CA GLN C 98 34.76 13.91 -23.15
C GLN C 98 35.97 14.56 -22.49
N PRO C 99 35.88 14.98 -21.23
CA PRO C 99 37.03 15.58 -20.57
C PRO C 99 38.16 14.57 -20.39
N MET C 100 39.34 15.13 -20.10
CA MET C 100 40.52 14.31 -19.83
C MET C 100 40.24 13.31 -18.71
N GLY C 101 40.39 12.03 -19.02
CA GLY C 101 40.22 10.99 -18.02
C GLY C 101 38.84 10.99 -17.37
N SER C 102 37.80 11.07 -18.18
CA SER C 102 36.42 11.10 -17.70
C SER C 102 35.79 9.73 -17.97
N SER C 103 35.97 8.82 -17.02
CA SER C 103 35.42 7.47 -17.13
C SER C 103 34.06 7.33 -16.47
N GLY C 104 33.55 8.40 -15.85
CA GLY C 104 32.26 8.34 -15.19
C GLY C 104 32.33 7.75 -13.80
N ASN C 109 31.07 10.92 -17.26
CA ASN C 109 31.60 10.19 -18.40
C ASN C 109 31.78 11.08 -19.61
N SER C 110 30.92 12.08 -19.77
CA SER C 110 30.99 12.99 -20.91
C SER C 110 30.25 14.27 -20.55
N GLY C 111 30.95 15.41 -20.60
CA GLY C 111 30.33 16.67 -20.28
C GLY C 111 29.63 17.31 -21.48
N GLN C 112 28.78 18.28 -21.18
CA GLN C 112 28.04 19.00 -22.19
C GLN C 112 27.68 20.40 -21.71
N VAL C 113 27.46 21.29 -22.65
CA VAL C 113 26.99 22.65 -22.37
C VAL C 113 25.71 22.89 -23.17
N HIS C 114 24.64 23.24 -22.47
CA HIS C 114 23.32 23.44 -23.06
C HIS C 114 23.12 24.90 -23.45
N GLN C 115 22.40 25.10 -24.56
CA GLN C 115 22.05 26.43 -25.02
C GLN C 115 20.72 26.34 -25.76
N SER C 116 19.86 27.32 -25.52
CA SER C 116 18.57 27.35 -26.19
C SER C 116 18.73 27.77 -27.64
N MET C 117 18.13 27.01 -28.54
CA MET C 117 18.15 27.32 -29.97
C MET C 117 16.91 28.09 -30.43
N PHE C 118 16.02 28.45 -29.51
CA PHE C 118 14.91 29.35 -29.80
C PHE C 118 15.11 30.65 -29.03
N ASN C 119 14.89 31.76 -29.71
CA ASN C 119 15.10 33.09 -29.16
C ASN C 119 13.76 33.82 -29.06
N PHE C 120 13.81 35.02 -28.51
CA PHE C 120 12.64 35.88 -28.36
C PHE C 120 12.94 37.23 -28.98
N ALA C 121 12.04 37.69 -29.84
CA ALA C 121 12.20 38.98 -30.49
C ALA C 121 11.58 40.07 -29.62
N GLU C 122 11.41 41.28 -30.18
CA GLU C 122 10.80 42.37 -29.43
C GLU C 122 9.38 42.02 -29.00
N ASP C 123 8.64 41.28 -29.82
CA ASP C 123 7.30 40.87 -29.45
C ASP C 123 7.32 39.89 -28.28
N GLY C 124 8.40 39.14 -28.12
CA GLY C 124 8.50 38.18 -27.03
C GLY C 124 7.89 36.84 -27.34
N THR C 125 8.34 36.22 -28.44
CA THR C 125 7.83 34.92 -28.83
C THR C 125 8.99 33.94 -29.03
N PRO C 126 8.81 32.68 -28.66
CA PRO C 126 9.88 31.68 -28.80
C PRO C 126 10.00 31.15 -30.24
N TYR C 127 10.72 31.89 -31.07
CA TYR C 127 10.93 31.53 -32.46
C TYR C 127 12.26 30.78 -32.59
N TYR C 128 12.23 29.65 -33.29
CA TYR C 128 13.41 28.81 -33.41
C TYR C 128 14.41 29.44 -34.36
N SER C 129 15.65 29.63 -33.89
CA SER C 129 16.71 30.22 -34.70
C SER C 129 18.03 29.59 -34.29
N PHE C 130 18.61 28.80 -35.18
CA PHE C 130 19.84 28.05 -34.88
C PHE C 130 20.79 28.24 -36.06
N THR C 131 21.88 28.94 -35.82
CA THR C 131 22.83 29.27 -36.87
C THR C 131 24.04 28.35 -36.82
N GLY C 132 24.88 28.45 -37.86
CA GLY C 132 26.07 27.63 -37.93
C GLY C 132 27.08 27.93 -36.83
N GLU C 133 27.18 29.21 -36.43
CA GLU C 133 28.10 29.57 -35.36
C GLU C 133 27.70 28.91 -34.06
N GLN C 134 26.41 28.86 -33.77
CA GLN C 134 25.93 28.11 -32.61
C GLN C 134 26.23 26.63 -32.74
N LEU C 135 26.19 26.10 -33.96
CA LEU C 135 26.41 24.67 -34.17
C LEU C 135 27.87 24.29 -33.96
N LEU C 136 28.81 25.12 -34.43
CA LEU C 136 30.21 24.75 -34.42
C LEU C 136 30.91 25.11 -33.11
N GLN C 137 30.69 26.31 -32.61
CA GLN C 137 31.43 26.84 -31.47
C GLN C 137 30.67 26.60 -30.17
N GLY C 138 31.41 26.26 -29.12
CA GLY C 138 30.83 26.09 -27.80
C GLY C 138 31.55 26.88 -26.74
N GLU C 139 31.28 26.59 -25.47
CA GLU C 139 31.90 27.27 -24.36
C GLU C 139 32.11 26.29 -23.21
N THR C 140 33.35 26.16 -22.76
CA THR C 140 33.72 25.24 -21.68
C THR C 140 35.15 25.55 -21.27
N ASP C 141 35.40 25.61 -19.97
CA ASP C 141 36.70 26.05 -19.46
C ASP C 141 37.72 24.92 -19.52
N GLY C 142 38.92 25.24 -20.00
CA GLY C 142 40.00 24.27 -19.96
C GLY C 142 40.37 23.90 -18.53
N SER C 143 40.53 24.91 -17.67
CA SER C 143 40.71 24.74 -16.23
C SER C 143 42.04 24.09 -15.87
N SER C 144 42.58 24.45 -14.71
CA SER C 144 43.75 23.77 -14.19
C SER C 144 43.33 22.50 -13.47
N TYR C 159 36.32 26.66 -25.65
CA TYR C 159 35.73 26.88 -26.96
C TYR C 159 35.61 25.57 -27.76
N LEU C 160 34.72 24.72 -27.25
CA LEU C 160 34.36 23.47 -27.91
C LEU C 160 34.16 23.69 -29.41
N SER C 161 34.59 22.70 -30.19
CA SER C 161 34.40 22.70 -31.64
C SER C 161 33.81 21.37 -32.07
N ILE C 162 32.84 21.44 -33.00
CA ILE C 162 32.07 20.26 -33.38
C ILE C 162 32.99 19.17 -33.94
N ASP C 163 32.56 17.92 -33.79
CA ASP C 163 33.20 16.79 -34.42
C ASP C 163 32.40 16.39 -35.65
N PRO C 164 32.78 16.83 -36.86
CA PRO C 164 31.98 16.50 -38.05
C PRO C 164 31.92 15.02 -38.35
N TYR C 165 32.86 14.23 -37.84
CA TYR C 165 32.88 12.79 -38.08
C TYR C 165 32.10 12.01 -37.04
N SER C 166 31.47 12.69 -36.09
CA SER C 166 30.59 12.06 -35.13
C SER C 166 29.15 12.49 -35.38
N PRO C 167 28.19 11.55 -35.32
CA PRO C 167 26.81 11.88 -35.68
C PRO C 167 26.12 12.68 -34.58
N ILE C 168 25.55 13.81 -34.96
CA ILE C 168 24.77 14.61 -34.02
C ILE C 168 23.49 13.85 -33.68
N PHE C 169 23.31 13.54 -32.40
CA PHE C 169 22.18 12.70 -32.00
C PHE C 169 21.31 13.47 -31.02
N LEU C 170 20.30 12.81 -30.47
CA LEU C 170 19.28 13.52 -29.70
C LEU C 170 18.76 12.65 -28.56
N ARG C 171 18.62 13.25 -27.38
CA ARG C 171 18.09 12.57 -26.21
C ARG C 171 17.08 13.47 -25.51
N GLU C 172 15.94 12.89 -25.12
CA GLU C 172 14.90 13.60 -24.37
C GLU C 172 14.48 14.81 -25.20
N ASP C 173 14.61 16.03 -24.68
CA ASP C 173 14.28 17.24 -25.44
C ASP C 173 15.52 18.07 -25.75
N THR C 174 16.69 17.42 -25.76
CA THR C 174 17.96 18.10 -26.00
C THR C 174 18.73 17.35 -27.08
N VAL C 175 19.18 18.09 -28.09
CA VAL C 175 20.00 17.51 -29.14
C VAL C 175 21.47 17.60 -28.73
N PHE C 176 22.12 16.43 -28.69
CA PHE C 176 23.50 16.33 -28.26
C PHE C 176 24.38 16.43 -29.51
N ILE C 177 25.28 17.40 -29.51
CA ILE C 177 26.15 17.64 -30.66
C ILE C 177 27.59 17.30 -30.27
N PRO C 178 28.12 16.15 -30.69
CA PRO C 178 29.48 15.79 -30.28
C PRO C 178 30.50 16.83 -30.74
N ALA C 179 31.48 17.10 -29.87
CA ALA C 179 32.43 18.16 -30.13
C ALA C 179 33.75 17.85 -29.44
N ALA C 180 34.81 18.49 -29.92
CA ALA C 180 36.15 18.32 -29.37
C ALA C 180 36.48 19.47 -28.43
N PHE C 181 37.13 19.15 -27.32
CA PHE C 181 37.39 20.10 -26.24
C PHE C 181 38.88 20.38 -26.14
N VAL C 182 39.25 21.65 -26.19
CA VAL C 182 40.63 22.08 -26.10
C VAL C 182 40.75 23.19 -25.06
N SER C 183 41.97 23.68 -24.88
CA SER C 183 42.21 24.84 -24.04
C SER C 183 42.23 26.10 -24.90
N TYR C 184 42.27 27.25 -24.23
CA TYR C 184 42.36 28.51 -24.95
C TYR C 184 43.67 28.60 -25.72
N ASN C 185 44.74 28.05 -25.17
CA ASN C 185 46.03 28.04 -25.86
C ASN C 185 45.95 27.22 -27.15
N GLY C 186 45.28 26.08 -27.09
CA GLY C 186 45.19 25.20 -28.23
C GLY C 186 45.53 23.76 -27.88
N ASP C 187 45.89 23.54 -26.62
CA ASP C 187 46.24 22.20 -26.16
C ASP C 187 45.00 21.31 -26.14
N ALA C 188 45.17 20.07 -26.59
CA ALA C 188 44.07 19.11 -26.64
C ALA C 188 43.75 18.65 -25.22
N LEU C 189 42.68 19.20 -24.65
CA LEU C 189 42.27 18.87 -23.29
C LEU C 189 41.11 17.89 -23.26
N ASP C 190 41.03 17.00 -24.25
CA ASP C 190 40.00 15.98 -24.29
C ASP C 190 40.62 14.69 -24.81
N GLU C 191 39.76 13.75 -25.18
CA GLU C 191 40.21 12.54 -25.85
C GLU C 191 39.83 12.52 -27.33
N LYS C 192 38.89 13.37 -27.74
CA LYS C 192 38.47 13.39 -29.14
C LYS C 192 39.57 13.93 -30.04
N THR C 193 40.16 15.06 -29.67
CA THR C 193 41.22 15.64 -30.49
C THR C 193 42.45 14.75 -30.61
N PRO C 194 42.97 14.14 -29.53
CA PRO C 194 44.09 13.20 -29.73
C PRO C 194 43.74 12.06 -30.66
N LEU C 195 42.51 11.55 -30.57
CA LEU C 195 42.11 10.45 -31.43
C LEU C 195 42.02 10.90 -32.88
N HIS C 196 41.54 12.13 -33.11
CA HIS C 196 41.51 12.66 -34.47
C HIS C 196 42.91 12.80 -35.03
N ARG C 197 43.85 13.32 -34.22
CA ARG C 197 45.22 13.44 -34.68
C ARG C 197 45.81 12.06 -35.00
N ALA C 198 45.55 11.08 -34.14
CA ALA C 198 46.06 9.74 -34.37
C ALA C 198 45.48 9.13 -35.63
N THR C 199 44.18 9.31 -35.86
CA THR C 199 43.56 8.76 -37.05
C THR C 199 44.11 9.42 -38.31
N ASP C 200 44.32 10.75 -38.26
CA ASP C 200 44.88 11.44 -39.42
C ASP C 200 46.29 10.97 -39.71
N ALA C 201 47.12 10.81 -38.67
CA ALA C 201 48.47 10.29 -38.88
C ALA C 201 48.42 8.88 -39.45
N LEU C 202 47.53 8.04 -38.93
CA LEU C 202 47.37 6.69 -39.44
C LEU C 202 47.00 6.71 -40.91
N ASP C 203 46.04 7.55 -41.28
CA ASP C 203 45.59 7.60 -42.67
C ASP C 203 46.71 8.06 -43.59
N LYS C 204 47.43 9.13 -43.20
CA LYS C 204 48.47 9.65 -44.07
C LYS C 204 49.62 8.65 -44.22
N GLN C 205 50.00 7.98 -43.12
CA GLN C 205 51.08 7.00 -43.22
C GLN C 205 50.65 5.78 -44.03
N THR C 206 49.40 5.34 -43.87
CA THR C 206 48.91 4.22 -44.66
C THR C 206 48.91 4.56 -46.14
N LYS C 207 48.43 5.77 -46.48
CA LYS C 207 48.44 6.19 -47.88
C LYS C 207 49.86 6.26 -48.42
N ARG C 208 50.78 6.80 -47.62
CA ARG C 208 52.17 6.91 -48.06
C ARG C 208 52.76 5.53 -48.33
N MET C 209 52.57 4.58 -47.43
CA MET C 209 53.20 3.28 -47.59
C MET C 209 52.53 2.47 -48.69
N LEU C 210 51.23 2.62 -48.89
CA LEU C 210 50.57 1.96 -50.02
C LEU C 210 51.03 2.54 -51.34
N LYS C 211 51.20 3.87 -51.42
CA LYS C 211 51.67 4.48 -52.65
C LYS C 211 53.13 4.13 -52.93
N ALA C 212 53.94 3.98 -51.88
CA ALA C 212 55.34 3.64 -52.07
C ALA C 212 55.54 2.25 -52.65
N MET C 213 54.53 1.39 -52.60
CA MET C 213 54.61 0.05 -53.15
C MET C 213 53.70 -0.13 -54.35
N LYS C 214 53.39 0.97 -55.04
CA LYS C 214 52.58 0.97 -56.26
C LYS C 214 51.16 0.49 -55.98
N TYR C 215 50.47 1.24 -55.12
CA TYR C 215 49.05 1.04 -54.88
C TYR C 215 48.42 2.39 -54.53
N ASP C 216 47.40 2.79 -55.29
CA ASP C 216 46.74 4.06 -55.11
C ASP C 216 45.35 3.85 -54.52
N VAL C 217 45.03 4.58 -53.46
CA VAL C 217 43.71 4.54 -52.85
C VAL C 217 42.81 5.67 -53.33
N GLY C 218 43.33 6.57 -54.16
CA GLY C 218 42.52 7.69 -54.61
C GLY C 218 42.13 8.59 -53.45
N SER C 219 40.84 8.88 -53.35
CA SER C 219 40.30 9.73 -52.30
C SER C 219 39.82 8.94 -51.10
N ALA C 220 40.03 7.62 -51.08
CA ALA C 220 39.59 6.80 -49.96
C ALA C 220 40.30 7.21 -48.68
N SER C 221 39.56 7.20 -47.58
CA SER C 221 40.08 7.61 -46.28
C SER C 221 40.30 6.38 -45.40
N VAL C 222 41.48 6.29 -44.81
CA VAL C 222 41.82 5.19 -43.91
C VAL C 222 41.55 5.62 -42.48
N TYR C 223 41.12 4.68 -41.65
CA TYR C 223 40.78 4.96 -40.28
C TYR C 223 40.82 3.65 -39.49
N ALA C 224 40.43 3.71 -38.22
CA ALA C 224 40.40 2.55 -37.35
C ALA C 224 38.96 2.07 -37.22
N ASN C 225 38.66 0.93 -37.82
CA ASN C 225 37.36 0.29 -37.64
C ASN C 225 37.39 -0.51 -36.34
N ILE C 226 36.53 -0.14 -35.40
CA ILE C 226 36.52 -0.76 -34.08
C ILE C 226 35.09 -1.14 -33.71
N GLY C 227 34.96 -2.31 -33.11
CA GLY C 227 33.78 -2.69 -32.38
C GLY C 227 34.10 -2.66 -30.90
N LEU C 228 33.12 -2.32 -30.08
CA LEU C 228 33.34 -2.14 -28.64
C LEU C 228 32.37 -3.01 -27.87
N GLU C 229 32.84 -4.19 -27.46
CA GLU C 229 32.01 -5.15 -26.73
C GLU C 229 31.85 -4.65 -25.30
N GLN C 230 30.94 -3.71 -25.12
CA GLN C 230 30.76 -3.05 -23.83
C GLN C 230 29.96 -3.96 -22.90
N GLU C 231 30.53 -4.28 -21.74
CA GLU C 231 29.88 -5.12 -20.76
C GLU C 231 29.43 -4.27 -19.56
N ILE C 232 28.22 -4.51 -19.10
CA ILE C 232 27.62 -3.73 -18.02
C ILE C 232 27.05 -4.69 -17.00
N PHE C 233 27.29 -4.41 -15.73
CA PHE C 233 26.63 -5.15 -14.67
C PHE C 233 25.33 -4.44 -14.30
N LEU C 234 24.29 -5.23 -14.06
CA LEU C 234 22.98 -4.67 -13.72
C LEU C 234 22.65 -5.04 -12.28
N THR C 235 22.29 -4.05 -11.49
CA THR C 235 22.06 -4.27 -10.07
C THR C 235 20.72 -3.66 -9.67
N PRO C 236 20.01 -4.27 -8.71
CA PRO C 236 18.83 -3.60 -8.14
C PRO C 236 19.21 -2.24 -7.57
N ARG C 237 18.54 -1.20 -8.07
CA ARG C 237 18.84 0.14 -7.60
C ARG C 237 18.58 0.28 -6.10
N HIS C 238 17.67 -0.53 -5.56
CA HIS C 238 17.47 -0.54 -4.11
C HIS C 238 18.74 -0.99 -3.39
N ALA C 239 19.42 -2.02 -3.93
CA ALA C 239 20.70 -2.42 -3.37
C ALA C 239 21.80 -1.44 -3.73
N PHE C 240 21.70 -0.81 -4.91
CA PHE C 240 22.69 0.20 -5.30
C PHE C 240 22.71 1.36 -4.33
N TYR C 241 21.54 1.80 -3.88
CA TYR C 241 21.47 2.85 -2.87
C TYR C 241 22.04 2.41 -1.53
N ARG C 242 22.13 1.10 -1.29
CA ARG C 242 22.66 0.60 -0.03
C ARG C 242 24.16 0.31 -0.10
N ARG C 243 24.81 0.60 -1.21
CA ARG C 243 26.24 0.43 -1.36
C ARG C 243 26.88 1.77 -1.72
N PRO C 244 27.40 2.50 -0.72
CA PRO C 244 28.02 3.80 -1.04
C PRO C 244 29.17 3.71 -2.02
N ASP C 245 29.92 2.61 -2.01
CA ASP C 245 31.04 2.48 -2.94
C ASP C 245 30.55 2.52 -4.39
N LEU C 246 29.46 1.82 -4.68
CA LEU C 246 28.89 1.85 -6.03
C LEU C 246 28.38 3.24 -6.36
N GLN C 247 27.79 3.93 -5.38
CA GLN C 247 27.29 5.28 -5.62
C GLN C 247 28.42 6.22 -6.00
N PHE C 248 29.55 6.13 -5.31
CA PHE C 248 30.61 7.12 -5.44
C PHE C 248 31.78 6.63 -6.29
N THR C 249 32.03 5.33 -6.35
CA THR C 249 33.13 4.79 -7.13
C THR C 249 32.69 3.84 -8.23
N GLY C 250 31.48 3.26 -8.13
CA GLY C 250 30.98 2.38 -9.14
C GLY C 250 31.36 0.92 -9.00
N ARG C 251 32.23 0.58 -8.05
CA ARG C 251 32.62 -0.80 -7.82
C ARG C 251 32.62 -1.09 -6.33
N THR C 252 32.29 -2.33 -5.98
CA THR C 252 32.17 -2.73 -4.59
C THR C 252 33.57 -2.83 -3.98
N ILE C 253 33.90 -1.91 -3.08
CA ILE C 253 35.16 -1.98 -2.36
C ILE C 253 35.21 -3.09 -1.34
N THR C 254 34.06 -3.66 -0.98
CA THR C 254 34.02 -4.72 0.01
C THR C 254 32.72 -5.49 -0.15
N GLY C 255 32.63 -6.62 0.55
CA GLY C 255 31.46 -7.46 0.50
C GLY C 255 31.81 -8.92 0.32
N LYS C 256 31.32 -9.77 1.22
CA LYS C 256 31.66 -11.19 1.19
C LYS C 256 30.84 -11.89 0.11
N PHE C 257 31.51 -12.50 -0.84
CA PHE C 257 30.82 -13.25 -1.89
C PHE C 257 30.29 -14.56 -1.32
N PRO C 258 29.03 -14.90 -1.58
CA PRO C 258 28.50 -16.17 -1.07
C PRO C 258 29.19 -17.36 -1.71
N ALA C 259 29.31 -18.44 -0.94
CA ALA C 259 29.96 -19.68 -1.37
C ALA C 259 31.39 -19.42 -1.81
N ARG C 260 32.15 -18.80 -0.90
CA ARG C 260 33.59 -18.57 -1.07
C ARG C 260 33.88 -17.66 -2.26
N GLY C 261 33.68 -18.18 -3.47
CA GLY C 261 33.98 -17.41 -4.67
C GLY C 261 34.54 -18.25 -5.78
N GLN C 262 35.07 -19.43 -5.44
CA GLN C 262 35.60 -20.36 -6.44
C GLN C 262 34.43 -21.12 -7.03
N GLU C 263 33.78 -20.50 -8.00
CA GLU C 263 32.58 -21.06 -8.62
C GLU C 263 32.98 -22.23 -9.50
N GLY C 277 11.73 -5.32 -14.23
CA GLY C 277 12.02 -5.54 -15.64
C GLY C 277 13.49 -5.63 -15.94
N ALA C 278 14.00 -6.85 -16.06
CA ALA C 278 15.39 -7.11 -16.45
C ALA C 278 15.50 -7.39 -17.95
N PHE C 279 14.72 -8.35 -18.45
CA PHE C 279 14.58 -8.50 -19.89
C PHE C 279 14.00 -7.23 -20.50
N GLU C 280 13.04 -6.61 -19.81
CA GLU C 280 12.52 -5.33 -20.23
C GLU C 280 13.63 -4.29 -20.35
N CYS C 281 14.65 -4.39 -19.50
CA CYS C 281 15.72 -3.38 -19.51
C CYS C 281 16.47 -3.38 -20.84
N MET C 282 16.98 -4.55 -21.27
CA MET C 282 17.75 -4.50 -22.50
C MET C 282 16.86 -4.54 -23.73
N ARG C 283 15.60 -4.96 -23.64
CA ARG C 283 14.73 -4.75 -24.80
C ARG C 283 14.45 -3.26 -24.98
N GLN C 284 14.33 -2.50 -23.88
CA GLN C 284 14.22 -1.06 -23.98
C GLN C 284 15.52 -0.46 -24.52
N ILE C 285 16.67 -0.98 -24.10
CA ILE C 285 17.94 -0.56 -24.69
C ILE C 285 17.92 -0.77 -26.20
N GLN C 286 17.48 -1.94 -26.64
CA GLN C 286 17.51 -2.26 -28.06
C GLN C 286 16.57 -1.37 -28.85
N GLN C 287 15.35 -1.15 -28.34
CA GLN C 287 14.41 -0.30 -29.06
C GLN C 287 14.87 1.15 -29.06
N GLU C 288 15.50 1.60 -27.96
CA GLU C 288 16.10 2.93 -27.96
C GLU C 288 17.15 3.05 -29.05
N CYS C 289 18.09 2.10 -29.09
CA CYS C 289 19.16 2.17 -30.08
C CYS C 289 18.60 2.10 -31.50
N PHE C 290 17.51 1.37 -31.69
CA PHE C 290 16.81 1.43 -32.97
C PHE C 290 16.33 2.86 -33.25
N LYS C 291 15.59 3.45 -32.31
CA LYS C 291 15.12 4.82 -32.52
C LYS C 291 16.27 5.81 -32.43
N MET C 292 17.40 5.41 -31.87
CA MET C 292 18.53 6.29 -31.64
C MET C 292 19.50 6.30 -32.82
N GLY C 293 19.33 5.39 -33.76
CA GLY C 293 20.24 5.26 -34.89
C GLY C 293 21.50 4.49 -34.62
N ILE C 294 21.58 3.77 -33.50
CA ILE C 294 22.75 2.96 -33.17
C ILE C 294 22.48 1.52 -33.61
N PRO C 295 23.26 0.96 -34.52
CA PRO C 295 23.09 -0.46 -34.89
C PRO C 295 23.67 -1.39 -33.83
N LEU C 296 23.03 -1.43 -32.67
CA LEU C 296 23.44 -2.31 -31.58
C LEU C 296 23.14 -3.74 -32.00
N LYS C 297 24.17 -4.46 -32.44
CA LYS C 297 23.95 -5.75 -33.09
C LYS C 297 23.45 -6.80 -32.11
N THR C 298 24.26 -7.13 -31.11
CA THR C 298 23.95 -8.24 -30.22
C THR C 298 24.09 -7.79 -28.77
N ARG C 299 23.02 -7.97 -28.00
CA ARG C 299 23.06 -7.86 -26.54
C ARG C 299 22.75 -9.24 -25.97
N HIS C 300 23.59 -9.69 -25.03
CA HIS C 300 23.38 -11.01 -24.47
C HIS C 300 24.08 -11.13 -23.13
N ARG C 301 23.64 -12.11 -22.34
CA ARG C 301 24.19 -12.32 -21.02
C ARG C 301 25.64 -12.81 -21.12
N GLU C 302 26.31 -12.86 -19.96
CA GLU C 302 27.69 -13.30 -19.87
C GLU C 302 27.79 -14.32 -18.75
N VAL C 303 29.01 -14.77 -18.48
CA VAL C 303 29.21 -15.81 -17.47
C VAL C 303 28.81 -15.30 -16.09
N ALA C 304 29.25 -14.09 -15.74
CA ALA C 304 28.92 -13.52 -14.45
C ALA C 304 27.43 -13.20 -14.36
N PRO C 305 26.87 -13.21 -13.15
CA PRO C 305 25.45 -12.87 -13.01
C PRO C 305 25.15 -11.46 -13.50
N ASN C 306 24.00 -11.31 -14.15
CA ASN C 306 23.47 -10.05 -14.65
C ASN C 306 24.52 -9.19 -15.33
N GLN C 307 25.47 -9.81 -16.02
CA GLN C 307 26.48 -9.09 -16.80
C GLN C 307 26.09 -9.19 -18.26
N TYR C 308 25.71 -8.07 -18.86
CA TYR C 308 25.19 -8.03 -20.21
C TYR C 308 26.19 -7.36 -21.14
N GLU C 309 26.49 -8.01 -22.25
CA GLU C 309 27.42 -7.51 -23.25
C GLU C 309 26.63 -6.98 -24.46
N PHE C 310 26.95 -5.76 -24.87
CA PHE C 310 26.42 -5.14 -26.08
C PHE C 310 27.58 -4.98 -27.05
N ALA C 311 27.42 -5.51 -28.27
CA ALA C 311 28.52 -5.57 -29.23
C ALA C 311 28.10 -4.93 -30.55
N PRO C 312 28.11 -3.61 -30.62
CA PRO C 312 27.90 -2.95 -31.92
C PRO C 312 29.04 -3.29 -32.86
N MET C 313 28.71 -3.40 -34.15
CA MET C 313 29.70 -3.85 -35.12
C MET C 313 30.72 -2.75 -35.38
N PHE C 314 31.69 -3.06 -36.24
CA PHE C 314 32.81 -2.17 -36.46
C PHE C 314 32.37 -0.89 -37.17
N GLY C 315 33.10 0.18 -36.91
CA GLY C 315 32.88 1.47 -37.53
C GLY C 315 34.06 2.37 -37.24
N ASN C 316 34.03 3.56 -37.83
CA ASN C 316 35.11 4.50 -37.62
C ASN C 316 35.29 4.79 -36.14
N ALA C 317 36.53 4.69 -35.66
CA ALA C 317 36.80 4.85 -34.23
C ALA C 317 36.34 6.22 -33.73
N ILE C 318 36.48 7.25 -34.58
CA ILE C 318 36.06 8.59 -34.22
C ILE C 318 34.59 8.59 -33.79
N SER C 319 33.74 7.97 -34.61
CA SER C 319 32.33 7.89 -34.26
C SER C 319 32.10 6.86 -33.17
N GLN C 320 32.82 5.74 -33.21
CA GLN C 320 32.51 4.61 -32.34
C GLN C 320 32.81 4.90 -30.88
N VAL C 321 33.82 5.73 -30.59
CA VAL C 321 34.08 6.07 -29.20
C VAL C 321 32.92 6.88 -28.61
N ASP C 322 32.41 7.84 -29.38
CA ASP C 322 31.23 8.59 -28.94
C ASP C 322 30.03 7.66 -28.82
N GLN C 323 29.88 6.73 -29.77
CA GLN C 323 28.81 5.75 -29.71
C GLN C 323 28.86 4.99 -28.40
N ASN C 324 30.05 4.52 -28.03
CA ASN C 324 30.20 3.77 -26.78
C ASN C 324 29.89 4.63 -25.58
N LEU C 325 30.38 5.88 -25.57
CA LEU C 325 30.14 6.76 -24.42
C LEU C 325 28.65 7.01 -24.23
N MET C 326 27.94 7.34 -25.30
CA MET C 326 26.52 7.62 -25.17
C MET C 326 25.72 6.36 -24.93
N ILE C 327 26.21 5.20 -25.38
CA ILE C 327 25.56 3.93 -25.03
C ILE C 327 25.68 3.69 -23.53
N MET C 328 26.87 3.93 -22.97
CA MET C 328 27.05 3.86 -21.52
C MET C 328 26.05 4.77 -20.82
N GLN C 329 25.93 6.02 -21.30
CA GLN C 329 25.00 6.95 -20.69
C GLN C 329 23.58 6.41 -20.74
N VAL C 330 23.07 6.17 -21.95
CA VAL C 330 21.67 5.78 -22.12
C VAL C 330 21.37 4.53 -21.33
N ILE C 331 22.34 3.60 -21.23
CA ILE C 331 22.15 2.43 -20.39
C ILE C 331 22.01 2.84 -18.94
N GLU C 332 22.81 3.82 -18.48
CA GLU C 332 22.70 4.27 -17.11
C GLU C 332 21.31 4.82 -16.81
N GLU C 333 20.82 5.76 -17.63
CA GLU C 333 19.50 6.31 -17.32
C GLU C 333 18.38 5.32 -17.58
N VAL C 334 18.55 4.35 -18.47
CA VAL C 334 17.49 3.35 -18.65
C VAL C 334 17.43 2.43 -17.44
N ALA C 335 18.59 2.00 -16.94
CA ALA C 335 18.60 1.19 -15.72
C ALA C 335 18.02 1.96 -14.56
N SER C 336 18.33 3.25 -14.45
CA SER C 336 17.71 4.07 -13.43
C SER C 336 16.20 4.12 -13.60
N GLU C 337 15.73 4.21 -14.85
CA GLU C 337 14.30 4.18 -15.11
C GLU C 337 13.67 2.86 -14.69
N HIS C 338 14.37 1.75 -14.96
CA HIS C 338 13.85 0.42 -14.64
C HIS C 338 14.00 0.06 -13.18
N GLY C 339 14.37 1.00 -12.32
CA GLY C 339 14.62 0.66 -10.93
C GLY C 339 15.88 -0.16 -10.73
N LEU C 340 16.83 -0.06 -11.66
CA LEU C 340 18.10 -0.76 -11.58
C LEU C 340 19.23 0.26 -11.65
N ALA C 341 20.45 -0.25 -11.73
CA ALA C 341 21.65 0.56 -11.82
C ALA C 341 22.67 -0.17 -12.68
N ALA C 342 23.33 0.59 -13.55
CA ALA C 342 24.26 0.03 -14.52
C ALA C 342 25.68 0.29 -14.04
N LEU C 343 26.26 -0.70 -13.37
CA LEU C 343 27.65 -0.62 -12.96
C LEU C 343 28.53 -0.81 -14.20
N LEU C 344 29.24 0.25 -14.58
CA LEU C 344 30.14 0.23 -15.72
C LEU C 344 31.58 -0.01 -15.33
N GLN C 345 31.87 -0.17 -14.04
CA GLN C 345 33.24 -0.36 -13.58
C GLN C 345 33.81 -1.66 -14.12
N GLU C 346 35.13 -1.71 -14.20
CA GLU C 346 35.79 -2.87 -14.79
C GLU C 346 35.55 -4.12 -13.95
N LYS C 347 35.69 -4.02 -12.64
CA LYS C 347 35.47 -5.12 -11.71
C LYS C 347 34.56 -4.67 -10.60
N PRO C 348 33.26 -4.49 -10.88
CA PRO C 348 32.35 -4.02 -9.83
C PRO C 348 32.18 -5.00 -8.69
N PHE C 349 32.53 -6.26 -8.90
CA PHE C 349 32.40 -7.28 -7.86
C PHE C 349 33.64 -8.14 -7.84
N ALA C 350 34.35 -8.14 -6.71
CA ALA C 350 35.49 -9.03 -6.58
C ALA C 350 35.01 -10.47 -6.46
N GLY C 351 35.69 -11.37 -7.15
CA GLY C 351 35.35 -12.78 -7.14
C GLY C 351 34.58 -13.26 -8.35
N VAL C 352 34.05 -12.35 -9.17
CA VAL C 352 33.34 -12.74 -10.38
C VAL C 352 34.13 -12.26 -11.58
N ASN C 353 33.65 -12.57 -12.78
CA ASN C 353 34.33 -12.15 -13.99
C ASN C 353 34.30 -10.62 -14.11
N GLY C 354 35.44 -10.06 -14.48
CA GLY C 354 35.51 -8.62 -14.67
C GLY C 354 34.73 -8.17 -15.89
N SER C 355 34.15 -6.98 -15.79
CA SER C 355 33.37 -6.41 -16.88
C SER C 355 34.32 -5.73 -17.86
N GLY C 356 34.95 -6.54 -18.70
CA GLY C 356 35.83 -6.01 -19.71
C GLY C 356 35.06 -5.43 -20.89
N LYS C 357 35.75 -4.57 -21.64
CA LYS C 357 35.19 -3.96 -22.84
C LYS C 357 36.19 -4.19 -23.98
N HIS C 358 36.05 -5.32 -24.66
CA HIS C 358 36.96 -5.66 -25.74
C HIS C 358 36.85 -4.63 -26.86
N ASN C 359 38.00 -4.20 -27.36
CA ASN C 359 38.10 -3.30 -28.50
C ASN C 359 38.56 -4.12 -29.69
N ASN C 360 37.62 -4.47 -30.57
CA ASN C 360 37.94 -5.12 -31.84
C ASN C 360 38.45 -4.03 -32.77
N TRP C 361 39.76 -3.91 -32.87
CA TRP C 361 40.42 -2.83 -33.59
C TRP C 361 41.03 -3.36 -34.89
N SER C 362 40.86 -2.60 -35.96
CA SER C 362 41.40 -2.98 -37.25
C SER C 362 41.59 -1.74 -38.11
N ILE C 363 42.36 -1.90 -39.17
CA ILE C 363 42.58 -0.81 -40.13
C ILE C 363 41.57 -0.96 -41.25
N GLY C 364 40.76 0.07 -41.46
CA GLY C 364 39.72 0.03 -42.47
C GLY C 364 39.68 1.30 -43.30
N THR C 365 39.57 1.13 -44.60
CA THR C 365 39.45 2.26 -45.50
C THR C 365 37.98 2.66 -45.65
N SER C 366 37.76 3.80 -46.30
CA SER C 366 36.40 4.28 -46.52
C SER C 366 35.61 3.33 -47.41
N ASP C 367 36.25 2.78 -48.44
CA ASP C 367 35.57 1.90 -49.38
C ASP C 367 35.40 0.48 -48.87
N GLY C 368 35.79 0.22 -47.62
CA GLY C 368 35.57 -1.07 -47.00
C GLY C 368 36.76 -2.02 -46.96
N LEU C 369 37.91 -1.60 -47.47
CA LEU C 369 39.09 -2.45 -47.41
C LEU C 369 39.57 -2.59 -45.98
N ASN C 370 39.78 -3.83 -45.55
CA ASN C 370 40.28 -4.13 -44.21
C ASN C 370 41.68 -4.71 -44.33
N LEU C 371 42.62 -4.15 -43.58
CA LEU C 371 44.01 -4.59 -43.65
C LEU C 371 44.26 -5.91 -42.95
N MET C 372 43.33 -6.38 -42.11
CA MET C 372 43.47 -7.68 -41.47
C MET C 372 42.82 -8.80 -42.29
N ASN C 373 42.26 -8.49 -43.45
CA ASN C 373 41.68 -9.51 -44.33
C ASN C 373 42.64 -9.72 -45.49
N PRO C 374 43.53 -10.71 -45.43
CA PRO C 374 44.47 -10.91 -46.55
C PRO C 374 43.78 -11.17 -47.87
N LYS C 375 42.69 -11.93 -47.86
CA LYS C 375 41.99 -12.23 -49.11
C LYS C 375 41.40 -10.96 -49.73
N GLN C 376 40.79 -10.12 -48.91
CA GLN C 376 40.24 -8.87 -49.41
C GLN C 376 41.34 -7.95 -49.93
N VAL C 377 42.48 -7.92 -49.24
CA VAL C 377 43.60 -7.09 -49.70
C VAL C 377 44.11 -7.58 -51.04
N ASN C 378 44.25 -8.90 -51.20
CA ASN C 378 44.69 -9.45 -52.48
C ASN C 378 43.69 -9.15 -53.59
N ALA C 379 42.40 -9.27 -53.29
CA ALA C 379 41.38 -9.02 -54.29
C ALA C 379 41.39 -7.55 -54.73
N LYS C 380 41.49 -6.63 -53.77
CA LYS C 380 41.38 -5.21 -54.10
C LYS C 380 42.66 -4.64 -54.69
N THR C 381 43.83 -5.14 -54.27
CA THR C 381 45.11 -4.59 -54.68
C THR C 381 45.87 -5.48 -55.64
N GLY C 382 45.80 -6.80 -55.47
CA GLY C 382 46.57 -7.72 -56.28
C GLY C 382 47.97 -7.98 -55.80
N ASN C 383 48.40 -7.36 -54.71
CA ASN C 383 49.73 -7.59 -54.15
C ASN C 383 49.61 -8.34 -52.83
N PRO C 384 49.96 -9.62 -52.77
CA PRO C 384 49.83 -10.36 -51.50
C PRO C 384 50.72 -9.85 -50.39
N GLU C 385 51.76 -9.09 -50.72
CA GLU C 385 52.77 -8.68 -49.74
C GLU C 385 52.23 -7.70 -48.71
N ILE C 386 51.09 -7.08 -48.95
CA ILE C 386 50.60 -6.04 -48.04
C ILE C 386 50.29 -6.61 -46.66
N PHE C 387 49.57 -7.72 -46.61
CA PHE C 387 49.08 -8.25 -45.34
C PHE C 387 50.19 -8.63 -44.37
N PRO C 388 51.25 -9.34 -44.77
CA PRO C 388 52.30 -9.68 -43.79
C PRO C 388 53.00 -8.46 -43.22
N LEU C 389 53.56 -7.61 -44.08
CA LEU C 389 54.28 -6.42 -43.62
C LEU C 389 53.51 -5.66 -42.56
N VAL C 390 52.29 -5.22 -42.90
CA VAL C 390 51.51 -4.45 -41.94
C VAL C 390 51.34 -5.23 -40.64
N MET C 391 51.04 -6.53 -40.75
CA MET C 391 50.97 -7.37 -39.57
C MET C 391 52.27 -7.30 -38.78
N ALA C 392 53.39 -7.55 -39.45
CA ALA C 392 54.69 -7.38 -38.80
C ALA C 392 54.82 -5.98 -38.24
N ALA C 393 54.43 -4.98 -39.02
CA ALA C 393 54.43 -3.61 -38.52
C ALA C 393 53.65 -3.52 -37.22
N MET C 394 52.42 -4.02 -37.23
CA MET C 394 51.61 -4.02 -36.02
C MET C 394 52.32 -4.77 -34.91
N VAL C 395 52.89 -5.94 -35.24
CA VAL C 395 53.66 -6.70 -34.26
C VAL C 395 54.76 -5.82 -33.70
N SER C 396 55.53 -5.18 -34.59
CA SER C 396 56.58 -4.27 -34.15
C SER C 396 56.00 -3.23 -33.21
N ALA C 397 54.86 -2.66 -33.57
CA ALA C 397 54.23 -1.65 -32.74
C ALA C 397 54.06 -2.16 -31.32
N VAL C 398 53.50 -3.36 -31.17
CA VAL C 398 53.33 -3.92 -29.83
C VAL C 398 54.69 -4.07 -29.17
N ASP C 399 55.64 -4.71 -29.88
CA ASP C 399 56.96 -4.91 -29.32
C ASP C 399 57.67 -3.59 -29.07
N LYS C 400 57.20 -2.51 -29.69
CA LYS C 400 57.77 -1.20 -29.42
C LYS C 400 57.02 -0.47 -28.32
N HIS C 401 55.69 -0.69 -28.20
CA HIS C 401 54.90 0.17 -27.33
C HIS C 401 53.85 -0.60 -26.57
N GLY C 402 54.11 -1.87 -26.24
CA GLY C 402 53.17 -2.62 -25.44
C GLY C 402 52.87 -1.94 -24.12
N ASP C 403 53.91 -1.37 -23.50
CA ASP C 403 53.71 -0.60 -22.28
C ASP C 403 52.67 0.50 -22.49
N LEU C 404 52.75 1.20 -23.62
CA LEU C 404 51.75 2.22 -23.93
C LEU C 404 50.35 1.63 -23.96
N MET C 405 50.19 0.45 -24.56
CA MET C 405 48.90 -0.22 -24.51
C MET C 405 48.52 -0.52 -23.06
N ARG C 406 49.48 -1.02 -22.28
CA ARG C 406 49.25 -1.18 -20.85
C ARG C 406 48.95 0.16 -20.20
N ALA C 407 49.55 1.23 -20.72
CA ALA C 407 49.20 2.57 -20.26
C ALA C 407 47.78 2.93 -20.64
N ALA C 408 47.34 2.54 -21.84
CA ALA C 408 46.03 2.92 -22.31
C ALA C 408 44.93 2.33 -21.43
N ILE C 409 45.07 1.05 -21.07
CA ILE C 409 44.06 0.40 -20.24
C ILE C 409 44.19 0.74 -18.77
N ALA C 410 45.24 1.43 -18.37
CA ALA C 410 45.50 1.70 -16.96
C ALA C 410 44.44 2.67 -16.46
N SER C 411 43.42 2.13 -15.81
CA SER C 411 42.32 2.91 -15.27
C SER C 411 42.04 2.39 -13.86
N PRO C 412 41.35 3.17 -13.03
CA PRO C 412 41.11 2.74 -11.64
C PRO C 412 40.52 1.35 -11.51
N GLY C 413 39.39 1.08 -12.16
CA GLY C 413 38.78 -0.23 -12.04
C GLY C 413 39.60 -1.33 -12.69
N ASN C 414 40.26 -1.01 -13.81
CA ASN C 414 40.92 -2.05 -14.60
C ASN C 414 42.07 -2.71 -13.85
N ASP C 415 42.58 -2.11 -12.78
CA ASP C 415 43.61 -2.75 -11.99
C ASP C 415 43.12 -3.97 -11.23
N PHE C 416 41.79 -4.15 -11.13
CA PHE C 416 41.24 -5.36 -10.57
C PHE C 416 40.88 -6.40 -11.62
N ARG C 417 41.18 -6.15 -12.89
CA ARG C 417 40.88 -7.09 -13.95
C ARG C 417 42.11 -7.74 -14.56
N LEU C 418 43.23 -7.03 -14.61
CA LEU C 418 44.46 -7.62 -15.14
C LEU C 418 45.01 -8.67 -14.18
N GLY C 419 45.40 -9.82 -14.74
CA GLY C 419 45.96 -10.90 -13.95
C GLY C 419 44.96 -11.91 -13.43
N ALA C 420 43.67 -11.66 -13.59
CA ALA C 420 42.65 -12.58 -13.11
C ALA C 420 42.40 -13.66 -14.15
N MET C 421 41.42 -14.53 -13.90
CA MET C 421 41.11 -15.59 -14.84
C MET C 421 40.33 -15.08 -16.04
N GLU C 422 39.42 -14.12 -15.82
CA GLU C 422 38.60 -13.62 -16.92
C GLU C 422 39.42 -12.83 -17.93
N ALA C 423 40.29 -11.94 -17.46
CA ALA C 423 41.05 -11.09 -18.35
C ALA C 423 42.51 -11.55 -18.44
N PRO C 424 43.18 -11.27 -19.55
CA PRO C 424 44.58 -11.68 -19.68
C PRO C 424 45.45 -10.95 -18.66
N PRO C 425 46.57 -11.56 -18.26
CA PRO C 425 47.46 -10.89 -17.29
C PRO C 425 48.12 -9.64 -17.87
N ALA C 426 48.96 -9.00 -17.07
CA ALA C 426 49.60 -7.73 -17.42
C ALA C 426 50.67 -7.85 -18.49
N VAL C 427 50.85 -8.99 -19.16
CA VAL C 427 51.83 -9.09 -20.24
C VAL C 427 51.15 -8.66 -21.53
N MET C 428 51.59 -7.53 -22.08
CA MET C 428 51.10 -7.04 -23.37
C MET C 428 51.84 -7.76 -24.49
N SER C 429 51.41 -8.99 -24.76
CA SER C 429 51.96 -9.81 -25.83
C SER C 429 50.87 -10.13 -26.82
N THR C 430 51.13 -9.87 -28.10
CA THR C 430 50.14 -10.12 -29.13
C THR C 430 50.00 -11.62 -29.39
N TYR C 431 48.88 -11.97 -30.03
CA TYR C 431 48.61 -13.36 -30.42
C TYR C 431 48.15 -13.36 -31.87
N LEU C 432 49.02 -13.80 -32.77
CA LEU C 432 48.68 -13.88 -34.18
C LEU C 432 48.04 -15.21 -34.56
N GLY C 433 48.01 -16.18 -33.65
CA GLY C 433 47.53 -17.50 -33.96
C GLY C 433 48.66 -18.37 -34.47
N PRO C 434 48.54 -19.69 -34.29
CA PRO C 434 49.63 -20.59 -34.66
C PRO C 434 50.01 -20.50 -36.14
N SER C 435 49.05 -20.76 -37.02
CA SER C 435 49.35 -20.83 -38.45
C SER C 435 49.93 -19.52 -38.95
N LEU C 436 49.34 -18.40 -38.56
CA LEU C 436 49.91 -17.10 -38.91
C LEU C 436 51.29 -16.92 -38.28
N THR C 437 51.51 -17.51 -37.11
CA THR C 437 52.82 -17.40 -36.47
C THR C 437 53.90 -18.07 -37.32
N GLU C 438 53.67 -19.31 -37.76
CA GLU C 438 54.71 -19.91 -38.60
C GLU C 438 54.74 -19.30 -39.99
N PHE C 439 53.63 -18.73 -40.47
CA PHE C 439 53.68 -18.01 -41.74
C PHE C 439 54.62 -16.82 -41.64
N LEU C 440 54.48 -16.03 -40.58
CA LEU C 440 55.37 -14.89 -40.38
C LEU C 440 56.80 -15.34 -40.09
N ASN C 441 56.97 -16.48 -39.41
CA ASN C 441 58.31 -17.01 -39.18
C ASN C 441 58.98 -17.39 -40.50
N THR C 442 58.23 -18.03 -41.39
CA THR C 442 58.76 -18.38 -42.71
C THR C 442 59.08 -17.12 -43.51
N VAL C 443 58.23 -16.09 -43.41
CA VAL C 443 58.54 -14.83 -44.08
C VAL C 443 59.84 -14.25 -43.54
N LYS C 444 60.01 -14.30 -42.21
CA LYS C 444 61.26 -13.85 -41.58
C LYS C 444 62.45 -14.67 -42.05
N ASN C 445 62.24 -15.96 -42.32
CA ASN C 445 63.32 -16.79 -42.84
C ASN C 445 63.64 -16.49 -44.29
N GLY C 446 62.80 -15.74 -44.99
CA GLY C 446 63.03 -15.40 -46.38
C GLY C 446 62.14 -16.16 -47.32
N SER C 447 60.93 -16.50 -46.88
CA SER C 447 59.99 -17.27 -47.69
C SER C 447 58.59 -16.68 -47.45
N LEU C 448 58.14 -15.84 -48.37
CA LEU C 448 56.83 -15.20 -48.29
C LEU C 448 55.88 -15.87 -49.26
N GLY C 449 54.75 -16.36 -48.74
CA GLY C 449 53.73 -16.97 -49.57
C GLY C 449 52.42 -16.20 -49.51
N GLU C 450 51.39 -16.84 -48.97
CA GLU C 450 50.09 -16.19 -48.80
C GLU C 450 49.38 -16.85 -47.63
N TYR C 451 49.16 -16.10 -46.56
CA TYR C 451 48.47 -16.63 -45.39
C TYR C 451 47.03 -16.99 -45.75
N ALA C 452 46.61 -18.17 -45.34
CA ALA C 452 45.28 -18.68 -45.64
C ALA C 452 44.89 -19.67 -44.57
N PRO C 453 44.06 -19.28 -43.61
CA PRO C 453 43.61 -20.24 -42.59
C PRO C 453 42.58 -21.21 -43.13
N LYS C 454 43.03 -22.25 -43.84
CA LYS C 454 42.10 -23.24 -44.38
C LYS C 454 41.33 -23.92 -43.27
N LYS C 455 40.03 -24.08 -43.49
CA LYS C 455 39.17 -24.70 -42.49
C LYS C 455 39.26 -26.22 -42.58
N LYS C 456 39.62 -26.83 -41.48
CA LYS C 456 39.72 -28.28 -41.33
C LYS C 456 38.36 -28.88 -41.01
N PRO C 457 38.13 -30.12 -41.44
CA PRO C 457 36.87 -30.78 -41.10
C PRO C 457 36.77 -31.10 -39.61
N LEU C 458 35.53 -31.17 -39.14
CA LEU C 458 35.24 -31.49 -37.74
C LEU C 458 33.98 -32.35 -37.72
N GLU C 459 34.14 -33.63 -37.40
CA GLU C 459 33.04 -34.56 -37.32
C GLU C 459 32.87 -35.03 -35.88
N PHE C 460 31.62 -35.28 -35.49
CA PHE C 460 31.29 -35.59 -34.11
C PHE C 460 31.14 -37.09 -33.87
N GLY C 461 31.51 -37.92 -34.85
CA GLY C 461 31.38 -39.36 -34.70
C GLY C 461 30.00 -39.91 -34.93
N SER C 462 29.04 -39.08 -35.34
CA SER C 462 27.68 -39.53 -35.61
C SER C 462 27.26 -39.06 -36.99
N ASP C 463 26.67 -39.96 -37.77
CA ASP C 463 26.18 -39.59 -39.10
C ASP C 463 25.05 -38.57 -39.00
N THR C 464 24.20 -38.68 -37.98
CA THR C 464 23.13 -37.70 -37.80
C THR C 464 23.70 -36.31 -37.55
N LEU C 465 24.73 -36.22 -36.73
CA LEU C 465 25.33 -34.92 -36.42
C LEU C 465 26.13 -34.43 -37.62
N PRO C 466 25.90 -33.20 -38.07
CA PRO C 466 26.57 -32.72 -39.29
C PRO C 466 28.07 -32.57 -39.09
N SER C 467 28.80 -32.77 -40.17
CA SER C 467 30.24 -32.54 -40.20
C SER C 467 30.49 -31.10 -40.65
N ILE C 468 31.18 -30.33 -39.82
CA ILE C 468 31.34 -28.91 -40.05
C ILE C 468 32.77 -28.64 -40.51
N GLU C 469 33.03 -27.41 -40.93
CA GLU C 469 34.36 -26.93 -41.26
C GLU C 469 34.73 -25.82 -40.28
N VAL C 470 35.85 -25.97 -39.60
CA VAL C 470 36.25 -24.99 -38.58
C VAL C 470 37.65 -24.47 -38.93
N PRO C 471 37.93 -23.19 -38.72
CA PRO C 471 39.26 -22.67 -39.05
C PRO C 471 40.35 -23.40 -38.27
N ALA C 472 41.47 -23.64 -38.95
CA ALA C 472 42.59 -24.30 -38.31
C ALA C 472 43.16 -23.47 -37.17
N GLU C 473 42.85 -22.18 -37.12
CA GLU C 473 43.30 -21.31 -36.04
C GLU C 473 42.57 -21.69 -34.76
N ASP C 474 43.27 -22.40 -33.87
CA ASP C 474 42.73 -22.66 -32.53
C ASP C 474 42.74 -21.34 -31.77
N ARG C 475 41.59 -20.68 -31.71
CA ARG C 475 41.54 -19.33 -31.16
C ARG C 475 41.88 -19.33 -29.68
N ASN C 476 42.45 -18.21 -29.23
CA ASN C 476 42.91 -18.04 -27.87
C ASN C 476 42.16 -16.89 -27.20
N ARG C 477 41.87 -17.06 -25.91
CA ARG C 477 41.22 -16.03 -25.12
C ARG C 477 42.10 -15.49 -24.00
N THR C 478 43.33 -15.98 -23.88
CA THR C 478 44.22 -15.58 -22.80
C THR C 478 45.18 -14.45 -23.20
N SER C 479 45.05 -13.93 -24.41
CA SER C 479 45.98 -12.91 -24.86
C SER C 479 45.35 -11.52 -24.75
N PRO C 480 46.15 -10.50 -24.45
CA PRO C 480 45.61 -9.14 -24.40
C PRO C 480 45.36 -8.56 -25.79
N PHE C 481 46.16 -8.99 -26.77
CA PHE C 481 46.06 -8.50 -28.14
C PHE C 481 46.03 -9.68 -29.10
N PRO C 482 44.96 -10.48 -29.07
CA PRO C 482 44.83 -11.57 -30.03
C PRO C 482 44.30 -11.09 -31.36
N TYR C 483 44.72 -11.78 -32.42
CA TYR C 483 44.22 -11.53 -33.77
C TYR C 483 43.02 -12.44 -34.00
N GLY C 484 41.83 -11.90 -33.80
CA GLY C 484 40.62 -12.68 -33.92
C GLY C 484 40.22 -12.97 -35.36
N GLY C 485 41.11 -13.59 -36.11
CA GLY C 485 40.81 -13.97 -37.49
C GLY C 485 40.82 -12.87 -38.51
N ASN C 486 40.16 -11.75 -38.21
CA ASN C 486 40.08 -10.65 -39.17
C ASN C 486 40.23 -9.28 -38.50
N ARG C 487 40.73 -9.24 -37.27
CA ARG C 487 40.81 -8.02 -36.48
C ARG C 487 41.55 -8.35 -35.19
N PHE C 488 41.98 -7.30 -34.48
CA PHE C 488 42.68 -7.45 -33.22
C PHE C 488 41.69 -7.21 -32.08
N GLU C 489 41.29 -8.30 -31.41
CA GLU C 489 40.31 -8.17 -30.32
C GLU C 489 41.07 -7.85 -29.04
N PHE C 490 41.50 -6.59 -28.93
CA PHE C 490 42.24 -6.14 -27.76
C PHE C 490 41.31 -6.18 -26.56
N ARG C 491 41.41 -7.24 -25.76
CA ARG C 491 40.48 -7.48 -24.67
C ARG C 491 40.89 -6.81 -23.37
N ALA C 492 42.05 -6.16 -23.33
CA ALA C 492 42.52 -5.56 -22.10
C ALA C 492 41.78 -4.28 -21.74
N ALA C 493 41.10 -3.66 -22.70
CA ALA C 493 40.38 -2.42 -22.43
C ALA C 493 39.24 -2.66 -21.46
N GLY C 494 39.02 -1.69 -20.57
CA GLY C 494 38.03 -1.80 -19.53
C GLY C 494 36.72 -1.12 -19.87
N SER C 495 35.66 -1.54 -19.19
CA SER C 495 34.32 -1.02 -19.49
C SER C 495 34.20 0.45 -19.10
N SER C 496 34.56 0.78 -17.87
CA SER C 496 34.39 2.16 -17.41
C SER C 496 35.29 3.12 -18.19
N GLN C 497 36.54 2.71 -18.42
CA GLN C 497 37.46 3.55 -19.17
C GLN C 497 37.01 3.65 -20.62
N ASN C 498 36.92 4.87 -21.13
CA ASN C 498 36.63 5.06 -22.54
C ASN C 498 37.83 4.65 -23.39
N VAL C 499 37.56 3.95 -24.49
CA VAL C 499 38.61 3.35 -25.30
C VAL C 499 39.32 4.40 -26.13
N SER C 500 38.89 5.66 -26.00
CA SER C 500 39.47 6.73 -26.79
C SER C 500 40.98 6.74 -26.70
N LEU C 501 41.52 6.64 -25.47
CA LEU C 501 42.96 6.56 -25.30
C LEU C 501 43.54 5.32 -25.95
N VAL C 502 42.82 4.19 -25.85
CA VAL C 502 43.28 2.95 -26.46
C VAL C 502 43.38 3.12 -27.97
N ASN C 503 42.37 3.73 -28.58
CA ASN C 503 42.45 3.95 -30.02
C ASN C 503 43.53 4.95 -30.38
N THR C 504 43.74 5.98 -29.55
CA THR C 504 44.84 6.91 -29.82
C THR C 504 46.16 6.17 -29.88
N VAL C 505 46.44 5.35 -28.87
CA VAL C 505 47.73 4.69 -28.81
C VAL C 505 47.86 3.66 -29.93
N LEU C 506 46.80 2.91 -30.21
CA LEU C 506 46.87 1.92 -31.28
C LEU C 506 47.10 2.60 -32.62
N ASN C 507 46.38 3.69 -32.90
CA ASN C 507 46.55 4.40 -34.15
C ASN C 507 47.94 4.98 -34.27
N THR C 508 48.48 5.55 -33.18
CA THR C 508 49.78 6.20 -33.28
C THR C 508 50.90 5.17 -33.44
N ILE C 509 50.79 4.01 -32.78
CA ILE C 509 51.82 3.00 -32.96
C ILE C 509 51.74 2.39 -34.36
N ALA C 510 50.52 2.19 -34.87
CA ALA C 510 50.38 1.73 -36.24
C ALA C 510 50.94 2.75 -37.21
N ALA C 511 50.72 4.04 -36.96
CA ALA C 511 51.24 5.08 -37.83
C ALA C 511 52.76 5.14 -37.77
N GLU C 512 53.34 4.92 -36.58
CA GLU C 512 54.80 4.91 -36.48
C GLU C 512 55.39 3.76 -37.28
N ALA C 513 54.85 2.55 -37.11
CA ALA C 513 55.36 1.42 -37.88
C ALA C 513 55.14 1.64 -39.37
N PHE C 514 54.01 2.23 -39.74
CA PHE C 514 53.70 2.47 -41.14
C PHE C 514 54.64 3.51 -41.73
N LYS C 515 54.97 4.54 -40.96
CA LYS C 515 55.95 5.53 -41.41
C LYS C 515 57.32 4.89 -41.58
N ILE C 516 57.69 3.99 -40.66
CA ILE C 516 58.98 3.33 -40.77
C ILE C 516 59.06 2.51 -42.05
N VAL C 517 58.01 1.71 -42.30
CA VAL C 517 58.04 0.87 -43.50
C VAL C 517 57.96 1.72 -44.76
N ALA C 518 57.21 2.83 -44.71
CA ALA C 518 57.11 3.72 -45.86
C ALA C 518 58.45 4.38 -46.15
N ASP C 519 59.17 4.81 -45.11
CA ASP C 519 60.48 5.40 -45.30
C ASP C 519 61.46 4.39 -45.87
N ARG C 520 61.40 3.14 -45.37
CA ARG C 520 62.26 2.10 -45.91
C ARG C 520 61.94 1.83 -47.39
N LEU C 521 60.66 1.83 -47.74
CA LEU C 521 60.28 1.66 -49.15
C LEU C 521 60.80 2.82 -50.00
N GLU C 522 60.64 4.05 -49.51
CA GLU C 522 61.09 5.21 -50.26
C GLU C 522 62.61 5.23 -50.41
N ALA C 523 63.32 4.65 -49.45
CA ALA C 523 64.77 4.51 -49.56
C ALA C 523 65.18 3.51 -50.63
N GLY C 524 64.23 2.74 -51.16
CA GLY C 524 64.51 1.73 -52.15
C GLY C 524 64.59 0.32 -51.62
N GLU C 525 64.47 0.13 -50.31
CA GLU C 525 64.54 -1.21 -49.75
C GLU C 525 63.35 -2.05 -50.19
N LYS C 526 63.62 -3.31 -50.51
CA LYS C 526 62.57 -4.22 -50.90
C LYS C 526 61.63 -4.48 -49.72
N PRO C 527 60.32 -4.55 -49.95
CA PRO C 527 59.41 -4.85 -48.84
C PRO C 527 59.74 -6.17 -48.14
N LEU C 528 60.28 -7.14 -48.89
CA LEU C 528 60.72 -8.38 -48.26
C LEU C 528 61.70 -8.09 -47.14
N ALA C 529 62.83 -7.45 -47.47
CA ALA C 529 63.90 -7.24 -46.48
C ALA C 529 63.37 -6.51 -45.25
N ILE C 530 62.47 -5.55 -45.46
CA ILE C 530 61.82 -4.90 -44.33
C ILE C 530 61.05 -5.91 -43.50
N ALA C 531 60.35 -6.85 -44.17
CA ALA C 531 59.60 -7.87 -43.44
C ALA C 531 60.53 -8.71 -42.57
N GLN C 532 61.61 -9.24 -43.16
CA GLN C 532 62.51 -10.07 -42.35
C GLN C 532 63.14 -9.25 -41.21
N ASP C 533 63.58 -8.03 -41.50
CA ASP C 533 64.23 -7.23 -40.47
C ASP C 533 63.28 -6.96 -39.31
N LEU C 534 62.08 -6.49 -39.62
CA LEU C 534 61.12 -6.17 -38.57
C LEU C 534 60.71 -7.41 -37.80
N LEU C 535 60.53 -8.54 -38.50
CA LEU C 535 60.13 -9.76 -37.82
C LEU C 535 61.23 -10.26 -36.89
N LYS C 536 62.48 -10.31 -37.36
CA LYS C 536 63.54 -10.75 -36.47
C LYS C 536 63.78 -9.76 -35.34
N THR C 537 63.39 -8.50 -35.52
CA THR C 537 63.52 -7.53 -34.44
C THR C 537 62.43 -7.71 -33.39
N HIS C 538 61.20 -8.03 -33.80
CA HIS C 538 60.06 -7.91 -32.90
C HIS C 538 59.24 -9.19 -32.77
N ASP C 539 59.82 -10.36 -33.11
CA ASP C 539 59.08 -11.61 -32.96
C ASP C 539 58.96 -12.07 -31.51
N LYS C 540 59.68 -11.44 -30.57
CA LYS C 540 59.64 -11.87 -29.19
C LYS C 540 58.24 -11.66 -28.59
N CYS C 541 57.58 -10.56 -28.94
CA CYS C 541 56.28 -10.25 -28.35
C CYS C 541 55.19 -11.21 -28.81
N ILE C 542 55.41 -11.97 -29.88
CA ILE C 542 54.39 -12.89 -30.36
C ILE C 542 54.29 -14.07 -29.40
N PHE C 543 53.06 -14.37 -28.98
CA PHE C 543 52.82 -15.47 -28.05
C PHE C 543 51.55 -16.20 -28.47
N ASN C 544 51.61 -17.54 -28.43
CA ASN C 544 50.49 -18.36 -28.83
C ASN C 544 49.97 -19.30 -27.74
N GLY C 545 50.74 -19.52 -26.69
CA GLY C 545 50.36 -20.46 -25.65
C GLY C 545 49.34 -19.88 -24.69
N ASN C 546 49.13 -20.61 -23.60
CA ASN C 546 48.17 -20.21 -22.58
C ASN C 546 48.73 -19.03 -21.80
N GLY C 547 48.09 -17.86 -21.94
CA GLY C 547 48.54 -16.68 -21.23
C GLY C 547 48.20 -16.67 -19.76
N TYR C 548 47.26 -17.52 -19.34
CA TYR C 548 46.86 -17.59 -17.93
C TYR C 548 47.82 -18.43 -17.10
N ASP C 549 48.84 -19.02 -17.72
CA ASP C 549 49.82 -19.79 -16.97
C ASP C 549 50.57 -18.88 -16.01
N PRO C 550 50.67 -19.23 -14.73
CA PRO C 550 51.47 -18.41 -13.80
C PRO C 550 52.94 -18.33 -14.21
N ALA C 551 53.43 -19.29 -14.98
CA ALA C 551 54.80 -19.26 -15.47
C ALA C 551 54.95 -18.45 -16.75
N TRP C 552 53.89 -17.77 -17.20
CA TRP C 552 54.00 -16.94 -18.40
C TRP C 552 54.65 -15.58 -18.17
N PRO C 553 54.31 -14.83 -17.11
CA PRO C 553 54.90 -13.47 -16.99
C PRO C 553 56.41 -13.46 -16.94
N ASP C 554 57.05 -14.37 -16.21
CA ASP C 554 58.50 -14.37 -16.13
C ASP C 554 59.13 -14.81 -17.45
N GLU C 555 58.49 -15.76 -18.14
CA GLU C 555 58.97 -16.15 -19.46
C GLU C 555 58.89 -14.99 -20.45
N ALA C 556 57.81 -14.22 -20.39
CA ALA C 556 57.69 -13.04 -21.25
C ALA C 556 58.73 -11.99 -20.89
N VAL C 557 58.99 -11.81 -19.60
CA VAL C 557 60.02 -10.86 -19.18
C VAL C 557 61.38 -11.29 -19.73
N LYS C 558 61.68 -12.57 -19.65
CA LYS C 558 62.91 -13.08 -20.25
C LYS C 558 62.93 -12.83 -21.76
N ARG C 559 61.79 -13.03 -22.42
CA ARG C 559 61.71 -12.76 -23.85
C ARG C 559 61.90 -11.29 -24.16
N GLY C 560 61.56 -10.41 -23.21
CA GLY C 560 61.64 -8.98 -23.42
C GLY C 560 60.32 -8.32 -23.75
N ILE C 561 59.20 -9.03 -23.65
CA ILE C 561 57.90 -8.44 -23.95
C ILE C 561 57.53 -7.44 -22.87
N TRP C 562 56.82 -6.39 -23.27
CA TRP C 562 56.36 -5.39 -22.32
C TRP C 562 55.40 -6.01 -21.31
N ARG C 563 55.62 -5.71 -20.04
CA ARG C 563 54.75 -6.21 -18.98
C ARG C 563 54.84 -5.26 -17.79
N ILE C 564 53.74 -4.57 -17.49
CA ILE C 564 53.67 -3.65 -16.36
C ILE C 564 52.52 -4.13 -15.49
N ASP C 565 52.85 -4.76 -14.36
CA ASP C 565 51.83 -5.22 -13.44
C ASP C 565 51.13 -4.06 -12.73
N ALA C 566 51.73 -2.88 -12.74
CA ALA C 566 51.21 -1.72 -12.04
C ALA C 566 50.60 -0.73 -13.02
N GLY C 567 49.33 -0.37 -12.81
CA GLY C 567 48.72 0.66 -13.62
C GLY C 567 49.39 2.01 -13.42
N CYS C 568 49.85 2.29 -12.21
CA CYS C 568 50.55 3.53 -11.94
C CYS C 568 51.82 3.63 -12.77
N ASP C 569 52.63 2.57 -12.76
CA ASP C 569 53.84 2.56 -13.59
C ASP C 569 53.49 2.57 -15.07
N ALA C 570 52.38 1.91 -15.45
CA ALA C 570 51.95 1.94 -16.85
C ALA C 570 51.67 3.37 -17.29
N ILE C 571 50.94 4.14 -16.48
CA ILE C 571 50.68 5.53 -16.82
C ILE C 571 51.97 6.34 -16.82
N ASN C 572 52.82 6.12 -15.81
CA ASN C 572 54.09 6.85 -15.75
C ASN C 572 54.97 6.58 -16.96
N GLU C 573 54.78 5.43 -17.61
CA GLU C 573 55.53 5.14 -18.83
C GLU C 573 55.11 6.04 -20.00
N LEU C 574 54.02 6.79 -19.86
CA LEU C 574 53.53 7.60 -20.97
C LEU C 574 54.54 8.67 -21.37
N ASP C 575 55.17 9.32 -20.39
CA ASP C 575 56.09 10.40 -20.67
C ASP C 575 57.52 9.93 -20.88
N SER C 576 57.71 8.65 -21.19
CA SER C 576 59.04 8.13 -21.45
C SER C 576 59.60 8.74 -22.74
N ALA C 577 60.92 8.72 -22.87
CA ALA C 577 61.58 9.36 -24.00
C ALA C 577 61.08 8.77 -25.32
N LYS C 578 61.03 7.44 -25.41
CA LYS C 578 60.55 6.81 -26.63
C LYS C 578 59.09 7.17 -26.89
N ASN C 579 58.26 7.13 -25.85
CA ASN C 579 56.83 7.45 -26.03
C ASN C 579 56.64 8.90 -26.43
N VAL C 580 57.39 9.82 -25.82
CA VAL C 580 57.28 11.23 -26.17
C VAL C 580 57.74 11.46 -27.60
N THR C 581 58.86 10.86 -27.99
CA THR C 581 59.33 11.00 -29.37
C THR C 581 58.32 10.43 -30.35
N LEU C 582 57.65 9.35 -29.96
CA LEU C 582 56.52 8.85 -30.75
C LEU C 582 55.43 9.90 -30.88
N PHE C 583 55.05 10.53 -29.77
CA PHE C 583 53.89 11.41 -29.78
C PHE C 583 54.14 12.65 -30.61
N GLU C 584 55.32 13.26 -30.52
CA GLU C 584 55.58 14.36 -31.44
C GLU C 584 55.89 13.87 -32.85
N GLY C 585 56.42 12.65 -33.00
CA GLY C 585 56.67 12.13 -34.34
C GLY C 585 55.41 11.96 -35.15
N MET C 586 54.37 11.43 -34.52
CA MET C 586 53.06 11.30 -35.16
C MET C 586 52.19 12.53 -34.95
N GLY C 587 52.66 13.52 -34.19
CA GLY C 587 51.90 14.73 -33.97
C GLY C 587 50.73 14.57 -33.03
N ILE C 588 50.68 13.49 -32.27
CA ILE C 588 49.54 13.25 -31.39
C ILE C 588 49.55 14.23 -30.23
N PHE C 589 50.71 14.45 -29.63
CA PHE C 589 50.83 15.34 -28.48
C PHE C 589 52.15 16.10 -28.57
N THR C 590 52.19 17.22 -27.87
CA THR C 590 53.45 17.87 -27.54
C THR C 590 53.92 17.38 -26.18
N ALA C 591 55.15 17.77 -25.81
CA ALA C 591 55.67 17.40 -24.50
C ALA C 591 54.77 17.92 -23.39
N ARG C 592 54.32 19.16 -23.50
CA ARG C 592 53.36 19.69 -22.53
C ARG C 592 52.05 18.92 -22.60
N GLU C 593 51.60 18.58 -23.80
CA GLU C 593 50.34 17.85 -23.95
C GLU C 593 50.40 16.49 -23.29
N ILE C 594 51.45 15.73 -23.58
CA ILE C 594 51.56 14.39 -23.01
C ILE C 594 51.80 14.46 -21.51
N GLN C 595 52.57 15.46 -21.06
CA GLN C 595 52.78 15.61 -19.63
C GLN C 595 51.47 15.91 -18.91
N ALA C 596 50.64 16.78 -19.49
CA ALA C 596 49.34 17.07 -18.89
C ALA C 596 48.45 15.84 -18.92
N ARG C 597 48.49 15.07 -20.01
CA ARG C 597 47.68 13.87 -20.09
C ARG C 597 48.07 12.87 -19.01
N LYS C 598 49.37 12.64 -18.84
CA LYS C 598 49.85 11.74 -17.80
C LYS C 598 49.48 12.25 -16.42
N SER C 599 49.62 13.56 -16.21
CA SER C 599 49.26 14.15 -14.92
C SER C 599 47.79 13.93 -14.63
N VAL C 600 46.92 14.15 -15.62
CA VAL C 600 45.49 13.98 -15.42
C VAL C 600 45.17 12.53 -15.14
N LEU C 601 45.78 11.60 -15.88
CA LEU C 601 45.49 10.19 -15.66
C LEU C 601 45.94 9.75 -14.27
N LEU C 602 47.13 10.16 -13.84
CA LEU C 602 47.61 9.81 -12.51
C LEU C 602 46.71 10.41 -11.44
N GLY C 603 46.30 11.67 -11.63
CA GLY C 603 45.41 12.29 -10.67
C GLY C 603 44.06 11.61 -10.61
N HIS C 604 43.54 11.20 -11.76
CA HIS C 604 42.27 10.49 -11.80
C HIS C 604 42.38 9.17 -11.04
N TYR C 605 43.45 8.42 -11.29
CA TYR C 605 43.64 7.15 -10.61
C TYR C 605 43.77 7.34 -9.11
N VAL C 606 44.58 8.30 -8.69
CA VAL C 606 44.82 8.48 -7.27
C VAL C 606 43.56 9.02 -6.59
N GLY C 607 42.78 9.85 -7.29
CA GLY C 607 41.54 10.33 -6.73
C GLY C 607 40.50 9.23 -6.59
N SER C 608 40.43 8.34 -7.58
CA SER C 608 39.52 7.22 -7.47
C SER C 608 39.91 6.31 -6.31
N VAL C 609 41.20 6.05 -6.15
CA VAL C 609 41.65 5.24 -5.01
C VAL C 609 41.36 5.96 -3.70
N GLU C 610 41.55 7.28 -3.68
CA GLU C 610 41.28 8.06 -2.47
C GLU C 610 39.81 8.02 -2.10
N MET C 611 38.92 8.12 -3.07
CA MET C 611 37.49 8.04 -2.77
C MET C 611 37.08 6.63 -2.39
N GLU C 612 37.71 5.61 -2.97
CA GLU C 612 37.47 4.25 -2.47
C GLU C 612 37.89 4.13 -1.02
N ALA C 613 39.03 4.72 -0.67
CA ALA C 613 39.50 4.70 0.72
C ALA C 613 38.54 5.42 1.64
N LEU C 614 38.08 6.60 1.23
CA LEU C 614 37.15 7.37 2.07
C LEU C 614 35.82 6.64 2.21
N THR C 615 35.36 6.01 1.14
CA THR C 615 34.14 5.22 1.21
C THR C 615 34.33 4.03 2.14
N MET C 616 35.52 3.42 2.12
CA MET C 616 35.82 2.35 3.08
C MET C 616 35.76 2.88 4.51
N ILE C 617 36.30 4.08 4.73
CA ILE C 617 36.25 4.68 6.06
C ILE C 617 34.80 4.86 6.50
N ASP C 618 33.98 5.41 5.60
CA ASP C 618 32.58 5.64 5.93
C ASP C 618 31.84 4.32 6.15
N MET C 619 32.18 3.30 5.38
CA MET C 619 31.55 1.99 5.55
C MET C 619 31.92 1.38 6.89
N ILE C 620 33.20 1.40 7.25
CA ILE C 620 33.61 0.83 8.52
C ILE C 620 32.99 1.58 9.68
N ASN C 621 33.06 2.91 9.65
CA ASN C 621 32.57 3.68 10.80
C ASN C 621 31.05 3.67 10.87
N GLN C 622 30.38 3.63 9.73
CA GLN C 622 28.93 3.78 9.64
C GLN C 622 28.19 2.46 9.57
N HIS C 623 28.75 1.45 8.91
CA HIS C 623 28.07 0.18 8.72
C HIS C 623 28.77 -0.97 9.44
N VAL C 624 30.05 -1.20 9.15
CA VAL C 624 30.71 -2.42 9.61
C VAL C 624 30.88 -2.41 11.12
N ILE C 625 31.41 -1.32 11.68
CA ILE C 625 31.58 -1.23 13.13
C ILE C 625 30.24 -1.26 13.86
N PRO C 626 29.22 -0.48 13.46
CA PRO C 626 27.93 -0.61 14.13
C PRO C 626 27.32 -1.99 14.02
N SER C 627 27.46 -2.65 12.86
CA SER C 627 26.92 -4.00 12.72
C SER C 627 27.65 -4.97 13.64
N VAL C 628 28.98 -4.83 13.74
CA VAL C 628 29.74 -5.70 14.64
C VAL C 628 29.31 -5.46 16.08
N LYS C 629 29.14 -4.20 16.47
CA LYS C 629 28.73 -3.90 17.83
C LYS C 629 27.33 -4.43 18.12
N LYS C 630 26.41 -4.30 17.17
CA LYS C 630 25.04 -4.74 17.38
C LYS C 630 24.95 -6.26 17.45
N ALA C 631 25.58 -6.94 16.51
CA ALA C 631 25.54 -8.40 16.48
C ALA C 631 26.54 -9.04 17.43
N ASP C 632 27.38 -8.25 18.09
CA ASP C 632 28.37 -8.74 19.05
C ASP C 632 29.27 -9.81 18.42
N LEU C 633 29.92 -9.42 17.33
CA LEU C 633 30.82 -10.30 16.60
C LEU C 633 32.27 -10.15 17.03
N GLY C 634 32.50 -9.79 18.29
CA GLY C 634 33.86 -9.61 18.79
C GLY C 634 34.27 -8.16 18.82
N ASN C 635 35.53 -7.97 19.18
CA ASN C 635 36.08 -6.62 19.30
C ASN C 635 36.26 -6.00 17.92
N PRO C 636 35.63 -4.85 17.65
CA PRO C 636 35.86 -4.16 16.38
C PRO C 636 37.09 -3.26 16.38
N SER C 637 37.94 -3.34 17.41
CA SER C 637 39.12 -2.49 17.47
C SER C 637 40.03 -2.71 16.27
N LYS C 638 40.00 -3.91 15.70
CA LYS C 638 40.75 -4.17 14.48
C LYS C 638 40.27 -3.27 13.34
N LEU C 639 38.95 -3.08 13.25
CA LEU C 639 38.42 -2.21 12.21
C LEU C 639 38.79 -0.75 12.46
N VAL C 640 38.84 -0.34 13.74
CA VAL C 640 39.26 1.01 14.07
C VAL C 640 40.71 1.22 13.66
N ASP C 641 41.56 0.22 13.93
CA ASP C 641 42.95 0.29 13.50
C ASP C 641 43.04 0.34 11.98
N ALA C 642 42.16 -0.39 11.30
CA ALA C 642 42.12 -0.33 9.84
C ALA C 642 41.76 1.07 9.35
N VAL C 643 40.81 1.72 10.03
CA VAL C 643 40.44 3.09 9.68
C VAL C 643 41.63 4.01 9.88
N LYS C 644 42.34 3.84 10.98
CA LYS C 644 43.53 4.66 11.22
C LYS C 644 44.56 4.45 10.12
N THR C 645 44.76 3.19 9.73
CA THR C 645 45.74 2.88 8.69
C THR C 645 45.35 3.49 7.35
N ILE C 646 44.08 3.38 6.97
CA ILE C 646 43.65 3.88 5.67
C ILE C 646 43.68 5.41 5.67
N LYS C 647 43.30 6.04 6.79
CA LYS C 647 43.39 7.48 6.88
C LYS C 647 44.84 7.95 6.77
N GLY C 648 45.76 7.25 7.44
CA GLY C 648 47.16 7.59 7.30
C GLY C 648 47.65 7.43 5.88
N ALA C 649 47.20 6.37 5.20
CA ALA C 649 47.59 6.16 3.82
C ALA C 649 47.11 7.30 2.92
N VAL C 650 45.86 7.74 3.12
CA VAL C 650 45.39 8.91 2.38
C VAL C 650 46.22 10.14 2.74
N ALA C 651 46.67 10.22 3.99
CA ALA C 651 47.51 11.34 4.41
C ALA C 651 48.82 11.36 3.64
N GLN C 652 49.48 10.21 3.51
CA GLN C 652 50.71 10.18 2.70
C GLN C 652 50.41 10.45 1.24
N ILE C 653 49.25 9.97 0.75
CA ILE C 653 48.88 10.22 -0.63
C ILE C 653 48.77 11.71 -0.90
N HIS C 654 48.11 12.44 -0.01
CA HIS C 654 47.97 13.89 -0.15
C HIS C 654 49.22 14.65 0.26
N GLY C 655 50.17 14.00 0.93
CA GLY C 655 51.37 14.67 1.37
C GLY C 655 52.55 14.58 0.43
N THR C 656 52.46 13.73 -0.59
CA THR C 656 53.53 13.60 -1.57
C THR C 656 53.19 14.41 -2.81
N GLU C 657 54.22 14.95 -3.44
CA GLU C 657 54.05 15.83 -4.59
C GLU C 657 54.25 15.12 -5.93
N ASP C 658 55.14 14.15 -6.01
CA ASP C 658 55.35 13.42 -7.26
C ASP C 658 54.09 12.65 -7.61
N GLU C 659 53.54 12.92 -8.80
CA GLU C 659 52.30 12.29 -9.21
C GLU C 659 52.45 10.79 -9.34
N HIS C 660 53.56 10.33 -9.92
CA HIS C 660 53.79 8.90 -10.01
C HIS C 660 53.96 8.27 -8.64
N LYS C 661 54.64 8.96 -7.73
CA LYS C 661 54.78 8.45 -6.36
C LYS C 661 53.41 8.35 -5.69
N ALA C 662 52.58 9.37 -5.86
CA ALA C 662 51.23 9.32 -5.29
C ALA C 662 50.43 8.17 -5.88
N ALA C 663 50.53 7.96 -7.19
CA ALA C 663 49.81 6.86 -7.82
C ALA C 663 50.32 5.51 -7.34
N THR C 664 51.62 5.37 -7.15
CA THR C 664 52.18 4.11 -6.66
C THR C 664 51.71 3.84 -5.24
N LEU C 665 51.73 4.85 -4.38
CA LEU C 665 51.21 4.67 -3.02
C LEU C 665 49.73 4.32 -3.06
N ALA C 666 48.96 4.96 -3.93
CA ALA C 666 47.54 4.67 -4.03
C ALA C 666 47.31 3.23 -4.47
N ARG C 667 48.04 2.78 -5.49
CA ARG C 667 47.87 1.42 -5.97
C ARG C 667 48.28 0.40 -4.91
N THR C 668 49.40 0.63 -4.24
CA THR C 668 49.81 -0.27 -3.16
C THR C 668 48.75 -0.32 -2.07
N LEU C 669 48.22 0.83 -1.69
CA LEU C 669 47.16 0.88 -0.70
C LEU C 669 45.97 0.04 -1.16
N ARG C 670 45.49 0.30 -2.37
CA ARG C 670 44.29 -0.36 -2.89
C ARG C 670 44.48 -1.87 -2.97
N LEU C 671 45.64 -2.32 -3.45
CA LEU C 671 45.85 -3.73 -3.68
C LEU C 671 46.27 -4.50 -2.43
N THR C 672 46.78 -3.83 -1.40
CA THR C 672 47.22 -4.54 -0.20
C THR C 672 46.40 -4.18 1.03
N THR C 673 46.39 -2.90 1.43
CA THR C 673 45.78 -2.56 2.70
C THR C 673 44.26 -2.61 2.60
N MET C 674 43.71 -2.05 1.52
CA MET C 674 42.28 -2.15 1.33
C MET C 674 41.82 -3.57 1.06
N VAL C 675 42.65 -4.40 0.43
CA VAL C 675 42.29 -5.79 0.23
C VAL C 675 42.26 -6.54 1.57
N ALA C 676 43.25 -6.29 2.43
CA ALA C 676 43.23 -6.92 3.75
C ALA C 676 42.03 -6.45 4.57
N ILE C 677 41.73 -5.16 4.51
CA ILE C 677 40.56 -4.63 5.20
C ILE C 677 39.29 -5.26 4.64
N ARG C 678 39.25 -5.47 3.32
CA ARG C 678 38.09 -6.10 2.70
C ARG C 678 37.94 -7.54 3.18
N GLU C 679 39.06 -8.25 3.33
CA GLU C 679 38.99 -9.61 3.86
C GLU C 679 38.47 -9.61 5.30
N ILE C 680 38.91 -8.64 6.10
CA ILE C 680 38.40 -8.54 7.46
C ILE C 680 36.90 -8.26 7.45
N ILE C 681 36.47 -7.37 6.56
CA ILE C 681 35.04 -7.05 6.46
C ILE C 681 34.25 -8.29 6.04
N ASP C 682 34.78 -9.06 5.10
CA ASP C 682 34.09 -10.27 4.67
C ASP C 682 33.99 -11.29 5.79
N GLU C 683 35.06 -11.42 6.59
CA GLU C 683 35.01 -12.29 7.75
C GLU C 683 33.94 -11.84 8.73
N PHE C 684 33.84 -10.54 8.97
CA PHE C 684 32.83 -10.03 9.89
C PHE C 684 31.43 -10.16 9.31
N GLU C 685 31.30 -10.11 7.99
CA GLU C 685 29.99 -10.22 7.36
C GLU C 685 29.50 -11.67 7.39
N SER C 686 30.40 -12.62 7.17
CA SER C 686 29.99 -14.02 7.16
C SER C 686 29.36 -14.42 8.47
N ARG C 687 29.77 -13.80 9.58
CA ARG C 687 29.19 -14.05 10.88
C ARG C 687 28.12 -13.04 11.26
N CYS C 688 27.73 -12.16 10.34
CA CYS C 688 26.75 -11.14 10.65
C CYS C 688 25.41 -11.50 10.04
N PRO C 689 24.31 -11.37 10.80
CA PRO C 689 23.00 -11.68 10.24
C PRO C 689 22.65 -10.71 9.13
N PRO C 690 21.82 -11.13 8.18
CA PRO C 690 21.49 -10.24 7.05
C PRO C 690 20.84 -8.92 7.48
N GLU C 691 20.02 -8.95 8.53
CA GLU C 691 19.39 -7.70 8.97
C GLU C 691 20.40 -6.75 9.60
N ASP C 692 21.42 -7.28 10.27
CA ASP C 692 22.42 -6.42 10.88
C ASP C 692 23.38 -5.84 9.85
N TRP C 693 23.63 -6.56 8.76
CA TRP C 693 24.50 -6.07 7.70
C TRP C 693 23.72 -5.03 6.89
N THR C 694 23.90 -3.76 7.25
CA THR C 694 23.18 -2.69 6.55
C THR C 694 23.58 -2.63 5.08
N LEU C 695 24.86 -2.79 4.78
CA LEU C 695 25.31 -2.83 3.41
C LEU C 695 24.69 -4.01 2.68
N ALA C 696 24.24 -3.78 1.45
CA ALA C 696 23.66 -4.86 0.66
C ALA C 696 24.76 -5.81 0.22
N THR C 697 24.55 -7.10 0.48
CA THR C 697 25.57 -8.11 0.22
C THR C 697 25.50 -8.58 -1.23
N TYR C 698 26.58 -9.24 -1.66
CA TYR C 698 26.70 -9.66 -3.06
C TYR C 698 25.53 -10.51 -3.51
N SER C 699 24.92 -11.27 -2.59
CA SER C 699 23.78 -12.09 -2.97
C SER C 699 22.63 -11.23 -3.47
N GLU C 700 22.37 -10.10 -2.79
CA GLU C 700 21.29 -9.22 -3.22
C GLU C 700 21.63 -8.50 -4.52
N LEU C 701 22.89 -8.10 -4.68
CA LEU C 701 23.27 -7.34 -5.87
C LEU C 701 23.30 -8.22 -7.11
N LEU C 702 23.87 -9.42 -7.01
CA LEU C 702 24.04 -10.28 -8.16
C LEU C 702 22.81 -11.14 -8.43
N PHE C 703 22.27 -11.77 -7.39
CA PHE C 703 21.17 -12.71 -7.52
C PHE C 703 19.89 -12.03 -7.06
N PHE C 704 19.08 -11.59 -8.02
CA PHE C 704 17.87 -10.84 -7.72
C PHE C 704 16.73 -11.26 -8.65
N PHE D 38 4.49 32.11 -24.04
CA PHE D 38 3.17 32.23 -24.64
C PHE D 38 2.53 33.54 -24.24
N GLY D 39 2.81 33.97 -23.01
CA GLY D 39 2.21 35.17 -22.46
C GLY D 39 0.82 35.01 -21.90
N SER D 40 0.30 33.79 -21.84
CA SER D 40 -1.07 33.57 -21.39
C SER D 40 -1.27 34.01 -19.95
N ALA D 41 -0.21 33.99 -19.14
CA ALA D 41 -0.28 34.38 -17.74
C ALA D 41 0.60 35.59 -17.48
N CYS D 42 0.69 36.49 -18.45
CA CYS D 42 1.49 37.71 -18.30
C CYS D 42 0.84 38.79 -19.15
N PHE D 43 0.16 39.73 -18.50
CA PHE D 43 -0.56 40.79 -19.21
C PHE D 43 0.46 41.78 -19.76
N LYS D 44 1.05 41.41 -20.89
CA LYS D 44 2.04 42.24 -21.55
C LYS D 44 2.09 41.91 -23.03
N GLY D 45 2.53 42.88 -23.83
CA GLY D 45 2.71 42.65 -25.25
C GLY D 45 1.43 42.30 -25.96
N ALA D 46 1.49 41.24 -26.78
CA ALA D 46 0.36 40.86 -27.60
C ALA D 46 -0.84 40.43 -26.75
N VAL D 47 -0.58 39.72 -25.66
CA VAL D 47 -1.67 39.28 -24.80
C VAL D 47 -2.39 40.48 -24.19
N ALA D 48 -1.64 41.47 -23.74
CA ALA D 48 -2.26 42.70 -23.24
C ALA D 48 -3.03 43.42 -24.33
N ASP D 49 -2.45 43.49 -25.54
CA ASP D 49 -3.11 44.16 -26.65
C ASP D 49 -4.41 43.48 -27.01
N LYS D 50 -4.48 42.16 -26.83
CA LYS D 50 -5.70 41.41 -27.16
C LYS D 50 -6.93 42.00 -26.48
N TYR D 51 -6.77 42.45 -25.24
CA TYR D 51 -7.89 43.03 -24.50
C TYR D 51 -7.85 44.55 -24.47
N LEU D 52 -6.69 45.16 -24.74
CA LEU D 52 -6.66 46.61 -24.85
C LEU D 52 -7.32 47.09 -26.13
N SER D 53 -7.29 46.27 -27.18
CA SER D 53 -8.00 46.62 -28.41
C SER D 53 -9.51 46.66 -28.23
N LYS D 54 -10.03 45.95 -27.23
CA LYS D 54 -11.47 46.01 -26.97
C LYS D 54 -11.91 47.41 -26.57
N TYR D 55 -11.00 48.20 -26.00
CA TYR D 55 -11.27 49.59 -25.63
C TYR D 55 -10.51 50.57 -26.49
N GLY D 56 -10.00 50.13 -27.64
CA GLY D 56 -9.28 50.99 -28.55
C GLY D 56 -7.84 51.28 -28.17
N GLU D 57 -7.27 50.53 -27.23
CA GLU D 57 -5.90 50.73 -26.80
C GLU D 57 -5.01 49.60 -27.30
N SER D 58 -3.74 49.65 -26.92
CA SER D 58 -2.77 48.65 -27.34
C SER D 58 -1.68 48.55 -26.29
N SER D 59 -0.80 47.55 -26.48
CA SER D 59 0.29 47.34 -25.53
C SER D 59 1.27 48.50 -25.50
N THR D 60 1.23 49.38 -26.50
CA THR D 60 2.08 50.57 -26.48
C THR D 60 1.76 51.45 -25.28
N LEU D 61 0.47 51.55 -24.93
CA LEU D 61 0.10 52.29 -23.72
C LEU D 61 0.67 51.65 -22.47
N LEU D 62 0.65 50.32 -22.40
CA LEU D 62 1.18 49.63 -21.24
C LEU D 62 2.70 49.74 -21.16
N ALA D 63 3.38 49.85 -22.30
CA ALA D 63 4.84 49.80 -22.31
C ALA D 63 5.46 50.99 -21.59
N ASN D 64 5.02 52.21 -21.93
CA ASN D 64 5.67 53.39 -21.38
C ASN D 64 5.39 53.56 -19.89
N GLY D 65 4.21 53.15 -19.43
CA GLY D 65 3.82 53.33 -18.05
C GLY D 65 3.14 54.64 -17.74
N LYS D 66 2.96 55.51 -18.74
CA LYS D 66 2.26 56.77 -18.53
C LYS D 66 0.78 56.60 -18.25
N TRP D 67 0.24 55.39 -18.46
CA TRP D 67 -1.18 55.16 -18.25
C TRP D 67 -1.57 55.33 -16.79
N THR D 68 -0.66 55.03 -15.86
CA THR D 68 -0.96 55.19 -14.45
C THR D 68 -1.25 56.65 -14.11
N LYS D 69 -0.50 57.57 -14.73
CA LYS D 69 -0.77 58.99 -14.52
C LYS D 69 -2.15 59.37 -15.04
N ASP D 70 -2.55 58.80 -16.17
CA ASP D 70 -3.87 59.08 -16.73
C ASP D 70 -4.96 58.41 -15.90
N MET D 71 -6.18 58.93 -16.04
CA MET D 71 -7.34 58.43 -15.32
C MET D 71 -8.16 57.45 -16.17
N ALA D 72 -8.61 57.88 -17.35
CA ALA D 72 -9.41 57.02 -18.19
C ALA D 72 -8.63 55.79 -18.65
N LYS D 73 -7.35 55.98 -19.01
CA LYS D 73 -6.52 54.85 -19.40
C LYS D 73 -6.36 53.87 -18.26
N ALA D 74 -6.26 54.37 -17.02
CA ALA D 74 -6.15 53.49 -15.87
C ALA D 74 -7.37 52.59 -15.74
N ASP D 75 -8.56 53.18 -15.87
CA ASP D 75 -9.78 52.37 -15.77
C ASP D 75 -9.90 51.41 -16.96
N ILE D 76 -9.46 51.84 -18.14
CA ILE D 76 -9.51 50.98 -19.31
C ILE D 76 -8.64 49.75 -19.11
N VAL D 77 -7.40 49.95 -18.68
CA VAL D 77 -6.50 48.82 -18.46
C VAL D 77 -6.98 47.99 -17.28
N ALA D 78 -7.63 48.61 -16.30
CA ALA D 78 -8.21 47.85 -15.19
C ALA D 78 -9.28 46.89 -15.69
N LYS D 79 -10.17 47.38 -16.56
CA LYS D 79 -11.19 46.51 -17.14
C LYS D 79 -10.55 45.41 -18.00
N ALA D 80 -9.51 45.76 -18.76
CA ALA D 80 -8.85 44.79 -19.61
C ALA D 80 -8.22 43.67 -18.79
N VAL D 81 -7.49 44.03 -17.73
CA VAL D 81 -6.88 42.99 -16.89
C VAL D 81 -7.94 42.22 -16.12
N LEU D 82 -9.06 42.87 -15.79
CA LEU D 82 -10.15 42.17 -15.14
C LEU D 82 -10.67 41.06 -16.02
N ASP D 83 -10.94 41.38 -17.29
CA ASP D 83 -11.35 40.33 -18.23
C ASP D 83 -10.27 39.27 -18.34
N TRP D 84 -9.04 39.69 -18.63
CA TRP D 84 -7.95 38.75 -18.81
C TRP D 84 -7.91 37.74 -17.66
N ALA D 85 -8.06 38.22 -16.43
CA ALA D 85 -8.07 37.33 -15.28
C ALA D 85 -9.31 36.43 -15.25
N VAL D 86 -10.50 36.99 -15.56
CA VAL D 86 -11.72 36.21 -15.35
C VAL D 86 -11.81 35.04 -16.32
N GLU D 87 -11.44 35.25 -17.59
CA GLU D 87 -11.36 34.05 -18.44
C GLU D 87 -10.04 33.29 -18.33
N ASN D 88 -9.01 33.84 -17.66
CA ASN D 88 -7.91 32.96 -17.30
C ASN D 88 -8.24 32.07 -16.10
N GLY D 89 -9.31 32.34 -15.38
CA GLY D 89 -9.66 31.53 -14.23
C GLY D 89 -9.16 32.13 -12.94
N ALA D 90 -9.20 33.46 -12.85
CA ALA D 90 -8.75 34.18 -11.68
C ALA D 90 -9.89 35.06 -11.16
N SER D 91 -9.94 35.21 -9.83
CA SER D 91 -10.98 36.01 -9.19
C SER D 91 -10.45 36.99 -8.15
N VAL D 92 -9.19 36.90 -7.77
CA VAL D 92 -8.62 37.74 -6.72
C VAL D 92 -7.36 38.41 -7.27
N TYR D 93 -7.23 39.71 -7.04
CA TYR D 93 -6.05 40.45 -7.43
C TYR D 93 -5.29 40.82 -6.17
N CYS D 94 -3.98 40.54 -6.16
CA CYS D 94 -3.17 40.91 -5.01
C CYS D 94 -2.04 41.82 -5.44
N HIS D 95 -1.91 42.94 -4.75
CA HIS D 95 -0.74 43.79 -4.94
C HIS D 95 0.49 43.08 -4.40
N TRP D 96 1.60 43.24 -5.10
CA TRP D 96 2.81 42.46 -4.89
C TRP D 96 3.99 43.40 -4.65
N PHE D 97 4.84 43.03 -3.70
CA PHE D 97 5.96 43.89 -3.33
C PHE D 97 7.05 43.03 -2.72
N GLN D 98 8.26 43.59 -2.67
CA GLN D 98 9.37 42.94 -1.98
C GLN D 98 9.75 43.75 -0.75
N PRO D 99 9.52 43.23 0.46
CA PRO D 99 9.90 43.97 1.67
C PRO D 99 11.41 44.13 1.76
N MET D 100 11.81 45.11 2.57
CA MET D 100 13.24 45.37 2.80
C MET D 100 13.93 44.12 3.30
N GLY D 101 14.98 43.70 2.59
CA GLY D 101 15.76 42.55 2.99
C GLY D 101 14.95 41.27 3.10
N SER D 102 14.13 41.00 2.09
CA SER D 102 13.26 39.83 2.06
C SER D 102 13.83 38.85 1.03
N SER D 103 14.74 38.00 1.48
CA SER D 103 15.36 37.00 0.62
C SER D 103 14.66 35.65 0.68
N GLY D 104 13.61 35.52 1.48
CA GLY D 104 12.90 34.25 1.59
C GLY D 104 13.55 33.28 2.54
N ASN D 109 9.96 35.82 0.48
CA ASN D 109 10.71 36.42 -0.61
C ASN D 109 10.01 37.64 -1.19
N SER D 110 8.69 37.65 -1.20
CA SER D 110 7.92 38.76 -1.74
C SER D 110 6.52 38.71 -1.18
N GLY D 111 6.10 39.77 -0.50
CA GLY D 111 4.78 39.81 0.07
C GLY D 111 3.71 40.29 -0.89
N GLN D 112 2.45 40.05 -0.50
CA GLN D 112 1.32 40.45 -1.32
C GLN D 112 0.09 40.65 -0.44
N VAL D 113 -0.83 41.47 -0.92
CA VAL D 113 -2.12 41.68 -0.28
C VAL D 113 -3.23 41.35 -1.29
N HIS D 114 -4.10 40.42 -0.91
CA HIS D 114 -5.16 39.92 -1.77
C HIS D 114 -6.44 40.73 -1.57
N GLN D 115 -7.17 40.92 -2.66
CA GLN D 115 -8.47 41.58 -2.63
C GLN D 115 -9.34 41.00 -3.74
N SER D 116 -10.61 40.80 -3.42
CA SER D 116 -11.55 40.30 -4.41
C SER D 116 -11.91 41.39 -5.41
N MET D 117 -11.84 41.05 -6.70
CA MET D 117 -12.21 41.97 -7.76
C MET D 117 -13.64 41.77 -8.24
N PHE D 118 -14.40 40.87 -7.62
CA PHE D 118 -15.82 40.74 -7.86
C PHE D 118 -16.59 41.13 -6.61
N ASN D 119 -17.65 41.91 -6.80
CA ASN D 119 -18.46 42.43 -5.71
C ASN D 119 -19.87 41.82 -5.78
N PHE D 120 -20.68 42.18 -4.79
CA PHE D 120 -22.06 41.73 -4.69
C PHE D 120 -22.95 42.95 -4.54
N ALA D 121 -23.98 43.04 -5.40
CA ALA D 121 -24.91 44.14 -5.35
C ALA D 121 -26.04 43.81 -4.36
N GLU D 122 -27.11 44.60 -4.39
CA GLU D 122 -28.24 44.34 -3.50
C GLU D 122 -28.85 42.97 -3.76
N ASP D 123 -28.86 42.53 -5.03
CA ASP D 123 -29.38 41.20 -5.34
C ASP D 123 -28.50 40.09 -4.75
N GLY D 124 -27.22 40.36 -4.57
CA GLY D 124 -26.31 39.38 -4.02
C GLY D 124 -25.74 38.44 -5.05
N THR D 125 -25.10 39.00 -6.07
CA THR D 125 -24.49 38.21 -7.14
C THR D 125 -23.04 38.61 -7.32
N PRO D 126 -22.16 37.65 -7.60
CA PRO D 126 -20.72 37.96 -7.79
C PRO D 126 -20.42 38.53 -9.17
N TYR D 127 -20.62 39.84 -9.31
CA TYR D 127 -20.35 40.53 -10.55
C TYR D 127 -18.95 41.12 -10.52
N TYR D 128 -18.20 40.92 -11.60
CA TYR D 128 -16.81 41.35 -11.65
C TYR D 128 -16.74 42.86 -11.86
N SER D 129 -16.02 43.55 -10.97
CA SER D 129 -15.85 45.00 -11.06
C SER D 129 -14.48 45.34 -10.53
N PHE D 130 -13.60 45.82 -11.41
CA PHE D 130 -12.21 46.11 -11.06
C PHE D 130 -11.86 47.47 -11.63
N THR D 131 -11.67 48.46 -10.76
CA THR D 131 -11.43 49.83 -11.17
C THR D 131 -9.94 50.16 -11.12
N GLY D 132 -9.61 51.34 -11.65
CA GLY D 132 -8.22 51.77 -11.66
C GLY D 132 -7.66 52.01 -10.26
N GLU D 133 -8.50 52.51 -9.36
CA GLU D 133 -8.05 52.74 -7.99
C GLU D 133 -7.67 51.43 -7.31
N GLN D 134 -8.45 50.37 -7.53
CA GLN D 134 -8.07 49.06 -7.03
C GLN D 134 -6.77 48.58 -7.66
N LEU D 135 -6.55 48.94 -8.93
CA LEU D 135 -5.36 48.47 -9.63
C LEU D 135 -4.09 49.15 -9.12
N LEU D 136 -4.15 50.46 -8.87
CA LEU D 136 -2.94 51.23 -8.58
C LEU D 136 -2.57 51.19 -7.10
N GLN D 137 -3.52 51.47 -6.22
CA GLN D 137 -3.25 51.66 -4.80
C GLN D 137 -3.52 50.37 -4.03
N GLY D 138 -2.68 50.10 -3.05
CA GLY D 138 -2.85 48.94 -2.19
C GLY D 138 -2.81 49.28 -0.72
N GLU D 139 -2.68 48.27 0.13
CA GLU D 139 -2.63 48.46 1.58
C GLU D 139 -1.63 47.49 2.19
N THR D 140 -0.67 48.02 2.95
CA THR D 140 0.38 47.24 3.60
C THR D 140 1.13 48.15 4.55
N ASP D 141 1.38 47.67 5.77
CA ASP D 141 1.96 48.51 6.81
C ASP D 141 3.46 48.66 6.62
N GLY D 142 3.94 49.90 6.77
CA GLY D 142 5.37 50.12 6.77
C GLY D 142 6.05 49.43 7.93
N SER D 143 5.51 49.61 9.14
CA SER D 143 5.92 48.90 10.34
C SER D 143 7.32 49.26 10.80
N SER D 144 7.55 49.19 12.12
CA SER D 144 8.88 49.34 12.66
C SER D 144 9.61 48.00 12.61
N TYR D 159 0.54 51.77 1.76
CA TYR D 159 -0.19 52.14 0.55
C TYR D 159 0.62 51.84 -0.70
N LEU D 160 0.78 50.54 -0.95
CA LEU D 160 1.42 50.03 -2.15
C LEU D 160 0.96 50.78 -3.39
N SER D 161 1.89 51.01 -4.33
CA SER D 161 1.59 51.63 -5.60
C SER D 161 2.16 50.79 -6.73
N ILE D 162 1.39 50.66 -7.81
CA ILE D 162 1.73 49.73 -8.87
C ILE D 162 3.08 50.08 -9.49
N ASP D 163 3.74 49.06 -10.04
CA ASP D 163 4.96 49.24 -10.83
C ASP D 163 4.61 49.14 -12.30
N PRO D 164 4.39 50.25 -13.00
CA PRO D 164 3.98 50.17 -14.41
C PRO D 164 5.03 49.53 -15.30
N TYR D 165 6.28 49.53 -14.89
CA TYR D 165 7.35 48.95 -15.70
C TYR D 165 7.56 47.47 -15.42
N SER D 166 6.75 46.87 -14.55
CA SER D 166 6.75 45.44 -14.32
C SER D 166 5.46 44.83 -14.84
N PRO D 167 5.52 43.66 -15.49
CA PRO D 167 4.32 43.10 -16.10
C PRO D 167 3.38 42.51 -15.06
N ILE D 168 2.11 42.91 -15.14
CA ILE D 168 1.09 42.31 -14.28
C ILE D 168 0.89 40.87 -14.70
N PHE D 169 1.17 39.94 -13.80
CA PHE D 169 1.21 38.54 -14.14
C PHE D 169 0.20 37.76 -13.31
N LEU D 170 0.14 36.44 -13.49
CA LEU D 170 -0.98 35.66 -12.96
C LEU D 170 -0.53 34.27 -12.54
N ARG D 171 -0.90 33.87 -11.32
CA ARG D 171 -0.60 32.52 -10.84
C ARG D 171 -1.85 31.94 -10.18
N GLU D 172 -2.10 30.66 -10.48
CA GLU D 172 -3.23 29.91 -9.93
C GLU D 172 -4.51 30.67 -10.28
N ASP D 173 -5.32 31.09 -9.29
CA ASP D 173 -6.52 31.86 -9.54
C ASP D 173 -6.38 33.29 -9.05
N THR D 174 -5.15 33.77 -8.91
CA THR D 174 -4.88 35.10 -8.39
C THR D 174 -3.96 35.84 -9.36
N VAL D 175 -4.36 37.06 -9.72
CA VAL D 175 -3.52 37.90 -10.56
C VAL D 175 -2.61 38.72 -9.65
N PHE D 176 -1.31 38.56 -9.85
CA PHE D 176 -0.28 39.22 -9.07
C PHE D 176 0.05 40.54 -9.77
N ILE D 177 -0.10 41.65 -9.05
CA ILE D 177 0.15 42.97 -9.64
C ILE D 177 1.37 43.57 -8.97
N PRO D 178 2.53 43.57 -9.63
CA PRO D 178 3.74 44.10 -8.97
C PRO D 178 3.57 45.55 -8.59
N ALA D 179 4.10 45.90 -7.42
CA ALA D 179 3.90 47.24 -6.88
C ALA D 179 5.08 47.62 -5.99
N ALA D 180 5.26 48.92 -5.80
CA ALA D 180 6.33 49.45 -4.98
C ALA D 180 5.79 49.78 -3.59
N PHE D 181 6.57 49.43 -2.57
CA PHE D 181 6.15 49.52 -1.17
C PHE D 181 6.91 50.64 -0.48
N VAL D 182 6.17 51.56 0.12
CA VAL D 182 6.75 52.69 0.85
C VAL D 182 6.09 52.78 2.22
N SER D 183 6.53 53.77 2.99
CA SER D 183 5.92 54.07 4.28
C SER D 183 4.87 55.17 4.10
N TYR D 184 4.10 55.42 5.16
CA TYR D 184 3.13 56.50 5.12
C TYR D 184 3.82 57.85 4.95
N ASN D 185 4.99 58.02 5.57
CA ASN D 185 5.74 59.26 5.42
C ASN D 185 6.17 59.45 3.97
N GLY D 186 6.61 58.39 3.31
CA GLY D 186 7.07 58.48 1.95
C GLY D 186 8.42 57.80 1.76
N ASP D 187 8.97 57.28 2.85
CA ASP D 187 10.25 56.60 2.78
C ASP D 187 10.12 55.28 2.02
N ALA D 188 11.10 54.99 1.18
CA ALA D 188 11.11 53.76 0.39
C ALA D 188 11.42 52.59 1.31
N LEU D 189 10.41 51.83 1.68
CA LEU D 189 10.57 50.68 2.57
C LEU D 189 10.60 49.36 1.80
N ASP D 190 11.08 49.38 0.56
CA ASP D 190 11.16 48.18 -0.25
C ASP D 190 12.46 48.24 -1.05
N GLU D 191 12.56 47.36 -2.05
CA GLU D 191 13.67 47.39 -2.98
C GLU D 191 13.27 47.88 -4.37
N LYS D 192 11.97 47.89 -4.69
CA LYS D 192 11.52 48.34 -6.00
C LYS D 192 11.74 49.84 -6.17
N THR D 193 11.32 50.63 -5.19
CA THR D 193 11.50 52.08 -5.29
C THR D 193 12.96 52.50 -5.36
N PRO D 194 13.88 51.97 -4.54
CA PRO D 194 15.29 52.32 -4.75
C PRO D 194 15.78 51.98 -6.15
N LEU D 195 15.34 50.84 -6.69
CA LEU D 195 15.75 50.49 -8.04
C LEU D 195 15.20 51.47 -9.06
N HIS D 196 13.96 51.90 -8.88
CA HIS D 196 13.38 52.89 -9.79
C HIS D 196 14.15 54.19 -9.74
N ARG D 197 14.47 54.66 -8.53
CA ARG D 197 15.23 55.89 -8.40
C ARG D 197 16.61 55.76 -9.03
N ALA D 198 17.26 54.62 -8.81
CA ALA D 198 18.59 54.41 -9.37
C ALA D 198 18.54 54.37 -10.89
N THR D 199 17.55 53.68 -11.46
CA THR D 199 17.43 53.61 -12.91
C THR D 199 17.13 54.98 -13.50
N ASP D 200 16.28 55.77 -12.84
CA ASP D 200 15.99 57.11 -13.35
C ASP D 200 17.23 58.00 -13.31
N ALA D 201 17.99 57.94 -12.22
CA ALA D 201 19.22 58.71 -12.14
C ALA D 201 20.21 58.26 -13.21
N LEU D 202 20.32 56.95 -13.42
CA LEU D 202 21.17 56.42 -14.47
C LEU D 202 20.77 56.94 -15.83
N ASP D 203 19.47 56.91 -16.12
CA ASP D 203 18.98 57.36 -17.42
C ASP D 203 19.26 58.84 -17.62
N LYS D 204 18.96 59.66 -16.62
CA LYS D 204 19.16 61.10 -16.78
C LYS D 204 20.64 61.44 -16.93
N GLN D 205 21.50 60.80 -16.15
CA GLN D 205 22.93 61.09 -16.25
C GLN D 205 23.51 60.60 -17.58
N THR D 206 23.07 59.43 -18.04
CA THR D 206 23.53 58.93 -19.33
C THR D 206 23.09 59.86 -20.46
N LYS D 207 21.84 60.31 -20.41
CA LYS D 207 21.36 61.25 -21.42
C LYS D 207 22.16 62.55 -21.38
N ARG D 208 22.43 63.05 -20.18
CA ARG D 208 23.20 64.29 -20.05
C ARG D 208 24.58 64.14 -20.64
N MET D 209 25.28 63.05 -20.31
CA MET D 209 26.64 62.89 -20.79
C MET D 209 26.69 62.62 -22.28
N LEU D 210 25.69 61.91 -22.82
CA LEU D 210 25.63 61.71 -24.27
C LEU D 210 25.37 63.03 -24.99
N LYS D 211 24.47 63.86 -24.45
CA LYS D 211 24.16 65.13 -25.09
C LYS D 211 25.32 66.10 -24.99
N ALA D 212 26.09 66.05 -23.89
CA ALA D 212 27.21 66.95 -23.71
C ALA D 212 28.33 66.69 -24.72
N MET D 213 28.33 65.55 -25.38
CA MET D 213 29.34 65.20 -26.37
C MET D 213 28.75 65.12 -27.78
N LYS D 214 27.65 65.84 -28.01
CA LYS D 214 26.99 65.90 -29.32
C LYS D 214 26.47 64.53 -29.76
N TYR D 215 25.54 64.00 -28.95
CA TYR D 215 24.79 62.80 -29.32
C TYR D 215 23.42 62.88 -28.67
N ASP D 216 22.38 62.78 -29.48
CA ASP D 216 20.99 62.88 -29.02
C ASP D 216 20.33 61.52 -29.09
N VAL D 217 19.68 61.12 -28.00
CA VAL D 217 18.92 59.87 -27.95
C VAL D 217 17.44 60.09 -28.20
N GLY D 218 17.00 61.34 -28.35
CA GLY D 218 15.58 61.59 -28.54
C GLY D 218 14.78 61.17 -27.32
N SER D 219 13.73 60.39 -27.56
CA SER D 219 12.86 59.90 -26.50
C SER D 219 13.27 58.54 -25.97
N ALA D 220 14.40 58.01 -26.43
CA ALA D 220 14.85 56.70 -25.98
C ALA D 220 15.15 56.72 -24.48
N SER D 221 14.79 55.64 -23.81
CA SER D 221 14.95 55.51 -22.37
C SER D 221 16.11 54.57 -22.07
N VAL D 222 17.01 55.01 -21.19
CA VAL D 222 18.17 54.22 -20.79
C VAL D 222 17.83 53.52 -19.48
N TYR D 223 18.36 52.31 -19.32
CA TYR D 223 18.09 51.49 -18.14
C TYR D 223 19.18 50.45 -18.02
N ALA D 224 19.03 49.54 -17.07
CA ALA D 224 20.00 48.48 -16.82
C ALA D 224 19.44 47.18 -17.39
N ASN D 225 20.05 46.71 -18.48
CA ASN D 225 19.72 45.41 -19.04
C ASN D 225 20.48 44.35 -18.27
N ILE D 226 19.75 43.45 -17.60
CA ILE D 226 20.36 42.43 -16.77
C ILE D 226 19.77 41.07 -17.10
N GLY D 227 20.64 40.07 -17.12
CA GLY D 227 20.24 38.67 -17.07
C GLY D 227 20.59 38.15 -15.69
N LEU D 228 19.80 37.20 -15.20
CA LEU D 228 19.97 36.70 -13.83
C LEU D 228 20.10 35.18 -13.88
N GLU D 229 21.33 34.69 -13.87
CA GLU D 229 21.61 33.25 -13.94
C GLU D 229 21.30 32.64 -12.58
N GLN D 230 20.02 32.40 -12.33
CA GLN D 230 19.57 31.95 -11.03
C GLN D 230 19.82 30.45 -10.89
N GLU D 231 20.57 30.07 -9.86
CA GLU D 231 20.89 28.67 -9.59
C GLU D 231 20.09 28.18 -8.39
N ILE D 232 19.50 27.00 -8.52
CA ILE D 232 18.66 26.42 -7.49
C ILE D 232 19.12 25.01 -7.21
N PHE D 233 19.18 24.64 -5.94
CA PHE D 233 19.40 23.26 -5.57
C PHE D 233 18.05 22.57 -5.42
N LEU D 234 17.97 21.32 -5.86
CA LEU D 234 16.76 20.52 -5.72
C LEU D 234 17.03 19.35 -4.80
N THR D 235 16.18 19.19 -3.79
CA THR D 235 16.37 18.16 -2.79
C THR D 235 15.09 17.37 -2.62
N PRO D 236 15.19 16.06 -2.36
CA PRO D 236 13.98 15.29 -2.03
C PRO D 236 13.26 15.92 -0.85
N ARG D 237 11.98 16.23 -1.05
CA ARG D 237 11.20 16.87 0.00
C ARG D 237 11.12 15.99 1.24
N HIS D 238 11.21 14.67 1.07
CA HIS D 238 11.29 13.78 2.21
C HIS D 238 12.55 14.07 3.02
N ALA D 239 13.68 14.31 2.35
CA ALA D 239 14.88 14.71 3.06
C ALA D 239 14.79 16.14 3.54
N PHE D 240 14.12 17.02 2.79
CA PHE D 240 13.98 18.41 3.20
C PHE D 240 13.23 18.51 4.53
N TYR D 241 12.19 17.70 4.70
CA TYR D 241 11.46 17.69 5.96
C TYR D 241 12.29 17.10 7.09
N ARG D 242 13.36 16.37 6.80
CA ARG D 242 14.21 15.81 7.82
C ARG D 242 15.40 16.70 8.16
N ARG D 243 15.48 17.88 7.57
CA ARG D 243 16.54 18.85 7.87
C ARG D 243 15.91 20.15 8.37
N PRO D 244 15.86 20.37 9.68
CA PRO D 244 15.23 21.61 10.18
C PRO D 244 15.87 22.88 9.65
N ASP D 245 17.19 22.87 9.42
CA ASP D 245 17.85 24.08 8.95
C ASP D 245 17.32 24.50 7.59
N LEU D 246 17.12 23.53 6.68
CA LEU D 246 16.56 23.86 5.38
C LEU D 246 15.14 24.36 5.51
N GLN D 247 14.37 23.79 6.45
CA GLN D 247 13.00 24.26 6.66
C GLN D 247 12.98 25.71 7.12
N PHE D 248 13.89 26.07 8.03
CA PHE D 248 13.84 27.37 8.68
C PHE D 248 14.86 28.37 8.16
N THR D 249 16.01 27.91 7.68
CA THR D 249 17.04 28.80 7.17
C THR D 249 17.36 28.59 5.69
N GLY D 250 17.06 27.42 5.14
CA GLY D 250 17.29 27.15 3.74
C GLY D 250 18.64 26.59 3.39
N ARG D 251 19.57 26.53 4.34
CA ARG D 251 20.90 26.00 4.09
C ARG D 251 21.31 25.09 5.23
N THR D 252 22.06 24.05 4.90
CA THR D 252 22.46 23.04 5.89
C THR D 252 23.49 23.62 6.83
N ILE D 253 23.11 23.81 8.09
CA ILE D 253 24.05 24.27 9.11
C ILE D 253 24.99 23.16 9.56
N THR D 254 24.71 21.91 9.21
CA THR D 254 25.55 20.79 9.62
C THR D 254 25.30 19.63 8.68
N GLY D 255 26.18 18.64 8.75
CA GLY D 255 26.07 17.46 7.92
C GLY D 255 27.38 17.06 7.28
N LYS D 256 27.79 15.82 7.50
CA LYS D 256 29.07 15.34 6.99
C LYS D 256 28.94 14.97 5.52
N PHE D 257 29.74 15.61 4.68
CA PHE D 257 29.73 15.29 3.26
C PHE D 257 30.45 13.96 3.03
N PRO D 258 29.86 13.05 2.26
CA PRO D 258 30.54 11.77 1.99
C PRO D 258 31.81 11.97 1.18
N ALA D 259 32.79 11.10 1.45
CA ALA D 259 34.10 11.16 0.79
C ALA D 259 34.78 12.51 1.01
N ARG D 260 34.93 12.85 2.29
CA ARG D 260 35.65 14.04 2.74
C ARG D 260 34.99 15.32 2.25
N GLY D 261 35.07 15.59 0.95
CA GLY D 261 34.53 16.81 0.40
C GLY D 261 35.38 17.38 -0.72
N GLN D 262 36.65 16.97 -0.77
CA GLN D 262 37.56 17.40 -1.82
C GLN D 262 37.32 16.51 -3.04
N GLU D 263 36.36 16.92 -3.86
CA GLU D 263 35.94 16.12 -5.00
C GLU D 263 36.99 16.21 -6.10
N GLY D 277 10.00 12.79 -10.26
CA GLY D 277 10.18 13.61 -11.45
C GLY D 277 11.17 14.73 -11.24
N ALA D 278 12.41 14.53 -11.67
CA ALA D 278 13.44 15.56 -11.66
C ALA D 278 13.57 16.25 -13.00
N PHE D 279 13.72 15.48 -14.08
CA PHE D 279 13.57 16.04 -15.42
C PHE D 279 12.17 16.62 -15.60
N GLU D 280 11.16 15.91 -15.08
CA GLU D 280 9.80 16.43 -15.08
C GLU D 280 9.73 17.77 -14.36
N CYS D 281 10.57 17.98 -13.35
CA CYS D 281 10.52 19.22 -12.58
C CYS D 281 10.85 20.43 -13.45
N MET D 282 12.02 20.43 -14.11
CA MET D 282 12.33 21.62 -14.88
C MET D 282 11.64 21.64 -16.24
N ARG D 283 11.16 20.51 -16.75
CA ARG D 283 10.30 20.64 -17.93
C ARG D 283 8.98 21.28 -17.57
N GLN D 284 8.44 21.00 -16.38
CA GLN D 284 7.26 21.72 -15.90
C GLN D 284 7.58 23.19 -15.67
N ILE D 285 8.77 23.48 -15.14
CA ILE D 285 9.20 24.87 -15.01
C ILE D 285 9.19 25.57 -16.36
N GLN D 286 9.74 24.90 -17.37
CA GLN D 286 9.85 25.51 -18.69
C GLN D 286 8.48 25.74 -19.31
N GLN D 287 7.59 24.75 -19.23
CA GLN D 287 6.25 24.93 -19.78
C GLN D 287 5.46 25.98 -19.00
N GLU D 288 5.67 26.07 -17.69
CA GLU D 288 5.07 27.15 -16.93
C GLU D 288 5.55 28.50 -17.43
N CYS D 289 6.86 28.67 -17.56
CA CYS D 289 7.40 29.95 -17.99
C CYS D 289 6.93 30.30 -19.40
N PHE D 290 6.77 29.29 -20.26
CA PHE D 290 6.12 29.50 -21.55
C PHE D 290 4.71 30.05 -21.36
N LYS D 291 3.89 29.36 -20.57
CA LYS D 291 2.53 29.84 -20.32
C LYS D 291 2.54 31.08 -19.43
N MET D 292 3.65 31.36 -18.75
CA MET D 292 3.73 32.45 -17.80
C MET D 292 4.23 33.74 -18.46
N GLY D 293 4.56 33.68 -19.73
CA GLY D 293 5.14 34.83 -20.41
C GLY D 293 6.58 35.11 -20.07
N ILE D 294 7.26 34.18 -19.41
CA ILE D 294 8.64 34.37 -18.99
C ILE D 294 9.55 33.69 -20.01
N PRO D 295 10.38 34.44 -20.73
CA PRO D 295 11.30 33.82 -21.70
C PRO D 295 12.51 33.20 -21.03
N LEU D 296 12.27 32.11 -20.30
CA LEU D 296 13.33 31.37 -19.64
C LEU D 296 14.15 30.67 -20.72
N LYS D 297 15.31 31.25 -21.04
CA LYS D 297 16.07 30.80 -22.21
C LYS D 297 16.65 29.40 -21.98
N THR D 298 17.54 29.26 -21.01
CA THR D 298 18.27 28.02 -20.82
C THR D 298 18.19 27.56 -19.37
N ARG D 299 17.72 26.34 -19.16
CA ARG D 299 17.81 25.65 -17.88
C ARG D 299 18.72 24.45 -18.07
N HIS D 300 19.71 24.30 -17.20
CA HIS D 300 20.63 23.18 -17.36
C HIS D 300 21.33 22.88 -16.05
N ARG D 301 21.89 21.68 -15.96
CA ARG D 301 22.56 21.26 -14.74
C ARG D 301 23.84 22.07 -14.53
N GLU D 302 24.44 21.86 -13.35
CA GLU D 302 25.69 22.54 -13.00
C GLU D 302 26.64 21.50 -12.41
N VAL D 303 27.80 21.97 -11.97
CA VAL D 303 28.84 21.06 -11.48
C VAL D 303 28.35 20.32 -10.23
N ALA D 304 27.74 21.05 -9.30
CA ALA D 304 27.26 20.45 -8.07
C ALA D 304 26.07 19.53 -8.38
N PRO D 305 25.84 18.51 -7.54
CA PRO D 305 24.69 17.62 -7.76
C PRO D 305 23.39 18.40 -7.69
N ASN D 306 22.46 18.01 -8.57
CA ASN D 306 21.11 18.56 -8.66
C ASN D 306 21.04 20.07 -8.53
N GLN D 307 22.06 20.76 -9.04
CA GLN D 307 22.09 22.22 -9.06
C GLN D 307 21.75 22.67 -10.48
N TYR D 308 20.60 23.33 -10.64
CA TYR D 308 20.10 23.71 -11.95
C TYR D 308 20.12 25.23 -12.10
N GLU D 309 20.67 25.69 -13.21
CA GLU D 309 20.75 27.10 -13.53
C GLU D 309 19.71 27.46 -14.57
N PHE D 310 18.96 28.53 -14.30
CA PHE D 310 18.01 29.11 -15.24
C PHE D 310 18.52 30.49 -15.60
N ALA D 311 18.67 30.75 -16.90
CA ALA D 311 19.33 31.96 -17.37
C ALA D 311 18.43 32.70 -18.36
N PRO D 312 17.44 33.44 -17.86
CA PRO D 312 16.67 34.32 -18.74
C PRO D 312 17.56 35.41 -19.31
N MET D 313 17.25 35.80 -20.55
CA MET D 313 18.11 36.76 -21.23
C MET D 313 17.92 38.16 -20.64
N PHE D 314 18.68 39.10 -21.19
CA PHE D 314 18.72 40.45 -20.63
C PHE D 314 17.38 41.16 -20.82
N GLY D 315 17.11 42.09 -19.91
CA GLY D 315 15.91 42.91 -19.96
C GLY D 315 16.05 44.01 -18.94
N ASN D 316 15.05 44.90 -18.93
CA ASN D 316 15.06 46.01 -17.99
C ASN D 316 15.15 45.49 -16.56
N ALA D 317 16.09 46.04 -15.79
CA ALA D 317 16.36 45.53 -14.45
C ALA D 317 15.12 45.63 -13.57
N ILE D 318 14.34 46.70 -13.74
CA ILE D 318 13.12 46.87 -12.95
C ILE D 318 12.20 45.67 -13.14
N SER D 319 11.99 45.27 -14.38
CA SER D 319 11.17 44.09 -14.64
C SER D 319 11.90 42.80 -14.28
N GLN D 320 13.21 42.76 -14.53
CA GLN D 320 13.94 41.50 -14.40
C GLN D 320 14.07 41.06 -12.95
N VAL D 321 14.14 42.00 -12.01
CA VAL D 321 14.20 41.61 -10.60
C VAL D 321 12.90 40.94 -10.18
N ASP D 322 11.76 41.50 -10.61
CA ASP D 322 10.48 40.84 -10.33
C ASP D 322 10.41 39.49 -11.02
N GLN D 323 10.92 39.41 -12.25
CA GLN D 323 10.96 38.13 -12.96
C GLN D 323 11.73 37.11 -12.15
N ASN D 324 12.88 37.50 -11.62
CA ASN D 324 13.69 36.58 -10.83
C ASN D 324 12.98 36.16 -9.55
N LEU D 325 12.34 37.11 -8.87
CA LEU D 325 11.64 36.78 -7.63
C LEU D 325 10.51 35.80 -7.89
N MET D 326 9.70 36.07 -8.91
CA MET D 326 8.58 35.20 -9.22
C MET D 326 9.04 33.86 -9.77
N ILE D 327 10.19 33.83 -10.46
CA ILE D 327 10.77 32.57 -10.89
C ILE D 327 11.18 31.74 -9.68
N MET D 328 11.82 32.39 -8.71
CA MET D 328 12.17 31.71 -7.46
C MET D 328 10.93 31.12 -6.81
N GLN D 329 9.87 31.91 -6.72
CA GLN D 329 8.63 31.44 -6.12
C GLN D 329 8.10 30.23 -6.88
N VAL D 330 7.82 30.39 -8.17
CA VAL D 330 7.17 29.33 -8.94
C VAL D 330 8.03 28.07 -8.92
N ILE D 331 9.36 28.23 -8.88
CA ILE D 331 10.22 27.06 -8.72
C ILE D 331 9.98 26.41 -7.37
N GLU D 332 9.81 27.21 -6.31
CA GLU D 332 9.57 26.64 -4.99
C GLU D 332 8.29 25.81 -4.98
N GLU D 333 7.17 26.39 -5.45
CA GLU D 333 5.93 25.61 -5.43
C GLU D 333 5.94 24.45 -6.42
N VAL D 334 6.67 24.57 -7.54
CA VAL D 334 6.74 23.43 -8.46
C VAL D 334 7.51 22.29 -7.82
N ALA D 335 8.64 22.59 -7.17
CA ALA D 335 9.39 21.55 -6.47
C ALA D 335 8.54 20.93 -5.37
N SER D 336 7.78 21.74 -4.65
CA SER D 336 6.86 21.20 -3.65
C SER D 336 5.84 20.26 -4.30
N GLU D 337 5.34 20.63 -5.48
CA GLU D 337 4.42 19.76 -6.21
C GLU D 337 5.09 18.46 -6.60
N HIS D 338 6.33 18.52 -7.05
CA HIS D 338 7.06 17.34 -7.53
C HIS D 338 7.63 16.50 -6.41
N GLY D 339 7.20 16.71 -5.16
CA GLY D 339 7.79 15.98 -4.06
C GLY D 339 9.24 16.36 -3.82
N LEU D 340 9.62 17.58 -4.16
CA LEU D 340 10.98 18.07 -3.98
C LEU D 340 10.95 19.37 -3.20
N ALA D 341 12.12 20.01 -3.11
CA ALA D 341 12.27 21.28 -2.43
C ALA D 341 13.35 22.07 -3.13
N ALA D 342 13.08 23.35 -3.36
CA ALA D 342 13.98 24.24 -4.08
C ALA D 342 14.78 25.05 -3.06
N LEU D 343 15.97 24.55 -2.74
CA LEU D 343 16.90 25.27 -1.88
C LEU D 343 17.49 26.44 -2.66
N LEU D 344 17.13 27.65 -2.25
CA LEU D 344 17.58 28.88 -2.91
C LEU D 344 18.72 29.55 -2.18
N GLN D 345 19.19 29.00 -1.07
CA GLN D 345 20.28 29.62 -0.32
C GLN D 345 21.56 29.63 -1.14
N GLU D 346 22.45 30.55 -0.79
CA GLU D 346 23.67 30.73 -1.56
C GLU D 346 24.57 29.50 -1.48
N LYS D 347 24.75 28.96 -0.29
CA LYS D 347 25.56 27.76 -0.06
C LYS D 347 24.76 26.77 0.77
N PRO D 348 23.74 26.14 0.18
CA PRO D 348 22.92 25.21 0.96
C PRO D 348 23.69 23.99 1.45
N PHE D 349 24.83 23.68 0.86
CA PHE D 349 25.61 22.52 1.26
C PHE D 349 27.08 22.91 1.31
N ALA D 350 27.67 22.83 2.50
CA ALA D 350 29.10 23.06 2.62
C ALA D 350 29.88 21.92 1.96
N GLY D 351 30.91 22.29 1.20
CA GLY D 351 31.73 21.32 0.51
C GLY D 351 31.45 21.19 -0.98
N VAL D 352 30.33 21.74 -1.46
CA VAL D 352 30.02 21.70 -2.89
C VAL D 352 30.05 23.13 -3.42
N ASN D 353 29.84 23.27 -4.72
CA ASN D 353 29.83 24.60 -5.33
C ASN D 353 28.67 25.42 -4.80
N GLY D 354 28.93 26.68 -4.50
CA GLY D 354 27.89 27.56 -4.02
C GLY D 354 26.89 27.89 -5.12
N SER D 355 25.63 28.06 -4.72
CA SER D 355 24.56 28.38 -5.66
C SER D 355 24.55 29.88 -5.89
N GLY D 356 25.47 30.33 -6.74
CA GLY D 356 25.53 31.72 -7.09
C GLY D 356 24.47 32.12 -8.11
N LYS D 357 24.16 33.41 -8.14
CA LYS D 357 23.20 33.98 -9.08
C LYS D 357 23.88 35.13 -9.79
N HIS D 358 24.58 34.83 -10.89
CA HIS D 358 25.30 35.86 -11.62
C HIS D 358 24.33 36.89 -12.18
N ASN D 359 24.70 38.16 -12.04
CA ASN D 359 23.94 39.28 -12.60
C ASN D 359 24.73 39.79 -13.79
N ASN D 360 24.27 39.45 -14.99
CA ASN D 360 24.82 40.01 -16.22
C ASN D 360 24.22 41.40 -16.38
N TRP D 361 24.97 42.41 -15.97
CA TRP D 361 24.51 43.79 -15.91
C TRP D 361 25.16 44.61 -17.02
N SER D 362 24.36 45.44 -17.68
CA SER D 362 24.85 46.30 -18.73
C SER D 362 23.93 47.50 -18.87
N ILE D 363 24.41 48.53 -19.56
CA ILE D 363 23.64 49.73 -19.83
C ILE D 363 22.95 49.55 -21.17
N GLY D 364 21.63 49.62 -21.19
CA GLY D 364 20.88 49.42 -22.42
C GLY D 364 19.80 50.46 -22.59
N THR D 365 19.71 50.98 -23.81
CA THR D 365 18.67 51.95 -24.15
C THR D 365 17.41 51.23 -24.59
N SER D 366 16.33 52.01 -24.75
CA SER D 366 15.06 51.42 -25.18
C SER D 366 15.17 50.86 -26.60
N ASP D 367 15.87 51.56 -27.49
CA ASP D 367 15.99 51.15 -28.87
C ASP D 367 17.02 50.04 -29.08
N GLY D 368 17.62 49.53 -28.01
CA GLY D 368 18.52 48.40 -28.10
C GLY D 368 19.99 48.72 -28.05
N LEU D 369 20.37 49.98 -27.92
CA LEU D 369 21.78 50.34 -27.82
C LEU D 369 22.36 49.84 -26.51
N ASN D 370 23.48 49.13 -26.60
CA ASN D 370 24.18 48.61 -25.43
C ASN D 370 25.53 49.31 -25.30
N LEU D 371 25.79 49.86 -24.11
CA LEU D 371 27.02 50.61 -23.90
C LEU D 371 28.26 49.73 -23.77
N MET D 372 28.10 48.43 -23.57
CA MET D 372 29.23 47.53 -23.55
C MET D 372 29.57 46.96 -24.92
N ASN D 373 28.83 47.36 -25.96
CA ASN D 373 29.12 46.91 -27.32
C ASN D 373 29.77 48.06 -28.07
N PRO D 374 31.11 48.13 -28.13
CA PRO D 374 31.74 49.25 -28.84
C PRO D 374 31.35 49.33 -30.30
N LYS D 375 31.21 48.19 -30.98
CA LYS D 375 30.83 48.21 -32.39
C LYS D 375 29.43 48.79 -32.58
N GLN D 376 28.49 48.38 -31.73
CA GLN D 376 27.14 48.90 -31.82
C GLN D 376 27.11 50.40 -31.51
N VAL D 377 27.90 50.83 -30.53
CA VAL D 377 27.97 52.24 -30.20
C VAL D 377 28.51 53.05 -31.37
N ASN D 378 29.57 52.56 -32.01
CA ASN D 378 30.13 53.25 -33.16
C ASN D 378 29.13 53.30 -34.30
N ALA D 379 28.41 52.20 -34.53
CA ALA D 379 27.44 52.16 -35.63
C ALA D 379 26.30 53.15 -35.38
N LYS D 380 25.78 53.18 -34.15
CA LYS D 380 24.61 54.01 -33.87
C LYS D 380 24.95 55.48 -33.71
N THR D 381 26.13 55.80 -33.16
CA THR D 381 26.49 57.17 -32.85
C THR D 381 27.57 57.74 -33.77
N GLY D 382 28.54 56.94 -34.17
CA GLY D 382 29.63 57.42 -34.98
C GLY D 382 30.79 58.03 -34.21
N ASN D 383 30.73 58.03 -32.88
CA ASN D 383 31.81 58.55 -32.06
C ASN D 383 32.45 57.40 -31.29
N PRO D 384 33.65 56.95 -31.67
CA PRO D 384 34.27 55.81 -30.98
C PRO D 384 34.58 56.07 -29.52
N GLU D 385 34.65 57.33 -29.11
CA GLU D 385 35.10 57.67 -27.76
C GLU D 385 34.11 57.28 -26.67
N ILE D 386 32.87 56.94 -27.02
CA ILE D 386 31.86 56.66 -26.00
C ILE D 386 32.23 55.43 -25.19
N PHE D 387 32.57 54.33 -25.86
CA PHE D 387 32.81 53.07 -25.16
C PHE D 387 33.96 53.14 -24.16
N PRO D 388 35.13 53.69 -24.48
CA PRO D 388 36.20 53.73 -23.46
C PRO D 388 35.83 54.56 -22.24
N LEU D 389 35.44 55.82 -22.45
CA LEU D 389 35.10 56.72 -21.36
C LEU D 389 34.17 56.03 -20.35
N VAL D 390 33.01 55.60 -20.81
CA VAL D 390 32.03 54.99 -19.92
C VAL D 390 32.65 53.81 -19.19
N MET D 391 33.46 53.00 -19.91
CA MET D 391 34.13 51.89 -19.26
C MET D 391 34.96 52.37 -18.07
N ALA D 392 35.82 53.36 -18.30
CA ALA D 392 36.57 53.94 -17.21
C ALA D 392 35.62 54.43 -16.12
N ALA D 393 34.52 55.06 -16.53
CA ALA D 393 33.47 55.44 -15.60
C ALA D 393 33.10 54.29 -14.70
N MET D 394 32.63 53.17 -15.28
CA MET D 394 32.30 52.03 -14.44
C MET D 394 33.51 51.56 -13.67
N VAL D 395 34.69 51.55 -14.31
CA VAL D 395 35.90 51.19 -13.59
C VAL D 395 36.06 52.10 -12.39
N SER D 396 35.97 53.41 -12.61
CA SER D 396 36.01 54.36 -11.51
C SER D 396 34.97 54.01 -10.47
N ALA D 397 33.75 53.74 -10.93
CA ALA D 397 32.68 53.38 -10.01
C ALA D 397 33.12 52.25 -9.09
N VAL D 398 33.68 51.18 -9.66
CA VAL D 398 34.15 50.08 -8.84
C VAL D 398 35.21 50.58 -7.87
N ASP D 399 36.22 51.27 -8.41
CA ASP D 399 37.28 51.78 -7.57
C ASP D 399 36.78 52.81 -6.58
N LYS D 400 35.59 53.36 -6.82
CA LYS D 400 35.00 54.27 -5.85
C LYS D 400 34.09 53.56 -4.87
N HIS D 401 33.41 52.49 -5.30
CA HIS D 401 32.34 51.92 -4.48
C HIS D 401 32.32 50.41 -4.51
N GLY D 402 33.49 49.77 -4.67
CA GLY D 402 33.52 48.32 -4.63
C GLY D 402 32.96 47.77 -3.33
N ASP D 403 33.27 48.44 -2.22
CA ASP D 403 32.70 48.07 -0.93
C ASP D 403 31.18 48.01 -1.01
N LEU D 404 30.57 49.02 -1.65
CA LEU D 404 29.12 49.02 -1.81
C LEU D 404 28.65 47.78 -2.55
N MET D 405 29.36 47.38 -3.61
CA MET D 405 29.03 46.13 -4.28
C MET D 405 29.18 44.97 -3.31
N ARG D 406 30.27 44.96 -2.54
CA ARG D 406 30.42 43.97 -1.48
C ARG D 406 29.30 44.10 -0.47
N ALA D 407 28.83 45.34 -0.24
CA ALA D 407 27.66 45.53 0.59
C ALA D 407 26.41 44.94 -0.05
N ALA D 408 26.27 45.09 -1.37
CA ALA D 408 25.07 44.63 -2.05
C ALA D 408 24.91 43.12 -1.94
N ILE D 409 26.01 42.38 -2.12
CA ILE D 409 25.96 40.92 -2.05
C ILE D 409 25.97 40.40 -0.63
N ALA D 410 26.19 41.27 0.36
CA ALA D 410 26.31 40.83 1.74
C ALA D 410 24.95 40.35 2.23
N SER D 411 24.76 39.05 2.22
CA SER D 411 23.52 38.40 2.63
C SER D 411 23.88 37.23 3.51
N PRO D 412 22.92 36.74 4.32
CA PRO D 412 23.22 35.61 5.21
C PRO D 412 23.90 34.43 4.52
N GLY D 413 23.29 33.87 3.47
CA GLY D 413 23.89 32.74 2.81
C GLY D 413 25.18 33.08 2.09
N ASN D 414 25.25 34.27 1.50
CA ASN D 414 26.37 34.62 0.62
C ASN D 414 27.70 34.67 1.36
N ASP D 415 27.69 34.79 2.68
CA ASP D 415 28.94 34.76 3.43
C ASP D 415 29.61 33.39 3.39
N PHE D 416 28.90 32.35 2.96
CA PHE D 416 29.49 31.04 2.77
C PHE D 416 29.94 30.78 1.34
N ARG D 417 29.82 31.76 0.45
CA ARG D 417 30.24 31.60 -0.93
C ARG D 417 31.46 32.42 -1.30
N LEU D 418 31.66 33.57 -0.67
CA LEU D 418 32.83 34.39 -0.96
C LEU D 418 34.10 33.73 -0.42
N GLY D 419 35.15 33.72 -1.23
CA GLY D 419 36.42 33.13 -0.84
C GLY D 419 36.58 31.67 -1.16
N ALA D 420 35.53 31.01 -1.63
CA ALA D 420 35.61 29.58 -1.96
C ALA D 420 36.15 29.41 -3.38
N MET D 421 36.20 28.17 -3.85
CA MET D 421 36.68 27.91 -5.20
C MET D 421 35.64 28.27 -6.26
N GLU D 422 34.36 28.05 -5.96
CA GLU D 422 33.32 28.32 -6.95
C GLU D 422 33.16 29.81 -7.20
N ALA D 423 33.13 30.61 -6.14
CA ALA D 423 32.88 32.03 -6.28
C ALA D 423 34.16 32.84 -6.06
N PRO D 424 34.27 34.02 -6.66
CA PRO D 424 35.47 34.83 -6.45
C PRO D 424 35.59 35.26 -5.01
N PRO D 425 36.81 35.52 -4.52
CA PRO D 425 36.98 35.95 -3.13
C PRO D 425 36.42 37.34 -2.87
N ALA D 426 36.55 37.81 -1.64
CA ALA D 426 35.96 39.07 -1.20
C ALA D 426 36.62 40.30 -1.81
N VAL D 427 37.52 40.21 -2.77
CA VAL D 427 38.11 41.38 -3.40
C VAL D 427 37.21 41.81 -4.54
N MET D 428 36.57 42.98 -4.38
CA MET D 428 35.74 43.57 -5.44
C MET D 428 36.65 44.30 -6.43
N SER D 429 37.27 43.52 -7.30
CA SER D 429 38.12 44.04 -8.36
C SER D 429 37.54 43.65 -9.70
N THR D 430 37.35 44.63 -10.57
CA THR D 430 36.77 44.37 -11.89
C THR D 430 37.79 43.67 -12.78
N TYR D 431 37.27 43.04 -13.84
CA TYR D 431 38.09 42.36 -14.84
C TYR D 431 37.63 42.80 -16.21
N LEU D 432 38.43 43.65 -16.87
CA LEU D 432 38.12 44.12 -18.21
C LEU D 432 38.66 43.21 -19.29
N GLY D 433 39.47 42.21 -18.94
CA GLY D 433 40.11 41.38 -19.93
C GLY D 433 41.43 41.97 -20.34
N PRO D 434 42.37 41.12 -20.77
CA PRO D 434 43.72 41.59 -21.10
C PRO D 434 43.73 42.68 -22.18
N SER D 435 43.20 42.35 -23.36
CA SER D 435 43.30 43.27 -24.49
C SER D 435 42.62 44.60 -24.17
N LEU D 436 41.44 44.56 -23.57
CA LEU D 436 40.79 45.79 -23.13
C LEU D 436 41.63 46.49 -22.06
N THR D 437 42.35 45.73 -21.24
CA THR D 437 43.19 46.36 -20.22
C THR D 437 44.29 47.19 -20.85
N GLU D 438 45.03 46.63 -21.82
CA GLU D 438 46.06 47.47 -22.42
C GLU D 438 45.46 48.54 -23.32
N PHE D 439 44.26 48.32 -23.87
CA PHE D 439 43.60 49.39 -24.63
C PHE D 439 43.32 50.58 -23.72
N LEU D 440 42.76 50.33 -22.55
CA LEU D 440 42.50 51.41 -21.60
C LEU D 440 43.80 52.00 -21.07
N ASN D 441 44.84 51.19 -20.91
CA ASN D 441 46.13 51.72 -20.48
C ASN D 441 46.71 52.67 -21.53
N THR D 442 46.61 52.30 -22.81
CA THR D 442 47.06 53.18 -23.88
C THR D 442 46.23 54.46 -23.93
N VAL D 443 44.92 54.35 -23.70
CA VAL D 443 44.09 55.54 -23.64
C VAL D 443 44.55 56.44 -22.49
N LYS D 444 44.85 55.84 -21.34
CA LYS D 444 45.37 56.59 -20.21
C LYS D 444 46.70 57.25 -20.54
N ASN D 445 47.52 56.59 -21.35
CA ASN D 445 48.78 57.19 -21.78
C ASN D 445 48.59 58.32 -22.78
N GLY D 446 47.39 58.48 -23.34
CA GLY D 446 47.13 59.53 -24.29
C GLY D 446 47.03 59.04 -25.72
N SER D 447 46.58 57.80 -25.88
CA SER D 447 46.46 57.17 -27.20
C SER D 447 45.16 56.38 -27.24
N LEU D 448 44.13 56.98 -27.83
CA LEU D 448 42.83 56.35 -27.94
C LEU D 448 42.61 55.87 -29.38
N GLY D 449 42.30 54.58 -29.52
CA GLY D 449 42.01 54.02 -30.82
C GLY D 449 40.59 53.49 -30.90
N GLU D 450 40.45 52.18 -31.06
CA GLU D 450 39.14 51.53 -31.08
C GLU D 450 39.31 50.10 -30.62
N TYR D 451 38.74 49.78 -29.45
CA TYR D 451 38.81 48.42 -28.94
C TYR D 451 38.09 47.46 -29.88
N ALA D 452 38.76 46.36 -30.19
CA ALA D 452 38.20 45.36 -31.11
C ALA D 452 38.83 44.01 -30.78
N PRO D 453 38.15 43.17 -30.00
CA PRO D 453 38.70 41.86 -29.66
C PRO D 453 38.68 40.91 -30.86
N LYS D 454 39.64 41.07 -31.76
CA LYS D 454 39.69 40.23 -32.95
C LYS D 454 39.87 38.77 -32.58
N LYS D 455 39.11 37.90 -33.25
CA LYS D 455 39.16 36.48 -32.96
C LYS D 455 40.36 35.84 -33.63
N LYS D 456 41.18 35.17 -32.85
CA LYS D 456 42.35 34.44 -33.29
C LYS D 456 41.97 33.03 -33.73
N PRO D 457 42.71 32.47 -34.67
CA PRO D 457 42.44 31.10 -35.11
C PRO D 457 42.80 30.09 -34.01
N LEU D 458 42.10 28.95 -34.05
CA LEU D 458 42.32 27.87 -33.11
C LEU D 458 42.15 26.56 -33.88
N GLU D 459 43.26 25.84 -34.05
CA GLU D 459 43.27 24.56 -34.74
C GLU D 459 43.65 23.46 -33.75
N PHE D 460 43.08 22.29 -33.96
CA PHE D 460 43.25 21.18 -33.03
C PHE D 460 44.32 20.20 -33.49
N GLY D 461 45.07 20.53 -34.53
CA GLY D 461 46.07 19.63 -35.06
C GLY D 461 45.53 18.53 -35.93
N SER D 462 44.24 18.54 -36.23
CA SER D 462 43.62 17.52 -37.07
C SER D 462 42.87 18.19 -38.21
N ASP D 463 43.09 17.71 -39.43
CA ASP D 463 42.37 18.26 -40.57
C ASP D 463 40.88 17.96 -40.49
N THR D 464 40.51 16.80 -39.93
CA THR D 464 39.10 16.48 -39.75
C THR D 464 38.42 17.48 -38.82
N LEU D 465 39.08 17.81 -37.72
CA LEU D 465 38.52 18.76 -36.77
C LEU D 465 38.54 20.17 -37.37
N PRO D 466 37.43 20.91 -37.29
CA PRO D 466 37.40 22.24 -37.93
C PRO D 466 38.33 23.22 -37.23
N SER D 467 38.83 24.18 -38.00
CA SER D 467 39.61 25.29 -37.47
C SER D 467 38.64 26.41 -37.11
N ILE D 468 38.61 26.77 -35.84
CA ILE D 468 37.61 27.71 -35.33
C ILE D 468 38.26 29.06 -35.10
N GLU D 469 37.44 30.07 -34.81
CA GLU D 469 37.90 31.39 -34.44
C GLU D 469 37.40 31.68 -33.03
N VAL D 470 38.32 32.05 -32.14
CA VAL D 470 37.96 32.28 -30.74
C VAL D 470 38.42 33.69 -30.35
N PRO D 471 37.64 34.42 -29.55
CA PRO D 471 38.06 35.77 -29.16
C PRO D 471 39.41 35.75 -28.44
N ALA D 472 40.23 36.76 -28.74
CA ALA D 472 41.53 36.87 -28.09
C ALA D 472 41.41 37.06 -26.58
N GLU D 473 40.24 37.48 -26.11
CA GLU D 473 40.00 37.65 -24.68
C GLU D 473 39.97 36.29 -24.01
N ASP D 474 41.04 35.94 -23.32
CA ASP D 474 41.05 34.73 -22.49
C ASP D 474 40.16 35.00 -21.28
N ARG D 475 38.92 34.52 -21.35
CA ARG D 475 37.93 34.87 -20.35
C ARG D 475 38.31 34.33 -18.98
N ASN D 476 37.89 35.05 -17.94
CA ASN D 476 38.22 34.74 -16.57
C ASN D 476 36.95 34.46 -15.78
N ARG D 477 37.04 33.53 -14.84
CA ARG D 477 35.93 33.19 -13.96
C ARG D 477 36.22 33.48 -12.50
N THR D 478 37.40 34.02 -12.18
CA THR D 478 37.79 34.27 -10.80
C THR D 478 37.52 35.70 -10.36
N SER D 479 36.88 36.51 -11.19
CA SER D 479 36.65 37.90 -10.84
C SER D 479 35.21 38.11 -10.38
N PRO D 480 34.99 39.03 -9.44
CA PRO D 480 33.62 39.33 -9.00
C PRO D 480 32.87 40.17 -10.02
N PHE D 481 33.59 41.00 -10.75
CA PHE D 481 33.01 41.91 -11.74
C PHE D 481 33.77 41.78 -13.06
N PRO D 482 33.70 40.63 -13.71
CA PRO D 482 34.35 40.48 -15.01
C PRO D 482 33.50 41.06 -16.13
N TYR D 483 34.18 41.53 -17.16
CA TYR D 483 33.51 42.04 -18.36
C TYR D 483 33.41 40.88 -19.35
N GLY D 484 32.26 40.22 -19.36
CA GLY D 484 32.06 39.07 -20.22
C GLY D 484 31.87 39.41 -21.68
N GLY D 485 32.83 40.09 -22.27
CA GLY D 485 32.78 40.42 -23.69
C GLY D 485 31.84 41.53 -24.09
N ASN D 486 30.59 41.48 -23.63
CA ASN D 486 29.61 42.48 -24.01
C ASN D 486 28.75 42.93 -22.84
N ARG D 487 29.16 42.65 -21.61
CA ARG D 487 28.37 42.92 -20.41
C ARG D 487 29.24 42.57 -19.20
N PHE D 488 28.79 43.01 -18.03
CA PHE D 488 29.49 42.75 -16.78
C PHE D 488 28.80 41.60 -16.06
N GLU D 489 29.43 40.42 -16.05
CA GLU D 489 28.84 39.26 -15.40
C GLU D 489 29.24 39.27 -13.93
N PHE D 490 28.58 40.15 -13.18
CA PHE D 490 28.86 40.29 -11.74
C PHE D 490 28.41 39.01 -11.05
N ARG D 491 29.36 38.12 -10.78
CA ARG D 491 29.07 36.79 -10.27
C ARG D 491 28.96 36.73 -8.75
N ALA D 492 29.23 37.83 -8.06
CA ALA D 492 29.21 37.82 -6.60
C ALA D 492 27.80 37.77 -6.03
N ALA D 493 26.79 38.10 -6.82
CA ALA D 493 25.42 38.12 -6.32
C ALA D 493 24.97 36.72 -5.93
N GLY D 494 24.17 36.65 -4.86
CA GLY D 494 23.73 35.40 -4.32
C GLY D 494 22.33 35.01 -4.77
N SER D 495 22.06 33.70 -4.76
CA SER D 495 20.80 33.19 -5.26
C SER D 495 19.63 33.62 -4.38
N SER D 496 19.73 33.39 -3.08
CA SER D 496 18.62 33.72 -2.18
C SER D 496 18.37 35.22 -2.14
N GLN D 497 19.44 36.00 -2.02
CA GLN D 497 19.30 37.44 -1.95
C GLN D 497 18.86 37.99 -3.30
N ASN D 498 17.81 38.79 -3.30
CA ASN D 498 17.35 39.42 -4.53
C ASN D 498 18.35 40.46 -5.02
N VAL D 499 18.58 40.48 -6.33
CA VAL D 499 19.62 41.31 -6.92
C VAL D 499 19.20 42.77 -6.93
N SER D 500 17.99 43.05 -6.46
CA SER D 500 17.46 44.42 -6.50
C SER D 500 18.44 45.41 -5.90
N LEU D 501 19.01 45.08 -4.73
CA LEU D 501 20.01 45.95 -4.13
C LEU D 501 21.25 46.06 -5.00
N VAL D 502 21.65 44.95 -5.62
CA VAL D 502 22.82 44.95 -6.50
C VAL D 502 22.58 45.89 -7.67
N ASN D 503 21.40 45.83 -8.28
CA ASN D 503 21.12 46.73 -9.38
C ASN D 503 21.01 48.17 -8.90
N THR D 504 20.46 48.41 -7.71
CA THR D 504 20.43 49.78 -7.19
C THR D 504 21.84 50.34 -7.08
N VAL D 505 22.76 49.59 -6.49
CA VAL D 505 24.10 50.11 -6.28
C VAL D 505 24.84 50.25 -7.60
N LEU D 506 24.69 49.29 -8.51
CA LEU D 506 25.34 49.41 -9.80
C LEU D 506 24.83 50.62 -10.57
N ASN D 507 23.51 50.82 -10.57
CA ASN D 507 22.94 51.96 -11.28
C ASN D 507 23.38 53.27 -10.67
N THR D 508 23.43 53.34 -9.34
CA THR D 508 23.79 54.62 -8.72
C THR D 508 25.27 54.94 -8.92
N ILE D 509 26.15 53.93 -8.88
CA ILE D 509 27.56 54.22 -9.12
C ILE D 509 27.79 54.58 -10.58
N ALA D 510 27.10 53.91 -11.51
CA ALA D 510 27.19 54.29 -12.91
C ALA D 510 26.67 55.71 -13.12
N ALA D 511 25.58 56.06 -12.43
CA ALA D 511 25.02 57.40 -12.55
C ALA D 511 25.99 58.44 -11.99
N GLU D 512 26.67 58.13 -10.88
CA GLU D 512 27.65 59.06 -10.34
C GLU D 512 28.80 59.27 -11.32
N ALA D 513 29.31 58.18 -11.89
CA ALA D 513 30.40 58.32 -12.85
C ALA D 513 29.96 59.11 -14.08
N PHE D 514 28.76 58.83 -14.58
CA PHE D 514 28.25 59.55 -15.73
C PHE D 514 28.01 61.02 -15.41
N LYS D 515 27.54 61.32 -14.19
CA LYS D 515 27.37 62.70 -13.79
C LYS D 515 28.70 63.43 -13.73
N ILE D 516 29.73 62.76 -13.20
CA ILE D 516 31.05 63.38 -13.13
C ILE D 516 31.58 63.68 -14.53
N VAL D 517 31.49 62.70 -15.43
CA VAL D 517 32.02 62.91 -16.77
C VAL D 517 31.19 63.96 -17.51
N ALA D 518 29.88 63.99 -17.28
CA ALA D 518 29.03 64.99 -17.92
C ALA D 518 29.35 66.39 -17.41
N ASP D 519 29.59 66.53 -16.10
CA ASP D 519 29.97 67.81 -15.55
C ASP D 519 31.30 68.28 -16.12
N ARG D 520 32.26 67.34 -16.27
CA ARG D 520 33.54 67.70 -16.86
C ARG D 520 33.37 68.11 -18.32
N LEU D 521 32.49 67.43 -19.06
CA LEU D 521 32.21 67.81 -20.43
C LEU D 521 31.60 69.21 -20.52
N GLU D 522 30.62 69.48 -19.64
CA GLU D 522 29.96 70.78 -19.65
C GLU D 522 30.92 71.90 -19.25
N ALA D 523 31.93 71.58 -18.45
CA ALA D 523 32.96 72.56 -18.11
C ALA D 523 33.88 72.87 -19.28
N GLY D 524 33.79 72.12 -20.37
CA GLY D 524 34.64 72.32 -21.53
C GLY D 524 35.81 71.37 -21.64
N GLU D 525 35.99 70.48 -20.66
CA GLU D 525 37.09 69.54 -20.71
C GLU D 525 36.90 68.55 -21.85
N LYS D 526 37.99 68.24 -22.54
CA LYS D 526 37.94 67.24 -23.59
C LYS D 526 37.62 65.87 -23.00
N PRO D 527 36.78 65.08 -23.67
CA PRO D 527 36.52 63.72 -23.18
C PRO D 527 37.79 62.89 -23.05
N LEU D 528 38.78 63.14 -23.90
CA LEU D 528 40.06 62.45 -23.76
C LEU D 528 40.64 62.69 -22.37
N ALA D 529 40.78 63.96 -21.98
CA ALA D 529 41.44 64.29 -20.72
C ALA D 529 40.71 63.67 -19.54
N ILE D 530 39.38 63.66 -19.58
CA ILE D 530 38.60 62.97 -18.57
C ILE D 530 38.96 61.50 -18.55
N ALA D 531 39.14 60.89 -19.73
CA ALA D 531 39.51 59.48 -19.80
C ALA D 531 40.85 59.23 -19.11
N GLN D 532 41.88 60.01 -19.48
CA GLN D 532 43.18 59.76 -18.84
C GLN D 532 43.13 60.01 -17.34
N ASP D 533 42.46 61.10 -16.93
CA ASP D 533 42.41 61.42 -15.50
C ASP D 533 41.74 60.30 -14.72
N LEU D 534 40.56 59.87 -15.18
CA LEU D 534 39.83 58.82 -14.48
C LEU D 534 40.61 57.51 -14.50
N LEU D 535 41.26 57.20 -15.60
CA LEU D 535 42.01 55.95 -15.70
C LEU D 535 43.20 55.95 -14.76
N LYS D 536 44.00 57.02 -14.74
CA LYS D 536 45.11 57.06 -13.81
C LYS D 536 44.64 57.14 -12.36
N THR D 537 43.42 57.62 -12.13
CA THR D 537 42.91 57.63 -10.76
C THR D 537 42.45 56.24 -10.32
N HIS D 538 41.86 55.46 -11.22
CA HIS D 538 41.14 54.26 -10.81
C HIS D 538 41.60 52.98 -11.51
N ASP D 539 42.80 52.96 -12.08
CA ASP D 539 43.29 51.75 -12.72
C ASP D 539 43.73 50.67 -11.73
N LYS D 540 43.82 50.99 -10.43
CA LYS D 540 44.26 50.01 -9.45
C LYS D 540 43.27 48.85 -9.35
N CYS D 541 41.98 49.15 -9.42
CA CYS D 541 40.96 48.12 -9.25
C CYS D 541 40.93 47.12 -10.38
N ILE D 542 41.53 47.45 -11.53
CA ILE D 542 41.52 46.54 -12.67
C ILE D 542 42.43 45.36 -12.38
N PHE D 543 41.92 44.15 -12.57
CA PHE D 543 42.67 42.94 -12.32
C PHE D 543 42.36 41.92 -13.40
N ASN D 544 43.40 41.25 -13.90
CA ASN D 544 43.26 40.26 -14.97
C ASN D 544 43.74 38.88 -14.60
N GLY D 545 44.53 38.73 -13.53
CA GLY D 545 45.11 37.45 -13.18
C GLY D 545 44.12 36.54 -12.48
N ASN D 546 44.65 35.44 -11.94
CA ASN D 546 43.84 34.46 -11.24
C ASN D 546 43.42 35.02 -9.90
N GLY D 547 42.12 35.29 -9.74
CA GLY D 547 41.61 35.82 -8.49
C GLY D 547 41.55 34.80 -7.37
N TYR D 548 41.58 33.51 -7.70
CA TYR D 548 41.55 32.47 -6.67
C TYR D 548 42.90 32.28 -5.99
N ASP D 549 43.93 32.98 -6.43
CA ASP D 549 45.24 32.88 -5.79
C ASP D 549 45.15 33.35 -4.35
N PRO D 550 45.63 32.57 -3.37
CA PRO D 550 45.64 33.04 -1.99
C PRO D 550 46.48 34.30 -1.79
N ALA D 551 47.43 34.56 -2.69
CA ALA D 551 48.24 35.77 -2.63
C ALA D 551 47.57 36.95 -3.31
N TRP D 552 46.33 36.81 -3.76
CA TRP D 552 45.65 37.94 -4.39
C TRP D 552 45.05 38.93 -3.40
N PRO D 553 44.39 38.54 -2.30
CA PRO D 553 43.78 39.56 -1.43
C PRO D 553 44.76 40.58 -0.88
N ASP D 554 45.93 40.15 -0.42
CA ASP D 554 46.89 41.11 0.14
C ASP D 554 47.47 42.00 -0.96
N GLU D 555 47.69 41.45 -2.15
CA GLU D 555 48.15 42.26 -3.27
C GLU D 555 47.11 43.32 -3.63
N ALA D 556 45.83 42.95 -3.64
CA ALA D 556 44.78 43.92 -3.92
C ALA D 556 44.70 44.98 -2.82
N VAL D 557 44.87 44.57 -1.56
CA VAL D 557 44.88 45.53 -0.46
C VAL D 557 46.01 46.53 -0.64
N LYS D 558 47.20 46.04 -1.02
CA LYS D 558 48.31 46.94 -1.32
C LYS D 558 47.96 47.87 -2.48
N ARG D 559 47.30 47.34 -3.52
CA ARG D 559 46.87 48.17 -4.62
C ARG D 559 45.84 49.21 -4.20
N GLY D 560 45.08 48.93 -3.14
CA GLY D 560 44.03 49.81 -2.71
C GLY D 560 42.64 49.44 -3.16
N ILE D 561 42.46 48.26 -3.76
CA ILE D 561 41.14 47.82 -4.19
C ILE D 561 40.27 47.51 -2.98
N TRP D 562 38.97 47.76 -3.13
CA TRP D 562 38.03 47.45 -2.05
C TRP D 562 37.99 45.96 -1.80
N ARG D 563 38.05 45.57 -0.53
CA ARG D 563 37.98 44.17 -0.14
C ARG D 563 37.47 44.09 1.28
N ILE D 564 36.26 43.55 1.45
CA ILE D 564 35.65 43.37 2.77
C ILE D 564 35.35 41.89 2.92
N ASP D 565 36.20 41.19 3.70
CA ASP D 565 35.95 39.77 3.95
C ASP D 565 34.71 39.55 4.81
N ALA D 566 34.21 40.58 5.48
CA ALA D 566 33.10 40.46 6.40
C ALA D 566 31.84 41.04 5.77
N GLY D 567 30.78 40.24 5.72
CA GLY D 567 29.50 40.75 5.27
C GLY D 567 28.94 41.80 6.21
N CYS D 568 29.17 41.62 7.52
CA CYS D 568 28.73 42.61 8.49
C CYS D 568 29.39 43.96 8.26
N ASP D 569 30.71 43.96 8.09
CA ASP D 569 31.41 45.20 7.77
C ASP D 569 31.01 45.74 6.41
N ALA D 570 30.74 44.85 5.44
CA ALA D 570 30.28 45.29 4.14
C ALA D 570 28.98 46.07 4.26
N ILE D 571 28.02 45.54 5.01
CA ILE D 571 26.76 46.25 5.20
C ILE D 571 26.98 47.54 5.98
N ASN D 572 27.80 47.49 7.03
CA ASN D 572 28.07 48.69 7.80
C ASN D 572 28.73 49.77 6.97
N GLU D 573 29.40 49.42 5.88
CA GLU D 573 29.95 50.42 4.99
C GLU D 573 28.88 51.18 4.22
N LEU D 574 27.62 50.75 4.28
CA LEU D 574 26.56 51.41 3.52
C LEU D 574 26.36 52.85 3.97
N ASP D 575 26.39 53.10 5.28
CA ASP D 575 26.15 54.43 5.81
C ASP D 575 27.43 55.26 5.91
N SER D 576 28.48 54.90 5.19
CA SER D 576 29.69 55.68 5.19
C SER D 576 29.44 57.04 4.54
N ALA D 577 30.31 58.00 4.89
CA ALA D 577 30.11 59.37 4.42
C ALA D 577 30.09 59.44 2.90
N LYS D 578 31.05 58.78 2.24
CA LYS D 578 31.07 58.77 0.79
C LYS D 578 29.82 58.09 0.22
N ASN D 579 29.43 56.96 0.80
CA ASN D 579 28.25 56.24 0.30
C ASN D 579 26.98 57.06 0.51
N VAL D 580 26.86 57.71 1.66
CA VAL D 580 25.68 58.54 1.93
C VAL D 580 25.63 59.72 0.97
N THR D 581 26.77 60.38 0.77
CA THR D 581 26.81 61.50 -0.16
C THR D 581 26.47 61.04 -1.58
N LEU D 582 26.90 59.84 -1.94
CA LEU D 582 26.46 59.24 -3.19
C LEU D 582 24.95 59.08 -3.24
N PHE D 583 24.36 58.55 -2.16
CA PHE D 583 22.95 58.20 -2.20
C PHE D 583 22.06 59.45 -2.29
N GLU D 584 22.39 60.51 -1.55
CA GLU D 584 21.62 61.74 -1.77
C GLU D 584 22.02 62.44 -3.06
N GLY D 585 23.25 62.25 -3.54
CA GLY D 585 23.66 62.88 -4.78
C GLY D 585 22.87 62.38 -5.97
N MET D 586 22.71 61.06 -6.07
CA MET D 586 21.88 60.45 -7.10
C MET D 586 20.40 60.39 -6.70
N GLY D 587 20.07 60.78 -5.47
CA GLY D 587 18.70 60.75 -5.02
C GLY D 587 18.15 59.38 -4.69
N ILE D 588 19.05 58.39 -4.52
CA ILE D 588 18.58 57.04 -4.25
C ILE D 588 17.97 56.92 -2.87
N PHE D 589 18.61 57.52 -1.87
CA PHE D 589 18.14 57.46 -0.50
C PHE D 589 18.42 58.78 0.20
N THR D 590 17.70 59.02 1.28
CA THR D 590 18.06 60.03 2.25
C THR D 590 18.89 59.39 3.35
N ALA D 591 19.42 60.23 4.24
CA ALA D 591 20.19 59.71 5.37
C ALA D 591 19.35 58.77 6.22
N ARG D 592 18.10 59.17 6.50
CA ARG D 592 17.20 58.27 7.21
C ARG D 592 16.92 57.02 6.38
N GLU D 593 16.75 57.17 5.07
CA GLU D 593 16.46 56.02 4.22
C GLU D 593 17.61 55.02 4.22
N ILE D 594 18.84 55.51 4.02
CA ILE D 594 19.97 54.60 3.98
C ILE D 594 20.25 54.02 5.36
N GLN D 595 20.04 54.80 6.42
CA GLN D 595 20.21 54.27 7.76
C GLN D 595 19.22 53.15 8.03
N ALA D 596 17.96 53.34 7.62
CA ALA D 596 16.96 52.29 7.79
C ALA D 596 17.31 51.07 6.96
N ARG D 597 17.79 51.27 5.74
CA ARG D 597 18.17 50.14 4.89
C ARG D 597 19.30 49.34 5.52
N LYS D 598 20.33 50.03 6.01
CA LYS D 598 21.44 49.34 6.67
C LYS D 598 20.96 48.63 7.93
N SER D 599 20.08 49.28 8.70
CA SER D 599 19.55 48.65 9.90
C SER D 599 18.79 47.38 9.55
N VAL D 600 17.96 47.44 8.51
CA VAL D 600 17.19 46.27 8.11
C VAL D 600 18.10 45.16 7.64
N LEU D 601 19.13 45.49 6.85
CA LEU D 601 20.04 44.46 6.37
C LEU D 601 20.81 43.81 7.52
N LEU D 602 21.32 44.62 8.44
CA LEU D 602 22.04 44.07 9.58
C LEU D 602 21.12 43.21 10.44
N GLY D 603 19.89 43.67 10.66
CA GLY D 603 18.95 42.88 11.44
C GLY D 603 18.59 41.58 10.74
N HIS D 604 18.44 41.62 9.43
CA HIS D 604 18.16 40.41 8.67
C HIS D 604 19.30 39.42 8.81
N TYR D 605 20.54 39.90 8.65
CA TYR D 605 21.69 39.01 8.76
C TYR D 605 21.79 38.40 10.15
N VAL D 606 21.65 39.24 11.18
CA VAL D 606 21.82 38.74 12.54
C VAL D 606 20.67 37.82 12.91
N GLY D 607 19.47 38.08 12.41
CA GLY D 607 18.35 37.19 12.67
C GLY D 607 18.51 35.86 11.98
N SER D 608 19.02 35.86 10.74
CA SER D 608 19.29 34.60 10.05
C SER D 608 20.35 33.81 10.79
N VAL D 609 21.41 34.47 11.25
CA VAL D 609 22.44 33.78 12.02
C VAL D 609 21.87 33.23 13.31
N GLU D 610 21.01 34.02 13.98
CA GLU D 610 20.40 33.58 15.22
C GLU D 610 19.50 32.37 15.01
N MET D 611 18.74 32.37 13.91
CA MET D 611 17.88 31.22 13.63
C MET D 611 18.70 29.99 13.25
N GLU D 612 19.81 30.18 12.53
CA GLU D 612 20.72 29.06 12.31
C GLU D 612 21.24 28.52 13.63
N ALA D 613 21.58 29.42 14.56
CA ALA D 613 22.07 29.02 15.86
C ALA D 613 21.00 28.23 16.62
N LEU D 614 19.77 28.73 16.62
CA LEU D 614 18.69 28.04 17.33
C LEU D 614 18.38 26.70 16.71
N THR D 615 18.42 26.62 15.38
CA THR D 615 18.20 25.35 14.70
C THR D 615 19.31 24.37 15.04
N MET D 616 20.54 24.85 15.14
CA MET D 616 21.63 23.99 15.58
C MET D 616 21.41 23.51 17.02
N ILE D 617 20.97 24.42 17.89
CA ILE D 617 20.65 24.02 19.26
C ILE D 617 19.62 22.89 19.24
N ASP D 618 18.58 23.05 18.41
CA ASP D 618 17.54 22.03 18.32
C ASP D 618 18.09 20.73 17.76
N MET D 619 19.05 20.81 16.83
CA MET D 619 19.60 19.58 16.25
C MET D 619 20.45 18.80 17.25
N ILE D 620 21.39 19.48 17.91
CA ILE D 620 22.18 18.77 18.92
C ILE D 620 21.31 18.27 20.05
N ASN D 621 20.38 19.09 20.55
CA ASN D 621 19.56 18.63 21.66
C ASN D 621 18.60 17.52 21.24
N GLN D 622 18.13 17.57 20.00
CA GLN D 622 17.07 16.69 19.51
C GLN D 622 17.57 15.53 18.66
N HIS D 623 18.61 15.73 17.87
CA HIS D 623 19.10 14.69 16.96
C HIS D 623 20.50 14.22 17.32
N VAL D 624 21.47 15.12 17.40
CA VAL D 624 22.86 14.68 17.51
C VAL D 624 23.13 14.00 18.85
N ILE D 625 22.70 14.62 19.94
CA ILE D 625 22.89 14.00 21.27
C ILE D 625 22.12 12.70 21.39
N PRO D 626 20.84 12.61 21.02
CA PRO D 626 20.16 11.30 21.08
C PRO D 626 20.81 10.26 20.18
N SER D 627 21.26 10.66 18.99
CA SER D 627 21.93 9.69 18.12
C SER D 627 23.22 9.18 18.73
N VAL D 628 24.01 10.08 19.33
CA VAL D 628 25.24 9.68 19.98
C VAL D 628 24.96 8.75 21.16
N LYS D 629 23.94 9.08 21.95
CA LYS D 629 23.60 8.25 23.09
C LYS D 629 23.11 6.87 22.65
N LYS D 630 22.30 6.82 21.60
CA LYS D 630 21.76 5.54 21.14
C LYS D 630 22.86 4.68 20.52
N ALA D 631 23.68 5.26 19.66
CA ALA D 631 24.75 4.51 19.01
C ALA D 631 25.98 4.36 19.90
N ASP D 632 26.01 5.00 21.07
CA ASP D 632 27.12 4.92 22.01
C ASP D 632 28.43 5.32 21.34
N LEU D 633 28.43 6.54 20.78
CA LEU D 633 29.59 7.09 20.09
C LEU D 633 30.47 7.93 21.01
N GLY D 634 30.49 7.63 22.30
CA GLY D 634 31.29 8.38 23.25
C GLY D 634 30.47 9.37 24.04
N ASN D 635 31.18 10.15 24.85
CA ASN D 635 30.54 11.13 25.70
C ASN D 635 30.04 12.30 24.87
N PRO D 636 28.74 12.61 24.88
CA PRO D 636 28.23 13.79 24.18
C PRO D 636 28.35 15.09 24.98
N SER D 637 29.10 15.08 26.10
CA SER D 637 29.24 16.28 26.90
C SER D 637 29.86 17.42 26.11
N LYS D 638 30.68 17.09 25.11
CA LYS D 638 31.22 18.12 24.22
C LYS D 638 30.10 18.84 23.49
N LEU D 639 29.10 18.09 23.03
CA LEU D 639 27.96 18.71 22.37
C LEU D 639 27.14 19.56 23.32
N VAL D 640 27.01 19.12 24.58
CA VAL D 640 26.30 19.93 25.57
C VAL D 640 27.03 21.25 25.79
N ASP D 641 28.37 21.18 25.89
CA ASP D 641 29.16 22.40 26.03
C ASP D 641 29.01 23.28 24.80
N ALA D 642 28.93 22.67 23.61
CA ALA D 642 28.71 23.44 22.40
C ALA D 642 27.36 24.14 22.43
N VAL D 643 26.34 23.47 22.93
CA VAL D 643 25.02 24.09 23.06
C VAL D 643 25.09 25.27 24.03
N LYS D 644 25.80 25.09 25.14
CA LYS D 644 25.98 26.19 26.07
C LYS D 644 26.67 27.37 25.39
N THR D 645 27.72 27.08 24.62
CA THR D 645 28.46 28.14 23.94
C THR D 645 27.60 28.88 22.93
N ILE D 646 26.82 28.15 22.14
CA ILE D 646 25.99 28.79 21.13
C ILE D 646 24.87 29.60 21.77
N LYS D 647 24.29 29.07 22.86
CA LYS D 647 23.27 29.82 23.57
C LYS D 647 23.84 31.10 24.16
N GLY D 648 25.04 31.02 24.73
CA GLY D 648 25.69 32.23 25.21
C GLY D 648 25.97 33.22 24.10
N ALA D 649 26.38 32.72 22.93
CA ALA D 649 26.65 33.61 21.81
C ALA D 649 25.38 34.34 21.38
N VAL D 650 24.26 33.61 21.32
CA VAL D 650 22.99 34.27 21.02
C VAL D 650 22.65 35.26 22.13
N ALA D 651 23.03 34.95 23.36
CA ALA D 651 22.78 35.88 24.46
C ALA D 651 23.52 37.19 24.26
N GLN D 652 24.80 37.13 23.89
CA GLN D 652 25.53 38.37 23.60
C GLN D 652 24.95 39.06 22.38
N ILE D 653 24.48 38.30 21.40
CA ILE D 653 23.87 38.88 20.21
C ILE D 653 22.65 39.72 20.60
N HIS D 654 21.80 39.18 21.45
CA HIS D 654 20.61 39.89 21.90
C HIS D 654 20.91 40.91 22.99
N GLY D 655 22.09 40.88 23.59
CA GLY D 655 22.43 41.80 24.65
C GLY D 655 23.15 43.06 24.21
N THR D 656 23.56 43.12 22.94
CA THR D 656 24.24 44.28 22.41
C THR D 656 23.26 45.12 21.58
N GLU D 657 23.46 46.44 21.63
CA GLU D 657 22.56 47.37 20.97
C GLU D 657 23.07 47.84 19.61
N ASP D 658 24.38 47.99 19.45
CA ASP D 658 24.92 48.43 18.17
C ASP D 658 24.65 47.38 17.11
N GLU D 659 23.95 47.78 16.04
CA GLU D 659 23.57 46.83 15.00
C GLU D 659 24.79 46.24 14.32
N HIS D 660 25.79 47.06 14.03
CA HIS D 660 27.01 46.54 13.42
C HIS D 660 27.74 45.61 14.38
N LYS D 661 27.77 45.94 15.67
CA LYS D 661 28.38 45.07 16.65
C LYS D 661 27.66 43.73 16.71
N ALA D 662 26.32 43.77 16.70
CA ALA D 662 25.55 42.52 16.71
C ALA D 662 25.84 41.70 15.47
N ALA D 663 25.91 42.34 14.32
CA ALA D 663 26.19 41.62 13.07
C ALA D 663 27.59 41.03 13.09
N THR D 664 28.57 41.77 13.63
CA THR D 664 29.93 41.26 13.70
C THR D 664 30.01 40.05 14.63
N LEU D 665 29.35 40.11 15.79
CA LEU D 665 29.29 38.95 16.67
C LEU D 665 28.61 37.78 15.99
N ALA D 666 27.53 38.05 15.26
CA ALA D 666 26.82 36.98 14.57
C ALA D 666 27.70 36.32 13.51
N ARG D 667 28.42 37.13 12.73
CA ARG D 667 29.28 36.58 11.69
C ARG D 667 30.43 35.80 12.29
N THR D 668 31.05 36.33 13.35
CA THR D 668 32.12 35.59 14.01
C THR D 668 31.61 34.27 14.54
N LEU D 669 30.42 34.28 15.16
CA LEU D 669 29.79 33.05 15.61
C LEU D 669 29.64 32.08 14.45
N ARG D 670 29.03 32.53 13.36
CA ARG D 670 28.74 31.65 12.24
C ARG D 670 30.00 31.06 11.63
N LEU D 671 31.04 31.87 11.46
CA LEU D 671 32.24 31.41 10.77
C LEU D 671 33.20 30.65 11.68
N THR D 672 33.09 30.78 13.00
CA THR D 672 34.00 30.07 13.88
C THR D 672 33.30 29.06 14.77
N THR D 673 32.34 29.50 15.59
CA THR D 673 31.83 28.60 16.63
C THR D 673 30.93 27.54 16.05
N MET D 674 29.96 27.93 15.23
CA MET D 674 29.13 26.92 14.58
C MET D 674 29.89 26.14 13.52
N VAL D 675 30.97 26.69 12.96
CA VAL D 675 31.79 25.88 12.06
C VAL D 675 32.48 24.77 12.84
N ALA D 676 33.05 25.08 14.00
CA ALA D 676 33.65 24.04 14.82
C ALA D 676 32.62 23.04 15.31
N ILE D 677 31.43 23.53 15.70
CA ILE D 677 30.36 22.63 16.12
C ILE D 677 29.93 21.74 14.97
N ARG D 678 29.90 22.29 13.76
CA ARG D 678 29.56 21.49 12.59
C ARG D 678 30.61 20.42 12.34
N GLU D 679 31.88 20.75 12.54
CA GLU D 679 32.93 19.75 12.41
C GLU D 679 32.75 18.64 13.44
N ILE D 680 32.40 19.01 14.68
CA ILE D 680 32.16 18.00 15.71
C ILE D 680 30.98 17.11 15.33
N ILE D 681 29.91 17.72 14.82
CA ILE D 681 28.74 16.94 14.42
C ILE D 681 29.09 16.02 13.25
N ASP D 682 29.90 16.50 12.31
CA ASP D 682 30.30 15.64 11.19
C ASP D 682 31.14 14.47 11.67
N GLU D 683 32.03 14.72 12.64
CA GLU D 683 32.81 13.63 13.22
C GLU D 683 31.90 12.60 13.88
N PHE D 684 30.89 13.07 14.61
CA PHE D 684 29.96 12.15 15.26
C PHE D 684 29.09 11.42 14.25
N GLU D 685 28.80 12.07 13.11
CA GLU D 685 27.96 11.45 12.09
C GLU D 685 28.72 10.37 11.33
N SER D 686 30.01 10.60 11.07
CA SER D 686 30.79 9.62 10.32
C SER D 686 30.82 8.28 11.04
N ARG D 687 30.76 8.28 12.36
CA ARG D 687 30.74 7.06 13.15
C ARG D 687 29.32 6.62 13.50
N CYS D 688 28.31 7.32 13.00
CA CYS D 688 26.92 7.02 13.34
C CYS D 688 26.26 6.22 12.22
N PRO D 689 25.55 5.15 12.55
CA PRO D 689 24.86 4.37 11.50
C PRO D 689 23.77 5.20 10.85
N PRO D 690 23.44 4.92 9.59
CA PRO D 690 22.42 5.73 8.90
C PRO D 690 21.07 5.73 9.59
N GLU D 691 20.67 4.63 10.22
CA GLU D 691 19.39 4.61 10.90
C GLU D 691 19.40 5.46 12.16
N ASP D 692 20.54 5.54 12.85
CA ASP D 692 20.62 6.34 14.06
C ASP D 692 20.68 7.83 13.75
N TRP D 693 21.23 8.21 12.60
CA TRP D 693 21.29 9.62 12.22
C TRP D 693 19.92 10.03 11.72
N THR D 694 19.11 10.63 12.61
CA THR D 694 17.78 11.05 12.22
C THR D 694 17.82 12.12 11.14
N LEU D 695 18.76 13.06 11.26
CA LEU D 695 18.92 14.08 10.23
C LEU D 695 19.33 13.43 8.91
N ALA D 696 18.77 13.93 7.82
CA ALA D 696 19.11 13.39 6.52
C ALA D 696 20.50 13.87 6.10
N THR D 697 21.36 12.92 5.75
CA THR D 697 22.74 13.22 5.44
C THR D 697 22.88 13.69 3.99
N TYR D 698 24.02 14.34 3.71
CA TYR D 698 24.24 14.95 2.40
C TYR D 698 24.06 13.95 1.27
N SER D 699 24.36 12.67 1.51
CA SER D 699 24.21 11.68 0.46
C SER D 699 22.76 11.58 0.01
N GLU D 700 21.83 11.61 0.96
CA GLU D 700 20.41 11.52 0.61
C GLU D 700 19.91 12.79 -0.06
N LEU D 701 20.41 13.95 0.39
CA LEU D 701 19.94 15.21 -0.17
C LEU D 701 20.46 15.44 -1.58
N LEU D 702 21.75 15.15 -1.80
CA LEU D 702 22.38 15.45 -3.08
C LEU D 702 22.19 14.31 -4.08
N PHE D 703 22.47 13.08 -3.66
CA PHE D 703 22.43 11.92 -4.54
C PHE D 703 21.13 11.17 -4.29
N PHE D 704 20.17 11.36 -5.19
CA PHE D 704 18.85 10.76 -5.04
C PHE D 704 18.32 10.25 -6.37
N PHE E 38 -23.94 31.99 -5.34
CA PHE E 38 -24.97 31.48 -6.24
C PHE E 38 -26.33 31.51 -5.54
N GLY E 39 -26.33 31.25 -4.24
CA GLY E 39 -27.55 31.19 -3.47
C GLY E 39 -28.28 29.87 -3.54
N SER E 40 -27.70 28.86 -4.19
CA SER E 40 -28.40 27.59 -4.38
C SER E 40 -28.70 26.91 -3.05
N ALA E 41 -27.90 27.18 -2.02
CA ALA E 41 -28.09 26.60 -0.69
C ALA E 41 -28.46 27.66 0.33
N CYS E 42 -29.14 28.71 -0.12
CA CYS E 42 -29.57 29.79 0.77
C CYS E 42 -30.90 30.30 0.27
N PHE E 43 -31.98 29.99 0.98
CA PHE E 43 -33.32 30.42 0.60
C PHE E 43 -33.44 31.91 0.89
N LYS E 44 -32.89 32.72 -0.01
CA LYS E 44 -32.94 34.16 0.13
C LYS E 44 -32.83 34.79 -1.25
N GLY E 45 -33.36 36.01 -1.36
CA GLY E 45 -33.21 36.77 -2.59
C GLY E 45 -33.86 36.09 -3.78
N ALA E 46 -33.12 36.03 -4.89
CA ALA E 46 -33.66 35.48 -6.13
C ALA E 46 -34.02 34.01 -5.99
N VAL E 47 -33.19 33.25 -5.26
CA VAL E 47 -33.47 31.82 -5.09
C VAL E 47 -34.78 31.64 -4.33
N ALA E 48 -34.99 32.42 -3.27
CA ALA E 48 -36.25 32.35 -2.55
C ALA E 48 -37.42 32.78 -3.43
N ASP E 49 -37.23 33.84 -4.22
CA ASP E 49 -38.29 34.31 -5.10
C ASP E 49 -38.66 33.26 -6.15
N LYS E 50 -37.69 32.44 -6.56
CA LYS E 50 -37.95 31.41 -7.57
C LYS E 50 -39.11 30.51 -7.17
N TYR E 51 -39.21 30.19 -5.88
CA TYR E 51 -40.29 29.35 -5.39
C TYR E 51 -41.40 30.12 -4.71
N LEU E 52 -41.15 31.37 -4.29
CA LEU E 52 -42.23 32.18 -3.77
C LEU E 52 -43.17 32.65 -4.87
N SER E 53 -42.65 32.79 -6.10
CA SER E 53 -43.50 33.14 -7.23
C SER E 53 -44.50 32.03 -7.56
N LYS E 54 -44.19 30.79 -7.20
CA LYS E 54 -45.14 29.70 -7.42
C LYS E 54 -46.43 29.91 -6.65
N TYR E 55 -46.37 30.63 -5.53
CA TYR E 55 -47.54 30.96 -4.73
C TYR E 55 -47.89 32.43 -4.79
N GLY E 56 -47.35 33.16 -5.77
CA GLY E 56 -47.64 34.57 -5.93
C GLY E 56 -46.89 35.49 -5.01
N GLU E 57 -45.84 35.02 -4.35
CA GLU E 57 -45.06 35.83 -3.43
C GLU E 57 -43.70 36.12 -4.04
N SER E 58 -42.86 36.81 -3.26
CA SER E 58 -41.53 37.20 -3.71
C SER E 58 -40.63 37.33 -2.50
N SER E 59 -39.33 37.53 -2.77
CA SER E 59 -38.36 37.66 -1.69
C SER E 59 -38.59 38.90 -0.84
N THR E 60 -39.39 39.85 -1.32
CA THR E 60 -39.73 41.01 -0.52
C THR E 60 -40.47 40.60 0.75
N LEU E 61 -41.33 39.59 0.65
CA LEU E 61 -42.00 39.08 1.83
C LEU E 61 -41.00 38.49 2.83
N LEU E 62 -40.00 37.76 2.32
CA LEU E 62 -39.01 37.16 3.20
C LEU E 62 -38.10 38.21 3.83
N ALA E 63 -37.87 39.32 3.13
CA ALA E 63 -36.89 40.30 3.59
C ALA E 63 -37.32 40.96 4.90
N ASN E 64 -38.56 41.47 4.96
CA ASN E 64 -38.97 42.23 6.14
C ASN E 64 -39.13 41.35 7.37
N GLY E 65 -39.53 40.09 7.19
CA GLY E 65 -39.74 39.19 8.30
C GLY E 65 -41.13 39.24 8.90
N LYS E 66 -42.03 40.07 8.36
CA LYS E 66 -43.40 40.13 8.85
C LYS E 66 -44.20 38.87 8.50
N TRP E 67 -43.68 38.01 7.64
CA TRP E 67 -44.40 36.80 7.25
C TRP E 67 -44.60 35.86 8.43
N THR E 68 -43.67 35.85 9.38
CA THR E 68 -43.83 34.99 10.55
C THR E 68 -45.08 35.37 11.34
N LYS E 69 -45.36 36.66 11.45
CA LYS E 69 -46.58 37.09 12.11
C LYS E 69 -47.82 36.62 11.37
N ASP E 70 -47.77 36.64 10.04
CA ASP E 70 -48.90 36.19 9.23
C ASP E 70 -49.01 34.67 9.28
N MET E 71 -50.21 34.18 8.97
CA MET E 71 -50.50 32.75 8.98
C MET E 71 -50.39 32.13 7.59
N ALA E 72 -51.14 32.66 6.62
CA ALA E 72 -51.10 32.11 5.27
C ALA E 72 -49.73 32.25 4.64
N LYS E 73 -49.07 33.40 4.85
CA LYS E 73 -47.73 33.60 4.33
C LYS E 73 -46.76 32.60 4.94
N ALA E 74 -46.94 32.28 6.22
CA ALA E 74 -46.07 31.31 6.87
C ALA E 74 -46.17 29.95 6.19
N ASP E 75 -47.39 29.49 5.92
CA ASP E 75 -47.56 28.21 5.26
C ASP E 75 -47.04 28.26 3.83
N ILE E 76 -47.22 29.40 3.15
CA ILE E 76 -46.75 29.54 1.78
C ILE E 76 -45.23 29.41 1.73
N VAL E 77 -44.53 30.13 2.62
CA VAL E 77 -43.08 30.05 2.62
C VAL E 77 -42.62 28.69 3.11
N ALA E 78 -43.40 28.03 3.98
CA ALA E 78 -43.06 26.68 4.40
C ALA E 78 -43.09 25.72 3.21
N LYS E 79 -44.14 25.81 2.38
CA LYS E 79 -44.20 24.99 1.19
C LYS E 79 -43.07 25.32 0.23
N ALA E 80 -42.75 26.60 0.09
CA ALA E 80 -41.69 27.02 -0.82
C ALA E 80 -40.34 26.45 -0.38
N VAL E 81 -40.02 26.55 0.91
CA VAL E 81 -38.75 26.01 1.38
C VAL E 81 -38.77 24.49 1.34
N LEU E 82 -39.94 23.88 1.51
CA LEU E 82 -40.04 22.43 1.38
C LEU E 82 -39.64 21.98 -0.02
N ASP E 83 -40.18 22.66 -1.04
CA ASP E 83 -39.77 22.37 -2.41
C ASP E 83 -38.28 22.64 -2.58
N TRP E 84 -37.84 23.84 -2.21
CA TRP E 84 -36.45 24.21 -2.39
C TRP E 84 -35.52 23.13 -1.85
N ALA E 85 -35.83 22.62 -0.65
CA ALA E 85 -35.03 21.54 -0.08
C ALA E 85 -35.18 20.24 -0.86
N VAL E 86 -36.40 19.91 -1.29
CA VAL E 86 -36.62 18.56 -1.80
C VAL E 86 -35.93 18.37 -3.15
N GLU E 87 -35.96 19.39 -4.03
CA GLU E 87 -35.10 19.26 -5.20
C GLU E 87 -33.66 19.74 -4.97
N ASN E 88 -33.35 20.37 -3.84
CA ASN E 88 -31.92 20.45 -3.52
C ASN E 88 -31.35 19.16 -2.97
N GLY E 89 -32.20 18.20 -2.59
CA GLY E 89 -31.72 16.93 -2.09
C GLY E 89 -31.68 16.90 -0.58
N ALA E 90 -32.70 17.49 0.06
CA ALA E 90 -32.79 17.55 1.51
C ALA E 90 -34.11 16.94 1.95
N SER E 91 -34.08 16.21 3.07
CA SER E 91 -35.26 15.56 3.60
C SER E 91 -35.53 15.86 5.07
N VAL E 92 -34.61 16.51 5.77
CA VAL E 92 -34.73 16.78 7.19
C VAL E 92 -34.49 18.27 7.41
N TYR E 93 -35.35 18.89 8.22
CA TYR E 93 -35.20 20.29 8.60
C TYR E 93 -34.82 20.35 10.07
N CYS E 94 -33.78 21.11 10.39
CA CYS E 94 -33.38 21.26 11.78
C CYS E 94 -33.40 22.73 12.16
N HIS E 95 -34.08 23.03 13.26
CA HIS E 95 -34.00 24.35 13.84
C HIS E 95 -32.61 24.56 14.43
N TRP E 96 -32.09 25.77 14.27
CA TRP E 96 -30.69 26.08 14.52
C TRP E 96 -30.59 27.24 15.50
N PHE E 97 -29.68 27.12 16.46
CA PHE E 97 -29.57 28.13 17.50
C PHE E 97 -28.15 28.12 18.04
N GLN E 98 -27.80 29.19 18.74
CA GLN E 98 -26.51 29.27 19.43
C GLN E 98 -26.73 29.31 20.93
N PRO E 99 -26.37 28.26 21.66
CA PRO E 99 -26.54 28.26 23.12
C PRO E 99 -25.68 29.32 23.78
N MET E 100 -26.04 29.62 25.03
CA MET E 100 -25.27 30.55 25.84
C MET E 100 -23.81 30.12 25.92
N GLY E 101 -22.92 31.03 25.52
CA GLY E 101 -21.49 30.77 25.61
C GLY E 101 -21.05 29.54 24.87
N SER E 102 -21.49 29.38 23.63
CA SER E 102 -21.17 28.22 22.81
C SER E 102 -20.19 28.65 21.73
N SER E 103 -18.90 28.61 22.07
CA SER E 103 -17.85 28.99 21.13
C SER E 103 -17.27 27.80 20.39
N GLY E 104 -17.76 26.59 20.65
CA GLY E 104 -17.25 25.41 19.98
C GLY E 104 -15.99 24.85 20.61
N ASN E 109 -20.49 24.76 18.72
CA ASN E 109 -20.58 26.16 18.29
C ASN E 109 -22.03 26.61 18.09
N SER E 110 -22.89 25.70 17.63
CA SER E 110 -24.29 26.03 17.39
C SER E 110 -25.09 24.74 17.37
N GLY E 111 -26.08 24.64 18.25
CA GLY E 111 -26.89 23.44 18.31
C GLY E 111 -28.05 23.47 17.33
N GLN E 112 -28.65 22.29 17.12
CA GLN E 112 -29.76 22.16 16.21
C GLN E 112 -30.61 20.96 16.61
N VAL E 113 -31.88 20.99 16.22
CA VAL E 113 -32.81 19.89 16.41
C VAL E 113 -33.39 19.49 15.05
N HIS E 114 -33.20 18.21 14.70
CA HIS E 114 -33.62 17.68 13.42
C HIS E 114 -35.02 17.10 13.50
N GLN E 115 -35.76 17.25 12.40
CA GLN E 115 -37.10 16.69 12.28
C GLN E 115 -37.37 16.38 10.81
N SER E 116 -38.05 15.27 10.56
CA SER E 116 -38.41 14.92 9.19
C SER E 116 -39.57 15.77 8.70
N MET E 117 -39.40 16.32 7.49
CA MET E 117 -40.46 17.08 6.85
C MET E 117 -41.26 16.25 5.86
N PHE E 118 -41.01 14.95 5.76
CA PHE E 118 -41.83 14.03 5.00
C PHE E 118 -42.48 13.04 5.96
N ASN E 119 -43.76 12.79 5.75
CA ASN E 119 -44.55 11.90 6.59
C ASN E 119 -45.01 10.69 5.77
N PHE E 120 -45.70 9.78 6.44
CA PHE E 120 -46.27 8.59 5.82
C PHE E 120 -47.75 8.53 6.18
N ALA E 121 -48.59 8.35 5.18
CA ALA E 121 -50.02 8.25 5.40
C ALA E 121 -50.37 6.80 5.75
N GLU E 122 -51.67 6.47 5.73
CA GLU E 122 -52.09 5.10 6.02
C GLU E 122 -51.49 4.11 5.03
N ASP E 123 -51.30 4.53 3.78
CA ASP E 123 -50.67 3.66 2.79
C ASP E 123 -49.21 3.41 3.12
N GLY E 124 -48.55 4.36 3.78
CA GLY E 124 -47.15 4.22 4.13
C GLY E 124 -46.22 4.65 3.02
N THR E 125 -46.35 5.90 2.56
CA THR E 125 -45.49 6.44 1.52
C THR E 125 -44.87 7.74 2.00
N PRO E 126 -43.62 8.00 1.63
CA PRO E 126 -42.94 9.24 2.09
C PRO E 126 -43.35 10.48 1.30
N TYR E 127 -44.47 11.07 1.72
CA TYR E 127 -44.99 12.27 1.08
C TYR E 127 -44.49 13.49 1.85
N TYR E 128 -43.98 14.48 1.13
CA TYR E 128 -43.37 15.65 1.74
C TYR E 128 -44.44 16.61 2.20
N SER E 129 -44.43 16.95 3.50
CA SER E 129 -45.41 17.85 4.08
C SER E 129 -44.72 18.72 5.11
N PHE E 130 -44.64 20.02 4.83
CA PHE E 130 -43.96 20.98 5.70
C PHE E 130 -44.88 22.17 5.90
N THR E 131 -45.36 22.34 7.12
CA THR E 131 -46.29 23.43 7.45
C THR E 131 -45.55 24.56 8.14
N GLY E 132 -46.27 25.67 8.35
CA GLY E 132 -45.68 26.82 9.00
C GLY E 132 -45.33 26.57 10.46
N GLU E 133 -46.12 25.76 11.16
CA GLU E 133 -45.84 25.47 12.55
C GLU E 133 -44.54 24.71 12.71
N GLN E 134 -44.27 23.77 11.81
CA GLN E 134 -42.97 23.10 11.81
C GLN E 134 -41.85 24.07 11.50
N LEU E 135 -42.11 25.07 10.66
CA LEU E 135 -41.07 26.01 10.27
C LEU E 135 -40.70 26.95 11.42
N LEU E 136 -41.70 27.46 12.13
CA LEU E 136 -41.47 28.52 13.11
C LEU E 136 -41.04 27.98 14.47
N GLN E 137 -41.76 27.00 15.01
CA GLN E 137 -41.55 26.55 16.37
C GLN E 137 -40.70 25.29 16.41
N GLY E 138 -39.84 25.21 17.43
CA GLY E 138 -38.99 24.04 17.60
C GLY E 138 -39.04 23.50 19.02
N GLU E 139 -38.11 22.61 19.35
CA GLU E 139 -38.04 22.00 20.67
C GLU E 139 -36.59 21.89 21.11
N THR E 140 -36.29 22.41 22.30
CA THR E 140 -34.95 22.39 22.87
C THR E 140 -35.04 22.84 24.32
N ASP E 141 -34.36 22.14 25.22
CA ASP E 141 -34.50 22.40 26.64
C ASP E 141 -33.66 23.61 27.07
N GLY E 142 -34.28 24.49 27.87
CA GLY E 142 -33.51 25.58 28.45
C GLY E 142 -32.42 25.10 29.37
N SER E 143 -32.76 24.18 30.28
CA SER E 143 -31.81 23.46 31.13
C SER E 143 -31.12 24.36 32.15
N SER E 144 -30.78 23.79 33.30
CA SER E 144 -29.97 24.49 34.29
C SER E 144 -28.49 24.34 33.92
N TYR E 159 -38.49 25.79 23.28
CA TYR E 159 -39.38 26.16 22.17
C TYR E 159 -38.73 27.19 21.25
N LEU E 160 -37.71 26.72 20.55
CA LEU E 160 -37.03 27.52 19.53
C LEU E 160 -38.04 28.25 18.64
N SER E 161 -37.69 29.48 18.25
CA SER E 161 -38.50 30.27 17.34
C SER E 161 -37.61 30.81 16.23
N ILE E 162 -38.14 30.79 15.00
CA ILE E 162 -37.35 31.11 13.83
C ILE E 162 -36.80 32.54 13.91
N ASP E 163 -35.67 32.76 13.24
CA ASP E 163 -35.11 34.09 13.08
C ASP E 163 -35.43 34.57 11.66
N PRO E 164 -36.50 35.35 11.46
CA PRO E 164 -36.84 35.76 10.10
C PRO E 164 -35.80 36.63 9.43
N TYR E 165 -34.93 37.28 10.21
CA TYR E 165 -33.90 38.13 9.65
C TYR E 165 -32.62 37.37 9.33
N SER E 166 -32.59 36.07 9.57
CA SER E 166 -31.49 35.20 9.18
C SER E 166 -31.94 34.28 8.07
N PRO E 167 -31.08 34.05 7.06
CA PRO E 167 -31.52 33.28 5.89
C PRO E 167 -31.60 31.78 6.20
N ILE E 168 -32.76 31.19 5.90
CA ILE E 168 -32.91 29.75 6.01
C ILE E 168 -32.03 29.10 4.95
N PHE E 169 -31.07 28.28 5.40
CA PHE E 169 -30.05 27.79 4.48
C PHE E 169 -29.99 26.27 4.53
N LEU E 170 -29.10 25.69 3.73
CA LEU E 170 -29.10 24.25 3.53
C LEU E 170 -27.67 23.71 3.53
N ARG E 171 -27.47 22.56 4.16
CA ARG E 171 -26.18 21.88 4.15
C ARG E 171 -26.41 20.38 4.07
N GLU E 172 -25.62 19.71 3.23
CA GLU E 172 -25.69 18.26 3.02
C GLU E 172 -27.12 17.93 2.60
N ASP E 173 -27.85 17.08 3.33
CA ASP E 173 -29.23 16.76 3.02
C ASP E 173 -30.18 17.30 4.09
N THR E 174 -29.75 18.33 4.82
CA THR E 174 -30.54 18.90 5.90
C THR E 174 -30.62 20.40 5.71
N VAL E 175 -31.83 20.94 5.78
CA VAL E 175 -32.03 22.38 5.73
C VAL E 175 -31.96 22.94 7.14
N PHE E 176 -31.00 23.83 7.38
CA PHE E 176 -30.78 24.46 8.66
C PHE E 176 -31.62 25.73 8.69
N ILE E 177 -32.48 25.85 9.69
CA ILE E 177 -33.37 27.01 9.81
C ILE E 177 -32.93 27.80 11.04
N PRO E 178 -32.26 28.94 10.88
CA PRO E 178 -31.80 29.69 12.05
C PRO E 178 -32.96 30.11 12.93
N ALA E 179 -32.76 30.01 14.24
CA ALA E 179 -33.83 30.24 15.19
C ALA E 179 -33.26 30.78 16.49
N ALA E 180 -34.12 31.43 17.26
CA ALA E 180 -33.75 32.00 18.55
C ALA E 180 -34.17 31.07 19.68
N PHE E 181 -33.30 30.92 20.67
CA PHE E 181 -33.49 29.95 21.73
C PHE E 181 -33.74 30.67 23.05
N VAL E 182 -34.84 30.33 23.72
CA VAL E 182 -35.21 30.92 24.99
C VAL E 182 -35.55 29.81 25.97
N SER E 183 -35.90 30.21 27.19
CA SER E 183 -36.39 29.29 28.19
C SER E 183 -37.92 29.23 28.16
N TYR E 184 -38.49 28.28 28.90
CA TYR E 184 -39.94 28.20 28.98
C TYR E 184 -40.52 29.45 29.63
N ASN E 185 -39.81 30.01 30.61
CA ASN E 185 -40.28 31.24 31.24
C ASN E 185 -40.32 32.39 30.25
N GLY E 186 -39.31 32.49 29.39
CA GLY E 186 -39.23 33.57 28.44
C GLY E 186 -37.88 34.24 28.45
N ASP E 187 -37.00 33.78 29.34
CA ASP E 187 -35.65 34.33 29.42
C ASP E 187 -34.85 33.97 28.19
N ALA E 188 -34.08 34.93 27.69
CA ALA E 188 -33.25 34.73 26.50
C ALA E 188 -32.06 33.86 26.88
N LEU E 189 -32.12 32.58 26.52
CA LEU E 189 -31.06 31.63 26.81
C LEU E 189 -30.16 31.38 25.61
N ASP E 190 -29.99 32.37 24.74
CA ASP E 190 -29.12 32.25 23.58
C ASP E 190 -28.40 33.58 23.39
N GLU E 191 -27.77 33.74 22.23
CA GLU E 191 -27.19 35.01 21.84
C GLU E 191 -27.97 35.71 20.74
N LYS E 192 -28.86 34.99 20.05
CA LYS E 192 -29.64 35.59 18.98
C LYS E 192 -30.66 36.59 19.54
N THR E 193 -31.40 36.17 20.56
CA THR E 193 -32.39 37.08 21.16
C THR E 193 -31.77 38.33 21.77
N PRO E 194 -30.67 38.27 22.53
CA PRO E 194 -30.04 39.51 22.98
C PRO E 194 -29.65 40.41 21.82
N LEU E 195 -29.15 39.83 20.73
CA LEU E 195 -28.76 40.63 19.57
C LEU E 195 -29.99 41.28 18.94
N HIS E 196 -31.10 40.55 18.86
CA HIS E 196 -32.31 41.13 18.32
C HIS E 196 -32.79 42.30 19.17
N ARG E 197 -32.78 42.12 20.49
CA ARG E 197 -33.20 43.20 21.38
C ARG E 197 -32.28 44.41 21.24
N ALA E 198 -30.97 44.16 21.16
CA ALA E 198 -30.02 45.26 21.02
C ALA E 198 -30.21 45.99 19.71
N THR E 199 -30.43 45.27 18.62
CA THR E 199 -30.65 45.92 17.33
C THR E 199 -31.94 46.71 17.34
N ASP E 200 -32.99 46.18 17.97
CA ASP E 200 -34.25 46.91 18.04
C ASP E 200 -34.07 48.21 18.82
N ALA E 201 -33.39 48.14 19.97
CA ALA E 201 -33.13 49.35 20.75
C ALA E 201 -32.29 50.34 19.98
N LEU E 202 -31.27 49.85 19.28
CA LEU E 202 -30.43 50.73 18.47
C LEU E 202 -31.25 51.43 17.39
N ASP E 203 -32.10 50.67 16.70
CA ASP E 203 -32.92 51.25 15.63
C ASP E 203 -33.86 52.31 16.19
N LYS E 204 -34.56 51.99 17.28
CA LYS E 204 -35.52 52.95 17.81
C LYS E 204 -34.84 54.20 18.32
N GLN E 205 -33.70 54.07 19.01
CA GLN E 205 -33.01 55.25 19.51
C GLN E 205 -32.42 56.07 18.38
N THR E 206 -31.87 55.42 17.35
CA THR E 206 -31.35 56.16 16.21
C THR E 206 -32.47 56.92 15.50
N LYS E 207 -33.62 56.28 15.31
CA LYS E 207 -34.74 56.96 14.68
C LYS E 207 -35.21 58.14 15.53
N ARG E 208 -35.26 57.95 16.85
CA ARG E 208 -35.69 59.04 17.74
C ARG E 208 -34.74 60.22 17.65
N MET E 209 -33.43 59.96 17.68
CA MET E 209 -32.48 61.07 17.68
C MET E 209 -32.40 61.75 16.31
N LEU E 210 -32.58 60.99 15.22
CA LEU E 210 -32.64 61.62 13.91
C LEU E 210 -33.89 62.48 13.77
N LYS E 211 -35.04 61.99 14.27
CA LYS E 211 -36.27 62.76 14.16
C LYS E 211 -36.23 64.00 15.06
N ALA E 212 -35.57 63.92 16.21
CA ALA E 212 -35.49 65.06 17.11
C ALA E 212 -34.69 66.22 16.53
N MET E 213 -33.89 65.96 15.49
CA MET E 213 -33.08 66.99 14.86
C MET E 213 -33.57 67.28 13.43
N LYS E 214 -34.84 67.03 13.17
CA LYS E 214 -35.48 67.30 11.87
C LYS E 214 -34.84 66.48 10.76
N TYR E 215 -34.95 65.16 10.90
CA TYR E 215 -34.58 64.23 9.83
C TYR E 215 -35.45 62.99 9.96
N ASP E 216 -36.16 62.66 8.89
CA ASP E 216 -37.07 61.51 8.86
C ASP E 216 -36.49 60.42 7.99
N VAL E 217 -36.46 59.20 8.51
CA VAL E 217 -36.01 58.03 7.75
C VAL E 217 -37.17 57.25 7.14
N GLY E 218 -38.41 57.66 7.40
CA GLY E 218 -39.55 56.92 6.89
C GLY E 218 -39.60 55.53 7.47
N SER E 219 -39.73 54.53 6.59
CA SER E 219 -39.80 53.14 6.98
C SER E 219 -38.44 52.45 7.00
N ALA E 220 -37.36 53.20 6.78
CA ALA E 220 -36.02 52.61 6.76
C ALA E 220 -35.68 52.04 8.13
N SER E 221 -35.01 50.88 8.12
CA SER E 221 -34.65 50.17 9.34
C SER E 221 -33.16 50.34 9.60
N VAL E 222 -32.81 50.70 10.82
CA VAL E 222 -31.43 50.88 11.23
C VAL E 222 -30.96 49.61 11.92
N TYR E 223 -29.69 49.28 11.73
CA TYR E 223 -29.12 48.05 12.28
C TYR E 223 -27.60 48.21 12.31
N ALA E 224 -26.92 47.13 12.69
CA ALA E 224 -25.46 47.11 12.78
C ALA E 224 -24.90 46.38 11.56
N ASN E 225 -24.27 47.13 10.67
CA ASN E 225 -23.57 46.53 9.54
C ASN E 225 -22.18 46.11 9.99
N ILE E 226 -21.88 44.82 9.89
CA ILE E 226 -20.62 44.28 10.37
C ILE E 226 -20.00 43.40 9.30
N GLY E 227 -18.68 43.50 9.19
CA GLY E 227 -17.86 42.50 8.53
C GLY E 227 -17.13 41.72 9.60
N LEU E 228 -16.90 40.44 9.34
CA LEU E 228 -16.29 39.55 10.35
C LEU E 228 -15.08 38.88 9.74
N GLU E 229 -13.90 39.46 9.99
CA GLU E 229 -12.65 38.93 9.42
C GLU E 229 -12.25 37.70 10.22
N GLN E 230 -12.85 36.58 9.88
CA GLN E 230 -12.66 35.34 10.63
C GLN E 230 -11.33 34.69 10.23
N GLU E 231 -10.47 34.45 11.20
CA GLU E 231 -9.17 33.83 10.95
C GLU E 231 -9.16 32.41 11.50
N ILE E 232 -8.67 31.48 10.70
CA ILE E 232 -8.66 30.07 11.03
C ILE E 232 -7.25 29.53 10.84
N PHE E 233 -6.79 28.72 11.79
CA PHE E 233 -5.55 27.99 11.61
C PHE E 233 -5.85 26.63 10.99
N LEU E 234 -5.02 26.22 10.04
CA LEU E 234 -5.18 24.93 9.37
C LEU E 234 -4.05 24.01 9.79
N THR E 235 -4.39 22.83 10.28
CA THR E 235 -3.41 21.91 10.80
C THR E 235 -3.60 20.54 10.17
N PRO E 236 -2.50 19.82 9.88
CA PRO E 236 -2.66 18.43 9.43
C PRO E 236 -3.47 17.62 10.44
N ARG E 237 -4.56 17.03 9.95
CA ARG E 237 -5.41 16.26 10.84
C ARG E 237 -4.66 15.09 11.47
N HIS E 238 -3.64 14.59 10.79
CA HIS E 238 -2.79 13.58 11.40
C HIS E 238 -2.10 14.11 12.63
N ALA E 239 -1.61 15.36 12.57
CA ALA E 239 -1.04 15.99 13.75
C ALA E 239 -2.12 16.41 14.73
N PHE E 240 -3.30 16.81 14.23
CA PHE E 240 -4.39 17.22 15.10
C PHE E 240 -4.82 16.06 16.00
N TYR E 241 -4.87 14.85 15.45
CA TYR E 241 -5.20 13.69 16.27
C TYR E 241 -4.09 13.34 17.24
N ARG E 242 -2.89 13.88 17.06
CA ARG E 242 -1.79 13.63 17.98
C ARG E 242 -1.66 14.73 19.04
N ARG E 243 -2.57 15.69 19.05
CA ARG E 243 -2.59 16.74 20.07
C ARG E 243 -3.92 16.70 20.80
N PRO E 244 -3.99 16.06 21.96
CA PRO E 244 -5.28 16.00 22.68
C PRO E 244 -5.84 17.35 23.03
N ASP E 245 -4.98 18.33 23.32
CA ASP E 245 -5.47 19.65 23.68
C ASP E 245 -6.27 20.28 22.54
N LEU E 246 -5.78 20.14 21.31
CA LEU E 246 -6.55 20.62 20.16
C LEU E 246 -7.86 19.86 20.01
N GLN E 247 -7.83 18.55 20.26
CA GLN E 247 -9.05 17.76 20.15
C GLN E 247 -10.12 18.24 21.13
N PHE E 248 -9.72 18.53 22.36
CA PHE E 248 -10.67 18.80 23.42
C PHE E 248 -10.83 20.28 23.74
N THR E 249 -9.79 21.09 23.52
CA THR E 249 -9.86 22.51 23.80
C THR E 249 -9.65 23.39 22.57
N GLY E 250 -9.06 22.87 21.50
CA GLY E 250 -8.88 23.62 20.28
C GLY E 250 -7.61 24.44 20.21
N ARG E 251 -6.85 24.54 21.30
CA ARG E 251 -5.62 25.30 21.30
C ARG E 251 -4.54 24.52 22.03
N THR E 252 -3.30 24.67 21.56
CA THR E 252 -2.18 23.92 22.11
C THR E 252 -1.84 24.47 23.49
N ILE E 253 -2.05 23.66 24.52
CA ILE E 253 -1.68 24.03 25.88
C ILE E 253 -0.19 23.88 26.13
N THR E 254 0.54 23.21 25.24
CA THR E 254 1.97 23.04 25.40
C THR E 254 2.59 22.75 24.04
N GLY E 255 3.92 22.80 24.00
CA GLY E 255 4.64 22.55 22.77
C GLY E 255 5.74 23.57 22.51
N LYS E 256 6.96 23.09 22.31
CA LYS E 256 8.11 23.98 22.12
C LYS E 256 8.12 24.48 20.69
N PHE E 257 8.06 25.80 20.53
CA PHE E 257 8.12 26.39 19.20
C PHE E 257 9.54 26.33 18.67
N PRO E 258 9.75 25.89 17.42
CA PRO E 258 11.11 25.85 16.87
C PRO E 258 11.69 27.24 16.72
N ALA E 259 13.01 27.33 16.90
CA ALA E 259 13.75 28.58 16.80
C ALA E 259 13.21 29.62 17.78
N ARG E 260 13.18 29.22 19.06
CA ARG E 260 12.81 30.09 20.17
C ARG E 260 11.37 30.59 20.06
N GLY E 261 11.11 31.47 19.10
CA GLY E 261 9.79 32.03 18.95
C GLY E 261 9.80 33.48 18.53
N GLN E 262 10.92 34.16 18.77
CA GLN E 262 11.09 35.55 18.35
C GLN E 262 11.44 35.57 16.87
N GLU E 263 10.39 35.52 16.06
CA GLU E 263 10.56 35.41 14.60
C GLU E 263 11.05 36.75 14.07
N GLY E 277 -4.31 18.74 0.05
CA GLY E 277 -4.93 19.90 -0.55
C GLY E 277 -5.12 21.05 0.42
N ALA E 278 -4.21 22.01 0.38
CA ALA E 278 -4.31 23.24 1.18
C ALA E 278 -4.90 24.38 0.37
N PHE E 279 -4.36 24.65 -0.82
CA PHE E 279 -5.04 25.53 -1.76
C PHE E 279 -6.40 24.97 -2.12
N GLU E 280 -6.47 23.65 -2.33
CA GLU E 280 -7.74 22.99 -2.55
C GLU E 280 -8.71 23.26 -1.42
N CYS E 281 -8.20 23.40 -0.19
CA CYS E 281 -9.07 23.63 0.96
C CYS E 281 -9.87 24.91 0.82
N MET E 282 -9.19 26.05 0.68
CA MET E 282 -9.97 27.28 0.64
C MET E 282 -10.60 27.53 -0.73
N ARG E 283 -10.12 26.89 -1.80
CA ARG E 283 -10.90 26.99 -3.03
C ARG E 283 -12.21 26.23 -2.89
N GLN E 284 -12.20 25.10 -2.17
CA GLN E 284 -13.45 24.41 -1.87
C GLN E 284 -14.32 25.24 -0.95
N ILE E 285 -13.72 25.94 0.02
CA ILE E 285 -14.48 26.89 0.83
C ILE E 285 -15.17 27.92 -0.05
N GLN E 286 -14.43 28.48 -1.00
CA GLN E 286 -14.98 29.54 -1.84
C GLN E 286 -16.11 29.02 -2.71
N GLN E 287 -15.93 27.85 -3.34
CA GLN E 287 -16.99 27.30 -4.18
C GLN E 287 -18.19 26.88 -3.34
N GLU E 288 -17.97 26.40 -2.12
CA GLU E 288 -19.09 26.12 -1.22
C GLU E 288 -19.87 27.38 -0.92
N CYS E 289 -19.17 28.45 -0.54
CA CYS E 289 -19.85 29.70 -0.21
C CYS E 289 -20.58 30.26 -1.43
N PHE E 290 -20.02 30.06 -2.62
CA PHE E 290 -20.76 30.37 -3.85
C PHE E 290 -22.05 29.56 -3.93
N LYS E 291 -21.94 28.23 -3.97
CA LYS E 291 -23.13 27.39 -4.05
C LYS E 291 -24.03 27.55 -2.82
N MET E 292 -23.47 28.00 -1.71
CA MET E 292 -24.23 28.30 -0.51
C MET E 292 -24.69 29.76 -0.52
N GLY E 293 -24.14 30.59 -1.39
CA GLY E 293 -24.59 31.97 -1.49
C GLY E 293 -24.05 32.90 -0.44
N ILE E 294 -22.99 32.51 0.27
CA ILE E 294 -22.31 33.40 1.21
C ILE E 294 -21.35 34.26 0.41
N PRO E 295 -21.51 35.58 0.38
CA PRO E 295 -20.58 36.44 -0.37
C PRO E 295 -19.24 36.58 0.35
N LEU E 296 -18.53 35.46 0.44
CA LEU E 296 -17.20 35.44 1.05
C LEU E 296 -16.25 36.20 0.13
N LYS E 297 -15.97 37.45 0.47
CA LYS E 297 -15.27 38.34 -0.44
C LYS E 297 -13.83 37.89 -0.64
N THR E 298 -13.02 37.92 0.42
CA THR E 298 -11.60 37.67 0.30
C THR E 298 -11.17 36.61 1.30
N ARG E 299 -10.53 35.55 0.80
CA ARG E 299 -9.82 34.59 1.62
C ARG E 299 -8.34 34.69 1.27
N HIS E 300 -7.50 34.84 2.28
CA HIS E 300 -6.07 35.00 2.00
C HIS E 300 -5.25 34.62 3.22
N ARG E 301 -3.98 34.33 2.99
CA ARG E 301 -3.08 33.93 4.06
C ARG E 301 -2.81 35.11 4.99
N GLU E 302 -2.14 34.82 6.10
CA GLU E 302 -1.80 35.82 7.09
C GLU E 302 -0.33 35.64 7.48
N VAL E 303 0.11 36.43 8.45
CA VAL E 303 1.52 36.42 8.84
C VAL E 303 1.90 35.06 9.41
N ALA E 304 1.07 34.52 10.29
CA ALA E 304 1.34 33.23 10.89
C ALA E 304 1.24 32.13 9.84
N PRO E 305 1.96 31.02 10.04
CA PRO E 305 1.84 29.90 9.10
C PRO E 305 0.43 29.35 9.05
N ASN E 306 0.00 28.98 7.85
CA ASN E 306 -1.30 28.36 7.55
C ASN E 306 -2.45 29.02 8.30
N GLN E 307 -2.39 30.34 8.48
CA GLN E 307 -3.47 31.11 9.08
C GLN E 307 -4.21 31.84 7.97
N TYR E 308 -5.45 31.47 7.74
CA TYR E 308 -6.23 31.98 6.61
C TYR E 308 -7.36 32.87 7.13
N GLU E 309 -7.48 34.06 6.55
CA GLU E 309 -8.51 35.02 6.90
C GLU E 309 -9.57 35.05 5.82
N PHE E 310 -10.83 34.95 6.23
CA PHE E 310 -12.00 35.09 5.37
C PHE E 310 -12.73 36.34 5.82
N ALA E 311 -12.98 37.26 4.88
CA ALA E 311 -13.53 38.58 5.21
C ALA E 311 -14.78 38.85 4.39
N PRO E 312 -15.91 38.29 4.79
CA PRO E 312 -17.18 38.67 4.15
C PRO E 312 -17.49 40.12 4.42
N MET E 313 -18.12 40.76 3.44
CA MET E 313 -18.38 42.20 3.54
C MET E 313 -19.46 42.48 4.58
N PHE E 314 -19.77 43.76 4.74
CA PHE E 314 -20.70 44.19 5.77
C PHE E 314 -22.12 43.72 5.46
N GLY E 315 -22.89 43.54 6.53
CA GLY E 315 -24.28 43.14 6.42
C GLY E 315 -24.92 43.26 7.78
N ASN E 316 -26.23 43.01 7.82
CA ASN E 316 -26.96 43.09 9.08
C ASN E 316 -26.35 42.14 10.10
N ALA E 317 -26.07 42.67 11.29
CA ALA E 317 -25.36 41.89 12.31
C ALA E 317 -26.13 40.64 12.68
N ILE E 318 -27.46 40.72 12.71
CA ILE E 318 -28.29 39.57 13.07
C ILE E 318 -28.03 38.41 12.12
N SER E 319 -27.99 38.70 10.82
CA SER E 319 -27.68 37.67 9.84
C SER E 319 -26.19 37.33 9.85
N GLN E 320 -25.34 38.34 10.04
CA GLN E 320 -23.90 38.13 9.87
C GLN E 320 -23.32 37.26 10.97
N VAL E 321 -23.88 37.30 12.19
CA VAL E 321 -23.38 36.40 13.23
C VAL E 321 -23.65 34.95 12.87
N ASP E 322 -24.85 34.65 12.35
CA ASP E 322 -25.13 33.30 11.88
C ASP E 322 -24.24 32.95 10.71
N GLN E 323 -23.99 33.91 9.83
CA GLN E 323 -23.07 33.69 8.72
C GLN E 323 -21.70 33.26 9.23
N ASN E 324 -21.20 33.96 10.24
CA ASN E 324 -19.89 33.63 10.80
C ASN E 324 -19.89 32.27 11.46
N LEU E 325 -20.94 31.94 12.21
CA LEU E 325 -21.01 30.65 12.88
C LEU E 325 -21.03 29.51 11.87
N MET E 326 -21.87 29.63 10.85
CA MET E 326 -21.94 28.57 9.85
C MET E 326 -20.68 28.52 8.99
N ILE E 327 -20.02 29.65 8.78
CA ILE E 327 -18.73 29.63 8.09
C ILE E 327 -17.71 28.86 8.91
N MET E 328 -17.67 29.11 10.22
CA MET E 328 -16.82 28.34 11.11
C MET E 328 -17.11 26.86 10.97
N GLN E 329 -18.39 26.48 11.02
CA GLN E 329 -18.76 25.08 10.89
C GLN E 329 -18.28 24.49 9.57
N VAL E 330 -18.71 25.08 8.45
CA VAL E 330 -18.42 24.53 7.15
C VAL E 330 -16.91 24.43 6.93
N ILE E 331 -16.15 25.41 7.45
CA ILE E 331 -14.71 25.32 7.40
C ILE E 331 -14.22 24.12 8.19
N GLU E 332 -14.83 23.87 9.34
CA GLU E 332 -14.42 22.71 10.14
C GLU E 332 -14.62 21.41 9.38
N GLU E 333 -15.80 21.18 8.83
CA GLU E 333 -15.99 19.91 8.10
C GLU E 333 -15.19 19.86 6.81
N VAL E 334 -15.00 20.98 6.12
CA VAL E 334 -14.20 20.95 4.90
C VAL E 334 -12.75 20.59 5.21
N ALA E 335 -12.19 21.18 6.26
CA ALA E 335 -10.85 20.80 6.68
C ALA E 335 -10.81 19.34 7.09
N SER E 336 -11.86 18.86 7.77
CA SER E 336 -11.89 17.46 8.18
C SER E 336 -11.84 16.53 6.98
N GLU E 337 -12.62 16.82 5.94
CA GLU E 337 -12.63 15.94 4.77
C GLU E 337 -11.39 16.16 3.91
N HIS E 338 -10.72 17.30 4.08
CA HIS E 338 -9.45 17.54 3.40
C HIS E 338 -8.26 16.93 4.11
N GLY E 339 -8.48 16.07 5.10
CA GLY E 339 -7.38 15.56 5.88
C GLY E 339 -6.71 16.60 6.74
N LEU E 340 -7.45 17.66 7.11
CA LEU E 340 -6.93 18.75 7.91
C LEU E 340 -7.85 18.98 9.10
N ALA E 341 -7.56 20.04 9.83
CA ALA E 341 -8.35 20.44 10.99
C ALA E 341 -8.30 21.96 11.10
N ALA E 342 -9.46 22.55 11.39
CA ALA E 342 -9.61 23.99 11.43
C ALA E 342 -9.62 24.44 12.89
N LEU E 343 -8.45 24.82 13.40
CA LEU E 343 -8.36 25.39 14.74
C LEU E 343 -8.94 26.80 14.71
N LEU E 344 -10.06 26.98 15.42
CA LEU E 344 -10.74 28.26 15.51
C LEU E 344 -10.41 29.01 16.79
N GLN E 345 -9.57 28.45 17.66
CA GLN E 345 -9.23 29.09 18.91
C GLN E 345 -8.50 30.40 18.66
N GLU E 346 -8.57 31.30 19.64
CA GLU E 346 -8.00 32.63 19.49
C GLU E 346 -6.48 32.57 19.34
N LYS E 347 -5.82 31.78 20.18
CA LYS E 347 -4.37 31.61 20.14
C LYS E 347 -4.05 30.13 20.16
N PRO E 348 -4.30 29.43 19.06
CA PRO E 348 -4.05 27.99 19.04
C PRO E 348 -2.58 27.63 19.20
N PHE E 349 -1.67 28.57 18.96
CA PHE E 349 -0.24 28.30 19.10
C PHE E 349 0.40 29.47 19.82
N ALA E 350 1.00 29.20 20.97
CA ALA E 350 1.77 30.23 21.65
C ALA E 350 3.04 30.53 20.88
N GLY E 351 3.37 31.81 20.74
CA GLY E 351 4.54 32.24 20.02
C GLY E 351 4.28 32.75 18.62
N VAL E 352 3.08 32.52 18.08
CA VAL E 352 2.75 33.03 16.75
C VAL E 352 1.64 34.07 16.90
N ASN E 353 1.25 34.68 15.79
CA ASN E 353 0.19 35.67 15.82
C ASN E 353 -1.12 35.03 16.23
N GLY E 354 -1.86 35.73 17.10
CA GLY E 354 -3.15 35.23 17.52
C GLY E 354 -4.17 35.30 16.39
N SER E 355 -5.05 34.30 16.37
CA SER E 355 -6.09 34.21 15.35
C SER E 355 -7.29 35.06 15.78
N GLY E 356 -7.14 36.37 15.61
CA GLY E 356 -8.23 37.26 15.94
C GLY E 356 -9.32 37.28 14.88
N LYS E 357 -10.51 37.72 15.28
CA LYS E 357 -11.65 37.86 14.38
C LYS E 357 -12.15 39.29 14.48
N HIS E 358 -11.59 40.17 13.67
CA HIS E 358 -11.97 41.57 13.71
C HIS E 358 -13.43 41.74 13.34
N ASN E 359 -14.14 42.57 14.10
CA ASN E 359 -15.52 42.91 13.84
C ASN E 359 -15.54 44.35 13.33
N ASN E 360 -15.71 44.51 12.02
CA ASN E 360 -15.90 45.82 11.42
C ASN E 360 -17.34 46.20 11.66
N TRP E 361 -17.58 47.02 12.67
CA TRP E 361 -18.92 47.37 13.14
C TRP E 361 -19.24 48.80 12.76
N SER E 362 -20.47 49.02 12.27
CA SER E 362 -20.92 50.35 11.89
C SER E 362 -22.43 50.40 11.98
N ILE E 363 -22.97 51.62 11.99
CA ILE E 363 -24.40 51.85 11.99
C ILE E 363 -24.86 51.99 10.55
N GLY E 364 -25.77 51.13 10.12
CA GLY E 364 -26.25 51.15 8.75
C GLY E 364 -27.76 51.05 8.67
N THR E 365 -28.35 51.88 7.83
CA THR E 365 -29.78 51.84 7.60
C THR E 365 -30.10 50.84 6.50
N SER E 366 -31.40 50.58 6.33
CA SER E 366 -31.84 49.65 5.30
C SER E 366 -31.52 50.18 3.90
N ASP E 367 -31.68 51.48 3.68
CA ASP E 367 -31.46 52.07 2.37
C ASP E 367 -29.99 52.31 2.07
N GLY E 368 -29.08 51.89 2.96
CA GLY E 368 -27.66 51.99 2.70
C GLY E 368 -26.94 53.14 3.36
N LEU E 369 -27.64 53.97 4.14
CA LEU E 369 -26.97 55.07 4.83
C LEU E 369 -26.08 54.53 5.93
N ASN E 370 -24.83 54.97 5.94
CA ASN E 370 -23.85 54.58 6.95
C ASN E 370 -23.51 55.79 7.81
N LEU E 371 -23.63 55.62 9.13
CA LEU E 371 -23.37 56.71 10.04
C LEU E 371 -21.89 57.04 10.19
N MET E 372 -21.00 56.15 9.75
CA MET E 372 -19.57 56.43 9.80
C MET E 372 -19.06 57.12 8.54
N ASN E 373 -19.93 57.38 7.57
CA ASN E 373 -19.55 58.09 6.35
C ASN E 373 -20.08 59.51 6.43
N PRO E 374 -19.28 60.49 6.85
CA PRO E 374 -19.80 61.87 6.94
C PRO E 374 -20.29 62.40 5.61
N LYS E 375 -19.60 62.08 4.51
CA LYS E 375 -20.01 62.57 3.20
C LYS E 375 -21.37 62.00 2.80
N GLN E 376 -21.57 60.70 3.03
CA GLN E 376 -22.86 60.09 2.72
C GLN E 376 -23.96 60.67 3.59
N VAL E 377 -23.67 60.92 4.86
CA VAL E 377 -24.67 61.50 5.76
C VAL E 377 -25.05 62.89 5.29
N ASN E 378 -24.06 63.71 4.91
CA ASN E 378 -24.36 65.05 4.41
C ASN E 378 -25.17 64.98 3.12
N ALA E 379 -24.83 64.05 2.22
CA ALA E 379 -25.55 63.95 0.96
C ALA E 379 -26.99 63.54 1.19
N LYS E 380 -27.23 62.56 2.07
CA LYS E 380 -28.58 62.04 2.26
C LYS E 380 -29.45 62.94 3.13
N THR E 381 -28.86 63.62 4.11
CA THR E 381 -29.62 64.40 5.08
C THR E 381 -29.45 65.90 4.91
N GLY E 382 -28.25 66.37 4.57
CA GLY E 382 -27.99 67.78 4.47
C GLY E 382 -27.63 68.47 5.77
N ASN E 383 -27.53 67.72 6.87
CA ASN E 383 -27.15 68.29 8.15
C ASN E 383 -25.78 67.76 8.56
N PRO E 384 -24.72 68.57 8.47
CA PRO E 384 -23.38 68.05 8.78
C PRO E 384 -23.19 67.62 10.23
N GLU E 385 -24.04 68.09 11.15
CA GLU E 385 -23.83 67.82 12.57
C GLU E 385 -24.07 66.38 12.96
N ILE E 386 -24.64 65.55 12.07
CA ILE E 386 -24.97 64.18 12.45
C ILE E 386 -23.71 63.38 12.77
N PHE E 387 -22.74 63.41 11.86
CA PHE E 387 -21.54 62.58 12.01
C PHE E 387 -20.74 62.90 13.28
N PRO E 388 -20.47 64.17 13.62
CA PRO E 388 -19.71 64.41 14.86
C PRO E 388 -20.45 63.96 16.12
N LEU E 389 -21.68 64.43 16.33
CA LEU E 389 -22.47 64.04 17.49
C LEU E 389 -22.42 62.53 17.71
N VAL E 390 -22.90 61.76 16.72
CA VAL E 390 -22.96 60.32 16.89
C VAL E 390 -21.58 59.77 17.21
N MET E 391 -20.54 60.32 16.57
CA MET E 391 -19.19 59.87 16.87
C MET E 391 -18.89 60.02 18.35
N ALA E 392 -19.10 61.24 18.87
CA ALA E 392 -18.92 61.45 20.31
C ALA E 392 -19.77 60.47 21.09
N ALA E 393 -21.00 60.24 20.63
CA ALA E 393 -21.86 59.23 21.23
C ALA E 393 -21.11 57.92 21.39
N MET E 394 -20.64 57.34 20.28
CA MET E 394 -19.90 56.09 20.40
C MET E 394 -18.67 56.28 21.27
N VAL E 395 -17.98 57.41 21.12
CA VAL E 395 -16.84 57.68 22.00
C VAL E 395 -17.29 57.62 23.46
N SER E 396 -18.36 58.34 23.77
CA SER E 396 -18.92 58.28 25.12
C SER E 396 -19.21 56.84 25.50
N ALA E 397 -19.85 56.10 24.58
CA ALA E 397 -20.17 54.71 24.86
C ALA E 397 -18.93 53.95 25.30
N VAL E 398 -17.84 54.10 24.56
CA VAL E 398 -16.60 53.42 24.95
C VAL E 398 -16.18 53.89 26.33
N ASP E 399 -16.10 55.21 26.51
CA ASP E 399 -15.70 55.76 27.80
C ASP E 399 -16.68 55.41 28.89
N LYS E 400 -17.90 55.02 28.53
CA LYS E 400 -18.86 54.56 29.52
C LYS E 400 -18.80 53.06 29.74
N HIS E 401 -18.49 52.29 28.70
CA HIS E 401 -18.67 50.84 28.80
C HIS E 401 -17.55 50.07 28.13
N GLY E 402 -16.33 50.62 28.13
CA GLY E 402 -15.21 49.87 27.57
C GLY E 402 -15.03 48.53 28.24
N ASP E 403 -15.21 48.49 29.57
CA ASP E 403 -15.17 47.22 30.29
C ASP E 403 -16.14 46.21 29.68
N LEU E 404 -17.36 46.66 29.34
CA LEU E 404 -18.31 45.76 28.70
C LEU E 404 -17.74 45.20 27.41
N MET E 405 -17.09 46.04 26.60
CA MET E 405 -16.42 45.52 25.42
C MET E 405 -15.34 44.53 25.82
N ARG E 406 -14.55 44.88 26.84
CA ARG E 406 -13.59 43.91 27.37
C ARG E 406 -14.30 42.68 27.90
N ALA E 407 -15.52 42.87 28.43
CA ALA E 407 -16.33 41.73 28.83
C ALA E 407 -16.74 40.90 27.62
N ALA E 408 -17.09 41.57 26.51
CA ALA E 408 -17.59 40.85 25.35
C ALA E 408 -16.54 39.92 24.77
N ILE E 409 -15.29 40.40 24.67
CA ILE E 409 -14.21 39.60 24.11
C ILE E 409 -13.66 38.59 25.09
N ALA E 410 -14.06 38.66 26.35
CA ALA E 410 -13.50 37.79 27.39
C ALA E 410 -13.98 36.37 27.12
N SER E 411 -13.13 35.57 26.49
CA SER E 411 -13.40 34.19 26.16
C SER E 411 -12.17 33.38 26.52
N PRO E 412 -12.31 32.06 26.69
CA PRO E 412 -11.15 31.26 27.12
C PRO E 412 -9.90 31.43 26.26
N GLY E 413 -10.02 31.29 24.94
CA GLY E 413 -8.86 31.47 24.09
C GLY E 413 -8.37 32.90 24.05
N ASN E 414 -9.29 33.86 24.08
CA ASN E 414 -8.92 35.26 23.87
C ASN E 414 -8.03 35.82 24.97
N ASP E 415 -7.98 35.17 26.13
CA ASP E 415 -7.06 35.62 27.16
C ASP E 415 -5.60 35.40 26.79
N PHE E 416 -5.33 34.61 25.75
CA PHE E 416 -3.98 34.44 25.24
C PHE E 416 -3.66 35.36 24.07
N ARG E 417 -4.58 36.26 23.70
CA ARG E 417 -4.34 37.18 22.61
C ARG E 417 -4.20 38.62 23.06
N LEU E 418 -4.87 39.03 24.14
CA LEU E 418 -4.77 40.39 24.63
C LEU E 418 -3.40 40.63 25.25
N GLY E 419 -2.78 41.76 24.92
CA GLY E 419 -1.49 42.13 25.44
C GLY E 419 -0.30 41.66 24.62
N ALA E 420 -0.53 40.85 23.58
CA ALA E 420 0.55 40.37 22.74
C ALA E 420 0.87 41.41 21.66
N MET E 421 1.78 41.07 20.76
CA MET E 421 2.14 41.99 19.68
C MET E 421 1.08 42.02 18.58
N GLU E 422 0.48 40.87 18.29
CA GLU E 422 -0.51 40.81 17.20
C GLU E 422 -1.78 41.58 17.57
N ALA E 423 -2.28 41.39 18.78
CA ALA E 423 -3.53 42.02 19.18
C ALA E 423 -3.28 43.19 20.13
N PRO E 424 -4.19 44.17 20.15
CA PRO E 424 -4.00 45.30 21.06
C PRO E 424 -4.08 44.85 22.51
N PRO E 425 -3.41 45.56 23.41
CA PRO E 425 -3.47 45.18 24.84
C PRO E 425 -4.85 45.37 25.45
N ALA E 426 -4.98 45.06 26.73
CA ALA E 426 -6.25 45.06 27.43
C ALA E 426 -6.84 46.45 27.64
N VAL E 427 -6.29 47.53 27.09
CA VAL E 427 -6.87 48.86 27.26
C VAL E 427 -7.92 49.06 26.17
N MET E 428 -9.19 49.14 26.58
CA MET E 428 -10.29 49.42 25.66
C MET E 428 -10.36 50.93 25.43
N SER E 429 -9.48 51.42 24.57
CA SER E 429 -9.44 52.82 24.18
C SER E 429 -9.67 52.92 22.68
N THR E 430 -10.65 53.73 22.28
CA THR E 430 -10.96 53.88 20.88
C THR E 430 -9.88 54.71 20.17
N TYR E 431 -9.86 54.59 18.85
CA TYR E 431 -8.92 55.34 18.00
C TYR E 431 -9.71 55.97 16.87
N LEU E 432 -9.89 57.29 16.95
CA LEU E 432 -10.60 58.02 15.91
C LEU E 432 -9.68 58.50 14.79
N GLY E 433 -8.36 58.36 14.96
CA GLY E 433 -7.42 58.89 14.00
C GLY E 433 -7.05 60.32 14.34
N PRO E 434 -5.86 60.75 13.93
CA PRO E 434 -5.39 62.09 14.31
C PRO E 434 -6.32 63.20 13.85
N SER E 435 -6.56 63.30 12.54
CA SER E 435 -7.32 64.42 12.00
C SER E 435 -8.72 64.47 12.60
N LEU E 436 -9.38 63.32 12.70
CA LEU E 436 -10.68 63.28 13.37
C LEU E 436 -10.54 63.64 14.83
N THR E 437 -9.40 63.32 15.46
CA THR E 437 -9.21 63.68 16.86
C THR E 437 -9.20 65.19 17.05
N GLU E 438 -8.42 65.92 16.24
CA GLU E 438 -8.46 67.36 16.42
C GLU E 438 -9.76 67.97 15.90
N PHE E 439 -10.43 67.32 14.95
CA PHE E 439 -11.75 67.81 14.54
C PHE E 439 -12.73 67.75 15.70
N LEU E 440 -12.77 66.62 16.41
CA LEU E 440 -13.64 66.50 17.57
C LEU E 440 -13.19 67.42 18.71
N ASN E 441 -11.88 67.62 18.85
CA ASN E 441 -11.39 68.56 19.86
C ASN E 441 -11.86 69.97 19.58
N THR E 442 -11.80 70.39 18.30
CA THR E 442 -12.28 71.71 17.92
C THR E 442 -13.79 71.82 18.13
N VAL E 443 -14.53 70.76 17.83
CA VAL E 443 -15.96 70.74 18.11
C VAL E 443 -16.21 70.93 19.60
N LYS E 444 -15.43 70.23 20.43
CA LYS E 444 -15.53 70.37 21.88
C LYS E 444 -15.20 71.79 22.32
N ASN E 445 -14.27 72.44 21.61
CA ASN E 445 -13.94 73.83 21.93
C ASN E 445 -15.03 74.80 21.49
N GLY E 446 -15.98 74.36 20.68
CA GLY E 446 -17.05 75.22 20.23
C GLY E 446 -16.91 75.64 18.78
N SER E 447 -16.29 74.78 17.98
CA SER E 447 -16.05 75.07 16.56
C SER E 447 -16.30 73.79 15.76
N LEU E 448 -17.48 73.69 15.16
CA LEU E 448 -17.87 72.53 14.38
C LEU E 448 -17.82 72.89 12.89
N GLY E 449 -17.07 72.10 12.12
CA GLY E 449 -17.01 72.28 10.69
C GLY E 449 -17.54 71.09 9.94
N GLU E 450 -16.67 70.41 9.19
CA GLU E 450 -17.05 69.21 8.46
C GLU E 450 -15.82 68.33 8.33
N TYR E 451 -15.82 67.17 8.99
CA TYR E 451 -14.69 66.26 8.91
C TYR E 451 -14.56 65.73 7.50
N ALA E 452 -13.33 65.77 6.98
CA ALA E 452 -13.04 65.30 5.62
C ALA E 452 -11.57 64.94 5.57
N PRO E 453 -11.25 63.66 5.55
CA PRO E 453 -9.84 63.26 5.43
C PRO E 453 -9.30 63.45 4.02
N LYS E 454 -8.85 64.66 3.68
CA LYS E 454 -8.28 64.89 2.36
C LYS E 454 -7.06 63.99 2.14
N LYS E 455 -6.97 63.44 0.94
CA LYS E 455 -5.84 62.59 0.59
C LYS E 455 -4.66 63.44 0.14
N LYS E 456 -3.54 63.27 0.82
CA LYS E 456 -2.27 63.91 0.54
C LYS E 456 -1.51 63.16 -0.54
N PRO E 457 -0.71 63.87 -1.32
CA PRO E 457 0.10 63.19 -2.35
C PRO E 457 1.19 62.34 -1.73
N LEU E 458 1.59 61.30 -2.47
CA LEU E 458 2.65 60.40 -2.05
C LEU E 458 3.45 60.02 -3.29
N GLU E 459 4.68 60.52 -3.37
CA GLU E 459 5.57 60.24 -4.49
C GLU E 459 6.76 59.44 -3.98
N PHE E 460 7.28 58.57 -4.84
CA PHE E 460 8.34 57.65 -4.46
C PHE E 460 9.71 58.13 -4.88
N GLY E 461 9.83 59.36 -5.35
CA GLY E 461 11.09 59.88 -5.83
C GLY E 461 11.47 59.42 -7.22
N SER E 462 10.61 58.67 -7.90
CA SER E 462 10.87 58.17 -9.24
C SER E 462 9.73 58.56 -10.15
N ASP E 463 10.06 59.11 -11.32
CA ASP E 463 9.03 59.46 -12.29
C ASP E 463 8.34 58.23 -12.84
N THR E 464 9.04 57.11 -12.93
CA THR E 464 8.43 55.88 -13.42
C THR E 464 7.32 55.41 -12.48
N LEU E 465 7.58 55.44 -11.17
CA LEU E 465 6.56 55.05 -10.21
C LEU E 465 5.46 56.10 -10.14
N PRO E 466 4.20 55.71 -10.13
CA PRO E 466 3.12 56.70 -10.09
C PRO E 466 3.07 57.44 -8.77
N SER E 467 2.61 58.68 -8.83
CA SER E 467 2.33 59.46 -7.62
C SER E 467 0.89 59.20 -7.20
N ILE E 468 0.71 58.69 -5.98
CA ILE E 468 -0.58 58.26 -5.52
C ILE E 468 -1.15 59.29 -4.54
N GLU E 469 -2.41 59.11 -4.17
CA GLU E 469 -3.06 59.92 -3.14
C GLU E 469 -3.43 59.00 -1.99
N VAL E 470 -2.97 59.34 -0.79
CA VAL E 470 -3.23 58.49 0.39
C VAL E 470 -3.93 59.35 1.44
N PRO E 471 -4.93 58.81 2.14
CA PRO E 471 -5.61 59.61 3.17
C PRO E 471 -4.63 60.09 4.23
N ALA E 472 -4.86 61.31 4.71
CA ALA E 472 -4.01 61.87 5.75
C ALA E 472 -4.08 61.08 7.05
N GLU E 473 -5.10 60.25 7.21
CA GLU E 473 -5.24 59.42 8.40
C GLU E 473 -4.16 58.35 8.38
N ASP E 474 -3.12 58.53 9.18
CA ASP E 474 -2.12 57.49 9.38
C ASP E 474 -2.78 56.39 10.20
N ARG E 475 -3.22 55.34 9.54
CA ARG E 475 -4.02 54.31 10.19
C ARG E 475 -3.21 53.57 11.26
N ASN E 476 -3.91 53.13 12.30
CA ASN E 476 -3.30 52.47 13.43
C ASN E 476 -3.83 51.05 13.56
N ARG E 477 -2.96 50.13 13.96
CA ARG E 477 -3.32 48.74 14.18
C ARG E 477 -3.19 48.32 15.63
N THR E 478 -2.79 49.23 16.52
CA THR E 478 -2.56 48.90 17.93
C THR E 478 -3.75 49.21 18.81
N SER E 479 -4.87 49.65 18.23
CA SER E 479 -6.02 50.01 19.03
C SER E 479 -7.06 48.90 19.02
N PRO E 480 -7.78 48.72 20.12
CA PRO E 480 -8.85 47.71 20.14
C PRO E 480 -10.08 48.15 19.39
N PHE E 481 -10.32 49.46 19.35
CA PHE E 481 -11.50 50.04 18.70
C PHE E 481 -11.06 51.18 17.79
N PRO E 482 -10.32 50.88 16.73
CA PRO E 482 -9.94 51.93 15.77
C PRO E 482 -11.06 52.23 14.79
N TYR E 483 -11.12 53.48 14.36
CA TYR E 483 -12.07 53.91 13.35
C TYR E 483 -11.40 53.77 11.99
N GLY E 484 -11.63 52.63 11.33
CA GLY E 484 -10.99 52.35 10.05
C GLY E 484 -11.55 53.14 8.89
N GLY E 485 -11.53 54.46 9.00
CA GLY E 485 -11.99 55.32 7.90
C GLY E 485 -13.48 55.43 7.72
N ASN E 486 -14.19 54.30 7.66
CA ASN E 486 -15.63 54.33 7.46
C ASN E 486 -16.37 53.32 8.34
N ARG E 487 -15.74 52.86 9.41
CA ARG E 487 -16.29 51.83 10.29
C ARG E 487 -15.33 51.66 11.46
N PHE E 488 -15.80 50.95 12.48
CA PHE E 488 -14.99 50.66 13.67
C PHE E 488 -14.49 49.23 13.56
N GLU E 489 -13.20 49.06 13.27
CA GLU E 489 -12.64 47.72 13.13
C GLU E 489 -12.22 47.23 14.51
N PHE E 490 -13.22 46.82 15.30
CA PHE E 490 -13.00 46.34 16.65
C PHE E 490 -12.25 45.02 16.55
N ARG E 491 -10.93 45.07 16.74
CA ARG E 491 -10.07 43.91 16.51
C ARG E 491 -9.93 43.02 17.73
N ALA E 492 -10.50 43.41 18.86
CA ALA E 492 -10.34 42.62 20.08
C ALA E 492 -11.15 41.34 20.07
N ALA E 493 -12.16 41.23 19.20
CA ALA E 493 -12.99 40.04 19.16
C ALA E 493 -12.17 38.82 18.74
N GLY E 494 -12.51 37.68 19.31
CA GLY E 494 -11.78 36.46 19.08
C GLY E 494 -12.44 35.55 18.05
N SER E 495 -11.62 34.69 17.44
CA SER E 495 -12.12 33.82 16.39
C SER E 495 -13.11 32.78 16.93
N SER E 496 -12.72 32.06 17.98
CA SER E 496 -13.60 31.03 18.52
C SER E 496 -14.86 31.63 19.10
N GLN E 497 -14.73 32.73 19.84
CA GLN E 497 -15.89 33.38 20.42
C GLN E 497 -16.77 33.97 19.33
N ASN E 498 -18.07 33.68 19.40
CA ASN E 498 -19.01 34.30 18.48
C ASN E 498 -19.21 35.77 18.84
N VAL E 499 -19.23 36.62 17.81
CA VAL E 499 -19.24 38.07 18.01
C VAL E 499 -20.63 38.53 18.43
N SER E 500 -21.56 37.59 18.55
CA SER E 500 -22.93 37.94 18.94
C SER E 500 -22.96 38.79 20.20
N LEU E 501 -22.21 38.39 21.22
CA LEU E 501 -22.14 39.18 22.45
C LEU E 501 -21.50 40.53 22.19
N VAL E 502 -20.46 40.56 21.35
CA VAL E 502 -19.80 41.82 21.02
C VAL E 502 -20.78 42.77 20.36
N ASN E 503 -21.57 42.27 19.42
CA ASN E 503 -22.57 43.11 18.78
C ASN E 503 -23.66 43.53 19.76
N THR E 504 -24.06 42.65 20.68
CA THR E 504 -25.05 43.05 21.67
C THR E 504 -24.55 44.24 22.48
N VAL E 505 -23.32 44.16 22.98
CA VAL E 505 -22.82 45.24 23.84
C VAL E 505 -22.62 46.51 23.02
N LEU E 506 -22.07 46.38 21.80
CA LEU E 506 -21.87 47.56 20.98
C LEU E 506 -23.20 48.23 20.65
N ASN E 507 -24.21 47.43 20.27
CA ASN E 507 -25.51 48.00 19.93
C ASN E 507 -26.16 48.65 21.14
N THR E 508 -26.05 48.02 22.32
CA THR E 508 -26.72 48.60 23.48
C THR E 508 -26.03 49.88 23.95
N ILE E 509 -24.69 49.94 23.86
CA ILE E 509 -24.02 51.17 24.26
C ILE E 509 -24.31 52.28 23.25
N ALA E 510 -24.35 51.94 21.95
CA ALA E 510 -24.73 52.93 20.96
C ALA E 510 -26.15 53.41 21.18
N ALA E 511 -27.05 52.49 21.53
CA ALA E 511 -28.44 52.86 21.80
C ALA E 511 -28.54 53.74 23.03
N GLU E 512 -27.75 53.47 24.06
CA GLU E 512 -27.75 54.32 25.25
C GLU E 512 -27.29 55.73 24.91
N ALA E 513 -26.19 55.83 24.15
CA ALA E 513 -25.69 57.15 23.78
C ALA E 513 -26.71 57.90 22.92
N PHE E 514 -27.33 57.20 21.97
CA PHE E 514 -28.34 57.82 21.12
C PHE E 514 -29.56 58.24 21.93
N LYS E 515 -29.96 57.42 22.90
CA LYS E 515 -31.08 57.80 23.74
C LYS E 515 -30.76 59.03 24.56
N ILE E 516 -29.53 59.12 25.07
CA ILE E 516 -29.14 60.29 25.85
C ILE E 516 -29.18 61.54 24.97
N VAL E 517 -28.58 61.47 23.79
CA VAL E 517 -28.54 62.65 22.92
C VAL E 517 -29.94 63.00 22.45
N ALA E 518 -30.79 62.01 22.20
CA ALA E 518 -32.17 62.28 21.79
C ALA E 518 -32.95 62.93 22.92
N ASP E 519 -32.74 62.50 24.16
CA ASP E 519 -33.40 63.12 25.29
C ASP E 519 -32.97 64.57 25.45
N ARG E 520 -31.67 64.82 25.26
CA ARG E 520 -31.19 66.21 25.34
C ARG E 520 -31.76 67.05 24.22
N LEU E 521 -31.89 66.48 23.01
CA LEU E 521 -32.52 67.20 21.91
C LEU E 521 -33.98 67.52 22.22
N GLU E 522 -34.71 66.54 22.74
CA GLU E 522 -36.12 66.74 23.06
C GLU E 522 -36.30 67.75 24.18
N ALA E 523 -35.32 67.86 25.07
CA ALA E 523 -35.36 68.88 26.11
C ALA E 523 -35.13 70.27 25.56
N GLY E 524 -34.75 70.40 24.29
CA GLY E 524 -34.49 71.69 23.68
C GLY E 524 -33.02 72.06 23.59
N GLU E 525 -32.12 71.23 24.10
CA GLU E 525 -30.70 71.53 24.03
C GLU E 525 -30.22 71.48 22.59
N LYS E 526 -29.35 72.42 22.23
CA LYS E 526 -28.77 72.43 20.91
C LYS E 526 -27.88 71.20 20.72
N PRO E 527 -27.88 70.59 19.53
CA PRO E 527 -26.96 69.47 19.29
C PRO E 527 -25.52 69.85 19.53
N LEU E 528 -25.14 71.08 19.22
CA LEU E 528 -23.77 71.52 19.46
C LEU E 528 -23.40 71.38 20.92
N ALA E 529 -24.23 71.92 21.83
CA ALA E 529 -23.90 71.90 23.25
C ALA E 529 -23.78 70.47 23.77
N ILE E 530 -24.65 69.58 23.28
CA ILE E 530 -24.50 68.16 23.60
C ILE E 530 -23.15 67.66 23.14
N ALA E 531 -22.72 68.09 21.94
CA ALA E 531 -21.43 67.65 21.44
C ALA E 531 -20.29 68.08 22.35
N GLN E 532 -20.25 69.37 22.73
CA GLN E 532 -19.16 69.80 23.62
C GLN E 532 -19.22 69.10 24.96
N ASP E 533 -20.42 68.97 25.53
CA ASP E 533 -20.54 68.33 26.85
C ASP E 533 -20.06 66.90 26.80
N LEU E 534 -20.54 66.12 25.83
CA LEU E 534 -20.15 64.72 25.74
C LEU E 534 -18.65 64.59 25.45
N LEU E 535 -18.12 65.46 24.60
CA LEU E 535 -16.70 65.38 24.26
C LEU E 535 -15.82 65.69 25.46
N LYS E 536 -16.13 66.77 26.18
CA LYS E 536 -15.34 67.08 27.37
C LYS E 536 -15.53 66.05 28.47
N THR E 537 -16.66 65.33 28.45
CA THR E 537 -16.84 64.26 29.43
C THR E 537 -16.03 63.02 29.08
N HIS E 538 -15.93 62.67 27.79
CA HIS E 538 -15.45 61.35 27.40
C HIS E 538 -14.27 61.39 26.43
N ASP E 539 -13.54 62.49 26.35
CA ASP E 539 -12.38 62.54 25.47
C ASP E 539 -11.18 61.77 25.98
N LYS E 540 -11.21 61.33 27.25
CA LYS E 540 -10.07 60.62 27.81
C LYS E 540 -9.83 59.30 27.09
N CYS E 541 -10.90 58.59 26.72
CA CYS E 541 -10.77 57.28 26.10
C CYS E 541 -10.16 57.34 24.71
N ILE E 542 -10.14 58.53 24.09
CA ILE E 542 -9.59 58.66 22.74
C ILE E 542 -8.07 58.52 22.80
N PHE E 543 -7.52 57.65 21.96
CA PHE E 543 -6.09 57.43 21.92
C PHE E 543 -5.64 57.27 20.47
N ASN E 544 -4.51 57.89 20.13
CA ASN E 544 -3.99 57.86 18.78
C ASN E 544 -2.57 57.31 18.67
N GLY E 545 -1.85 57.20 19.77
CA GLY E 545 -0.46 56.77 19.73
C GLY E 545 -0.33 55.26 19.63
N ASN E 546 0.91 54.81 19.83
CA ASN E 546 1.22 53.38 19.75
C ASN E 546 0.63 52.67 20.96
N GLY E 547 -0.38 51.84 20.72
CA GLY E 547 -1.00 51.08 21.80
C GLY E 547 -0.15 49.93 22.31
N TYR E 548 0.83 49.49 21.52
CA TYR E 548 1.71 48.41 21.94
C TYR E 548 2.82 48.86 22.87
N ASP E 549 2.90 50.15 23.16
CA ASP E 549 3.90 50.65 24.09
C ASP E 549 3.64 50.08 25.48
N PRO E 550 4.65 49.49 26.13
CA PRO E 550 4.45 49.02 27.51
C PRO E 550 4.07 50.13 28.47
N ALA E 551 4.40 51.38 28.15
CA ALA E 551 4.01 52.51 28.98
C ALA E 551 2.61 53.03 28.67
N TRP E 552 1.87 52.35 27.80
CA TRP E 552 0.51 52.78 27.51
C TRP E 552 -0.53 52.37 28.55
N PRO E 553 -0.53 51.13 29.08
CA PRO E 553 -1.60 50.77 30.03
C PRO E 553 -1.68 51.67 31.25
N ASP E 554 -0.56 52.02 31.87
CA ASP E 554 -0.61 52.87 33.05
C ASP E 554 -1.01 54.30 32.68
N GLU E 555 -0.58 54.76 31.51
CA GLU E 555 -1.01 56.08 31.03
C GLU E 555 -2.52 56.13 30.85
N ALA E 556 -3.09 55.06 30.27
CA ALA E 556 -4.53 54.99 30.12
C ALA E 556 -5.24 54.91 31.47
N VAL E 557 -4.65 54.16 32.41
CA VAL E 557 -5.23 54.05 33.74
C VAL E 557 -5.28 55.41 34.41
N LYS E 558 -4.21 56.20 34.31
CA LYS E 558 -4.23 57.55 34.83
C LYS E 558 -5.24 58.40 34.08
N ARG E 559 -5.36 58.21 32.77
CA ARG E 559 -6.37 58.92 32.00
C ARG E 559 -7.79 58.54 32.43
N GLY E 560 -7.97 57.33 32.95
CA GLY E 560 -9.27 56.84 33.33
C GLY E 560 -9.95 55.94 32.33
N ILE E 561 -9.24 55.52 31.28
CA ILE E 561 -9.83 54.63 30.29
C ILE E 561 -10.02 53.24 30.88
N TRP E 562 -11.07 52.56 30.44
CA TRP E 562 -11.32 51.19 30.90
C TRP E 562 -10.18 50.28 30.48
N ARG E 563 -9.72 49.45 31.42
CA ARG E 563 -8.67 48.48 31.14
C ARG E 563 -8.79 47.34 32.14
N ILE E 564 -9.14 46.16 31.64
CA ILE E 564 -9.25 44.97 32.48
C ILE E 564 -8.31 43.93 31.88
N ASP E 565 -7.16 43.72 32.54
CA ASP E 565 -6.22 42.71 32.08
C ASP E 565 -6.75 41.29 32.28
N ALA E 566 -7.77 41.12 33.12
CA ALA E 566 -8.30 39.81 33.44
C ALA E 566 -9.63 39.59 32.73
N GLY E 567 -9.71 38.49 31.98
CA GLY E 567 -10.99 38.13 31.38
C GLY E 567 -12.03 37.78 32.42
N CYS E 568 -11.61 37.14 33.52
CA CYS E 568 -12.52 36.82 34.60
C CYS E 568 -13.13 38.09 35.19
N ASP E 569 -12.30 39.07 35.51
CA ASP E 569 -12.81 40.33 36.01
C ASP E 569 -13.63 41.05 34.96
N ALA E 570 -13.26 40.93 33.68
CA ALA E 570 -14.04 41.54 32.62
C ALA E 570 -15.46 40.98 32.60
N ILE E 571 -15.59 39.67 32.69
CA ILE E 571 -16.92 39.05 32.73
C ILE E 571 -17.66 39.44 34.00
N ASN E 572 -16.96 39.44 35.14
CA ASN E 572 -17.59 39.83 36.39
C ASN E 572 -18.08 41.27 36.36
N GLU E 573 -17.50 42.11 35.52
CA GLU E 573 -17.99 43.48 35.36
C GLU E 573 -19.35 43.53 34.68
N LEU E 574 -19.83 42.42 34.11
CA LEU E 574 -21.09 42.45 33.38
C LEU E 574 -22.26 42.80 34.29
N ASP E 575 -22.29 42.26 35.50
CA ASP E 575 -23.39 42.48 36.42
C ASP E 575 -23.20 43.72 37.29
N SER E 576 -22.33 44.64 36.88
CA SER E 576 -22.13 45.87 37.63
C SER E 576 -23.40 46.73 37.57
N ALA E 577 -23.52 47.62 38.55
CA ALA E 577 -24.73 48.43 38.66
C ALA E 577 -24.97 49.26 37.40
N LYS E 578 -23.92 49.91 36.89
CA LYS E 578 -24.06 50.68 35.67
C LYS E 578 -24.43 49.79 34.49
N ASN E 579 -23.76 48.64 34.37
CA ASN E 579 -24.04 47.74 33.25
C ASN E 579 -25.45 47.18 33.34
N VAL E 580 -25.88 46.80 34.54
CA VAL E 580 -27.24 46.27 34.71
C VAL E 580 -28.27 47.34 34.38
N THR E 581 -28.07 48.56 34.89
CA THR E 581 -29.00 49.65 34.58
C THR E 581 -29.04 49.92 33.08
N LEU E 582 -27.89 49.79 32.41
CA LEU E 582 -27.87 49.85 30.95
C LEU E 582 -28.73 48.75 30.35
N PHE E 583 -28.60 47.54 30.84
CA PHE E 583 -29.25 46.40 30.20
C PHE E 583 -30.76 46.46 30.33
N GLU E 584 -31.27 46.83 31.51
CA GLU E 584 -32.72 47.04 31.59
C GLU E 584 -33.14 48.35 30.92
N GLY E 585 -32.25 49.35 30.87
CA GLY E 585 -32.61 50.60 30.23
C GLY E 585 -32.87 50.43 28.74
N MET E 586 -32.01 49.67 28.06
CA MET E 586 -32.20 49.36 26.65
C MET E 586 -33.07 48.13 26.45
N GLY E 587 -33.45 47.44 27.52
CA GLY E 587 -34.26 46.25 27.41
C GLY E 587 -33.52 45.03 26.94
N ILE E 588 -32.19 45.04 26.96
CA ILE E 588 -31.42 43.91 26.46
C ILE E 588 -31.56 42.72 27.39
N PHE E 589 -31.48 42.95 28.70
CA PHE E 589 -31.56 41.88 29.68
C PHE E 589 -32.29 42.38 30.91
N THR E 590 -32.81 41.43 31.68
CA THR E 590 -33.24 41.68 33.03
C THR E 590 -32.10 41.34 33.99
N ALA E 591 -32.30 41.65 35.27
CA ALA E 591 -31.29 41.33 36.27
C ALA E 591 -31.04 39.83 36.31
N ARG E 592 -32.11 39.03 36.29
CA ARG E 592 -31.95 37.59 36.20
C ARG E 592 -31.28 37.19 34.89
N GLU E 593 -31.65 37.84 33.79
CA GLU E 593 -31.06 37.50 32.50
C GLU E 593 -29.57 37.78 32.48
N ILE E 594 -29.16 38.97 32.92
CA ILE E 594 -27.75 39.31 32.90
C ILE E 594 -26.98 38.47 33.90
N GLN E 595 -27.58 38.17 35.05
CA GLN E 595 -26.92 37.31 36.02
C GLN E 595 -26.69 35.91 35.45
N ALA E 596 -27.69 35.37 34.76
CA ALA E 596 -27.52 34.07 34.13
C ALA E 596 -26.47 34.12 33.04
N ARG E 597 -26.44 35.21 32.26
CA ARG E 597 -25.45 35.34 31.21
C ARG E 597 -24.03 35.38 31.79
N LYS E 598 -23.83 36.17 32.84
CA LYS E 598 -22.53 36.23 33.50
C LYS E 598 -22.16 34.89 34.09
N SER E 599 -23.12 34.21 34.71
CA SER E 599 -22.87 32.89 35.28
C SER E 599 -22.43 31.91 34.20
N VAL E 600 -23.12 31.92 33.06
CA VAL E 600 -22.79 31.00 31.98
C VAL E 600 -21.41 31.32 31.43
N LEU E 601 -21.10 32.61 31.23
CA LEU E 601 -19.79 32.96 30.70
C LEU E 601 -18.67 32.55 31.65
N LEU E 602 -18.84 32.82 32.95
CA LEU E 602 -17.83 32.43 33.92
C LEU E 602 -17.68 30.92 33.97
N GLY E 603 -18.80 30.19 33.93
CA GLY E 603 -18.73 28.74 33.92
C GLY E 603 -18.05 28.21 32.68
N HIS E 604 -18.34 28.81 31.53
CA HIS E 604 -17.68 28.41 30.29
C HIS E 604 -16.18 28.61 30.39
N TYR E 605 -15.76 29.79 30.87
CA TYR E 605 -14.33 30.07 30.99
C TYR E 605 -13.66 29.09 31.95
N VAL E 606 -14.27 28.88 33.12
CA VAL E 606 -13.64 28.02 34.12
C VAL E 606 -13.64 26.58 33.65
N GLY E 607 -14.68 26.15 32.93
CA GLY E 607 -14.69 24.80 32.40
C GLY E 607 -13.66 24.59 31.31
N SER E 608 -13.47 25.59 30.44
CA SER E 608 -12.43 25.50 29.43
C SER E 608 -11.06 25.43 30.08
N VAL E 609 -10.82 26.25 31.10
CA VAL E 609 -9.54 26.19 31.80
C VAL E 609 -9.37 24.85 32.50
N GLU E 610 -10.46 24.34 33.08
CA GLU E 610 -10.40 23.06 33.77
C GLU E 610 -10.07 21.92 32.80
N MET E 611 -10.68 21.93 31.62
CA MET E 611 -10.37 20.88 30.66
C MET E 611 -8.99 21.06 30.04
N GLU E 612 -8.51 22.29 29.91
CA GLU E 612 -7.11 22.48 29.55
C GLU E 612 -6.20 21.88 30.61
N ALA E 613 -6.54 22.08 31.87
CA ALA E 613 -5.74 21.52 32.97
C ALA E 613 -5.77 20.00 32.95
N LEU E 614 -6.95 19.42 32.75
CA LEU E 614 -7.07 17.97 32.71
C LEU E 614 -6.34 17.40 31.52
N THR E 615 -6.41 18.08 30.37
CA THR E 615 -5.67 17.63 29.21
C THR E 615 -4.18 17.71 29.48
N MET E 616 -3.73 18.76 30.15
CA MET E 616 -2.32 18.85 30.56
C MET E 616 -1.94 17.67 31.45
N ILE E 617 -2.80 17.34 32.41
CA ILE E 617 -2.56 16.18 33.26
C ILE E 617 -2.36 14.95 32.40
N ASP E 618 -3.23 14.77 31.41
CA ASP E 618 -3.12 13.63 30.52
C ASP E 618 -1.84 13.67 29.69
N MET E 619 -1.40 14.86 29.27
CA MET E 619 -0.20 14.96 28.45
C MET E 619 1.05 14.59 29.24
N ILE E 620 1.21 15.17 30.43
CA ILE E 620 2.37 14.78 31.25
C ILE E 620 2.29 13.31 31.66
N ASN E 621 1.14 12.85 32.13
CA ASN E 621 1.08 11.48 32.62
C ASN E 621 1.23 10.46 31.48
N GLN E 622 0.73 10.81 30.30
CA GLN E 622 0.65 9.89 29.17
C GLN E 622 1.76 10.08 28.15
N HIS E 623 2.22 11.31 27.93
CA HIS E 623 3.20 11.59 26.89
C HIS E 623 4.51 12.11 27.46
N VAL E 624 4.48 13.20 28.24
CA VAL E 624 5.71 13.88 28.62
C VAL E 624 6.55 13.01 29.55
N ILE E 625 5.93 12.47 30.60
CA ILE E 625 6.68 11.59 31.51
C ILE E 625 7.17 10.32 30.81
N PRO E 626 6.35 9.61 30.03
CA PRO E 626 6.90 8.45 29.31
C PRO E 626 8.00 8.82 28.33
N SER E 627 7.88 9.95 27.64
CA SER E 627 8.93 10.36 26.72
C SER E 627 10.22 10.67 27.47
N VAL E 628 10.12 11.36 28.61
CA VAL E 628 11.30 11.65 29.41
C VAL E 628 11.93 10.37 29.91
N LYS E 629 11.12 9.42 30.38
CA LYS E 629 11.66 8.16 30.88
C LYS E 629 12.34 7.37 29.78
N LYS E 630 11.74 7.34 28.59
CA LYS E 630 12.31 6.58 27.48
C LYS E 630 13.60 7.22 26.99
N ALA E 631 13.59 8.54 26.78
CA ALA E 631 14.77 9.24 26.30
C ALA E 631 15.78 9.54 27.39
N ASP E 632 15.44 9.27 28.65
CA ASP E 632 16.33 9.51 29.79
C ASP E 632 16.81 10.96 29.82
N LEU E 633 15.83 11.87 29.87
CA LEU E 633 16.10 13.30 29.93
C LEU E 633 16.15 13.84 31.35
N GLY E 634 16.54 13.01 32.31
CA GLY E 634 16.62 13.41 33.70
C GLY E 634 15.41 12.96 34.49
N ASN E 635 15.37 13.40 35.74
CA ASN E 635 14.30 13.03 36.65
C ASN E 635 13.01 13.72 36.25
N PRO E 636 11.94 12.98 35.96
CA PRO E 636 10.64 13.61 35.69
C PRO E 636 9.84 13.93 36.94
N SER E 637 10.45 13.86 38.12
CA SER E 637 9.73 14.13 39.36
C SER E 637 9.18 15.56 39.36
N LYS E 638 9.84 16.47 38.65
CA LYS E 638 9.32 17.82 38.53
C LYS E 638 7.96 17.81 37.84
N LEU E 639 7.82 16.98 36.80
CA LEU E 639 6.54 16.89 36.11
C LEU E 639 5.48 16.24 36.99
N VAL E 640 5.88 15.28 37.82
CA VAL E 640 4.93 14.69 38.77
C VAL E 640 4.44 15.74 39.75
N ASP E 641 5.36 16.57 40.25
CA ASP E 641 4.97 17.65 41.15
C ASP E 641 4.06 18.64 40.44
N ALA E 642 4.34 18.90 39.15
CA ALA E 642 3.47 19.77 38.37
C ALA E 642 2.07 19.19 38.23
N VAL E 643 1.99 17.87 38.04
CA VAL E 643 0.68 17.20 37.96
C VAL E 643 -0.05 17.34 39.28
N LYS E 644 0.66 17.16 40.39
CA LYS E 644 0.05 17.34 41.70
C LYS E 644 -0.47 18.77 41.85
N THR E 645 0.33 19.74 41.44
CA THR E 645 -0.05 21.14 41.57
C THR E 645 -1.29 21.46 40.73
N ILE E 646 -1.32 20.98 39.50
CA ILE E 646 -2.45 21.29 38.62
C ILE E 646 -3.72 20.58 39.12
N LYS E 647 -3.58 19.35 39.63
CA LYS E 647 -4.72 18.66 40.18
C LYS E 647 -5.26 19.40 41.41
N GLY E 648 -4.35 19.86 42.27
CA GLY E 648 -4.79 20.66 43.41
C GLY E 648 -5.48 21.94 42.99
N ALA E 649 -4.96 22.58 41.94
CA ALA E 649 -5.59 23.80 41.45
C ALA E 649 -7.01 23.54 40.96
N VAL E 650 -7.19 22.44 40.22
CA VAL E 650 -8.55 22.06 39.82
C VAL E 650 -9.40 21.76 41.04
N ALA E 651 -8.78 21.21 42.09
CA ALA E 651 -9.51 20.92 43.33
C ALA E 651 -10.04 22.21 43.95
N GLN E 652 -9.20 23.25 44.04
CA GLN E 652 -9.71 24.51 44.57
C GLN E 652 -10.74 25.12 43.63
N ILE E 653 -10.55 24.94 42.32
CA ILE E 653 -11.52 25.47 41.36
C ILE E 653 -12.90 24.86 41.60
N HIS E 654 -12.96 23.55 41.79
CA HIS E 654 -14.21 22.87 42.07
C HIS E 654 -14.67 23.03 43.51
N GLY E 655 -13.80 23.50 44.41
CA GLY E 655 -14.16 23.66 45.80
C GLY E 655 -14.70 25.01 46.18
N THR E 656 -14.61 25.99 45.30
CA THR E 656 -15.11 27.34 45.56
C THR E 656 -16.47 27.52 44.89
N GLU E 657 -17.32 28.31 45.53
CA GLU E 657 -18.69 28.52 45.06
C GLU E 657 -18.86 29.81 44.28
N ASP E 658 -18.16 30.88 44.65
CA ASP E 658 -18.28 32.14 43.93
C ASP E 658 -17.77 31.95 42.50
N GLU E 659 -18.65 32.24 41.53
CA GLU E 659 -18.29 32.03 40.14
C GLU E 659 -17.13 32.92 39.72
N HIS E 660 -17.14 34.19 40.15
CA HIS E 660 -16.02 35.07 39.84
C HIS E 660 -14.74 34.59 40.50
N LYS E 661 -14.84 34.11 41.75
CA LYS E 661 -13.66 33.57 42.41
C LYS E 661 -13.11 32.36 41.67
N ALA E 662 -14.01 31.47 41.22
CA ALA E 662 -13.56 30.31 40.46
C ALA E 662 -12.90 30.73 39.17
N ALA E 663 -13.48 31.72 38.48
CA ALA E 663 -12.90 32.19 37.23
C ALA E 663 -11.53 32.83 37.46
N THR E 664 -11.40 33.60 38.55
CA THR E 664 -10.11 34.22 38.85
C THR E 664 -9.06 33.17 39.16
N LEU E 665 -9.40 32.15 39.95
CA LEU E 665 -8.47 31.07 40.20
C LEU E 665 -8.11 30.35 38.91
N ALA E 666 -9.09 30.12 38.04
CA ALA E 666 -8.82 29.45 36.78
C ALA E 666 -7.87 30.27 35.91
N ARG E 667 -8.11 31.58 35.81
CA ARG E 667 -7.25 32.43 34.99
C ARG E 667 -5.84 32.50 35.56
N THR E 668 -5.72 32.62 36.89
CA THR E 668 -4.40 32.62 37.51
C THR E 668 -3.68 31.31 37.23
N LEU E 669 -4.39 30.20 37.36
CA LEU E 669 -3.81 28.90 37.04
C LEU E 669 -3.30 28.88 35.61
N ARG E 670 -4.16 29.23 34.66
CA ARG E 670 -3.82 29.17 33.25
C ARG E 670 -2.63 30.05 32.91
N LEU E 671 -2.61 31.27 33.43
CA LEU E 671 -1.58 32.22 33.05
C LEU E 671 -0.27 32.03 33.80
N THR E 672 -0.27 31.38 34.97
CA THR E 672 0.96 31.21 35.72
C THR E 672 1.38 29.76 35.84
N THR E 673 0.56 28.90 36.43
CA THR E 673 1.02 27.55 36.73
C THR E 673 1.09 26.70 35.47
N MET E 674 0.06 26.77 34.63
CA MET E 674 0.10 26.07 33.37
C MET E 674 1.16 26.64 32.44
N VAL E 675 1.42 27.95 32.49
CA VAL E 675 2.48 28.50 31.66
C VAL E 675 3.85 27.99 32.11
N ALA E 676 4.09 27.94 33.43
CA ALA E 676 5.35 27.40 33.92
C ALA E 676 5.50 25.93 33.56
N ILE E 677 4.42 25.17 33.70
CA ILE E 677 4.46 23.75 33.32
C ILE E 677 4.72 23.62 31.82
N ARG E 678 4.14 24.51 31.02
CA ARG E 678 4.38 24.50 29.58
C ARG E 678 5.84 24.80 29.27
N GLU E 679 6.44 25.74 30.01
CA GLU E 679 7.86 26.01 29.82
C GLU E 679 8.71 24.79 30.16
N ILE E 680 8.35 24.10 31.24
CA ILE E 680 9.08 22.88 31.61
C ILE E 680 8.94 21.82 30.51
N ILE E 681 7.72 21.67 29.98
CA ILE E 681 7.50 20.69 28.93
C ILE E 681 8.28 21.06 27.67
N ASP E 682 8.34 22.36 27.35
CA ASP E 682 9.11 22.79 26.19
C ASP E 682 10.60 22.52 26.39
N GLU E 683 11.10 22.76 27.60
CA GLU E 683 12.49 22.43 27.89
C GLU E 683 12.75 20.94 27.71
N PHE E 684 11.83 20.10 28.18
CA PHE E 684 12.02 18.66 28.03
C PHE E 684 11.89 18.23 26.57
N GLU E 685 11.04 18.92 25.80
CA GLU E 685 10.86 18.56 24.39
C GLU E 685 12.09 18.95 23.57
N SER E 686 12.70 20.09 23.88
CA SER E 686 13.87 20.54 23.14
C SER E 686 14.98 19.51 23.20
N ARG E 687 15.08 18.76 24.30
CA ARG E 687 16.08 17.71 24.44
C ARG E 687 15.53 16.34 24.10
N CYS E 688 14.29 16.27 23.62
CA CYS E 688 13.67 14.97 23.32
C CYS E 688 13.72 14.71 21.82
N PRO E 689 14.09 13.49 21.41
CA PRO E 689 14.11 13.18 19.99
C PRO E 689 12.71 13.21 19.42
N PRO E 690 12.56 13.52 18.12
CA PRO E 690 11.21 13.59 17.54
C PRO E 690 10.42 12.30 17.64
N GLU E 691 11.08 11.14 17.55
CA GLU E 691 10.33 9.89 17.66
C GLU E 691 9.84 9.65 19.08
N ASP E 692 10.59 10.11 20.08
CA ASP E 692 10.17 9.93 21.47
C ASP E 692 9.05 10.88 21.85
N TRP E 693 8.99 12.07 21.25
CA TRP E 693 7.92 13.01 21.53
C TRP E 693 6.67 12.55 20.79
N THR E 694 5.80 11.83 21.50
CA THR E 694 4.57 11.35 20.88
C THR E 694 3.70 12.51 20.42
N LEU E 695 3.60 13.56 21.22
CA LEU E 695 2.83 14.73 20.83
C LEU E 695 3.44 15.38 19.60
N ALA E 696 2.58 15.77 18.66
CA ALA E 696 3.06 16.43 17.46
C ALA E 696 3.55 17.84 17.80
N THR E 697 4.78 18.15 17.42
CA THR E 697 5.38 19.41 17.77
C THR E 697 4.93 20.51 16.80
N TYR E 698 5.17 21.77 17.21
CA TYR E 698 4.70 22.91 16.45
C TYR E 698 5.20 22.87 15.01
N SER E 699 6.37 22.29 14.76
CA SER E 699 6.88 22.23 13.40
C SER E 699 5.96 21.42 12.51
N GLU E 700 5.45 20.30 13.02
CA GLU E 700 4.55 19.46 12.22
C GLU E 700 3.20 20.14 12.00
N LEU E 701 2.69 20.81 13.03
CA LEU E 701 1.37 21.43 12.92
C LEU E 701 1.41 22.65 12.00
N LEU E 702 2.44 23.48 12.13
CA LEU E 702 2.50 24.73 11.41
C LEU E 702 3.15 24.58 10.03
N PHE E 703 4.28 23.89 9.97
CA PHE E 703 5.05 23.74 8.73
C PHE E 703 4.80 22.34 8.18
N PHE E 704 3.94 22.25 7.17
CA PHE E 704 3.55 20.97 6.60
C PHE E 704 3.46 21.07 5.08
N PHE F 38 -40.25 2.70 0.74
CA PHE F 38 -40.61 2.20 -0.58
C PHE F 38 -41.44 0.93 -0.46
N GLY F 39 -41.12 0.11 0.53
CA GLY F 39 -41.77 -1.16 0.73
C GLY F 39 -41.24 -2.29 -0.12
N SER F 40 -40.17 -2.06 -0.89
CA SER F 40 -39.66 -3.08 -1.80
C SER F 40 -39.19 -4.31 -1.05
N ALA F 41 -38.78 -4.16 0.20
CA ALA F 41 -38.30 -5.27 1.02
C ALA F 41 -39.19 -5.48 2.24
N CYS F 42 -40.48 -5.24 2.07
CA CYS F 42 -41.45 -5.44 3.15
C CYS F 42 -42.78 -5.81 2.53
N PHE F 43 -43.16 -7.09 2.62
CA PHE F 43 -44.39 -7.59 2.01
C PHE F 43 -45.57 -7.08 2.82
N LYS F 44 -45.94 -5.84 2.56
CA LYS F 44 -47.05 -5.20 3.27
C LYS F 44 -47.62 -4.09 2.41
N GLY F 45 -48.89 -3.78 2.64
CA GLY F 45 -49.51 -2.65 1.96
C GLY F 45 -49.55 -2.81 0.46
N ALA F 46 -49.14 -1.76 -0.25
CA ALA F 46 -49.24 -1.75 -1.71
C ALA F 46 -48.34 -2.81 -2.34
N VAL F 47 -47.15 -3.02 -1.77
CA VAL F 47 -46.23 -4.02 -2.31
C VAL F 47 -46.85 -5.41 -2.19
N ALA F 48 -47.46 -5.71 -1.04
CA ALA F 48 -48.15 -6.99 -0.88
C ALA F 48 -49.32 -7.11 -1.85
N ASP F 49 -50.09 -6.02 -2.01
CA ASP F 49 -51.23 -6.04 -2.90
C ASP F 49 -50.80 -6.29 -4.34
N LYS F 50 -49.60 -5.82 -4.71
CA LYS F 50 -49.11 -5.99 -6.08
C LYS F 50 -49.14 -7.45 -6.50
N TYR F 51 -48.84 -8.36 -5.59
CA TYR F 51 -48.84 -9.78 -5.88
C TYR F 51 -50.06 -10.50 -5.36
N LEU F 52 -50.79 -9.91 -4.40
CA LEU F 52 -52.05 -10.51 -3.99
C LEU F 52 -53.13 -10.33 -5.04
N SER F 53 -53.04 -9.27 -5.84
CA SER F 53 -53.97 -9.08 -6.94
C SER F 53 -53.82 -10.14 -8.01
N LYS F 54 -52.64 -10.75 -8.12
CA LYS F 54 -52.46 -11.83 -9.08
C LYS F 54 -53.36 -13.02 -8.79
N TYR F 55 -53.74 -13.19 -7.52
CA TYR F 55 -54.65 -14.26 -7.11
C TYR F 55 -55.99 -13.71 -6.65
N GLY F 56 -56.30 -12.46 -7.00
CA GLY F 56 -57.57 -11.86 -6.64
C GLY F 56 -57.68 -11.36 -5.23
N GLU F 57 -56.57 -11.23 -4.51
CA GLU F 57 -56.57 -10.76 -3.13
C GLU F 57 -55.99 -9.35 -3.07
N SER F 58 -55.87 -8.84 -1.85
CA SER F 58 -55.36 -7.50 -1.62
C SER F 58 -54.74 -7.45 -0.23
N SER F 59 -54.07 -6.32 0.07
CA SER F 59 -53.42 -6.15 1.35
C SER F 59 -54.42 -6.13 2.51
N THR F 60 -55.70 -5.94 2.22
CA THR F 60 -56.71 -6.01 3.27
C THR F 60 -56.73 -7.39 3.92
N LEU F 61 -56.54 -8.44 3.13
CA LEU F 61 -56.46 -9.79 3.68
C LEU F 61 -55.25 -9.92 4.61
N LEU F 62 -54.12 -9.34 4.22
CA LEU F 62 -52.91 -9.44 5.04
C LEU F 62 -53.03 -8.61 6.31
N ALA F 63 -53.80 -7.52 6.28
CA ALA F 63 -53.85 -6.60 7.40
C ALA F 63 -54.47 -7.24 8.64
N ASN F 64 -55.64 -7.85 8.49
CA ASN F 64 -56.36 -8.36 9.66
C ASN F 64 -55.66 -9.55 10.28
N GLY F 65 -54.99 -10.37 9.48
CA GLY F 65 -54.34 -11.57 9.96
C GLY F 65 -55.21 -12.80 10.00
N LYS F 66 -56.47 -12.70 9.58
CA LYS F 66 -57.35 -13.87 9.54
C LYS F 66 -56.96 -14.86 8.46
N TRP F 67 -56.04 -14.49 7.56
CA TRP F 67 -55.65 -15.39 6.48
C TRP F 67 -54.95 -16.63 7.01
N THR F 68 -54.25 -16.51 8.13
CA THR F 68 -53.57 -17.68 8.70
C THR F 68 -54.57 -18.75 9.09
N LYS F 69 -55.71 -18.35 9.64
CA LYS F 69 -56.76 -19.32 9.98
C LYS F 69 -57.28 -20.01 8.72
N ASP F 70 -57.44 -19.28 7.64
CA ASP F 70 -57.90 -19.86 6.39
C ASP F 70 -56.78 -20.70 5.75
N MET F 71 -57.19 -21.64 4.90
CA MET F 71 -56.26 -22.53 4.22
C MET F 71 -55.92 -22.05 2.82
N ALA F 72 -56.94 -21.80 1.98
CA ALA F 72 -56.69 -21.35 0.62
C ALA F 72 -56.00 -20.00 0.61
N LYS F 73 -56.43 -19.09 1.48
CA LYS F 73 -55.76 -17.79 1.57
C LYS F 73 -54.31 -17.95 2.00
N ALA F 74 -54.04 -18.91 2.88
CA ALA F 74 -52.67 -19.16 3.32
C ALA F 74 -51.78 -19.57 2.15
N ASP F 75 -52.26 -20.49 1.31
CA ASP F 75 -51.49 -20.91 0.15
C ASP F 75 -51.36 -19.77 -0.85
N ILE F 76 -52.41 -18.96 -1.00
CA ILE F 76 -52.35 -17.84 -1.94
C ILE F 76 -51.27 -16.85 -1.53
N VAL F 77 -51.27 -16.48 -0.25
CA VAL F 77 -50.26 -15.53 0.22
C VAL F 77 -48.88 -16.17 0.22
N ALA F 78 -48.80 -17.49 0.41
CA ALA F 78 -47.52 -18.17 0.31
C ALA F 78 -46.95 -18.06 -1.09
N LYS F 79 -47.78 -18.29 -2.10
CA LYS F 79 -47.34 -18.12 -3.48
C LYS F 79 -46.96 -16.68 -3.76
N ALA F 80 -47.74 -15.73 -3.23
CA ALA F 80 -47.46 -14.32 -3.46
C ALA F 80 -46.11 -13.92 -2.89
N VAL F 81 -45.84 -14.32 -1.64
CA VAL F 81 -44.57 -13.98 -1.03
C VAL F 81 -43.42 -14.74 -1.70
N LEU F 82 -43.69 -15.94 -2.21
CA LEU F 82 -42.67 -16.67 -2.96
C LEU F 82 -42.26 -15.88 -4.19
N ASP F 83 -43.23 -15.37 -4.94
CA ASP F 83 -42.92 -14.55 -6.11
C ASP F 83 -42.20 -13.28 -5.68
N TRP F 84 -42.71 -12.61 -4.65
CA TRP F 84 -42.11 -11.38 -4.18
C TRP F 84 -40.63 -11.58 -3.89
N ALA F 85 -40.31 -12.66 -3.17
CA ALA F 85 -38.92 -12.98 -2.88
C ALA F 85 -38.14 -13.32 -4.14
N VAL F 86 -38.76 -14.06 -5.07
CA VAL F 86 -37.96 -14.61 -6.16
C VAL F 86 -37.47 -13.52 -7.09
N GLU F 87 -38.32 -12.52 -7.38
CA GLU F 87 -37.70 -11.39 -8.10
C GLU F 87 -37.09 -10.34 -7.18
N ASN F 88 -37.29 -10.41 -5.86
CA ASN F 88 -36.44 -9.58 -5.01
C ASN F 88 -35.02 -10.13 -4.90
N GLY F 89 -34.78 -11.35 -5.36
CA GLY F 89 -33.44 -11.92 -5.30
C GLY F 89 -33.24 -12.74 -4.06
N ALA F 90 -34.29 -13.44 -3.62
CA ALA F 90 -34.25 -14.25 -2.42
C ALA F 90 -34.63 -15.68 -2.76
N SER F 91 -33.94 -16.63 -2.11
CA SER F 91 -34.17 -18.05 -2.35
C SER F 91 -34.43 -18.85 -1.09
N VAL F 92 -34.22 -18.28 0.09
CA VAL F 92 -34.38 -18.97 1.36
C VAL F 92 -35.32 -18.16 2.24
N TYR F 93 -36.28 -18.84 2.86
CA TYR F 93 -37.18 -18.22 3.82
C TYR F 93 -36.80 -18.70 5.22
N CYS F 94 -36.65 -17.77 6.15
CA CYS F 94 -36.33 -18.16 7.51
C CYS F 94 -37.40 -17.62 8.45
N HIS F 95 -37.93 -18.50 9.29
CA HIS F 95 -38.80 -18.06 10.36
C HIS F 95 -37.99 -17.32 11.42
N TRP F 96 -38.58 -16.27 11.98
CA TRP F 96 -37.89 -15.30 12.80
C TRP F 96 -38.59 -15.17 14.14
N PHE F 97 -37.80 -15.10 15.21
CA PHE F 97 -38.37 -15.07 16.55
C PHE F 97 -37.38 -14.39 17.48
N GLN F 98 -37.90 -13.97 18.64
CA GLN F 98 -37.06 -13.41 19.69
C GLN F 98 -37.10 -14.30 20.93
N PRO F 99 -36.00 -14.98 21.26
CA PRO F 99 -36.02 -15.85 22.44
C PRO F 99 -36.14 -15.05 23.73
N MET F 100 -36.47 -15.77 24.81
CA MET F 100 -36.51 -15.18 26.13
C MET F 100 -35.20 -14.46 26.45
N GLY F 101 -35.30 -13.18 26.80
CA GLY F 101 -34.14 -12.43 27.21
C GLY F 101 -33.03 -12.37 26.18
N SER F 102 -33.37 -12.09 24.93
CA SER F 102 -32.41 -12.04 23.84
C SER F 102 -32.20 -10.59 23.45
N SER F 103 -31.29 -9.92 24.14
CA SER F 103 -30.95 -8.53 23.87
C SER F 103 -29.75 -8.38 22.93
N GLY F 104 -29.15 -9.48 22.50
CA GLY F 104 -28.01 -9.40 21.62
C GLY F 104 -26.70 -9.16 22.34
N ASN F 109 -29.79 -11.21 19.21
CA ASN F 109 -30.94 -10.34 19.41
C ASN F 109 -32.24 -10.98 18.92
N SER F 110 -32.16 -11.79 17.88
CA SER F 110 -33.35 -12.44 17.32
C SER F 110 -32.90 -13.63 16.51
N GLY F 111 -33.38 -14.82 16.87
CA GLY F 111 -33.02 -16.01 16.14
C GLY F 111 -33.90 -16.29 14.94
N GLN F 112 -33.42 -17.17 14.08
CA GLN F 112 -34.14 -17.54 12.86
C GLN F 112 -33.74 -18.94 12.43
N VAL F 113 -34.64 -19.57 11.68
CA VAL F 113 -34.39 -20.89 11.07
C VAL F 113 -34.60 -20.77 9.57
N HIS F 114 -33.58 -21.11 8.79
CA HIS F 114 -33.59 -20.99 7.35
C HIS F 114 -34.07 -22.29 6.70
N GLN F 115 -34.81 -22.14 5.61
CA GLN F 115 -35.28 -23.27 4.81
C GLN F 115 -35.39 -22.82 3.36
N SER F 116 -34.99 -23.70 2.45
CA SER F 116 -35.09 -23.40 1.03
C SER F 116 -36.52 -23.54 0.55
N MET F 117 -36.99 -22.53 -0.19
CA MET F 117 -38.33 -22.58 -0.77
C MET F 117 -38.32 -23.02 -2.23
N PHE F 118 -37.16 -23.41 -2.76
CA PHE F 118 -37.08 -24.08 -4.05
C PHE F 118 -36.64 -25.52 -3.85
N ASN F 119 -37.33 -26.43 -4.53
CA ASN F 119 -37.09 -27.85 -4.43
C ASN F 119 -36.57 -28.40 -5.75
N PHE F 120 -36.26 -29.69 -5.75
CA PHE F 120 -35.77 -30.38 -6.93
C PHE F 120 -36.63 -31.61 -7.18
N ALA F 121 -37.13 -31.73 -8.40
CA ALA F 121 -37.96 -32.86 -8.79
C ALA F 121 -37.07 -34.01 -9.25
N GLU F 122 -37.68 -35.02 -9.86
CA GLU F 122 -36.90 -36.15 -10.37
C GLU F 122 -35.88 -35.72 -11.41
N ASP F 123 -36.22 -34.71 -12.23
CA ASP F 123 -35.28 -34.21 -13.23
C ASP F 123 -34.09 -33.52 -12.56
N GLY F 124 -34.27 -32.98 -11.37
CA GLY F 124 -33.20 -32.31 -10.66
C GLY F 124 -33.05 -30.85 -11.05
N THR F 125 -34.13 -30.09 -10.93
CA THR F 125 -34.11 -28.68 -11.25
C THR F 125 -34.62 -27.85 -10.07
N PRO F 126 -34.04 -26.68 -9.83
CA PRO F 126 -34.48 -25.84 -8.70
C PRO F 126 -35.76 -25.05 -9.02
N TYR F 127 -36.90 -25.72 -8.84
CA TYR F 127 -38.20 -25.10 -9.09
C TYR F 127 -38.74 -24.53 -7.79
N TYR F 128 -39.23 -23.30 -7.85
CA TYR F 128 -39.67 -22.59 -6.65
C TYR F 128 -41.04 -23.08 -6.23
N SER F 129 -41.14 -23.56 -5.00
CA SER F 129 -42.40 -24.08 -4.47
C SER F 129 -42.47 -23.76 -2.99
N PHE F 130 -43.39 -22.87 -2.61
CA PHE F 130 -43.52 -22.41 -1.23
C PHE F 130 -44.99 -22.48 -0.85
N THR F 131 -45.32 -23.36 0.08
CA THR F 131 -46.70 -23.60 0.47
C THR F 131 -47.02 -22.88 1.78
N GLY F 132 -48.31 -22.87 2.13
CA GLY F 132 -48.74 -22.23 3.36
C GLY F 132 -48.21 -22.91 4.61
N GLU F 133 -48.07 -24.23 4.58
CA GLU F 133 -47.53 -24.95 5.73
C GLU F 133 -46.09 -24.53 6.01
N GLN F 134 -45.30 -24.36 4.95
CA GLN F 134 -43.96 -23.83 5.12
C GLN F 134 -43.99 -22.40 5.66
N LEU F 135 -45.01 -21.63 5.28
CA LEU F 135 -45.10 -20.24 5.71
C LEU F 135 -45.43 -20.13 7.19
N LEU F 136 -46.36 -20.95 7.67
CA LEU F 136 -46.87 -20.79 9.03
C LEU F 136 -46.03 -21.52 10.06
N GLN F 137 -45.65 -22.76 9.79
CA GLN F 137 -45.00 -23.61 10.79
C GLN F 137 -43.49 -23.56 10.63
N GLY F 138 -42.79 -23.55 11.76
CA GLY F 138 -41.34 -23.59 11.77
C GLY F 138 -40.80 -24.69 12.65
N GLU F 139 -39.49 -24.64 12.94
CA GLU F 139 -38.83 -25.64 13.79
C GLU F 139 -37.75 -24.95 14.61
N THR F 140 -37.83 -25.10 15.92
CA THR F 140 -36.89 -24.50 16.86
C THR F 140 -37.14 -25.08 18.24
N ASP F 141 -36.06 -25.45 18.95
CA ASP F 141 -36.20 -26.17 20.20
C ASP F 141 -36.52 -25.21 21.34
N GLY F 142 -37.48 -25.59 22.18
CA GLY F 142 -37.75 -24.82 23.38
C GLY F 142 -36.56 -24.80 24.32
N SER F 143 -36.00 -25.98 24.58
CA SER F 143 -34.74 -26.15 25.33
C SER F 143 -34.86 -25.76 26.79
N SER F 144 -34.09 -26.42 27.65
CA SER F 144 -33.98 -26.03 29.04
C SER F 144 -32.95 -24.90 29.18
N TYR F 159 -41.73 -25.38 17.41
CA TYR F 159 -42.70 -25.22 16.33
C TYR F 159 -43.18 -23.77 16.20
N LEU F 160 -42.24 -22.93 15.77
CA LEU F 160 -42.52 -21.54 15.47
C LEU F 160 -43.81 -21.39 14.69
N SER F 161 -44.56 -20.33 14.99
CA SER F 161 -45.78 -19.99 14.28
C SER F 161 -45.74 -18.53 13.86
N ILE F 162 -46.21 -18.26 12.64
CA ILE F 162 -46.07 -16.94 12.05
C ILE F 162 -46.79 -15.89 12.90
N ASP F 163 -46.30 -14.65 12.82
CA ASP F 163 -46.98 -13.51 13.42
C ASP F 163 -47.71 -12.75 12.32
N PRO F 164 -49.01 -12.97 12.12
CA PRO F 164 -49.71 -12.29 11.02
C PRO F 164 -49.75 -10.78 11.17
N TYR F 165 -49.57 -10.26 12.38
CA TYR F 165 -49.59 -8.83 12.62
C TYR F 165 -48.22 -8.18 12.47
N SER F 166 -47.20 -8.96 12.11
CA SER F 166 -45.90 -8.43 11.80
C SER F 166 -45.61 -8.58 10.31
N PRO F 167 -45.03 -7.56 9.67
CA PRO F 167 -44.86 -7.62 8.21
C PRO F 167 -43.73 -8.56 7.83
N ILE F 168 -44.03 -9.50 6.93
CA ILE F 168 -42.99 -10.38 6.39
C ILE F 168 -42.02 -9.54 5.57
N PHE F 169 -40.76 -9.54 5.97
CA PHE F 169 -39.78 -8.64 5.39
C PHE F 169 -38.63 -9.45 4.79
N LEU F 170 -37.63 -8.75 4.25
CA LEU F 170 -36.61 -9.43 3.45
C LEU F 170 -35.27 -8.73 3.58
N ARG F 171 -34.20 -9.51 3.77
CA ARG F 171 -32.84 -8.98 3.83
C ARG F 171 -31.92 -9.87 3.02
N GLU F 172 -31.02 -9.23 2.26
CA GLU F 172 -30.02 -9.92 1.44
C GLU F 172 -30.76 -10.85 0.49
N ASP F 173 -30.51 -12.17 0.52
CA ASP F 173 -31.22 -13.12 -0.32
C ASP F 173 -32.12 -14.04 0.49
N THR F 174 -32.51 -13.58 1.68
CA THR F 174 -33.33 -14.38 2.58
C THR F 174 -34.53 -13.56 3.02
N VAL F 175 -35.72 -14.13 2.88
CA VAL F 175 -36.93 -13.48 3.35
C VAL F 175 -37.18 -13.90 4.80
N PHE F 176 -37.22 -12.90 5.68
CA PHE F 176 -37.41 -13.11 7.11
C PHE F 176 -38.91 -13.05 7.39
N ILE F 177 -39.44 -14.11 8.00
CA ILE F 177 -40.86 -14.21 8.30
C ILE F 177 -41.04 -14.14 9.81
N PRO F 178 -41.47 -13.02 10.37
CA PRO F 178 -41.61 -12.93 11.82
C PRO F 178 -42.58 -13.98 12.36
N ALA F 179 -42.22 -14.57 13.50
CA ALA F 179 -42.97 -15.69 14.03
C ALA F 179 -42.86 -15.71 15.55
N ALA F 180 -43.82 -16.39 16.18
CA ALA F 180 -43.85 -16.52 17.63
C ALA F 180 -43.30 -17.87 18.05
N PHE F 181 -42.51 -17.87 19.12
CA PHE F 181 -41.77 -19.05 19.56
C PHE F 181 -42.34 -19.54 20.88
N VAL F 182 -42.72 -20.81 20.92
CA VAL F 182 -43.26 -21.44 22.12
C VAL F 182 -42.52 -22.74 22.37
N SER F 183 -42.92 -23.44 23.43
CA SER F 183 -42.44 -24.77 23.73
C SER F 183 -43.38 -25.81 23.15
N TYR F 184 -42.96 -27.07 23.19
CA TYR F 184 -43.82 -28.15 22.73
C TYR F 184 -45.07 -28.25 23.61
N ASN F 185 -44.92 -28.00 24.91
CA ASN F 185 -46.07 -28.03 25.80
C ASN F 185 -47.08 -26.95 25.43
N GLY F 186 -46.60 -25.75 25.08
CA GLY F 186 -47.48 -24.65 24.77
C GLY F 186 -47.09 -23.39 25.51
N ASP F 187 -46.07 -23.49 26.35
CA ASP F 187 -45.61 -22.34 27.11
C ASP F 187 -44.96 -21.32 26.18
N ALA F 188 -45.26 -20.05 26.43
CA ALA F 188 -44.71 -18.95 25.63
C ALA F 188 -43.24 -18.78 25.98
N LEU F 189 -42.36 -19.30 25.12
CA LEU F 189 -40.92 -19.21 25.33
C LEU F 189 -40.28 -18.09 24.51
N ASP F 190 -41.03 -17.02 24.24
CA ASP F 190 -40.51 -15.88 23.51
C ASP F 190 -41.08 -14.61 24.13
N GLU F 191 -40.91 -13.49 23.42
CA GLU F 191 -41.51 -12.24 23.82
C GLU F 191 -42.69 -11.85 22.94
N LYS F 192 -42.80 -12.44 21.75
CA LYS F 192 -43.89 -12.10 20.84
C LYS F 192 -45.23 -12.58 21.39
N THR F 193 -45.30 -13.83 21.82
CA THR F 193 -46.54 -14.37 22.36
C THR F 193 -47.02 -13.65 23.61
N PRO F 194 -46.18 -13.37 24.61
CA PRO F 194 -46.67 -12.59 25.76
C PRO F 194 -47.21 -11.23 25.35
N LEU F 195 -46.56 -10.59 24.38
CA LEU F 195 -47.02 -9.27 23.95
C LEU F 195 -48.35 -9.38 23.21
N HIS F 196 -48.53 -10.45 22.44
CA HIS F 196 -49.81 -10.68 21.78
C HIS F 196 -50.91 -10.88 22.81
N ARG F 197 -50.64 -11.69 23.84
CA ARG F 197 -51.64 -11.90 24.89
C ARG F 197 -51.97 -10.60 25.59
N ALA F 198 -50.94 -9.79 25.88
CA ALA F 198 -51.16 -8.51 26.55
C ALA F 198 -51.98 -7.57 25.70
N THR F 199 -51.68 -7.50 24.40
CA THR F 199 -52.43 -6.63 23.51
C THR F 199 -53.88 -7.09 23.38
N ASP F 200 -54.11 -8.40 23.32
CA ASP F 200 -55.48 -8.89 23.23
C ASP F 200 -56.26 -8.58 24.50
N ALA F 201 -55.63 -8.77 25.67
CA ALA F 201 -56.29 -8.41 26.92
C ALA F 201 -56.59 -6.93 26.97
N LEU F 202 -55.63 -6.10 26.54
CA LEU F 202 -55.84 -4.66 26.49
C LEU F 202 -57.01 -4.30 25.61
N ASP F 203 -57.08 -4.90 24.43
CA ASP F 203 -58.16 -4.60 23.49
C ASP F 203 -59.51 -5.00 24.06
N LYS F 204 -59.60 -6.21 24.61
CA LYS F 204 -60.89 -6.67 25.13
C LYS F 204 -61.34 -5.84 26.32
N GLN F 205 -60.41 -5.49 27.23
CA GLN F 205 -60.79 -4.68 28.38
C GLN F 205 -61.16 -3.26 27.97
N THR F 206 -60.44 -2.68 27.01
CA THR F 206 -60.78 -1.35 26.54
C THR F 206 -62.16 -1.35 25.88
N LYS F 207 -62.45 -2.36 25.06
CA LYS F 207 -63.76 -2.46 24.44
C LYS F 207 -64.84 -2.61 25.49
N ARG F 208 -64.59 -3.45 26.51
CA ARG F 208 -65.58 -3.65 27.57
C ARG F 208 -65.87 -2.36 28.31
N MET F 209 -64.83 -1.62 28.68
CA MET F 209 -65.04 -0.40 29.45
C MET F 209 -65.66 0.71 28.61
N LEU F 210 -65.33 0.78 27.32
CA LEU F 210 -65.98 1.75 26.45
C LEU F 210 -67.46 1.40 26.27
N LYS F 211 -67.78 0.12 26.10
CA LYS F 211 -69.17 -0.27 25.91
C LYS F 211 -69.98 -0.09 27.19
N ALA F 212 -69.35 -0.28 28.36
CA ALA F 212 -70.06 -0.12 29.63
C ALA F 212 -70.47 1.32 29.88
N MET F 213 -69.92 2.28 29.15
CA MET F 213 -70.26 3.68 29.30
C MET F 213 -70.95 4.25 28.06
N LYS F 214 -71.59 3.36 27.29
CA LYS F 214 -72.35 3.72 26.10
C LYS F 214 -71.45 4.33 25.02
N TYR F 215 -70.50 3.52 24.57
CA TYR F 215 -69.67 3.86 23.41
C TYR F 215 -69.29 2.58 22.70
N ASP F 216 -69.61 2.50 21.41
CA ASP F 216 -69.36 1.32 20.60
C ASP F 216 -68.24 1.61 19.61
N VAL F 217 -67.25 0.71 19.56
CA VAL F 217 -66.16 0.81 18.61
C VAL F 217 -66.38 -0.06 17.37
N GLY F 218 -67.47 -0.83 17.34
CA GLY F 218 -67.71 -1.70 16.20
C GLY F 218 -66.63 -2.75 16.09
N SER F 219 -66.06 -2.88 14.90
CA SER F 219 -65.01 -3.85 14.63
C SER F 219 -63.61 -3.27 14.81
N ALA F 220 -63.50 -2.04 15.29
CA ALA F 220 -62.20 -1.42 15.48
C ALA F 220 -61.39 -2.18 16.52
N SER F 221 -60.10 -2.32 16.26
CA SER F 221 -59.19 -3.06 17.14
C SER F 221 -58.31 -2.09 17.92
N VAL F 222 -58.25 -2.29 19.23
CA VAL F 222 -57.43 -1.47 20.11
C VAL F 222 -56.09 -2.16 20.30
N TYR F 223 -55.03 -1.36 20.44
CA TYR F 223 -53.68 -1.89 20.59
C TYR F 223 -52.82 -0.79 21.20
N ALA F 224 -51.52 -1.06 21.31
CA ALA F 224 -50.57 -0.12 21.86
C ALA F 224 -49.79 0.50 20.71
N ASN F 225 -50.04 1.79 20.46
CA ASN F 225 -49.24 2.54 19.51
C ASN F 225 -47.97 3.03 20.18
N ILE F 226 -46.83 2.58 19.69
CA ILE F 226 -45.55 2.89 20.31
C ILE F 226 -44.57 3.39 19.26
N GLY F 227 -43.81 4.41 19.64
CA GLY F 227 -42.62 4.81 18.92
C GLY F 227 -41.42 4.44 19.75
N LEU F 228 -40.33 4.06 19.09
CA LEU F 228 -39.16 3.53 19.79
C LEU F 228 -37.93 4.35 19.38
N GLU F 229 -37.59 5.33 20.21
CA GLU F 229 -36.45 6.21 19.94
C GLU F 229 -35.16 5.45 20.23
N GLN F 230 -34.76 4.63 19.27
CA GLN F 230 -33.63 3.74 19.46
C GLN F 230 -32.32 4.52 19.28
N GLU F 231 -31.47 4.51 20.29
CA GLU F 231 -30.20 5.20 20.26
C GLU F 231 -29.07 4.20 20.14
N ILE F 232 -28.13 4.47 19.24
CA ILE F 232 -27.02 3.58 18.94
C ILE F 232 -25.73 4.37 19.02
N PHE F 233 -24.72 3.79 19.66
CA PHE F 233 -23.38 4.38 19.62
C PHE F 233 -22.63 3.80 18.43
N LEU F 234 -21.88 4.64 17.75
CA LEU F 234 -21.12 4.21 16.58
C LEU F 234 -19.63 4.31 16.89
N THR F 235 -18.90 3.23 16.66
CA THR F 235 -17.50 3.18 17.04
C THR F 235 -16.67 2.70 15.85
N PRO F 236 -15.44 3.20 15.70
CA PRO F 236 -14.54 2.61 14.71
C PRO F 236 -14.37 1.12 14.95
N ARG F 237 -14.69 0.32 13.93
CA ARG F 237 -14.57 -1.13 14.08
C ARG F 237 -13.14 -1.54 14.38
N HIS F 238 -12.16 -0.75 13.95
CA HIS F 238 -10.78 -1.03 14.31
C HIS F 238 -10.59 -0.92 15.82
N ALA F 239 -11.19 0.09 16.45
CA ALA F 239 -11.17 0.18 17.91
C ALA F 239 -12.08 -0.86 18.55
N PHE F 240 -13.19 -1.20 17.89
CA PHE F 240 -14.08 -2.22 18.42
C PHE F 240 -13.36 -3.56 18.54
N TYR F 241 -12.53 -3.90 17.55
CA TYR F 241 -11.74 -5.11 17.62
C TYR F 241 -10.71 -5.07 18.75
N ARG F 242 -10.36 -3.88 19.23
CA ARG F 242 -9.37 -3.75 20.29
C ARG F 242 -10.00 -3.68 21.67
N ARG F 243 -11.31 -3.81 21.78
CA ARG F 243 -12.01 -3.82 23.06
C ARG F 243 -12.79 -5.12 23.22
N PRO F 244 -12.21 -6.13 23.88
CA PRO F 244 -12.93 -7.41 24.03
C PRO F 244 -14.28 -7.28 24.71
N ASP F 245 -14.44 -6.34 25.64
CA ASP F 245 -15.72 -6.18 26.32
C ASP F 245 -16.82 -5.83 25.34
N LEU F 246 -16.53 -4.94 24.38
CA LEU F 246 -17.52 -4.61 23.37
C LEU F 246 -17.82 -5.81 22.49
N GLN F 247 -16.80 -6.61 22.18
CA GLN F 247 -17.02 -7.80 21.38
C GLN F 247 -17.97 -8.77 22.08
N PHE F 248 -17.77 -8.98 23.38
CA PHE F 248 -18.47 -10.04 24.08
C PHE F 248 -19.63 -9.55 24.93
N THR F 249 -19.60 -8.30 25.38
CA THR F 249 -20.67 -7.75 26.19
C THR F 249 -21.34 -6.53 25.58
N GLY F 250 -20.68 -5.84 24.65
CA GLY F 250 -21.26 -4.70 23.99
C GLY F 250 -21.06 -3.37 24.70
N ARG F 251 -20.50 -3.37 25.90
CA ARG F 251 -20.27 -2.14 26.63
C ARG F 251 -18.88 -2.18 27.25
N THR F 252 -18.25 -1.01 27.34
CA THR F 252 -16.89 -0.92 27.86
C THR F 252 -16.91 -1.14 29.36
N ILE F 253 -16.36 -2.27 29.80
CA ILE F 253 -16.23 -2.54 31.23
C ILE F 253 -15.17 -1.68 31.90
N THR F 254 -14.29 -1.05 31.13
CA THR F 254 -13.24 -0.22 31.69
C THR F 254 -12.74 0.74 30.63
N GLY F 255 -11.91 1.69 31.06
CA GLY F 255 -11.37 2.69 30.16
C GLY F 255 -11.47 4.09 30.72
N LYS F 256 -10.34 4.79 30.80
CA LYS F 256 -10.31 6.12 31.40
C LYS F 256 -10.84 7.13 30.41
N PHE F 257 -11.89 7.84 30.79
CA PHE F 257 -12.44 8.88 29.93
C PHE F 257 -11.53 10.10 29.95
N PRO F 258 -11.19 10.66 28.79
CA PRO F 258 -10.34 11.85 28.78
C PRO F 258 -11.03 13.05 29.41
N ALA F 259 -10.22 13.91 30.04
CA ALA F 259 -10.71 15.10 30.73
C ALA F 259 -11.73 14.74 31.80
N ARG F 260 -11.31 13.84 32.69
CA ARG F 260 -12.08 13.45 33.88
C ARG F 260 -13.40 12.78 33.50
N GLY F 261 -14.34 13.57 32.97
CA GLY F 261 -15.64 13.04 32.62
C GLY F 261 -16.76 14.03 32.88
N GLN F 262 -16.51 15.01 33.75
CA GLN F 262 -17.48 16.07 34.05
C GLN F 262 -17.41 17.10 32.92
N GLU F 263 -18.11 16.79 31.84
CA GLU F 263 -18.08 17.63 30.64
C GLU F 263 -18.88 18.90 30.91
N GLY F 277 -16.87 6.56 6.36
CA GLY F 277 -18.24 7.01 6.14
C GLY F 277 -19.09 6.95 7.38
N ALA F 278 -19.25 8.10 8.05
CA ALA F 278 -20.14 8.22 9.20
C ALA F 278 -21.49 8.82 8.80
N PHE F 279 -21.47 9.96 8.11
CA PHE F 279 -22.70 10.43 7.47
C PHE F 279 -23.19 9.42 6.45
N GLU F 280 -22.25 8.81 5.72
CA GLU F 280 -22.60 7.73 4.81
C GLU F 280 -23.30 6.60 5.55
N CYS F 281 -22.94 6.37 6.82
CA CYS F 281 -23.53 5.26 7.57
C CYS F 281 -25.02 5.44 7.74
N MET F 282 -25.46 6.57 8.31
CA MET F 282 -26.90 6.68 8.53
C MET F 282 -27.64 7.10 7.27
N ARG F 283 -26.98 7.66 6.26
CA ARG F 283 -27.71 7.83 5.00
C ARG F 283 -27.96 6.46 4.35
N GLN F 284 -27.02 5.52 4.48
CA GLN F 284 -27.27 4.16 4.04
C GLN F 284 -28.37 3.51 4.86
N ILE F 285 -28.39 3.76 6.18
CA ILE F 285 -29.49 3.29 7.01
C ILE F 285 -30.82 3.82 6.48
N GLN F 286 -30.87 5.12 6.17
CA GLN F 286 -32.12 5.73 5.75
C GLN F 286 -32.58 5.18 4.41
N GLN F 287 -31.66 5.05 3.45
CA GLN F 287 -32.05 4.51 2.15
C GLN F 287 -32.44 3.04 2.26
N GLU F 288 -31.78 2.29 3.14
CA GLU F 288 -32.20 0.92 3.40
C GLU F 288 -33.64 0.89 3.92
N CYS F 289 -33.92 1.69 4.95
CA CYS F 289 -35.27 1.68 5.54
C CYS F 289 -36.31 2.14 4.53
N PHE F 290 -35.94 3.06 3.64
CA PHE F 290 -36.80 3.36 2.50
C PHE F 290 -37.07 2.11 1.68
N LYS F 291 -36.02 1.47 1.17
CA LYS F 291 -36.22 0.25 0.40
C LYS F 291 -36.74 -0.89 1.26
N MET F 292 -36.64 -0.76 2.58
CA MET F 292 -37.01 -1.83 3.49
C MET F 292 -38.46 -1.69 3.95
N GLY F 293 -39.15 -0.63 3.54
CA GLY F 293 -40.51 -0.40 3.99
C GLY F 293 -40.63 0.12 5.39
N ILE F 294 -39.53 0.57 5.99
CA ILE F 294 -39.52 1.03 7.39
C ILE F 294 -39.62 2.55 7.36
N PRO F 295 -40.69 3.14 7.88
CA PRO F 295 -40.80 4.62 7.91
C PRO F 295 -39.94 5.22 9.02
N LEU F 296 -38.62 5.13 8.86
CA LEU F 296 -37.69 5.70 9.82
C LEU F 296 -37.76 7.22 9.69
N LYS F 297 -38.48 7.86 10.61
CA LYS F 297 -38.81 9.27 10.44
C LYS F 297 -37.57 10.14 10.58
N THR F 298 -36.95 10.16 11.75
CA THR F 298 -35.86 11.08 12.04
C THR F 298 -34.67 10.32 12.61
N ARG F 299 -33.51 10.49 11.98
CA ARG F 299 -32.24 10.06 12.53
C ARG F 299 -31.39 11.30 12.77
N HIS F 300 -30.83 11.42 13.96
CA HIS F 300 -30.05 12.62 14.27
C HIS F 300 -29.09 12.34 15.42
N ARG F 301 -28.08 13.19 15.52
CA ARG F 301 -27.08 13.03 16.57
C ARG F 301 -27.69 13.36 17.94
N GLU F 302 -26.94 13.04 18.99
CA GLU F 302 -27.38 13.28 20.36
C GLU F 302 -26.25 14.02 21.09
N VAL F 303 -26.44 14.21 22.39
CA VAL F 303 -25.46 14.96 23.19
C VAL F 303 -24.13 14.22 23.22
N ALA F 304 -24.17 12.92 23.47
CA ALA F 304 -22.95 12.13 23.55
C ALA F 304 -22.31 12.00 22.17
N PRO F 305 -20.99 11.83 22.13
CA PRO F 305 -20.32 11.66 20.83
C PRO F 305 -20.84 10.44 20.08
N ASN F 306 -20.98 10.60 18.76
CA ASN F 306 -21.40 9.57 17.82
C ASN F 306 -22.57 8.72 18.33
N GLN F 307 -23.48 9.34 19.08
CA GLN F 307 -24.69 8.66 19.54
C GLN F 307 -25.83 9.13 18.67
N TYR F 308 -26.37 8.22 17.85
CA TYR F 308 -27.38 8.55 16.86
C TYR F 308 -28.72 7.96 17.27
N GLU F 309 -29.74 8.80 17.27
CA GLU F 309 -31.10 8.40 17.62
C GLU F 309 -31.92 8.26 16.35
N PHE F 310 -32.59 7.12 16.21
CA PHE F 310 -33.54 6.86 15.14
C PHE F 310 -34.91 6.74 15.79
N ALA F 311 -35.87 7.52 15.30
CA ALA F 311 -37.19 7.63 15.95
C ALA F 311 -38.29 7.31 14.95
N PRO F 312 -38.49 6.02 14.64
CA PRO F 312 -39.68 5.64 13.86
C PRO F 312 -40.94 5.96 14.63
N MET F 313 -41.98 6.36 13.89
CA MET F 313 -43.18 6.87 14.52
C MET F 313 -44.07 5.73 14.99
N PHE F 314 -45.30 6.08 15.35
CA PHE F 314 -46.18 5.16 16.05
C PHE F 314 -46.72 4.08 15.13
N GLY F 315 -47.00 2.92 15.72
CA GLY F 315 -47.61 1.81 15.04
C GLY F 315 -47.97 0.78 16.08
N ASN F 316 -48.61 -0.29 15.62
CA ASN F 316 -48.98 -1.37 16.53
C ASN F 316 -47.73 -1.93 17.19
N ALA F 317 -47.80 -2.08 18.52
CA ALA F 317 -46.63 -2.54 19.27
C ALA F 317 -46.16 -3.91 18.76
N ILE F 318 -47.11 -4.75 18.34
CA ILE F 318 -46.75 -6.06 17.81
C ILE F 318 -45.79 -5.93 16.64
N SER F 319 -46.10 -5.05 15.71
CA SER F 319 -45.20 -4.82 14.57
C SER F 319 -43.99 -4.01 14.99
N GLN F 320 -44.18 -3.04 15.90
CA GLN F 320 -43.12 -2.08 16.20
C GLN F 320 -41.96 -2.72 16.94
N VAL F 321 -42.23 -3.73 17.79
CA VAL F 321 -41.11 -4.39 18.46
C VAL F 321 -40.23 -5.12 17.45
N ASP F 322 -40.84 -5.81 16.48
CA ASP F 322 -40.06 -6.45 15.43
C ASP F 322 -39.34 -5.42 14.59
N GLN F 323 -39.99 -4.29 14.33
CA GLN F 323 -39.35 -3.21 13.58
C GLN F 323 -38.10 -2.74 14.30
N ASN F 324 -38.19 -2.56 15.63
CA ASN F 324 -37.03 -2.13 16.40
C ASN F 324 -35.94 -3.18 16.38
N LEU F 325 -36.30 -4.46 16.53
CA LEU F 325 -35.29 -5.52 16.54
C LEU F 325 -34.55 -5.58 15.21
N MET F 326 -35.30 -5.54 14.11
CA MET F 326 -34.66 -5.63 12.80
C MET F 326 -33.91 -4.35 12.46
N ILE F 327 -34.33 -3.20 13.00
CA ILE F 327 -33.56 -1.98 12.85
C ILE F 327 -32.23 -2.10 13.56
N MET F 328 -32.25 -2.64 14.79
CA MET F 328 -31.01 -2.92 15.50
C MET F 328 -30.10 -3.81 14.66
N GLN F 329 -30.66 -4.88 14.11
CA GLN F 329 -29.85 -5.80 13.30
C GLN F 329 -29.25 -5.07 12.10
N VAL F 330 -30.10 -4.48 11.25
CA VAL F 330 -29.63 -3.87 10.01
C VAL F 330 -28.61 -2.78 10.31
N ILE F 331 -28.78 -2.05 11.42
CA ILE F 331 -27.78 -1.08 11.82
C ILE F 331 -26.47 -1.78 12.14
N GLU F 332 -26.54 -2.93 12.82
CA GLU F 332 -25.32 -3.66 13.14
C GLU F 332 -24.55 -4.06 11.87
N GLU F 333 -25.23 -4.71 10.93
CA GLU F 333 -24.49 -5.12 9.72
C GLU F 333 -24.14 -3.95 8.82
N VAL F 334 -24.88 -2.83 8.88
CA VAL F 334 -24.48 -1.68 8.08
C VAL F 334 -23.21 -1.05 8.66
N ALA F 335 -23.17 -0.90 9.97
CA ALA F 335 -21.95 -0.38 10.61
C ALA F 335 -20.77 -1.30 10.35
N SER F 336 -21.00 -2.62 10.40
CA SER F 336 -19.94 -3.56 10.04
C SER F 336 -19.50 -3.35 8.60
N GLU F 337 -20.45 -3.11 7.69
CA GLU F 337 -20.11 -2.84 6.30
C GLU F 337 -19.28 -1.56 6.16
N HIS F 338 -19.62 -0.53 6.94
CA HIS F 338 -18.94 0.74 6.85
C HIS F 338 -17.61 0.76 7.59
N GLY F 339 -17.17 -0.36 8.13
CA GLY F 339 -15.98 -0.36 8.96
C GLY F 339 -16.19 0.25 10.32
N LEU F 340 -17.42 0.24 10.82
CA LEU F 340 -17.73 0.69 12.17
C LEU F 340 -18.42 -0.44 12.93
N ALA F 341 -18.89 -0.12 14.12
CA ALA F 341 -19.59 -1.06 14.97
C ALA F 341 -20.67 -0.32 15.73
N ALA F 342 -21.85 -0.95 15.83
CA ALA F 342 -23.02 -0.34 16.42
C ALA F 342 -23.20 -0.89 17.83
N LEU F 343 -22.68 -0.17 18.82
CA LEU F 343 -22.91 -0.52 20.21
C LEU F 343 -24.34 -0.19 20.57
N LEU F 344 -25.13 -1.23 20.85
CA LEU F 344 -26.53 -1.09 21.23
C LEU F 344 -26.74 -1.14 22.73
N GLN F 345 -25.67 -1.30 23.50
CA GLN F 345 -25.79 -1.41 24.95
C GLN F 345 -26.31 -0.11 25.55
N GLU F 346 -26.94 -0.24 26.72
CA GLU F 346 -27.57 0.92 27.35
C GLU F 346 -26.53 1.99 27.71
N LYS F 347 -25.42 1.57 28.30
CA LYS F 347 -24.35 2.49 28.69
C LYS F 347 -23.02 1.92 28.19
N PRO F 348 -22.78 1.99 26.89
CA PRO F 348 -21.52 1.45 26.35
C PRO F 348 -20.29 2.18 26.84
N PHE F 349 -20.44 3.40 27.36
CA PHE F 349 -19.31 4.17 27.83
C PHE F 349 -19.69 4.82 29.16
N ALA F 350 -18.97 4.49 30.21
CA ALA F 350 -19.17 5.16 31.49
C ALA F 350 -18.66 6.59 31.40
N GLY F 351 -19.45 7.52 31.94
CA GLY F 351 -19.10 8.93 31.94
C GLY F 351 -19.80 9.75 30.89
N VAL F 352 -20.45 9.13 29.91
CA VAL F 352 -21.20 9.86 28.90
C VAL F 352 -22.68 9.54 29.06
N ASN F 353 -23.51 10.17 28.24
CA ASN F 353 -24.94 9.92 28.31
C ASN F 353 -25.25 8.48 27.91
N GLY F 354 -26.13 7.85 28.68
CA GLY F 354 -26.53 6.49 28.35
C GLY F 354 -27.37 6.43 27.10
N SER F 355 -27.21 5.33 26.36
CA SER F 355 -27.96 5.11 25.12
C SER F 355 -29.32 4.53 25.47
N GLY F 356 -30.22 5.41 25.91
CA GLY F 356 -31.57 4.99 26.20
C GLY F 356 -32.41 4.80 24.95
N LYS F 357 -33.49 4.03 25.10
CA LYS F 357 -34.44 3.78 24.02
C LYS F 357 -35.82 4.11 24.53
N HIS F 358 -36.22 5.38 24.39
CA HIS F 358 -37.52 5.81 24.89
C HIS F 358 -38.63 5.09 24.15
N ASN F 359 -39.64 4.66 24.89
CA ASN F 359 -40.83 4.03 24.34
C ASN F 359 -41.98 5.02 24.50
N ASN F 360 -42.33 5.70 23.41
CA ASN F 360 -43.52 6.53 23.38
C ASN F 360 -44.71 5.58 23.25
N TRP F 361 -45.35 5.28 24.37
CA TRP F 361 -46.41 4.29 24.47
C TRP F 361 -47.75 4.98 24.63
N SER F 362 -48.76 4.50 23.90
CA SER F 362 -50.09 5.08 23.96
C SER F 362 -51.11 4.03 23.55
N ILE F 363 -52.37 4.30 23.88
CA ILE F 363 -53.47 3.42 23.50
C ILE F 363 -54.05 3.94 22.19
N GLY F 364 -54.05 3.10 21.16
CA GLY F 364 -54.53 3.50 19.85
C GLY F 364 -55.44 2.46 19.25
N THR F 365 -56.55 2.91 18.69
CA THR F 365 -57.47 2.03 18.00
C THR F 365 -57.06 1.87 16.54
N SER F 366 -57.73 0.95 15.86
CA SER F 366 -57.42 0.73 14.44
C SER F 366 -57.78 1.94 13.60
N ASP F 367 -58.89 2.59 13.90
CA ASP F 367 -59.34 3.74 13.12
C ASP F 367 -58.61 5.03 13.48
N GLY F 368 -57.61 4.97 14.36
CA GLY F 368 -56.78 6.11 14.66
C GLY F 368 -57.09 6.84 15.94
N LEU F 369 -58.08 6.39 16.71
CA LEU F 369 -58.39 7.04 17.97
C LEU F 369 -57.28 6.80 18.99
N ASN F 370 -56.80 7.88 19.59
CA ASN F 370 -55.75 7.82 20.59
C ASN F 370 -56.34 8.22 21.94
N LEU F 371 -56.13 7.38 22.95
CA LEU F 371 -56.70 7.62 24.27
C LEU F 371 -55.97 8.71 25.04
N MET F 372 -54.76 9.09 24.63
CA MET F 372 -54.06 10.20 25.27
C MET F 372 -54.39 11.54 24.64
N ASN F 373 -55.25 11.58 23.63
CA ASN F 373 -55.67 12.83 23.00
C ASN F 373 -57.08 13.14 23.48
N PRO F 374 -57.26 13.97 24.51
CA PRO F 374 -58.62 14.27 24.97
C PRO F 374 -59.49 14.91 23.91
N LYS F 375 -58.93 15.79 23.09
CA LYS F 375 -59.72 16.45 22.05
C LYS F 375 -60.22 15.45 21.02
N GLN F 376 -59.34 14.52 20.60
CA GLN F 376 -59.76 13.51 19.64
C GLN F 376 -60.82 12.59 20.24
N VAL F 377 -60.66 12.24 21.52
CA VAL F 377 -61.65 11.40 22.18
C VAL F 377 -63.00 12.09 22.24
N ASN F 378 -63.01 13.38 22.59
CA ASN F 378 -64.27 14.12 22.63
C ASN F 378 -64.89 14.21 21.24
N ALA F 379 -64.07 14.44 20.22
CA ALA F 379 -64.60 14.55 18.86
C ALA F 379 -65.22 13.23 18.39
N LYS F 380 -64.52 12.12 18.64
CA LYS F 380 -64.97 10.83 18.12
C LYS F 380 -66.11 10.24 18.94
N THR F 381 -66.13 10.46 20.25
CA THR F 381 -67.10 9.83 21.13
C THR F 381 -68.14 10.80 21.68
N GLY F 382 -67.78 12.04 21.96
CA GLY F 382 -68.68 13.00 22.54
C GLY F 382 -68.78 12.95 24.05
N ASN F 383 -68.05 12.05 24.71
CA ASN F 383 -68.06 11.96 26.16
C ASN F 383 -66.73 12.41 26.72
N PRO F 384 -66.64 13.58 27.35
CA PRO F 384 -65.35 14.05 27.87
C PRO F 384 -64.76 13.20 28.98
N GLU F 385 -65.59 12.36 29.62
CA GLU F 385 -65.16 11.61 30.80
C GLU F 385 -64.14 10.51 30.47
N ILE F 386 -63.99 10.13 29.20
CA ILE F 386 -63.14 9.00 28.86
C ILE F 386 -61.68 9.30 29.21
N PHE F 387 -61.18 10.47 28.80
CA PHE F 387 -59.76 10.77 28.95
C PHE F 387 -59.29 10.78 30.40
N PRO F 388 -59.98 11.41 31.35
CA PRO F 388 -59.47 11.39 32.74
C PRO F 388 -59.43 9.99 33.34
N LEU F 389 -60.54 9.26 33.27
CA LEU F 389 -60.63 7.93 33.88
C LEU F 389 -59.46 7.06 33.48
N VAL F 390 -59.29 6.84 32.18
CA VAL F 390 -58.20 5.98 31.71
C VAL F 390 -56.87 6.52 32.22
N MET F 391 -56.68 7.84 32.18
CA MET F 391 -55.48 8.43 32.74
C MET F 391 -55.31 8.03 34.19
N ALA F 392 -56.35 8.25 35.00
CA ALA F 392 -56.31 7.78 36.38
C ALA F 392 -56.04 6.29 36.41
N ALA F 393 -56.74 5.53 35.56
CA ALA F 393 -56.47 4.11 35.44
C ALA F 393 -54.99 3.86 35.19
N MET F 394 -54.45 4.53 34.18
CA MET F 394 -53.02 4.39 33.90
C MET F 394 -52.20 4.77 35.12
N VAL F 395 -52.56 5.89 35.76
CA VAL F 395 -51.88 6.28 36.98
C VAL F 395 -51.95 5.16 37.99
N SER F 396 -53.15 4.63 38.20
CA SER F 396 -53.32 3.50 39.12
C SER F 396 -52.37 2.37 38.74
N ALA F 397 -52.32 2.06 37.44
CA ALA F 397 -51.44 1.00 36.96
C ALA F 397 -50.02 1.21 37.46
N VAL F 398 -49.49 2.41 37.27
CA VAL F 398 -48.14 2.69 37.74
C VAL F 398 -48.08 2.51 39.25
N ASP F 399 -49.02 3.14 39.97
CA ASP F 399 -49.03 3.03 41.41
C ASP F 399 -49.29 1.61 41.87
N LYS F 400 -49.81 0.76 40.98
CA LYS F 400 -49.97 -0.64 41.31
C LYS F 400 -48.78 -1.48 40.88
N HIS F 401 -48.11 -1.11 39.79
CA HIS F 401 -47.12 -2.02 39.22
C HIS F 401 -45.89 -1.28 38.70
N GLY F 402 -45.52 -0.17 39.35
CA GLY F 402 -44.31 0.51 38.95
C GLY F 402 -43.09 -0.39 39.03
N ASP F 403 -43.03 -1.24 40.06
CA ASP F 403 -41.97 -2.24 40.15
C ASP F 403 -41.91 -3.08 38.89
N LEU F 404 -43.05 -3.51 38.38
CA LEU F 404 -43.07 -4.28 37.14
C LEU F 404 -42.43 -3.50 36.01
N MET F 405 -42.74 -2.20 35.90
CA MET F 405 -42.04 -1.39 34.91
C MET F 405 -40.55 -1.36 35.19
N ARG F 406 -40.17 -1.19 36.47
CA ARG F 406 -38.77 -1.31 36.83
C ARG F 406 -38.25 -2.71 36.53
N ALA F 407 -39.12 -3.71 36.65
CA ALA F 407 -38.75 -5.06 36.22
C ALA F 407 -38.54 -5.12 34.71
N ALA F 408 -39.39 -4.42 33.95
CA ALA F 408 -39.32 -4.50 32.50
C ALA F 408 -38.00 -3.97 31.98
N ILE F 409 -37.55 -2.83 32.52
CA ILE F 409 -36.30 -2.23 32.07
C ILE F 409 -35.08 -2.89 32.66
N ALA F 410 -35.25 -3.80 33.61
CA ALA F 410 -34.12 -4.41 34.30
C ALA F 410 -33.37 -5.31 33.33
N SER F 411 -32.30 -4.78 32.76
CA SER F 411 -31.47 -5.48 31.81
C SER F 411 -30.02 -5.24 32.19
N PRO F 412 -29.10 -6.08 31.72
CA PRO F 412 -27.69 -5.92 32.14
C PRO F 412 -27.12 -4.52 31.93
N GLY F 413 -27.22 -3.98 30.72
CA GLY F 413 -26.69 -2.64 30.49
C GLY F 413 -27.45 -1.56 31.23
N ASN F 414 -28.76 -1.71 31.34
CA ASN F 414 -29.61 -0.65 31.86
C ASN F 414 -29.31 -0.31 33.32
N ASP F 415 -28.63 -1.21 34.04
CA ASP F 415 -28.26 -0.89 35.42
C ASP F 415 -27.19 0.18 35.51
N PHE F 416 -26.54 0.52 34.40
CA PHE F 416 -25.63 1.66 34.37
C PHE F 416 -26.29 2.93 33.88
N ARG F 417 -27.59 2.91 33.61
CA ARG F 417 -28.29 4.10 33.14
C ARG F 417 -29.25 4.69 34.17
N LEU F 418 -29.85 3.86 35.01
CA LEU F 418 -30.75 4.36 36.04
C LEU F 418 -29.96 5.10 37.12
N GLY F 419 -30.45 6.27 37.52
CA GLY F 419 -29.82 7.07 38.54
C GLY F 419 -28.80 8.07 38.06
N ALA F 420 -28.45 8.04 36.78
CA ALA F 420 -27.47 8.97 36.23
C ALA F 420 -28.16 10.28 35.85
N MET F 421 -27.40 11.20 35.26
CA MET F 421 -27.98 12.48 34.85
C MET F 421 -28.82 12.35 33.58
N GLU F 422 -28.39 11.50 32.65
CA GLU F 422 -29.11 11.37 31.39
C GLU F 422 -30.48 10.71 31.58
N ALA F 423 -30.53 9.63 32.35
CA ALA F 423 -31.77 8.90 32.52
C ALA F 423 -32.37 9.15 33.89
N PRO F 424 -33.69 9.03 34.03
CA PRO F 424 -34.31 9.25 35.33
C PRO F 424 -33.86 8.22 36.33
N PRO F 425 -33.87 8.54 37.63
CA PRO F 425 -33.46 7.57 38.64
C PRO F 425 -34.43 6.40 38.77
N ALA F 426 -34.14 5.48 39.68
CA ALA F 426 -34.90 4.24 39.84
C ALA F 426 -36.29 4.44 40.43
N VAL F 427 -36.81 5.65 40.59
CA VAL F 427 -38.17 5.86 41.09
C VAL F 427 -39.12 5.80 39.91
N MET F 428 -39.95 4.76 39.84
CA MET F 428 -40.98 4.63 38.81
C MET F 428 -42.19 5.46 39.21
N SER F 429 -42.09 6.77 39.00
CA SER F 429 -43.15 7.71 39.27
C SER F 429 -43.55 8.40 37.97
N THR F 430 -44.86 8.38 37.68
CA THR F 430 -45.35 8.99 36.46
C THR F 430 -45.32 10.51 36.55
N TYR F 431 -45.38 11.15 35.39
CA TYR F 431 -45.43 12.61 35.29
C TYR F 431 -46.54 12.99 34.33
N LEU F 432 -47.65 13.48 34.88
CA LEU F 432 -48.77 13.91 34.05
C LEU F 432 -48.66 15.37 33.63
N GLY F 433 -47.69 16.11 34.14
CA GLY F 433 -47.59 17.52 33.88
C GLY F 433 -48.39 18.32 34.88
N PRO F 434 -47.99 19.57 35.12
CA PRO F 434 -48.65 20.37 36.16
C PRO F 434 -50.14 20.54 35.94
N SER F 435 -50.51 21.11 34.78
CA SER F 435 -51.92 21.44 34.54
C SER F 435 -52.79 20.20 34.59
N LEU F 436 -52.34 19.11 33.97
CA LEU F 436 -53.07 17.86 34.09
C LEU F 436 -53.09 17.36 35.52
N THR F 437 -52.05 17.65 36.29
CA THR F 437 -52.03 17.22 37.69
C THR F 437 -53.14 17.91 38.48
N GLU F 438 -53.27 19.23 38.37
CA GLU F 438 -54.36 19.84 39.11
C GLU F 438 -55.72 19.54 38.50
N PHE F 439 -55.78 19.25 37.19
CA PHE F 439 -57.05 18.82 36.60
C PHE F 439 -57.51 17.51 37.23
N LEU F 440 -56.60 16.54 37.34
CA LEU F 440 -56.95 15.27 37.98
C LEU F 440 -57.21 15.45 39.46
N ASN F 441 -56.50 16.37 40.12
CA ASN F 441 -56.77 16.66 41.52
C ASN F 441 -58.17 17.22 41.71
N THR F 442 -58.59 18.14 40.84
CA THR F 442 -59.95 18.67 40.89
C THR F 442 -60.98 17.59 40.61
N VAL F 443 -60.68 16.69 39.67
CA VAL F 443 -61.58 15.57 39.42
C VAL F 443 -61.70 14.71 40.67
N LYS F 444 -60.58 14.44 41.34
CA LYS F 444 -60.59 13.70 42.59
C LYS F 444 -61.39 14.42 43.67
N ASN F 445 -61.36 15.75 43.68
CA ASN F 445 -62.15 16.51 44.63
C ASN F 445 -63.64 16.49 44.30
N GLY F 446 -64.02 16.03 43.11
CA GLY F 446 -65.42 15.97 42.74
C GLY F 446 -65.81 17.03 41.74
N SER F 447 -64.86 17.43 40.89
CA SER F 447 -65.09 18.47 39.89
C SER F 447 -64.39 18.06 38.60
N LEU F 448 -65.15 17.50 37.66
CA LEU F 448 -64.63 17.05 36.39
C LEU F 448 -65.01 18.04 35.30
N GLY F 449 -64.01 18.55 34.58
CA GLY F 449 -64.25 19.45 33.48
C GLY F 449 -63.77 18.89 32.15
N GLU F 450 -62.77 19.53 31.55
CA GLU F 450 -62.20 19.04 30.30
C GLU F 450 -60.76 19.53 30.24
N TYR F 451 -59.82 18.60 30.29
CA TYR F 451 -58.41 18.96 30.21
C TYR F 451 -58.08 19.51 28.83
N ALA F 452 -57.41 20.66 28.80
CA ALA F 452 -56.98 21.28 27.56
C ALA F 452 -55.78 22.16 27.87
N PRO F 453 -54.60 21.79 27.40
CA PRO F 453 -53.41 22.63 27.64
C PRO F 453 -53.37 23.83 26.71
N LYS F 454 -54.04 24.92 27.08
CA LYS F 454 -53.97 26.14 26.29
C LYS F 454 -52.53 26.60 26.13
N LYS F 455 -52.19 27.01 24.90
CA LYS F 455 -50.85 27.50 24.63
C LYS F 455 -50.74 28.97 25.02
N LYS F 456 -49.82 29.27 25.89
CA LYS F 456 -49.53 30.61 26.36
C LYS F 456 -48.59 31.32 25.38
N PRO F 457 -48.70 32.64 25.29
CA PRO F 457 -47.79 33.40 24.41
C PRO F 457 -46.37 33.40 24.95
N LEU F 458 -45.42 33.53 24.03
CA LEU F 458 -44.00 33.58 24.37
C LEU F 458 -43.34 34.58 23.43
N GLU F 459 -42.94 35.72 23.96
CA GLU F 459 -42.29 36.78 23.20
C GLU F 459 -40.85 36.93 23.68
N PHE F 460 -39.96 37.27 22.76
CA PHE F 460 -38.53 37.32 23.05
C PHE F 460 -38.04 38.74 23.33
N GLY F 461 -38.95 39.69 23.47
CA GLY F 461 -38.58 41.06 23.72
C GLY F 461 -38.15 41.85 22.51
N SER F 462 -38.21 41.27 21.31
CA SER F 462 -37.83 41.94 20.08
C SER F 462 -38.98 41.83 19.08
N ASP F 463 -39.32 42.95 18.45
CA ASP F 463 -40.37 42.93 17.44
C ASP F 463 -39.96 42.10 16.22
N THR F 464 -38.67 42.09 15.89
CA THR F 464 -38.19 41.27 14.78
C THR F 464 -38.41 39.79 15.06
N LEU F 465 -38.11 39.36 16.28
CA LEU F 465 -38.30 37.96 16.64
C LEU F 465 -39.78 37.65 16.79
N PRO F 466 -40.28 36.58 16.16
CA PRO F 466 -41.72 36.30 16.22
C PRO F 466 -42.16 35.91 17.60
N SER F 467 -43.42 36.24 17.91
CA SER F 467 -44.06 35.81 19.16
C SER F 467 -44.76 34.48 18.91
N ILE F 468 -44.38 33.46 19.68
CA ILE F 468 -44.86 32.12 19.44
C ILE F 468 -45.89 31.75 20.50
N GLU F 469 -46.54 30.61 20.30
CA GLU F 469 -47.46 30.04 21.29
C GLU F 469 -46.89 28.70 21.74
N VAL F 470 -46.70 28.54 23.04
CA VAL F 470 -46.09 27.31 23.57
C VAL F 470 -47.05 26.70 24.58
N PRO F 471 -47.16 25.37 24.64
CA PRO F 471 -48.07 24.75 25.60
C PRO F 471 -47.72 25.14 27.03
N ALA F 472 -48.75 25.36 27.84
CA ALA F 472 -48.54 25.70 29.24
C ALA F 472 -47.86 24.58 30.00
N GLU F 473 -47.87 23.37 29.47
CA GLU F 473 -47.20 22.23 30.09
C GLU F 473 -45.69 22.44 30.00
N ASP F 474 -45.07 22.82 31.11
CA ASP F 474 -43.61 22.87 31.19
C ASP F 474 -43.11 21.44 31.20
N ARG F 475 -42.68 20.95 30.05
CA ARG F 475 -42.35 19.54 29.90
C ARG F 475 -41.16 19.16 30.77
N ASN F 476 -41.15 17.91 31.21
CA ASN F 476 -40.13 17.38 32.10
C ASN F 476 -39.39 16.24 31.43
N ARG F 477 -38.08 16.17 31.69
CA ARG F 477 -37.25 15.10 31.17
C ARG F 477 -36.68 14.21 32.27
N THR F 478 -36.99 14.48 33.53
CA THR F 478 -36.45 13.73 34.65
C THR F 478 -37.36 12.60 35.12
N SER F 479 -38.47 12.37 34.44
CA SER F 479 -39.40 11.35 34.89
C SER F 479 -39.25 10.08 34.06
N PRO F 480 -39.44 8.91 34.68
CA PRO F 480 -39.37 7.66 33.92
C PRO F 480 -40.59 7.44 33.06
N PHE F 481 -41.74 7.94 33.51
CA PHE F 481 -43.01 7.77 32.80
C PHE F 481 -43.70 9.11 32.66
N PRO F 482 -43.12 10.03 31.89
CA PRO F 482 -43.79 11.32 31.66
C PRO F 482 -44.86 11.21 30.58
N TYR F 483 -45.89 12.04 30.74
CA TYR F 483 -46.93 12.17 29.73
C TYR F 483 -46.53 13.29 28.79
N GLY F 484 -45.91 12.94 27.66
CA GLY F 484 -45.43 13.92 26.71
C GLY F 484 -46.53 14.57 25.89
N GLY F 485 -47.50 15.17 26.56
CA GLY F 485 -48.58 15.86 25.85
C GLY F 485 -49.64 14.99 25.20
N ASN F 486 -49.22 13.96 24.46
CA ASN F 486 -50.18 13.08 23.79
C ASN F 486 -49.77 11.62 23.84
N ARG F 487 -48.86 11.25 24.75
CA ARG F 487 -48.32 9.89 24.82
C ARG F 487 -47.52 9.80 26.12
N PHE F 488 -47.20 8.56 26.50
CA PHE F 488 -46.35 8.30 27.65
C PHE F 488 -44.96 7.97 27.14
N GLU F 489 -44.03 8.94 27.25
CA GLU F 489 -42.68 8.73 26.75
C GLU F 489 -41.87 8.03 27.85
N PHE F 490 -42.12 6.74 27.99
CA PHE F 490 -41.44 5.94 29.00
C PHE F 490 -39.97 5.85 28.62
N ARG F 491 -39.14 6.68 29.24
CA ARG F 491 -37.74 6.83 28.85
C ARG F 491 -36.83 5.84 29.57
N ALA F 492 -37.36 5.04 30.49
CA ALA F 492 -36.52 4.13 31.25
C ALA F 492 -36.08 2.92 30.43
N ALA F 493 -36.76 2.62 29.33
CA ALA F 493 -36.40 1.47 28.51
C ALA F 493 -35.02 1.66 27.90
N GLY F 494 -34.27 0.56 27.82
CA GLY F 494 -32.91 0.59 27.34
C GLY F 494 -32.78 0.18 25.89
N SER F 495 -31.67 0.59 25.27
CA SER F 495 -31.46 0.34 23.85
C SER F 495 -31.27 -1.14 23.57
N SER F 496 -30.35 -1.79 24.29
CA SER F 496 -30.06 -3.19 24.02
C SER F 496 -31.26 -4.07 24.33
N GLN F 497 -31.92 -3.81 25.45
CA GLN F 497 -33.09 -4.60 25.82
C GLN F 497 -34.24 -4.31 24.85
N ASN F 498 -34.83 -5.37 24.32
CA ASN F 498 -36.01 -5.21 23.49
C ASN F 498 -37.21 -4.81 24.34
N VAL F 499 -37.99 -3.85 23.83
CA VAL F 499 -39.06 -3.24 24.61
C VAL F 499 -40.24 -4.17 24.71
N SER F 500 -40.14 -5.35 24.11
CA SER F 500 -41.24 -6.30 24.10
C SER F 500 -41.77 -6.54 25.50
N LEU F 501 -40.88 -6.78 26.46
CA LEU F 501 -41.29 -6.95 27.84
C LEU F 501 -41.94 -5.69 28.39
N VAL F 502 -41.39 -4.52 28.03
CA VAL F 502 -41.96 -3.25 28.48
C VAL F 502 -43.39 -3.10 27.97
N ASN F 503 -43.62 -3.42 26.70
CA ASN F 503 -44.98 -3.35 26.18
C ASN F 503 -45.88 -4.40 26.82
N THR F 504 -45.36 -5.59 27.11
CA THR F 504 -46.18 -6.58 27.79
C THR F 504 -46.67 -6.04 29.13
N VAL F 505 -45.75 -5.50 29.94
CA VAL F 505 -46.15 -5.06 31.27
C VAL F 505 -47.07 -3.84 31.18
N LEU F 506 -46.77 -2.90 30.28
CA LEU F 506 -47.64 -1.74 30.13
C LEU F 506 -49.04 -2.14 29.70
N ASN F 507 -49.13 -3.04 28.71
CA ASN F 507 -50.43 -3.47 28.22
C ASN F 507 -51.19 -4.22 29.31
N THR F 508 -50.51 -5.07 30.07
CA THR F 508 -51.23 -5.86 31.08
C THR F 508 -51.69 -4.99 32.24
N ILE F 509 -50.90 -3.99 32.64
CA ILE F 509 -51.35 -3.12 33.71
C ILE F 509 -52.49 -2.23 33.24
N ALA F 510 -52.42 -1.75 31.99
CA ALA F 510 -53.54 -1.00 31.44
C ALA F 510 -54.79 -1.87 31.35
N ALA F 511 -54.62 -3.14 30.98
CA ALA F 511 -55.75 -4.04 30.90
C ALA F 511 -56.36 -4.30 32.27
N GLU F 512 -55.51 -4.44 33.30
CA GLU F 512 -56.02 -4.61 34.65
C GLU F 512 -56.83 -3.40 35.09
N ALA F 513 -56.28 -2.20 34.86
CA ALA F 513 -56.99 -0.99 35.25
C ALA F 513 -58.31 -0.86 34.50
N PHE F 514 -58.31 -1.17 33.20
CA PHE F 514 -59.52 -1.09 32.41
C PHE F 514 -60.54 -2.13 32.85
N LYS F 515 -60.06 -3.34 33.22
CA LYS F 515 -60.98 -4.34 33.75
C LYS F 515 -61.61 -3.87 35.05
N ILE F 516 -60.82 -3.24 35.92
CA ILE F 516 -61.35 -2.75 37.18
C ILE F 516 -62.42 -1.70 36.94
N VAL F 517 -62.12 -0.73 36.07
CA VAL F 517 -63.08 0.34 35.82
C VAL F 517 -64.31 -0.21 35.11
N ALA F 518 -64.13 -1.19 34.21
CA ALA F 518 -65.27 -1.77 33.51
C ALA F 518 -66.16 -2.56 34.47
N ASP F 519 -65.55 -3.30 35.40
CA ASP F 519 -66.33 -4.02 36.40
C ASP F 519 -67.10 -3.05 37.29
N ARG F 520 -66.46 -1.94 37.67
CA ARG F 520 -67.16 -0.94 38.46
C ARG F 520 -68.32 -0.33 37.69
N LEU F 521 -68.12 -0.06 36.40
CA LEU F 521 -69.20 0.46 35.56
C LEU F 521 -70.35 -0.55 35.45
N GLU F 522 -70.01 -1.83 35.24
CA GLU F 522 -71.04 -2.86 35.12
C GLU F 522 -71.79 -3.06 36.43
N ALA F 523 -71.13 -2.80 37.56
CA ALA F 523 -71.80 -2.84 38.85
C ALA F 523 -72.78 -1.69 39.03
N GLY F 524 -72.76 -0.70 38.14
CA GLY F 524 -73.64 0.45 38.24
C GLY F 524 -73.00 1.69 38.81
N GLU F 525 -71.74 1.61 39.22
CA GLU F 525 -71.06 2.78 39.78
C GLU F 525 -70.87 3.84 38.72
N LYS F 526 -71.09 5.09 39.12
CA LYS F 526 -70.88 6.21 38.21
C LYS F 526 -69.40 6.32 37.87
N PRO F 527 -69.06 6.63 36.61
CA PRO F 527 -67.64 6.80 36.27
C PRO F 527 -66.96 7.87 37.09
N LEU F 528 -67.71 8.90 37.51
CA LEU F 528 -67.16 9.90 38.40
C LEU F 528 -66.58 9.25 39.66
N ALA F 529 -67.43 8.54 40.42
CA ALA F 529 -67.01 7.99 41.71
C ALA F 529 -65.80 7.08 41.55
N ILE F 530 -65.75 6.32 40.45
CA ILE F 530 -64.58 5.52 40.15
C ILE F 530 -63.36 6.43 39.98
N ALA F 531 -63.54 7.56 39.28
CA ALA F 531 -62.43 8.48 39.08
C ALA F 531 -61.89 9.01 40.42
N GLN F 532 -62.79 9.51 41.29
CA GLN F 532 -62.30 10.02 42.57
C GLN F 532 -61.66 8.92 43.40
N ASP F 533 -62.28 7.74 43.44
CA ASP F 533 -61.74 6.65 44.26
C ASP F 533 -60.33 6.27 43.79
N LEU F 534 -60.18 6.04 42.49
CA LEU F 534 -58.88 5.65 41.96
C LEU F 534 -57.85 6.75 42.15
N LEU F 535 -58.26 8.01 41.97
CA LEU F 535 -57.33 9.11 42.12
C LEU F 535 -56.85 9.24 43.57
N LYS F 536 -57.77 9.21 44.54
CA LYS F 536 -57.32 9.29 45.92
C LYS F 536 -56.54 8.05 46.34
N THR F 537 -56.75 6.92 45.65
CA THR F 537 -55.97 5.74 45.96
C THR F 537 -54.54 5.82 45.40
N HIS F 538 -54.37 6.41 44.21
CA HIS F 538 -53.10 6.27 43.50
C HIS F 538 -52.48 7.60 43.10
N ASP F 539 -52.85 8.71 43.73
CA ASP F 539 -52.24 9.99 43.40
C ASP F 539 -50.82 10.14 43.93
N LYS F 540 -50.37 9.22 44.80
CA LYS F 540 -49.03 9.35 45.36
C LYS F 540 -47.95 9.22 44.30
N CYS F 541 -48.15 8.33 43.33
CA CYS F 541 -47.13 8.08 42.32
C CYS F 541 -46.96 9.26 41.36
N ILE F 542 -47.91 10.19 41.32
CA ILE F 542 -47.79 11.33 40.42
C ILE F 542 -46.72 12.28 40.94
N PHE F 543 -45.79 12.65 40.07
CA PHE F 543 -44.70 13.54 40.42
C PHE F 543 -44.45 14.52 39.28
N ASN F 544 -44.26 15.79 39.62
CA ASN F 544 -44.05 16.84 38.64
C ASN F 544 -42.73 17.58 38.79
N GLY F 545 -42.06 17.45 39.94
CA GLY F 545 -40.84 18.20 40.18
C GLY F 545 -39.64 17.58 39.49
N ASN F 546 -38.47 18.09 39.86
CA ASN F 546 -37.22 17.61 39.29
C ASN F 546 -36.90 16.22 39.84
N GLY F 547 -36.94 15.22 38.95
CA GLY F 547 -36.65 13.86 39.37
C GLY F 547 -35.17 13.58 39.60
N TYR F 548 -34.30 14.45 39.10
CA TYR F 548 -32.87 14.27 39.30
C TYR F 548 -32.38 14.77 40.65
N ASP F 549 -33.27 15.33 41.46
CA ASP F 549 -32.89 15.77 42.80
C ASP F 549 -32.46 14.57 43.64
N PRO F 550 -31.29 14.63 44.29
CA PRO F 550 -30.91 13.53 45.18
C PRO F 550 -31.87 13.32 46.33
N ALA F 551 -32.64 14.36 46.70
CA ALA F 551 -33.64 14.24 47.74
C ALA F 551 -34.97 13.70 47.22
N TRP F 552 -35.04 13.29 45.95
CA TRP F 552 -36.29 12.74 45.43
C TRP F 552 -36.53 11.28 45.80
N PRO F 553 -35.55 10.36 45.73
CA PRO F 553 -35.86 8.95 46.01
C PRO F 553 -36.45 8.71 47.40
N ASP F 554 -35.90 9.35 48.44
CA ASP F 554 -36.44 9.13 49.78
C ASP F 554 -37.82 9.74 49.94
N GLU F 555 -38.05 10.90 49.32
CA GLU F 555 -39.37 11.50 49.34
C GLU F 555 -40.40 10.60 48.65
N ALA F 556 -40.01 10.00 47.52
CA ALA F 556 -40.90 9.06 46.84
C ALA F 556 -41.16 7.82 47.70
N VAL F 557 -40.12 7.33 48.38
CA VAL F 557 -40.29 6.18 49.26
C VAL F 557 -41.28 6.51 50.37
N LYS F 558 -41.16 7.70 50.95
CA LYS F 558 -42.13 8.15 51.94
C LYS F 558 -43.53 8.23 51.34
N ARG F 559 -43.64 8.72 50.10
CA ARG F 559 -44.93 8.78 49.44
C ARG F 559 -45.49 7.39 49.16
N GLY F 560 -44.62 6.39 49.04
CA GLY F 560 -45.04 5.04 48.72
C GLY F 560 -44.91 4.65 47.27
N ILE F 561 -44.26 5.49 46.44
CA ILE F 561 -44.08 5.16 45.04
C ILE F 561 -43.09 4.01 44.89
N TRP F 562 -43.30 3.18 43.88
CA TRP F 562 -42.39 2.07 43.61
C TRP F 562 -41.01 2.59 43.25
N ARG F 563 -39.98 2.00 43.86
CA ARG F 563 -38.61 2.38 43.59
C ARG F 563 -37.71 1.20 43.90
N ILE F 564 -37.10 0.62 42.87
CA ILE F 564 -36.18 -0.51 43.04
C ILE F 564 -34.85 -0.08 42.42
N ASP F 565 -33.89 0.26 43.28
CA ASP F 565 -32.58 0.65 42.80
C ASP F 565 -31.82 -0.52 42.20
N ALA F 566 -32.23 -1.75 42.48
CA ALA F 566 -31.55 -2.95 42.03
C ALA F 566 -32.33 -3.60 40.91
N GLY F 567 -31.66 -3.82 39.77
CA GLY F 567 -32.29 -4.55 38.69
C GLY F 567 -32.58 -6.00 39.07
N CYS F 568 -31.71 -6.59 39.89
CA CYS F 568 -31.93 -7.96 40.36
C CYS F 568 -33.21 -8.05 41.17
N ASP F 569 -33.39 -7.15 42.14
CA ASP F 569 -34.62 -7.13 42.90
C ASP F 569 -35.81 -6.76 42.03
N ALA F 570 -35.62 -5.90 41.03
CA ALA F 570 -36.70 -5.57 40.11
C ALA F 570 -37.19 -6.82 39.39
N ILE F 571 -36.26 -7.63 38.87
CA ILE F 571 -36.66 -8.87 38.20
C ILE F 571 -37.30 -9.83 39.20
N ASN F 572 -36.72 -9.95 40.40
CA ASN F 572 -37.27 -10.85 41.39
C ASN F 572 -38.68 -10.45 41.80
N GLU F 573 -39.04 -9.17 41.63
CA GLU F 573 -40.41 -8.75 41.91
C GLU F 573 -41.41 -9.30 40.90
N LEU F 574 -40.95 -9.90 39.80
CA LEU F 574 -41.86 -10.38 38.77
C LEU F 574 -42.79 -11.48 39.30
N ASP F 575 -42.25 -12.40 40.10
CA ASP F 575 -43.04 -13.51 40.60
C ASP F 575 -43.74 -13.19 41.91
N SER F 576 -43.91 -11.92 42.24
CA SER F 576 -44.63 -11.54 43.44
C SER F 576 -46.10 -11.93 43.31
N ALA F 577 -46.75 -12.08 44.48
CA ALA F 577 -48.13 -12.56 44.49
C ALA F 577 -49.05 -11.63 43.70
N LYS F 578 -48.91 -10.32 43.90
CA LYS F 578 -49.72 -9.38 43.14
C LYS F 578 -49.42 -9.46 41.65
N ASN F 579 -48.13 -9.52 41.29
CA ASN F 579 -47.76 -9.60 39.88
C ASN F 579 -48.25 -10.90 39.24
N VAL F 580 -48.13 -12.01 39.96
CA VAL F 580 -48.60 -13.29 39.43
C VAL F 580 -50.11 -13.26 39.24
N THR F 581 -50.84 -12.76 40.24
CA THR F 581 -52.29 -12.67 40.12
C THR F 581 -52.67 -11.77 38.95
N LEU F 582 -51.90 -10.71 38.73
CA LEU F 582 -52.08 -9.90 37.53
C LEU F 582 -51.90 -10.73 36.27
N PHE F 583 -50.84 -11.52 36.22
CA PHE F 583 -50.49 -12.21 34.98
C PHE F 583 -51.52 -13.27 34.61
N GLU F 584 -52.00 -14.04 35.59
CA GLU F 584 -53.10 -14.95 35.25
C GLU F 584 -54.43 -14.21 35.09
N GLY F 585 -54.60 -13.07 35.76
CA GLY F 585 -55.83 -12.32 35.61
C GLY F 585 -56.02 -11.80 34.18
N MET F 586 -54.96 -11.27 33.59
CA MET F 586 -54.98 -10.86 32.20
C MET F 586 -54.61 -11.98 31.24
N GLY F 587 -54.23 -13.15 31.76
CA GLY F 587 -53.89 -14.26 30.91
C GLY F 587 -52.54 -14.15 30.23
N ILE F 588 -51.68 -13.25 30.70
CA ILE F 588 -50.39 -13.04 30.06
C ILE F 588 -49.48 -14.24 30.28
N PHE F 589 -49.44 -14.74 31.51
CA PHE F 589 -48.59 -15.87 31.86
C PHE F 589 -49.31 -16.76 32.85
N THR F 590 -48.86 -18.02 32.90
CA THR F 590 -49.18 -18.88 34.02
C THR F 590 -48.08 -18.77 35.07
N ALA F 591 -48.31 -19.40 36.22
CA ALA F 591 -47.29 -19.39 37.26
C ALA F 591 -45.99 -20.00 36.76
N ARG F 592 -46.08 -21.12 36.05
CA ARG F 592 -44.89 -21.71 35.44
C ARG F 592 -44.30 -20.76 34.39
N GLU F 593 -45.16 -20.10 33.60
CA GLU F 593 -44.67 -19.21 32.57
C GLU F 593 -43.91 -18.04 33.17
N ILE F 594 -44.50 -17.37 34.17
CA ILE F 594 -43.83 -16.22 34.77
C ILE F 594 -42.59 -16.64 35.54
N GLN F 595 -42.64 -17.82 36.17
CA GLN F 595 -41.46 -18.31 36.87
C GLN F 595 -40.32 -18.57 35.89
N ALA F 596 -40.63 -19.17 34.74
CA ALA F 596 -39.60 -19.39 33.73
C ALA F 596 -39.08 -18.07 33.18
N ARG F 597 -39.96 -17.10 32.97
CA ARG F 597 -39.54 -15.79 32.46
C ARG F 597 -38.59 -15.12 33.45
N LYS F 598 -38.95 -15.12 34.73
CA LYS F 598 -38.08 -14.53 35.74
C LYS F 598 -36.76 -15.27 35.83
N SER F 599 -36.80 -16.60 35.76
CA SER F 599 -35.58 -17.40 35.80
C SER F 599 -34.67 -17.05 34.65
N VAL F 600 -35.24 -16.93 33.44
CA VAL F 600 -34.44 -16.62 32.27
C VAL F 600 -33.86 -15.21 32.37
N LEU F 601 -34.65 -14.25 32.85
CA LEU F 601 -34.14 -12.89 32.98
C LEU F 601 -33.02 -12.82 34.00
N LEU F 602 -33.17 -13.48 35.15
CA LEU F 602 -32.11 -13.50 36.15
C LEU F 602 -30.87 -14.18 35.61
N GLY F 603 -31.04 -15.30 34.89
CA GLY F 603 -29.90 -15.97 34.30
C GLY F 603 -29.21 -15.12 33.26
N HIS F 604 -29.98 -14.39 32.46
CA HIS F 604 -29.41 -13.49 31.47
C HIS F 604 -28.57 -12.41 32.14
N TYR F 605 -29.12 -11.79 33.19
CA TYR F 605 -28.40 -10.74 33.88
C TYR F 605 -27.13 -11.28 34.52
N VAL F 606 -27.22 -12.42 35.20
CA VAL F 606 -26.06 -12.94 35.90
C VAL F 606 -25.02 -13.42 34.90
N GLY F 607 -25.45 -13.97 33.76
CA GLY F 607 -24.51 -14.38 32.74
C GLY F 607 -23.81 -13.21 32.09
N SER F 608 -24.54 -12.12 31.85
CA SER F 608 -23.91 -10.93 31.30
C SER F 608 -22.89 -10.36 32.28
N VAL F 609 -23.23 -10.33 33.57
CA VAL F 609 -22.27 -9.85 34.56
C VAL F 609 -21.07 -10.79 34.63
N GLU F 610 -21.31 -12.10 34.53
CA GLU F 610 -20.23 -13.07 34.58
C GLU F 610 -19.29 -12.91 33.38
N MET F 611 -19.85 -12.67 32.19
CA MET F 611 -19.00 -12.46 31.03
C MET F 611 -18.26 -11.13 31.11
N GLU F 612 -18.88 -10.10 31.68
CA GLU F 612 -18.15 -8.86 31.94
C GLU F 612 -16.99 -9.11 32.89
N ALA F 613 -17.22 -9.93 33.92
CA ALA F 613 -16.15 -10.26 34.86
C ALA F 613 -15.03 -11.03 34.20
N LEU F 614 -15.37 -12.02 33.38
CA LEU F 614 -14.36 -12.81 32.70
C LEU F 614 -13.58 -11.94 31.71
N THR F 615 -14.28 -11.04 31.01
CA THR F 615 -13.60 -10.12 30.12
C THR F 615 -12.67 -9.18 30.89
N MET F 616 -13.08 -8.77 32.09
CA MET F 616 -12.19 -7.99 32.93
C MET F 616 -10.96 -8.78 33.31
N ILE F 617 -11.14 -10.07 33.63
CA ILE F 617 -10.00 -10.92 33.96
C ILE F 617 -9.05 -10.99 32.78
N ASP F 618 -9.59 -11.21 31.58
CA ASP F 618 -8.76 -11.30 30.38
C ASP F 618 -8.07 -9.98 30.09
N MET F 619 -8.76 -8.86 30.32
CA MET F 619 -8.17 -7.55 30.10
C MET F 619 -7.02 -7.29 31.06
N ILE F 620 -7.23 -7.60 32.34
CA ILE F 620 -6.17 -7.36 33.33
C ILE F 620 -4.97 -8.24 33.03
N ASN F 621 -5.20 -9.54 32.80
CA ASN F 621 -4.09 -10.46 32.63
C ASN F 621 -3.40 -10.27 31.29
N GLN F 622 -4.15 -9.84 30.26
CA GLN F 622 -3.66 -9.77 28.90
C GLN F 622 -3.23 -8.37 28.48
N HIS F 623 -3.92 -7.34 28.96
CA HIS F 623 -3.63 -5.97 28.54
C HIS F 623 -3.12 -5.12 29.70
N VAL F 624 -3.88 -5.01 30.79
CA VAL F 624 -3.55 -4.03 31.82
C VAL F 624 -2.25 -4.39 32.53
N ILE F 625 -2.13 -5.64 32.98
CA ILE F 625 -0.89 -6.05 33.66
C ILE F 625 0.31 -6.00 32.74
N PRO F 626 0.26 -6.52 31.50
CA PRO F 626 1.41 -6.35 30.61
C PRO F 626 1.75 -4.91 30.31
N SER F 627 0.75 -4.04 30.15
CA SER F 627 1.02 -2.63 29.91
C SER F 627 1.69 -2.00 31.12
N VAL F 628 1.23 -2.33 32.32
CA VAL F 628 1.84 -1.80 33.53
C VAL F 628 3.29 -2.28 33.63
N LYS F 629 3.52 -3.56 33.35
CA LYS F 629 4.88 -4.08 33.43
C LYS F 629 5.80 -3.43 32.40
N LYS F 630 5.29 -3.23 31.17
CA LYS F 630 6.10 -2.66 30.11
C LYS F 630 6.42 -1.19 30.39
N ALA F 631 5.40 -0.40 30.75
CA ALA F 631 5.60 1.01 31.01
C ALA F 631 6.15 1.28 32.41
N ASP F 632 6.28 0.25 33.25
CA ASP F 632 6.81 0.38 34.61
C ASP F 632 6.02 1.42 35.41
N LEU F 633 4.71 1.18 35.50
CA LEU F 633 3.81 2.06 36.23
C LEU F 633 3.60 1.62 37.67
N GLY F 634 4.58 0.97 38.28
CA GLY F 634 4.47 0.51 39.65
C GLY F 634 4.12 -0.96 39.72
N ASN F 635 3.92 -1.41 40.95
CA ASN F 635 3.61 -2.81 41.20
C ASN F 635 2.20 -3.14 40.71
N PRO F 636 2.04 -4.09 39.80
CA PRO F 636 0.71 -4.53 39.39
C PRO F 636 0.08 -5.57 40.30
N SER F 637 0.66 -5.81 41.47
CA SER F 637 0.12 -6.82 42.38
C SER F 637 -1.31 -6.48 42.79
N LYS F 638 -1.65 -5.19 42.81
CA LYS F 638 -3.02 -4.79 43.08
C LYS F 638 -3.97 -5.35 42.03
N LEU F 639 -3.55 -5.32 40.76
CA LEU F 639 -4.38 -5.88 39.70
C LEU F 639 -4.50 -7.39 39.82
N VAL F 640 -3.43 -8.07 40.25
CA VAL F 640 -3.50 -9.51 40.47
C VAL F 640 -4.49 -9.82 41.58
N ASP F 641 -4.45 -9.03 42.66
CA ASP F 641 -5.42 -9.21 43.74
C ASP F 641 -6.83 -8.94 43.25
N ALA F 642 -7.00 -7.96 42.35
CA ALA F 642 -8.29 -7.70 41.75
C ALA F 642 -8.78 -8.91 40.94
N VAL F 643 -7.87 -9.54 40.20
CA VAL F 643 -8.23 -10.74 39.44
C VAL F 643 -8.67 -11.84 40.39
N LYS F 644 -7.94 -12.02 41.49
CA LYS F 644 -8.33 -13.02 42.47
C LYS F 644 -9.72 -12.73 43.03
N THR F 645 -9.97 -11.46 43.33
CA THR F 645 -11.26 -11.07 43.90
C THR F 645 -12.40 -11.33 42.91
N ILE F 646 -12.20 -10.94 41.66
CA ILE F 646 -13.27 -11.10 40.66
C ILE F 646 -13.49 -12.58 40.37
N LYS F 647 -12.42 -13.37 40.32
CA LYS F 647 -12.57 -14.81 40.12
C LYS F 647 -13.33 -15.44 41.28
N GLY F 648 -13.00 -15.04 42.50
CA GLY F 648 -13.75 -15.53 43.65
C GLY F 648 -15.21 -15.13 43.59
N ALA F 649 -15.50 -13.90 43.15
CA ALA F 649 -16.87 -13.46 43.03
C ALA F 649 -17.64 -14.30 42.02
N VAL F 650 -17.02 -14.60 40.88
CA VAL F 650 -17.64 -15.50 39.92
C VAL F 650 -17.83 -16.88 40.54
N ALA F 651 -16.90 -17.29 41.40
CA ALA F 651 -17.03 -18.58 42.06
C ALA F 651 -18.27 -18.63 42.95
N GLN F 652 -18.49 -17.58 43.75
CA GLN F 652 -19.71 -17.56 44.55
C GLN F 652 -20.95 -17.45 43.67
N ILE F 653 -20.83 -16.73 42.55
CA ILE F 653 -21.97 -16.62 41.64
C ILE F 653 -22.38 -17.99 41.12
N HIS F 654 -21.42 -18.79 40.70
CA HIS F 654 -21.70 -20.13 40.21
C HIS F 654 -21.94 -21.13 41.34
N GLY F 655 -21.62 -20.78 42.58
CA GLY F 655 -21.81 -21.68 43.70
C GLY F 655 -23.12 -21.56 44.42
N THR F 656 -23.91 -20.52 44.13
CA THR F 656 -25.21 -20.33 44.75
C THR F 656 -26.31 -20.79 43.81
N GLU F 657 -27.36 -21.34 44.40
CA GLU F 657 -28.46 -21.91 43.62
C GLU F 657 -29.64 -20.96 43.44
N ASP F 658 -29.94 -20.13 44.45
CA ASP F 658 -31.04 -19.20 44.31
C ASP F 658 -30.74 -18.19 43.22
N GLU F 659 -31.63 -18.14 42.23
CA GLU F 659 -31.40 -17.26 41.08
C GLU F 659 -31.37 -15.80 41.49
N HIS F 660 -32.29 -15.39 42.37
CA HIS F 660 -32.27 -14.01 42.86
C HIS F 660 -31.01 -13.73 43.65
N LYS F 661 -30.56 -14.69 44.46
CA LYS F 661 -29.31 -14.50 45.20
C LYS F 661 -28.13 -14.35 44.25
N ALA F 662 -28.09 -15.18 43.20
CA ALA F 662 -27.02 -15.07 42.22
C ALA F 662 -27.06 -13.72 41.52
N ALA F 663 -28.26 -13.26 41.17
CA ALA F 663 -28.38 -11.96 40.51
C ALA F 663 -27.96 -10.83 41.44
N THR F 664 -28.31 -10.92 42.72
CA THR F 664 -27.92 -9.88 43.67
C THR F 664 -26.40 -9.85 43.84
N LEU F 665 -25.78 -11.02 43.97
CA LEU F 665 -24.32 -11.07 44.04
C LEU F 665 -23.69 -10.50 42.77
N ALA F 666 -24.25 -10.84 41.61
CA ALA F 666 -23.72 -10.33 40.35
C ALA F 666 -23.82 -8.81 40.28
N ARG F 667 -24.98 -8.26 40.67
CA ARG F 667 -25.15 -6.81 40.62
C ARG F 667 -24.22 -6.11 41.60
N THR F 668 -24.10 -6.65 42.81
CA THR F 668 -23.18 -6.07 43.79
C THR F 668 -21.75 -6.10 43.26
N LEU F 669 -21.35 -7.22 42.68
CA LEU F 669 -20.03 -7.32 42.07
C LEU F 669 -19.84 -6.25 41.00
N ARG F 670 -20.78 -6.17 40.06
CA ARG F 670 -20.66 -5.26 38.93
C ARG F 670 -20.60 -3.80 39.40
N LEU F 671 -21.43 -3.43 40.35
CA LEU F 671 -21.53 -2.04 40.77
C LEU F 671 -20.47 -1.63 41.77
N THR F 672 -19.85 -2.57 42.49
CA THR F 672 -18.86 -2.20 43.48
C THR F 672 -17.46 -2.70 43.13
N THR F 673 -17.28 -4.02 43.00
CA THR F 673 -15.93 -4.54 42.85
C THR F 673 -15.39 -4.25 41.46
N MET F 674 -16.21 -4.48 40.44
CA MET F 674 -15.79 -4.16 39.08
C MET F 674 -15.63 -2.66 38.89
N VAL F 675 -16.44 -1.84 39.58
CA VAL F 675 -16.27 -0.39 39.47
C VAL F 675 -14.96 0.05 40.10
N ALA F 676 -14.62 -0.51 41.27
CA ALA F 676 -13.34 -0.18 41.88
C ALA F 676 -12.17 -0.64 41.01
N ILE F 677 -12.29 -1.85 40.44
CA ILE F 677 -11.25 -2.33 39.54
C ILE F 677 -11.15 -1.42 38.31
N ARG F 678 -12.29 -0.94 37.82
CA ARG F 678 -12.29 -0.03 36.68
C ARG F 678 -11.59 1.28 37.03
N GLU F 679 -11.81 1.78 38.25
CA GLU F 679 -11.11 2.98 38.67
C GLU F 679 -9.62 2.75 38.74
N ILE F 680 -9.20 1.59 39.24
CA ILE F 680 -7.78 1.26 39.27
C ILE F 680 -7.22 1.20 37.86
N ILE F 681 -7.97 0.59 36.94
CA ILE F 681 -7.53 0.49 35.55
C ILE F 681 -7.40 1.88 34.93
N ASP F 682 -8.36 2.77 35.23
CA ASP F 682 -8.30 4.12 34.69
C ASP F 682 -7.09 4.87 35.25
N GLU F 683 -6.80 4.69 36.53
CA GLU F 683 -5.60 5.30 37.11
C GLU F 683 -4.34 4.79 36.41
N PHE F 684 -4.28 3.49 36.14
CA PHE F 684 -3.11 2.94 35.46
C PHE F 684 -3.05 3.38 34.00
N GLU F 685 -4.19 3.63 33.38
CA GLU F 685 -4.21 4.07 31.99
C GLU F 685 -3.77 5.52 31.86
N SER F 686 -4.20 6.37 32.79
CA SER F 686 -3.84 7.78 32.71
C SER F 686 -2.33 7.98 32.73
N ARG F 687 -1.60 7.08 33.38
CA ARG F 687 -0.14 7.12 33.40
C ARG F 687 0.49 6.21 32.36
N CYS F 688 -0.32 5.59 31.51
CA CYS F 688 0.21 4.67 30.51
C CYS F 688 0.28 5.36 29.15
N PRO F 689 1.39 5.22 28.42
CA PRO F 689 1.48 5.82 27.10
C PRO F 689 0.49 5.17 26.15
N PRO F 690 0.03 5.89 25.13
CA PRO F 690 -0.96 5.31 24.21
C PRO F 690 -0.46 4.06 23.50
N GLU F 691 0.82 3.98 23.16
CA GLU F 691 1.33 2.79 22.49
C GLU F 691 1.36 1.59 23.43
N ASP F 692 1.63 1.81 24.71
CA ASP F 692 1.64 0.72 25.67
C ASP F 692 0.23 0.27 26.03
N TRP F 693 -0.75 1.17 25.95
CA TRP F 693 -2.12 0.84 26.32
C TRP F 693 -2.75 0.12 25.14
N THR F 694 -2.68 -1.22 25.16
CA THR F 694 -3.12 -2.02 24.02
C THR F 694 -4.61 -1.83 23.76
N LEU F 695 -5.41 -1.78 24.81
CA LEU F 695 -6.85 -1.55 24.65
C LEU F 695 -7.08 -0.19 24.01
N ALA F 696 -8.10 -0.12 23.15
CA ALA F 696 -8.45 1.16 22.55
C ALA F 696 -9.14 2.04 23.58
N THR F 697 -8.66 3.26 23.73
CA THR F 697 -9.14 4.14 24.79
C THR F 697 -10.34 4.96 24.32
N TYR F 698 -11.06 5.53 25.29
CA TYR F 698 -12.30 6.23 25.00
C TYR F 698 -12.11 7.33 23.96
N SER F 699 -10.92 7.95 23.92
CA SER F 699 -10.68 8.98 22.93
C SER F 699 -10.79 8.43 21.52
N GLU F 700 -10.25 7.23 21.30
CA GLU F 700 -10.31 6.63 19.97
C GLU F 700 -11.72 6.15 19.64
N LEU F 701 -12.44 5.64 20.65
CA LEU F 701 -13.77 5.10 20.39
C LEU F 701 -14.78 6.20 20.12
N LEU F 702 -14.76 7.27 20.92
CA LEU F 702 -15.75 8.32 20.81
C LEU F 702 -15.36 9.38 19.78
N PHE F 703 -14.11 9.84 19.83
CA PHE F 703 -13.64 10.94 18.99
C PHE F 703 -12.80 10.35 17.86
N PHE F 704 -13.40 10.27 16.68
CA PHE F 704 -12.75 9.65 15.53
C PHE F 704 -13.06 10.41 14.25
#